data_5W4S
#
_entry.id   5W4S
#
loop_
_entity.id
_entity.type
_entity.pdbx_description
1 polymer 'Protein kinase C alpha type'
2 polymer 'V5-pHM peptide'
3 non-polymer 'CALCIUM ION'
#
loop_
_entity_poly.entity_id
_entity_poly.type
_entity_poly.pdbx_seq_one_letter_code
_entity_poly.pdbx_strand_id
1 'polypeptide(L)'
;HTEKRGRIYLKAEVTDEKLHVTVRDAKNLIPMDPNGLSDPYVKLKLIPDPKNESKQKTKTIRSTLNPQWNESFTFKLKPS
DKDRRLSVEIWDWDRTTRNDFMGSLSFGVSELMKMPASGWYKLLNQEEGEYYNVPIPEG
;
A
2 'polypeptide(L)' (ACE)DQSDFEGF(SEP)Y(NH2) B
#
loop_
_chem_comp.id
_chem_comp.type
_chem_comp.name
_chem_comp.formula
ACE non-polymer 'ACETYL GROUP' 'C2 H4 O'
CA non-polymer 'CALCIUM ION' 'Ca 2'
NH2 non-polymer 'AMINO GROUP' 'H2 N'
#
# COMPACT_ATOMS: atom_id res chain seq x y z
N HIS A 1 -21.59 11.05 0.57
CA HIS A 1 -21.09 9.68 0.77
C HIS A 1 -19.57 9.65 0.62
N THR A 2 -18.86 10.00 1.69
CA THR A 2 -17.41 10.00 1.69
C THR A 2 -16.87 9.46 3.01
N GLU A 3 -17.55 8.46 3.55
CA GLU A 3 -17.16 7.85 4.82
C GLU A 3 -15.87 7.04 4.68
N LYS A 4 -14.74 7.68 4.87
CA LYS A 4 -13.45 7.01 4.77
C LYS A 4 -13.09 6.35 6.10
N ARG A 5 -13.84 5.31 6.45
CA ARG A 5 -13.61 4.60 7.70
C ARG A 5 -12.73 3.37 7.50
N GLY A 6 -12.25 3.18 6.28
CA GLY A 6 -11.41 2.05 5.98
C GLY A 6 -10.04 2.16 6.60
N ARG A 7 -9.50 1.04 7.06
CA ARG A 7 -8.18 1.01 7.67
C ARG A 7 -7.34 -0.11 7.05
N ILE A 8 -6.04 0.09 6.99
CA ILE A 8 -5.14 -0.90 6.43
C ILE A 8 -4.00 -1.21 7.40
N TYR A 9 -3.67 -2.49 7.54
CA TYR A 9 -2.60 -2.93 8.42
C TYR A 9 -1.33 -3.13 7.61
N LEU A 10 -0.47 -2.13 7.60
CA LEU A 10 0.79 -2.20 6.86
C LEU A 10 1.98 -2.21 7.81
N LYS A 11 2.92 -3.10 7.55
CA LYS A 11 4.12 -3.23 8.37
C LYS A 11 5.37 -3.03 7.52
N ALA A 12 6.29 -2.23 8.02
CA ALA A 12 7.53 -1.96 7.33
C ALA A 12 8.69 -1.84 8.32
N GLU A 13 9.53 -2.86 8.34
CA GLU A 13 10.68 -2.90 9.24
C GLU A 13 11.96 -3.14 8.46
N VAL A 14 13.10 -2.78 9.05
CA VAL A 14 14.38 -2.96 8.39
C VAL A 14 15.09 -4.20 8.94
N THR A 15 15.38 -5.14 8.06
CA THR A 15 16.05 -6.37 8.43
C THR A 15 16.98 -6.83 7.31
N ASP A 16 18.17 -7.30 7.67
CA ASP A 16 19.16 -7.78 6.69
C ASP A 16 19.58 -6.64 5.78
N GLU A 17 19.46 -5.42 6.28
CA GLU A 17 19.80 -4.20 5.54
C GLU A 17 18.83 -4.00 4.38
N LYS A 18 17.67 -4.63 4.49
CA LYS A 18 16.63 -4.53 3.48
C LYS A 18 15.32 -4.15 4.15
N LEU A 19 14.33 -3.77 3.34
CA LEU A 19 13.04 -3.38 3.88
C LEU A 19 12.07 -4.55 3.86
N HIS A 20 11.56 -4.90 5.03
CA HIS A 20 10.62 -6.00 5.18
C HIS A 20 9.20 -5.45 5.22
N VAL A 21 8.57 -5.40 4.05
CA VAL A 21 7.21 -4.89 3.95
C VAL A 21 6.22 -6.04 4.03
N THR A 22 5.32 -5.97 5.01
CA THR A 22 4.33 -6.99 5.18
C THR A 22 2.93 -6.40 5.30
N VAL A 23 2.05 -6.80 4.39
CA VAL A 23 0.69 -6.32 4.42
C VAL A 23 -0.21 -7.42 4.98
N ARG A 24 -0.82 -7.15 6.11
CA ARG A 24 -1.68 -8.13 6.75
C ARG A 24 -3.06 -8.14 6.08
N ASP A 25 -3.93 -7.24 6.51
CA ASP A 25 -5.27 -7.15 5.96
C ASP A 25 -5.86 -5.76 6.16
N ALA A 26 -7.10 -5.60 5.72
CA ALA A 26 -7.81 -4.33 5.85
C ALA A 26 -9.19 -4.57 6.41
N LYS A 27 -9.73 -3.58 7.11
CA LYS A 27 -11.05 -3.70 7.71
C LYS A 27 -11.84 -2.41 7.55
N ASN A 28 -13.17 -2.54 7.68
CA ASN A 28 -14.09 -1.40 7.59
C ASN A 28 -14.06 -0.74 6.22
N LEU A 29 -13.98 -1.55 5.17
CA LEU A 29 -13.94 -1.04 3.81
C LEU A 29 -15.32 -0.54 3.39
N ILE A 30 -15.34 0.42 2.48
CA ILE A 30 -16.59 0.97 1.98
C ILE A 30 -16.78 0.55 0.52
N PRO A 31 -18.00 0.12 0.16
CA PRO A 31 -18.33 -0.33 -1.20
C PRO A 31 -17.98 0.70 -2.29
N MET A 32 -17.13 0.29 -3.21
CA MET A 32 -16.71 1.13 -4.33
C MET A 32 -16.97 0.40 -5.65
N ASP A 33 -17.90 -0.54 -5.59
CA ASP A 33 -18.27 -1.32 -6.77
C ASP A 33 -19.79 -1.40 -6.89
N PRO A 34 -20.30 -1.62 -8.10
CA PRO A 34 -21.75 -1.73 -8.34
C PRO A 34 -22.37 -2.89 -7.59
N ASN A 35 -21.57 -3.92 -7.34
CA ASN A 35 -22.04 -5.11 -6.63
C ASN A 35 -22.15 -4.85 -5.13
N GLY A 36 -21.77 -3.65 -4.71
CA GLY A 36 -21.85 -3.29 -3.30
C GLY A 36 -20.69 -3.83 -2.49
N LEU A 37 -19.50 -3.81 -3.06
CA LEU A 37 -18.31 -4.30 -2.38
C LEU A 37 -17.07 -3.61 -2.90
N SER A 38 -15.91 -4.03 -2.45
CA SER A 38 -14.65 -3.46 -2.87
C SER A 38 -13.58 -4.54 -2.89
N ASP A 39 -12.85 -4.63 -3.99
CA ASP A 39 -11.79 -5.59 -4.12
C ASP A 39 -10.49 -4.90 -4.53
N PRO A 40 -9.81 -4.28 -3.56
CA PRO A 40 -8.57 -3.57 -3.80
C PRO A 40 -7.36 -4.50 -3.76
N TYR A 41 -6.21 -3.96 -4.14
CA TYR A 41 -4.98 -4.73 -4.13
C TYR A 41 -3.89 -3.93 -3.44
N VAL A 42 -2.78 -4.58 -3.15
CA VAL A 42 -1.67 -3.93 -2.48
C VAL A 42 -0.54 -3.65 -3.47
N LYS A 43 -0.16 -2.39 -3.54
CA LYS A 43 0.89 -1.96 -4.44
C LYS A 43 1.90 -1.13 -3.66
N LEU A 44 3.17 -1.45 -3.79
CA LEU A 44 4.22 -0.72 -3.10
C LEU A 44 5.44 -0.55 -3.98
N LYS A 45 6.02 0.63 -3.94
CA LYS A 45 7.21 0.93 -4.73
C LYS A 45 8.12 1.88 -3.98
N LEU A 46 9.42 1.62 -4.06
CA LEU A 46 10.40 2.46 -3.41
C LEU A 46 11.11 3.29 -4.46
N ILE A 47 10.67 4.54 -4.62
CA ILE A 47 11.24 5.44 -5.60
C ILE A 47 12.62 5.93 -5.14
N PRO A 48 13.50 6.26 -6.08
CA PRO A 48 13.23 6.19 -7.50
C PRO A 48 13.62 4.85 -8.10
N ASP A 49 12.68 4.21 -8.80
CA ASP A 49 12.94 2.92 -9.42
C ASP A 49 12.73 3.01 -10.92
N PRO A 50 13.77 3.43 -11.66
CA PRO A 50 13.71 3.54 -13.11
C PRO A 50 13.92 2.19 -13.80
N LYS A 51 14.27 1.20 -12.99
CA LYS A 51 14.51 -0.15 -13.49
C LYS A 51 13.21 -0.93 -13.52
N ASN A 52 12.24 -0.46 -12.74
CA ASN A 52 10.92 -1.07 -12.66
C ASN A 52 10.99 -2.47 -12.05
N GLU A 53 11.89 -2.65 -11.09
CA GLU A 53 12.05 -3.95 -10.45
C GLU A 53 11.79 -3.86 -8.95
N SER A 54 11.64 -2.64 -8.44
CA SER A 54 11.37 -2.44 -7.02
C SER A 54 9.88 -2.24 -6.80
N LYS A 55 9.15 -2.21 -7.91
CA LYS A 55 7.71 -2.04 -7.87
C LYS A 55 7.04 -3.39 -7.61
N GLN A 56 6.46 -3.54 -6.42
CA GLN A 56 5.80 -4.78 -6.04
C GLN A 56 4.30 -4.60 -6.08
N LYS A 57 3.59 -5.62 -6.53
CA LYS A 57 2.14 -5.57 -6.61
C LYS A 57 1.55 -6.97 -6.45
N THR A 58 0.40 -7.03 -5.82
CA THR A 58 -0.29 -8.31 -5.61
C THR A 58 -1.68 -8.24 -6.24
N LYS A 59 -2.28 -9.39 -6.47
CA LYS A 59 -3.60 -9.47 -7.06
C LYS A 59 -4.67 -9.32 -5.99
N THR A 60 -5.86 -8.92 -6.40
CA THR A 60 -6.97 -8.73 -5.46
C THR A 60 -7.43 -10.09 -4.91
N ILE A 61 -8.09 -10.07 -3.77
CA ILE A 61 -8.57 -11.30 -3.16
C ILE A 61 -9.94 -11.68 -3.75
N ARG A 62 -11.01 -11.11 -3.19
CA ARG A 62 -12.36 -11.41 -3.68
C ARG A 62 -13.39 -10.49 -3.05
N SER A 63 -14.65 -10.79 -3.31
CA SER A 63 -15.77 -10.00 -2.80
C SER A 63 -15.88 -10.06 -1.29
N THR A 64 -15.34 -9.05 -0.62
CA THR A 64 -15.39 -8.95 0.83
C THR A 64 -14.89 -7.58 1.26
N LEU A 65 -15.44 -7.06 2.36
CA LEU A 65 -15.04 -5.75 2.86
C LEU A 65 -13.91 -5.87 3.87
N ASN A 66 -13.42 -7.09 4.07
CA ASN A 66 -12.32 -7.35 5.00
C ASN A 66 -11.36 -8.38 4.41
N PRO A 67 -10.59 -8.00 3.37
CA PRO A 67 -9.65 -8.90 2.70
C PRO A 67 -8.28 -8.98 3.38
N GLN A 68 -7.70 -10.17 3.36
CA GLN A 68 -6.38 -10.40 3.94
C GLN A 68 -5.42 -10.88 2.87
N TRP A 69 -4.23 -10.31 2.84
CA TRP A 69 -3.23 -10.69 1.84
C TRP A 69 -2.11 -11.49 2.47
N ASN A 70 -1.57 -10.97 3.56
CA ASN A 70 -0.47 -11.63 4.29
C ASN A 70 0.76 -11.78 3.40
N GLU A 71 0.94 -10.84 2.48
CA GLU A 71 2.08 -10.87 1.56
C GLU A 71 3.30 -10.26 2.23
N SER A 72 4.46 -10.85 2.00
CA SER A 72 5.70 -10.38 2.59
C SER A 72 6.75 -10.07 1.52
N PHE A 73 7.13 -8.81 1.41
CA PHE A 73 8.12 -8.39 0.43
C PHE A 73 9.38 -7.91 1.14
N THR A 74 10.53 -8.19 0.54
CA THR A 74 11.80 -7.79 1.13
C THR A 74 12.75 -7.31 0.04
N PHE A 75 13.01 -6.01 0.02
CA PHE A 75 13.91 -5.42 -0.96
C PHE A 75 14.45 -4.08 -0.44
N LYS A 76 15.42 -3.53 -1.14
CA LYS A 76 16.01 -2.26 -0.74
C LYS A 76 16.65 -1.58 -1.94
N LEU A 77 16.63 -0.26 -1.95
CA LEU A 77 17.20 0.51 -3.04
C LEU A 77 18.65 0.87 -2.71
N LYS A 78 19.23 1.79 -3.46
CA LYS A 78 20.59 2.24 -3.23
C LYS A 78 20.69 2.93 -1.88
N PRO A 79 21.91 3.13 -1.34
CA PRO A 79 22.11 3.78 -0.04
C PRO A 79 21.48 5.16 0.05
N SER A 80 21.18 5.75 -1.09
CA SER A 80 20.57 7.07 -1.14
C SER A 80 19.04 6.98 -1.12
N ASP A 81 18.52 5.93 -0.50
CA ASP A 81 17.07 5.74 -0.40
C ASP A 81 16.55 6.15 0.97
N LYS A 82 17.44 6.66 1.81
CA LYS A 82 17.05 7.08 3.16
C LYS A 82 16.08 8.26 3.12
N ASP A 83 16.30 9.15 2.18
CA ASP A 83 15.45 10.34 2.04
C ASP A 83 14.21 10.00 1.21
N ARG A 84 14.12 8.75 0.78
CA ARG A 84 13.00 8.30 -0.03
C ARG A 84 11.92 7.68 0.87
N ARG A 85 10.74 7.47 0.31
CA ARG A 85 9.63 6.90 1.06
C ARG A 85 8.98 5.74 0.33
N LEU A 86 8.63 4.71 1.08
CA LEU A 86 7.95 3.55 0.52
C LEU A 86 6.53 3.97 0.18
N SER A 87 6.23 4.06 -1.10
CA SER A 87 4.92 4.50 -1.55
C SER A 87 3.96 3.32 -1.73
N VAL A 88 2.90 3.32 -0.94
CA VAL A 88 1.88 2.28 -1.01
C VAL A 88 0.63 2.83 -1.70
N GLU A 89 0.28 2.24 -2.84
CA GLU A 89 -0.88 2.67 -3.61
C GLU A 89 -1.99 1.63 -3.52
N ILE A 90 -3.04 1.96 -2.77
CA ILE A 90 -4.16 1.05 -2.61
C ILE A 90 -5.32 1.49 -3.50
N TRP A 91 -5.54 0.74 -4.56
CA TRP A 91 -6.61 1.05 -5.49
C TRP A 91 -7.58 -0.12 -5.63
N ASP A 92 -8.84 0.20 -5.94
CA ASP A 92 -9.86 -0.82 -6.12
C ASP A 92 -9.88 -1.26 -7.58
N TRP A 93 -9.46 -2.50 -7.81
CA TRP A 93 -9.42 -3.05 -9.15
C TRP A 93 -10.83 -3.32 -9.66
N ASP A 94 -11.09 -3.01 -10.92
CA ASP A 94 -12.41 -3.25 -11.47
C ASP A 94 -12.37 -4.18 -12.67
N ARG A 95 -11.60 -5.27 -12.52
CA ARG A 95 -11.45 -6.31 -13.55
C ARG A 95 -10.69 -5.85 -14.79
N THR A 96 -11.22 -4.88 -15.50
CA THR A 96 -10.58 -4.41 -16.73
C THR A 96 -9.69 -3.19 -16.48
N THR A 97 -10.14 -2.29 -15.62
CA THR A 97 -9.37 -1.08 -15.33
C THR A 97 -9.51 -0.66 -13.86
N ARG A 98 -8.89 0.46 -13.51
CA ARG A 98 -8.96 0.99 -12.16
C ARG A 98 -9.56 2.39 -12.22
N ASN A 99 -10.32 2.77 -11.21
CA ASN A 99 -10.96 4.09 -11.22
C ASN A 99 -11.47 4.48 -9.84
N ASP A 100 -11.03 3.77 -8.82
CA ASP A 100 -11.49 4.06 -7.46
C ASP A 100 -10.30 4.28 -6.53
N PHE A 101 -10.19 5.51 -6.04
CA PHE A 101 -9.11 5.90 -5.14
C PHE A 101 -9.47 5.53 -3.70
N MET A 102 -8.90 4.44 -3.20
CA MET A 102 -9.15 3.99 -1.85
C MET A 102 -8.32 4.80 -0.86
N GLY A 103 -7.05 4.98 -1.19
CA GLY A 103 -6.15 5.72 -0.33
C GLY A 103 -4.70 5.45 -0.65
N SER A 104 -3.81 6.31 -0.17
CA SER A 104 -2.39 6.15 -0.40
C SER A 104 -1.60 6.61 0.81
N LEU A 105 -0.47 5.97 1.07
CA LEU A 105 0.38 6.31 2.21
C LEU A 105 1.85 6.04 1.88
N SER A 106 2.75 6.54 2.72
CA SER A 106 4.17 6.34 2.50
C SER A 106 4.91 6.27 3.83
N PHE A 107 6.07 5.62 3.82
CA PHE A 107 6.89 5.49 5.01
C PHE A 107 8.32 5.92 4.69
N GLY A 108 8.84 6.86 5.45
CA GLY A 108 10.19 7.34 5.22
C GLY A 108 11.24 6.34 5.69
N VAL A 109 12.17 6.02 4.79
CA VAL A 109 13.22 5.07 5.08
C VAL A 109 14.13 5.58 6.21
N SER A 110 14.27 6.90 6.31
CA SER A 110 15.10 7.50 7.33
C SER A 110 14.52 7.24 8.73
N GLU A 111 13.20 7.33 8.85
CA GLU A 111 12.55 7.09 10.12
C GLU A 111 12.53 5.59 10.40
N LEU A 112 12.22 4.81 9.38
CA LEU A 112 12.16 3.36 9.50
C LEU A 112 13.52 2.75 9.85
N MET A 113 14.59 3.47 9.53
CA MET A 113 15.93 3.01 9.81
C MET A 113 16.22 3.01 11.31
N LYS A 114 15.67 4.00 12.01
CA LYS A 114 15.89 4.11 13.45
C LYS A 114 14.74 3.50 14.25
N MET A 115 13.66 3.13 13.56
CA MET A 115 12.51 2.53 14.21
C MET A 115 11.54 1.94 13.18
N PRO A 116 11.14 0.67 13.36
CA PRO A 116 10.23 -0.02 12.45
C PRO A 116 8.79 0.49 12.60
N ALA A 117 8.10 0.60 11.47
CA ALA A 117 6.72 1.09 11.47
C ALA A 117 5.74 -0.06 11.26
N SER A 118 4.79 -0.20 12.18
CA SER A 118 3.79 -1.24 12.10
C SER A 118 2.51 -0.80 12.81
N GLY A 119 1.41 -0.77 12.08
CA GLY A 119 0.15 -0.37 12.66
C GLY A 119 -0.92 -0.19 11.61
N TRP A 120 -2.04 0.40 11.99
CA TRP A 120 -3.14 0.63 11.07
C TRP A 120 -3.10 2.04 10.53
N TYR A 121 -3.00 2.16 9.21
CA TYR A 121 -2.97 3.47 8.59
C TYR A 121 -4.35 3.83 8.09
N LYS A 122 -4.71 5.10 8.24
CA LYS A 122 -6.01 5.59 7.81
C LYS A 122 -5.98 5.95 6.33
N LEU A 123 -7.15 6.13 5.74
CA LEU A 123 -7.25 6.47 4.33
C LEU A 123 -6.95 7.93 4.09
N LEU A 124 -5.77 8.20 3.54
CA LEU A 124 -5.37 9.56 3.24
C LEU A 124 -5.34 9.79 1.73
N ASN A 125 -5.24 11.05 1.33
CA ASN A 125 -5.20 11.40 -0.09
C ASN A 125 -3.79 11.18 -0.64
N GLN A 126 -3.61 11.46 -1.93
CA GLN A 126 -2.31 11.27 -2.58
C GLN A 126 -1.21 12.05 -1.87
N GLU A 127 -1.35 13.37 -1.84
CA GLU A 127 -0.36 14.25 -1.20
C GLU A 127 -0.29 14.00 0.30
N GLU A 128 -1.45 13.85 0.92
CA GLU A 128 -1.53 13.64 2.36
C GLU A 128 -0.77 12.38 2.78
N GLY A 129 -0.89 11.32 2.00
CA GLY A 129 -0.22 10.08 2.34
C GLY A 129 1.23 10.01 1.94
N GLU A 130 1.62 10.74 0.90
CA GLU A 130 3.00 10.70 0.44
C GLU A 130 3.88 11.71 1.17
N TYR A 131 3.27 12.69 1.82
CA TYR A 131 4.04 13.69 2.56
C TYR A 131 4.03 13.41 4.06
N TYR A 132 3.14 12.54 4.50
CA TYR A 132 3.03 12.21 5.91
C TYR A 132 3.20 10.71 6.16
N ASN A 133 3.30 10.35 7.43
CA ASN A 133 3.46 8.96 7.83
C ASN A 133 2.99 8.78 9.27
N VAL A 134 1.69 8.83 9.46
CA VAL A 134 1.11 8.69 10.79
C VAL A 134 0.30 7.39 10.91
N PRO A 135 0.90 6.35 11.51
CA PRO A 135 0.24 5.08 11.71
C PRO A 135 -0.50 5.05 13.05
N ILE A 136 -1.65 4.40 13.08
CA ILE A 136 -2.42 4.29 14.31
C ILE A 136 -2.05 3.00 15.04
N PRO A 137 -1.59 3.10 16.29
CA PRO A 137 -1.18 1.95 17.08
C PRO A 137 -2.29 0.90 17.20
N GLU A 138 -3.45 1.32 17.71
CA GLU A 138 -4.59 0.43 17.88
C GLU A 138 -4.20 -0.80 18.70
N GLY A 139 -3.54 -0.54 19.82
CA GLY A 139 -3.09 -1.59 20.69
C GLY A 139 -2.08 -1.08 21.69
C ACE B 1 9.20 1.42 -18.28
O ACE B 1 8.85 0.24 -18.21
CH3 ACE B 1 10.48 1.80 -18.97
H1 ACE B 1 10.79 2.78 -18.62
H2 ACE B 1 10.33 1.82 -20.03
H3 ACE B 1 11.23 1.05 -18.74
N ASP B 2 8.49 2.42 -17.76
CA ASP B 2 7.23 2.19 -17.07
C ASP B 2 6.15 1.78 -18.05
N GLN B 3 5.48 0.67 -17.78
CA GLN B 3 4.43 0.18 -18.65
C GLN B 3 3.07 0.31 -17.97
N SER B 4 2.07 -0.37 -18.51
CA SER B 4 0.74 -0.34 -17.94
C SER B 4 0.59 -1.33 -16.80
N ASP B 5 1.19 -1.00 -15.65
CA ASP B 5 1.12 -1.87 -14.49
C ASP B 5 -0.13 -1.58 -13.66
N PHE B 6 -0.54 -0.32 -13.65
CA PHE B 6 -1.72 0.11 -12.89
C PHE B 6 -2.96 -0.63 -13.38
N GLU B 7 -3.04 -0.81 -14.70
CA GLU B 7 -4.15 -1.48 -15.31
C GLU B 7 -3.71 -2.82 -15.90
N GLY B 8 -3.01 -3.61 -15.10
CA GLY B 8 -2.54 -4.90 -15.55
C GLY B 8 -2.70 -5.99 -14.50
N PHE B 9 -3.88 -6.59 -14.47
CA PHE B 9 -4.19 -7.66 -13.53
C PHE B 9 -5.06 -8.70 -14.21
N SEP B 10 -6.31 -8.34 -14.44
CA SEP B 10 -7.26 -9.23 -15.09
CB SEP B 10 -8.54 -9.33 -14.25
OG SEP B 10 -8.22 -9.43 -12.86
C SEP B 10 -7.58 -8.71 -16.49
O SEP B 10 -7.22 -7.58 -16.83
P SEP B 10 -9.12 -10.37 -11.92
O1P SEP B 10 -8.73 -11.86 -12.32
O2P SEP B 10 -8.75 -10.28 -10.49
O3P SEP B 10 -10.56 -10.28 -12.17
H SEP B 10 -6.61 -7.45 -14.18
HA SEP B 10 -6.81 -10.21 -15.16
HB2 SEP B 10 -9.10 -10.19 -14.55
HB3 SEP B 10 -9.13 -8.44 -14.40
N TYR B 11 -8.22 -9.55 -17.29
CA TYR B 11 -8.56 -9.17 -18.66
C TYR B 11 -10.08 -9.03 -18.80
N NH2 B 12 -10.69 -8.37 -17.83
HN1 NH2 B 12 -10.15 -8.03 -17.08
HN2 NH2 B 12 -11.67 -8.26 -17.88
CA CA C . -13.59 -3.22 -7.71
CA CA D . -14.84 0.06 -8.51
N HIS A 1 -21.33 12.73 0.52
CA HIS A 1 -21.45 11.30 0.83
C HIS A 1 -20.18 10.55 0.44
N THR A 2 -19.12 10.77 1.20
CA THR A 2 -17.85 10.13 0.93
C THR A 2 -17.27 9.50 2.20
N GLU A 3 -17.72 8.30 2.51
CA GLU A 3 -17.23 7.59 3.68
C GLU A 3 -15.91 6.91 3.38
N LYS A 4 -14.92 7.14 4.23
CA LYS A 4 -13.61 6.57 4.06
C LYS A 4 -13.01 6.19 5.43
N ARG A 5 -13.80 5.46 6.19
CA ARG A 5 -13.41 5.03 7.53
C ARG A 5 -12.53 3.78 7.47
N GLY A 6 -12.18 3.37 6.26
CA GLY A 6 -11.35 2.19 6.08
C GLY A 6 -9.94 2.39 6.60
N ARG A 7 -9.29 1.30 6.94
CA ARG A 7 -7.93 1.33 7.44
C ARG A 7 -7.13 0.17 6.88
N ILE A 8 -5.82 0.31 6.84
CA ILE A 8 -4.96 -0.74 6.32
C ILE A 8 -3.85 -1.05 7.33
N TYR A 9 -3.57 -2.33 7.53
CA TYR A 9 -2.52 -2.75 8.45
C TYR A 9 -1.24 -3.03 7.67
N LEU A 10 -0.32 -2.08 7.72
CA LEU A 10 0.95 -2.20 7.03
C LEU A 10 2.09 -2.43 8.00
N LYS A 11 2.98 -3.35 7.66
CA LYS A 11 4.14 -3.65 8.49
C LYS A 11 5.41 -3.44 7.67
N ALA A 12 6.13 -2.38 7.95
CA ALA A 12 7.37 -2.08 7.26
C ALA A 12 8.52 -2.00 8.23
N GLU A 13 9.47 -2.92 8.10
CA GLU A 13 10.62 -2.96 8.99
C GLU A 13 11.89 -3.22 8.18
N VAL A 14 13.02 -2.83 8.72
CA VAL A 14 14.29 -3.05 8.04
C VAL A 14 15.16 -4.02 8.84
N THR A 15 15.52 -5.13 8.21
CA THR A 15 16.36 -6.13 8.84
C THR A 15 17.28 -6.75 7.80
N ASP A 16 18.56 -6.91 8.15
CA ASP A 16 19.56 -7.48 7.25
C ASP A 16 19.79 -6.55 6.05
N GLU A 17 19.54 -5.26 6.29
CA GLU A 17 19.68 -4.21 5.28
C GLU A 17 18.64 -4.38 4.18
N LYS A 18 17.63 -5.16 4.47
CA LYS A 18 16.54 -5.41 3.53
C LYS A 18 15.22 -4.95 4.14
N LEU A 19 14.42 -4.26 3.34
CA LEU A 19 13.14 -3.77 3.80
C LEU A 19 12.11 -4.89 3.74
N HIS A 20 11.70 -5.36 4.91
CA HIS A 20 10.72 -6.43 5.03
C HIS A 20 9.32 -5.83 5.13
N VAL A 21 8.63 -5.77 4.01
CA VAL A 21 7.29 -5.21 3.98
C VAL A 21 6.26 -6.33 4.00
N THR A 22 5.34 -6.26 4.96
CA THR A 22 4.30 -7.26 5.08
C THR A 22 2.94 -6.61 5.28
N VAL A 23 2.07 -6.81 4.31
CA VAL A 23 0.73 -6.25 4.39
C VAL A 23 -0.21 -7.31 4.95
N ARG A 24 -0.82 -7.01 6.10
CA ARG A 24 -1.71 -7.95 6.75
C ARG A 24 -3.09 -7.96 6.09
N ASP A 25 -3.94 -7.02 6.50
CA ASP A 25 -5.30 -6.95 5.96
C ASP A 25 -5.86 -5.54 6.12
N ALA A 26 -7.08 -5.37 5.64
CA ALA A 26 -7.78 -4.10 5.72
C ALA A 26 -9.19 -4.30 6.27
N LYS A 27 -9.66 -3.34 7.03
CA LYS A 27 -11.00 -3.42 7.63
C LYS A 27 -11.74 -2.10 7.49
N ASN A 28 -13.05 -2.16 7.73
CA ASN A 28 -13.94 -0.99 7.66
C ASN A 28 -14.08 -0.49 6.23
N LEU A 29 -14.09 -1.41 5.27
CA LEU A 29 -14.21 -1.04 3.87
C LEU A 29 -15.66 -0.70 3.53
N ILE A 30 -15.83 0.29 2.67
CA ILE A 30 -17.15 0.71 2.23
C ILE A 30 -17.36 0.27 0.79
N PRO A 31 -18.62 0.11 0.34
CA PRO A 31 -18.92 -0.34 -1.02
C PRO A 31 -18.38 0.61 -2.09
N MET A 32 -17.44 0.12 -2.89
CA MET A 32 -16.84 0.91 -3.95
C MET A 32 -17.05 0.24 -5.30
N ASP A 33 -18.00 -0.67 -5.35
CA ASP A 33 -18.31 -1.40 -6.58
C ASP A 33 -19.81 -1.46 -6.80
N PRO A 34 -20.25 -1.60 -8.07
CA PRO A 34 -21.67 -1.68 -8.43
C PRO A 34 -22.40 -2.83 -7.72
N ASN A 35 -21.68 -3.92 -7.49
CA ASN A 35 -22.25 -5.08 -6.81
C ASN A 35 -22.10 -4.97 -5.30
N GLY A 36 -21.80 -3.76 -4.82
CA GLY A 36 -21.64 -3.54 -3.40
C GLY A 36 -20.48 -4.33 -2.83
N LEU A 37 -19.29 -4.06 -3.33
CA LEU A 37 -18.10 -4.76 -2.90
C LEU A 37 -16.88 -3.85 -3.03
N SER A 38 -15.74 -4.30 -2.52
CA SER A 38 -14.49 -3.56 -2.60
C SER A 38 -13.32 -4.52 -2.62
N ASP A 39 -12.67 -4.64 -3.76
CA ASP A 39 -11.55 -5.53 -3.91
C ASP A 39 -10.30 -4.73 -4.30
N PRO A 40 -9.54 -4.28 -3.29
CA PRO A 40 -8.34 -3.50 -3.48
C PRO A 40 -7.07 -4.35 -3.57
N TYR A 41 -6.14 -3.91 -4.40
CA TYR A 41 -4.88 -4.60 -4.55
C TYR A 41 -3.75 -3.74 -3.99
N VAL A 42 -2.93 -4.33 -3.14
CA VAL A 42 -1.83 -3.61 -2.52
C VAL A 42 -0.60 -3.60 -3.44
N LYS A 43 -0.01 -2.42 -3.58
CA LYS A 43 1.16 -2.25 -4.42
C LYS A 43 2.26 -1.54 -3.64
N LEU A 44 3.47 -2.06 -3.73
CA LEU A 44 4.61 -1.50 -3.03
C LEU A 44 5.68 -1.07 -4.03
N LYS A 45 6.11 0.18 -3.95
CA LYS A 45 7.13 0.67 -4.85
C LYS A 45 8.14 1.54 -4.11
N LEU A 46 9.42 1.23 -4.30
CA LEU A 46 10.48 1.98 -3.67
C LEU A 46 11.07 2.98 -4.64
N ILE A 47 10.85 4.26 -4.38
CA ILE A 47 11.36 5.32 -5.25
C ILE A 47 12.83 5.59 -4.93
N PRO A 48 13.65 5.82 -5.96
CA PRO A 48 13.24 5.81 -7.35
C PRO A 48 13.43 4.45 -8.02
N ASP A 49 12.50 4.08 -8.89
CA ASP A 49 12.59 2.80 -9.57
C ASP A 49 12.50 2.98 -11.09
N PRO A 50 13.60 3.46 -11.73
CA PRO A 50 13.64 3.70 -13.17
C PRO A 50 13.71 2.41 -13.99
N LYS A 51 14.11 1.32 -13.34
CA LYS A 51 14.22 0.04 -14.01
C LYS A 51 12.92 -0.75 -13.89
N ASN A 52 12.03 -0.26 -13.03
CA ASN A 52 10.72 -0.88 -12.82
C ASN A 52 10.83 -2.32 -12.35
N GLU A 53 11.65 -2.57 -11.34
CA GLU A 53 11.82 -3.92 -10.82
C GLU A 53 11.55 -3.96 -9.31
N SER A 54 11.49 -2.79 -8.70
CA SER A 54 11.21 -2.68 -7.27
C SER A 54 9.72 -2.45 -7.08
N LYS A 55 9.08 -1.92 -8.11
CA LYS A 55 7.66 -1.66 -8.11
C LYS A 55 6.90 -2.97 -8.33
N GLN A 56 6.30 -3.49 -7.27
CA GLN A 56 5.57 -4.75 -7.35
C GLN A 56 4.21 -4.64 -6.68
N LYS A 57 3.35 -5.62 -6.95
CA LYS A 57 2.01 -5.63 -6.38
C LYS A 57 1.50 -7.07 -6.25
N THR A 58 0.33 -7.20 -5.65
CA THR A 58 -0.29 -8.51 -5.47
C THR A 58 -1.66 -8.53 -6.14
N LYS A 59 -2.26 -9.70 -6.22
CA LYS A 59 -3.57 -9.84 -6.85
C LYS A 59 -4.67 -9.46 -5.86
N THR A 60 -5.79 -8.97 -6.38
CA THR A 60 -6.90 -8.55 -5.56
C THR A 60 -7.55 -9.76 -4.83
N ILE A 61 -8.34 -9.46 -3.82
CA ILE A 61 -9.01 -10.50 -3.03
C ILE A 61 -10.44 -10.71 -3.53
N ARG A 62 -11.04 -11.83 -3.14
CA ARG A 62 -12.40 -12.16 -3.53
C ARG A 62 -13.43 -11.28 -2.81
N SER A 63 -14.69 -11.64 -2.94
CA SER A 63 -15.79 -10.91 -2.33
C SER A 63 -15.69 -10.88 -0.80
N THR A 64 -15.27 -9.75 -0.25
CA THR A 64 -15.16 -9.58 1.18
C THR A 64 -14.98 -8.11 1.52
N LEU A 65 -15.50 -7.71 2.68
CA LEU A 65 -15.39 -6.33 3.14
C LEU A 65 -14.15 -6.17 4.00
N ASN A 66 -13.52 -7.30 4.31
CA ASN A 66 -12.30 -7.32 5.11
C ASN A 66 -11.30 -8.26 4.47
N PRO A 67 -10.60 -7.79 3.42
CA PRO A 67 -9.63 -8.60 2.68
C PRO A 67 -8.29 -8.76 3.40
N GLN A 68 -7.74 -9.96 3.34
CA GLN A 68 -6.46 -10.25 3.97
C GLN A 68 -5.48 -10.74 2.91
N TRP A 69 -4.26 -10.21 2.92
CA TRP A 69 -3.25 -10.57 1.94
C TRP A 69 -2.15 -11.44 2.53
N ASN A 70 -1.48 -10.90 3.56
CA ASN A 70 -0.36 -11.60 4.23
C ASN A 70 0.86 -11.65 3.32
N GLU A 71 0.90 -10.75 2.35
CA GLU A 71 2.00 -10.71 1.41
C GLU A 71 3.24 -10.08 2.04
N SER A 72 4.37 -10.75 1.85
CA SER A 72 5.64 -10.28 2.39
C SER A 72 6.65 -10.10 1.26
N PHE A 73 7.15 -8.88 1.12
CA PHE A 73 8.12 -8.56 0.08
C PHE A 73 9.38 -8.01 0.72
N THR A 74 10.53 -8.39 0.17
CA THR A 74 11.81 -7.93 0.68
C THR A 74 12.62 -7.29 -0.44
N PHE A 75 12.90 -6.00 -0.30
CA PHE A 75 13.65 -5.27 -1.31
C PHE A 75 14.32 -4.04 -0.71
N LYS A 76 15.34 -3.55 -1.41
CA LYS A 76 16.05 -2.36 -0.96
C LYS A 76 16.69 -1.66 -2.16
N LEU A 77 16.72 -0.33 -2.11
CA LEU A 77 17.29 0.47 -3.19
C LEU A 77 18.71 0.91 -2.85
N LYS A 78 19.20 1.90 -3.57
CA LYS A 78 20.53 2.44 -3.34
C LYS A 78 20.58 3.11 -1.97
N PRO A 79 21.78 3.22 -1.36
CA PRO A 79 21.95 3.84 -0.04
C PRO A 79 21.32 5.23 0.04
N SER A 80 21.20 5.88 -1.11
CA SER A 80 20.61 7.22 -1.19
C SER A 80 19.08 7.14 -1.18
N ASP A 81 18.53 6.22 -0.39
CA ASP A 81 17.08 6.05 -0.31
C ASP A 81 16.59 6.48 1.06
N LYS A 82 17.51 6.97 1.89
CA LYS A 82 17.18 7.40 3.24
C LYS A 82 16.24 8.61 3.21
N ASP A 83 16.36 9.42 2.17
CA ASP A 83 15.52 10.60 2.02
C ASP A 83 14.28 10.27 1.19
N ARG A 84 14.15 8.99 0.81
CA ARG A 84 13.03 8.54 -0.01
C ARG A 84 11.90 8.04 0.88
N ARG A 85 10.83 7.57 0.25
CA ARG A 85 9.67 7.06 0.96
C ARG A 85 9.10 5.83 0.26
N LEU A 86 8.46 4.97 1.03
CA LEU A 86 7.85 3.77 0.48
C LEU A 86 6.41 4.08 0.07
N SER A 87 6.18 4.23 -1.21
CA SER A 87 4.86 4.55 -1.72
C SER A 87 3.96 3.31 -1.73
N VAL A 88 2.95 3.33 -0.89
CA VAL A 88 2.00 2.22 -0.82
C VAL A 88 0.68 2.65 -1.43
N GLU A 89 0.54 2.40 -2.73
CA GLU A 89 -0.68 2.76 -3.45
C GLU A 89 -1.69 1.62 -3.40
N ILE A 90 -2.90 1.93 -2.95
CA ILE A 90 -3.95 0.93 -2.84
C ILE A 90 -5.20 1.38 -3.60
N TRP A 91 -5.53 0.68 -4.68
CA TRP A 91 -6.69 1.00 -5.49
C TRP A 91 -7.62 -0.21 -5.58
N ASP A 92 -8.88 0.03 -5.90
CA ASP A 92 -9.85 -1.05 -6.05
C ASP A 92 -9.94 -1.45 -7.51
N TRP A 93 -9.51 -2.67 -7.80
CA TRP A 93 -9.53 -3.18 -9.17
C TRP A 93 -10.96 -3.42 -9.60
N ASP A 94 -11.26 -3.14 -10.86
CA ASP A 94 -12.62 -3.32 -11.35
C ASP A 94 -12.66 -4.20 -12.59
N ARG A 95 -12.01 -5.36 -12.47
CA ARG A 95 -11.95 -6.38 -13.53
C ARG A 95 -11.11 -5.96 -14.73
N THR A 96 -11.55 -4.97 -15.48
CA THR A 96 -10.83 -4.54 -16.68
C THR A 96 -9.88 -3.37 -16.42
N THR A 97 -10.26 -2.46 -15.53
CA THR A 97 -9.42 -1.29 -15.24
C THR A 97 -9.59 -0.84 -13.79
N ARG A 98 -8.90 0.25 -13.45
CA ARG A 98 -8.96 0.82 -12.11
C ARG A 98 -9.59 2.21 -12.19
N ASN A 99 -10.47 2.52 -11.24
CA ASN A 99 -11.12 3.83 -11.21
C ASN A 99 -11.52 4.22 -9.80
N ASP A 100 -11.02 3.48 -8.83
CA ASP A 100 -11.35 3.72 -7.43
C ASP A 100 -10.12 4.01 -6.60
N PHE A 101 -9.96 5.25 -6.19
CA PHE A 101 -8.83 5.63 -5.36
C PHE A 101 -9.16 5.35 -3.90
N MET A 102 -8.71 4.19 -3.42
CA MET A 102 -8.96 3.81 -2.04
C MET A 102 -8.10 4.66 -1.12
N GLY A 103 -6.79 4.53 -1.26
CA GLY A 103 -5.87 5.29 -0.44
C GLY A 103 -4.43 5.02 -0.80
N SER A 104 -3.54 5.91 -0.41
CA SER A 104 -2.13 5.74 -0.68
C SER A 104 -1.31 6.43 0.40
N LEU A 105 -0.49 5.65 1.09
CA LEU A 105 0.34 6.16 2.16
C LEU A 105 1.81 5.98 1.83
N SER A 106 2.68 6.35 2.76
CA SER A 106 4.10 6.21 2.57
C SER A 106 4.80 6.15 3.91
N PHE A 107 6.03 5.66 3.91
CA PHE A 107 6.81 5.56 5.13
C PHE A 107 8.20 6.14 4.90
N GLY A 108 8.68 6.91 5.86
CA GLY A 108 9.99 7.51 5.74
C GLY A 108 11.10 6.51 6.01
N VAL A 109 12.00 6.35 5.05
CA VAL A 109 13.11 5.43 5.18
C VAL A 109 14.01 5.81 6.36
N SER A 110 14.25 7.11 6.52
CA SER A 110 15.09 7.60 7.61
C SER A 110 14.43 7.30 8.96
N GLU A 111 13.10 7.26 8.97
CA GLU A 111 12.36 6.96 10.18
C GLU A 111 12.44 5.47 10.48
N LEU A 112 12.19 4.66 9.45
CA LEU A 112 12.22 3.20 9.58
C LEU A 112 13.62 2.71 9.94
N MET A 113 14.63 3.49 9.57
CA MET A 113 16.01 3.13 9.86
C MET A 113 16.26 3.05 11.36
N LYS A 114 15.51 3.83 12.13
CA LYS A 114 15.66 3.82 13.58
C LYS A 114 14.48 3.12 14.26
N MET A 115 13.30 3.23 13.67
CA MET A 115 12.11 2.60 14.22
C MET A 115 11.19 2.11 13.12
N PRO A 116 10.76 0.85 13.18
CA PRO A 116 9.87 0.27 12.18
C PRO A 116 8.44 0.76 12.34
N ALA A 117 7.62 0.57 11.31
CA ALA A 117 6.24 0.99 11.34
C ALA A 117 5.32 -0.21 11.15
N SER A 118 4.48 -0.46 12.14
CA SER A 118 3.55 -1.58 12.09
C SER A 118 2.26 -1.24 12.82
N GLY A 119 1.21 -0.92 12.05
CA GLY A 119 -0.06 -0.57 12.63
C GLY A 119 -1.10 -0.29 11.59
N TRP A 120 -2.22 0.30 12.01
CA TRP A 120 -3.30 0.63 11.10
C TRP A 120 -3.16 2.06 10.60
N TYR A 121 -3.00 2.23 9.30
CA TYR A 121 -2.86 3.54 8.71
C TYR A 121 -4.21 4.03 8.22
N LYS A 122 -4.50 5.30 8.49
CA LYS A 122 -5.77 5.90 8.08
C LYS A 122 -5.78 6.18 6.58
N LEU A 123 -6.96 6.42 6.03
CA LEU A 123 -7.09 6.69 4.60
C LEU A 123 -6.80 8.14 4.28
N LEU A 124 -5.58 8.40 3.81
CA LEU A 124 -5.17 9.74 3.43
C LEU A 124 -5.18 9.87 1.92
N ASN A 125 -5.17 11.11 1.44
CA ASN A 125 -5.17 11.37 0.00
C ASN A 125 -3.75 11.20 -0.57
N GLN A 126 -3.60 11.43 -1.87
CA GLN A 126 -2.31 11.29 -2.54
C GLN A 126 -1.20 12.08 -1.85
N GLU A 127 -1.38 13.39 -1.75
CA GLU A 127 -0.38 14.25 -1.14
C GLU A 127 -0.21 13.96 0.36
N GLU A 128 -1.32 13.98 1.09
CA GLU A 128 -1.32 13.73 2.53
C GLU A 128 -0.66 12.40 2.90
N GLY A 129 -0.87 11.40 2.08
CA GLY A 129 -0.32 10.09 2.37
C GLY A 129 1.15 9.93 2.01
N GLU A 130 1.63 10.64 1.00
CA GLU A 130 3.02 10.50 0.59
C GLU A 130 3.91 11.57 1.24
N TYR A 131 3.30 12.54 1.91
CA TYR A 131 4.08 13.58 2.56
C TYR A 131 4.08 13.39 4.08
N TYR A 132 3.38 12.37 4.54
CA TYR A 132 3.31 12.07 5.96
C TYR A 132 3.39 10.58 6.21
N ASN A 133 3.72 10.22 7.44
CA ASN A 133 3.83 8.81 7.82
C ASN A 133 3.41 8.65 9.29
N VAL A 134 2.12 8.74 9.53
CA VAL A 134 1.57 8.63 10.87
C VAL A 134 0.55 7.50 10.96
N PRO A 135 0.98 6.34 11.47
CA PRO A 135 0.10 5.19 11.64
C PRO A 135 -0.59 5.19 13.00
N ILE A 136 -1.71 4.50 13.10
CA ILE A 136 -2.46 4.42 14.35
C ILE A 136 -2.02 3.18 15.12
N PRO A 137 -1.52 3.37 16.36
CA PRO A 137 -1.04 2.26 17.21
C PRO A 137 -2.07 1.16 17.40
N GLU A 138 -3.32 1.55 17.71
CA GLU A 138 -4.41 0.60 17.93
C GLU A 138 -4.04 -0.44 18.98
N GLY A 139 -3.32 0.01 19.99
CA GLY A 139 -2.88 -0.87 21.06
C GLY A 139 -1.55 -0.44 21.61
C ACE B 1 9.73 2.21 -17.57
O ACE B 1 9.56 1.04 -17.23
CH3 ACE B 1 10.88 2.58 -18.48
H1 ACE B 1 10.86 3.65 -18.63
H2 ACE B 1 10.78 2.09 -19.42
H3 ACE B 1 11.81 2.27 -18.01
N ASP B 2 8.93 3.20 -17.20
CA ASP B 2 7.79 2.95 -16.33
C ASP B 2 6.63 2.36 -17.11
N GLN B 3 6.35 1.10 -16.86
CA GLN B 3 5.27 0.41 -17.55
C GLN B 3 3.97 0.51 -16.77
N SER B 4 2.88 0.10 -17.41
CA SER B 4 1.56 0.14 -16.79
C SER B 4 1.48 -0.83 -15.62
N ASP B 5 1.54 -0.29 -14.41
CA ASP B 5 1.45 -1.09 -13.20
C ASP B 5 0.10 -0.95 -12.55
N PHE B 6 -0.60 0.13 -12.89
CA PHE B 6 -1.92 0.38 -12.33
C PHE B 6 -2.94 -0.55 -12.97
N GLU B 7 -2.77 -0.77 -14.27
CA GLU B 7 -3.66 -1.64 -15.02
C GLU B 7 -2.89 -2.87 -15.50
N GLY B 8 -3.60 -3.98 -15.65
CA GLY B 8 -2.98 -5.20 -16.10
C GLY B 8 -3.09 -6.31 -15.08
N PHE B 9 -4.30 -6.81 -14.91
CA PHE B 9 -4.58 -7.88 -13.96
C PHE B 9 -5.52 -8.88 -14.60
N SEP B 10 -6.65 -8.39 -15.05
CA SEP B 10 -7.66 -9.23 -15.70
CB SEP B 10 -8.85 -9.43 -14.75
OG SEP B 10 -8.40 -9.59 -13.42
C SEP B 10 -8.08 -8.58 -17.01
O SEP B 10 -8.04 -7.35 -17.14
P SEP B 10 -9.37 -10.19 -12.29
O1P SEP B 10 -9.06 -11.75 -12.29
O2P SEP B 10 -9.03 -9.77 -10.93
O3P SEP B 10 -10.81 -10.11 -12.62
H SEP B 10 -6.84 -7.44 -14.96
HA SEP B 10 -7.20 -10.18 -15.91
HB2 SEP B 10 -9.39 -10.32 -15.06
HB3 SEP B 10 -9.50 -8.57 -14.81
N TYR B 11 -8.47 -9.39 -17.98
CA TYR B 11 -8.89 -8.88 -19.27
C TYR B 11 -10.42 -8.76 -19.33
N NH2 B 12 -10.98 -8.05 -18.37
HN1 NH2 B 12 -10.41 -7.65 -17.69
HN2 NH2 B 12 -11.96 -7.95 -18.38
CA CA C . -13.69 -3.42 -7.49
CA CA D . -14.87 0.00 -8.22
N HIS A 1 -22.23 12.06 0.96
CA HIS A 1 -21.99 10.60 0.88
C HIS A 1 -20.54 10.33 0.45
N THR A 2 -19.64 10.37 1.42
CA THR A 2 -18.23 10.11 1.18
C THR A 2 -17.59 9.52 2.43
N GLU A 3 -17.79 8.23 2.61
CA GLU A 3 -17.26 7.51 3.76
C GLU A 3 -15.90 6.89 3.45
N LYS A 4 -14.99 6.96 4.41
CA LYS A 4 -13.64 6.42 4.24
C LYS A 4 -13.06 6.01 5.60
N ARG A 5 -13.88 5.30 6.37
CA ARG A 5 -13.48 4.84 7.70
C ARG A 5 -12.66 3.55 7.64
N GLY A 6 -12.23 3.17 6.44
CA GLY A 6 -11.45 1.96 6.27
C GLY A 6 -10.04 2.10 6.81
N ARG A 7 -9.52 1.04 7.39
CA ARG A 7 -8.17 1.04 7.95
C ARG A 7 -7.41 -0.19 7.46
N ILE A 8 -6.16 0.01 7.06
CA ILE A 8 -5.33 -1.08 6.56
C ILE A 8 -4.09 -1.26 7.43
N TYR A 9 -3.72 -2.50 7.69
CA TYR A 9 -2.54 -2.80 8.50
C TYR A 9 -1.30 -2.88 7.62
N LEU A 10 -0.35 -2.00 7.87
CA LEU A 10 0.88 -1.96 7.10
C LEU A 10 2.08 -2.10 8.02
N LYS A 11 2.92 -3.09 7.76
CA LYS A 11 4.11 -3.31 8.56
C LYS A 11 5.36 -3.24 7.68
N ALA A 12 6.27 -2.35 8.05
CA ALA A 12 7.51 -2.17 7.32
C ALA A 12 8.69 -2.15 8.27
N GLU A 13 9.34 -3.28 8.41
CA GLU A 13 10.49 -3.40 9.31
C GLU A 13 11.77 -3.50 8.50
N VAL A 14 12.87 -3.04 9.08
CA VAL A 14 14.14 -3.10 8.39
C VAL A 14 15.03 -4.16 9.03
N THR A 15 15.21 -5.26 8.33
CA THR A 15 16.02 -6.37 8.83
C THR A 15 17.09 -6.73 7.82
N ASP A 16 18.35 -6.76 8.27
CA ASP A 16 19.49 -7.10 7.42
C ASP A 16 19.65 -6.05 6.32
N GLU A 17 19.36 -4.80 6.68
CA GLU A 17 19.45 -3.66 5.77
C GLU A 17 18.48 -3.82 4.59
N LYS A 18 17.41 -4.55 4.84
CA LYS A 18 16.38 -4.78 3.83
C LYS A 18 15.03 -4.39 4.39
N LEU A 19 14.11 -3.99 3.52
CA LEU A 19 12.80 -3.58 3.97
C LEU A 19 11.81 -4.74 3.90
N HIS A 20 11.33 -5.14 5.06
CA HIS A 20 10.36 -6.22 5.18
C HIS A 20 8.94 -5.67 5.07
N VAL A 21 8.54 -5.34 3.86
CA VAL A 21 7.20 -4.81 3.62
C VAL A 21 6.17 -5.91 3.76
N THR A 22 5.43 -5.89 4.85
CA THR A 22 4.42 -6.90 5.11
C THR A 22 3.03 -6.29 5.28
N VAL A 23 2.12 -6.67 4.40
CA VAL A 23 0.76 -6.17 4.46
C VAL A 23 -0.16 -7.30 4.91
N ARG A 24 -0.85 -7.10 6.03
CA ARG A 24 -1.73 -8.13 6.56
C ARG A 24 -3.11 -8.05 5.93
N ASP A 25 -3.97 -7.18 6.46
CA ASP A 25 -5.31 -7.03 5.95
C ASP A 25 -5.87 -5.65 6.22
N ALA A 26 -7.11 -5.44 5.80
CA ALA A 26 -7.79 -4.17 6.00
C ALA A 26 -9.21 -4.42 6.47
N LYS A 27 -9.78 -3.45 7.19
CA LYS A 27 -11.13 -3.57 7.70
C LYS A 27 -11.91 -2.28 7.50
N ASN A 28 -13.24 -2.38 7.63
CA ASN A 28 -14.15 -1.24 7.48
C ASN A 28 -14.18 -0.71 6.05
N LEU A 29 -14.22 -1.62 5.09
CA LEU A 29 -14.27 -1.24 3.69
C LEU A 29 -15.69 -0.83 3.31
N ILE A 30 -15.80 0.08 2.36
CA ILE A 30 -17.10 0.55 1.90
C ILE A 30 -17.38 0.06 0.48
N PRO A 31 -18.65 0.08 0.04
CA PRO A 31 -19.03 -0.36 -1.31
C PRO A 31 -18.45 0.54 -2.41
N MET A 32 -17.29 0.14 -2.92
CA MET A 32 -16.62 0.88 -3.98
C MET A 32 -16.89 0.21 -5.33
N ASP A 33 -17.80 -0.74 -5.32
CA ASP A 33 -18.16 -1.47 -6.52
C ASP A 33 -19.67 -1.57 -6.64
N PRO A 34 -20.18 -1.78 -7.86
CA PRO A 34 -21.62 -1.89 -8.11
C PRO A 34 -22.20 -3.16 -7.47
N ASN A 35 -21.31 -4.05 -7.05
CA ASN A 35 -21.70 -5.29 -6.42
C ASN A 35 -21.89 -5.09 -4.91
N GLY A 36 -21.74 -3.86 -4.45
CA GLY A 36 -21.92 -3.56 -3.04
C GLY A 36 -20.77 -4.04 -2.18
N LEU A 37 -19.57 -4.01 -2.75
CA LEU A 37 -18.37 -4.46 -2.04
C LEU A 37 -17.15 -3.76 -2.60
N SER A 38 -15.97 -4.31 -2.33
CA SER A 38 -14.73 -3.74 -2.81
C SER A 38 -13.66 -4.83 -2.93
N ASP A 39 -12.65 -4.56 -3.73
CA ASP A 39 -11.54 -5.48 -3.92
C ASP A 39 -10.28 -4.71 -4.31
N PRO A 40 -9.56 -4.21 -3.29
CA PRO A 40 -8.35 -3.44 -3.48
C PRO A 40 -7.08 -4.30 -3.45
N TYR A 41 -6.08 -3.86 -4.19
CA TYR A 41 -4.81 -4.56 -4.25
C TYR A 41 -3.70 -3.64 -3.75
N VAL A 42 -2.76 -4.21 -3.00
CA VAL A 42 -1.66 -3.44 -2.45
C VAL A 42 -0.49 -3.34 -3.44
N LYS A 43 -0.06 -2.11 -3.70
CA LYS A 43 1.05 -1.88 -4.61
C LYS A 43 2.09 -1.01 -3.92
N LEU A 44 3.30 -1.53 -3.82
CA LEU A 44 4.39 -0.81 -3.17
C LEU A 44 5.45 -0.43 -4.19
N LYS A 45 5.89 0.82 -4.12
CA LYS A 45 6.90 1.30 -5.05
C LYS A 45 7.97 2.12 -4.34
N LEU A 46 9.22 1.78 -4.60
CA LEU A 46 10.33 2.49 -4.02
C LEU A 46 10.95 3.40 -5.07
N ILE A 47 10.55 4.66 -5.07
CA ILE A 47 11.05 5.62 -6.04
C ILE A 47 12.38 6.20 -5.58
N PRO A 48 13.25 6.57 -6.54
CA PRO A 48 12.98 6.42 -7.96
C PRO A 48 13.38 5.05 -8.51
N ASP A 49 12.48 4.42 -9.24
CA ASP A 49 12.76 3.10 -9.82
C ASP A 49 12.60 3.15 -11.33
N PRO A 50 13.67 3.52 -12.05
CA PRO A 50 13.66 3.61 -13.51
C PRO A 50 13.94 2.26 -14.18
N LYS A 51 14.26 1.26 -13.37
CA LYS A 51 14.55 -0.07 -13.88
C LYS A 51 13.29 -0.92 -13.87
N ASN A 52 12.35 -0.53 -13.00
CA ASN A 52 11.07 -1.21 -12.85
C ASN A 52 11.26 -2.61 -12.27
N GLU A 53 11.67 -2.67 -11.02
CA GLU A 53 11.86 -3.94 -10.34
C GLU A 53 11.48 -3.80 -8.88
N SER A 54 11.53 -2.59 -8.38
CA SER A 54 11.17 -2.30 -7.01
C SER A 54 9.66 -2.11 -6.94
N LYS A 55 9.10 -1.68 -8.06
CA LYS A 55 7.67 -1.48 -8.21
C LYS A 55 6.98 -2.85 -8.33
N GLN A 56 6.29 -3.27 -7.28
CA GLN A 56 5.62 -4.55 -7.30
C GLN A 56 4.31 -4.50 -6.52
N LYS A 57 3.40 -5.43 -6.84
CA LYS A 57 2.11 -5.49 -6.19
C LYS A 57 1.60 -6.92 -6.13
N THR A 58 0.46 -7.09 -5.47
CA THR A 58 -0.17 -8.40 -5.36
C THR A 58 -1.48 -8.42 -6.13
N LYS A 59 -2.18 -9.54 -6.11
CA LYS A 59 -3.45 -9.67 -6.81
C LYS A 59 -4.59 -9.21 -5.91
N THR A 60 -5.75 -8.97 -6.51
CA THR A 60 -6.90 -8.52 -5.75
C THR A 60 -7.50 -9.68 -4.95
N ILE A 61 -8.32 -9.35 -3.97
CA ILE A 61 -8.94 -10.34 -3.11
C ILE A 61 -10.38 -10.60 -3.55
N ARG A 62 -10.94 -11.72 -3.10
CA ARG A 62 -12.31 -12.10 -3.42
C ARG A 62 -13.30 -11.05 -2.90
N SER A 63 -14.54 -11.17 -3.31
CA SER A 63 -15.60 -10.26 -2.90
C SER A 63 -15.79 -10.30 -1.38
N THR A 64 -15.28 -9.28 -0.69
CA THR A 64 -15.40 -9.21 0.76
C THR A 64 -15.06 -7.80 1.24
N LEU A 65 -15.54 -7.46 2.43
CA LEU A 65 -15.26 -6.14 3.00
C LEU A 65 -14.04 -6.20 3.91
N ASN A 66 -13.52 -7.41 4.10
CA ASN A 66 -12.35 -7.62 4.95
C ASN A 66 -11.37 -8.50 4.19
N PRO A 67 -10.52 -7.90 3.35
CA PRO A 67 -9.53 -8.62 2.55
C PRO A 67 -8.18 -8.76 3.24
N GLN A 68 -7.67 -9.98 3.27
CA GLN A 68 -6.38 -10.26 3.87
C GLN A 68 -5.40 -10.72 2.78
N TRP A 69 -4.22 -10.12 2.76
CA TRP A 69 -3.23 -10.44 1.75
C TRP A 69 -2.11 -11.32 2.32
N ASN A 70 -1.55 -10.92 3.46
CA ASN A 70 -0.46 -11.64 4.10
C ASN A 70 0.78 -11.67 3.21
N GLU A 71 0.91 -10.64 2.37
CA GLU A 71 2.02 -10.55 1.45
C GLU A 71 3.22 -9.92 2.12
N SER A 72 4.38 -10.53 1.90
CA SER A 72 5.62 -10.04 2.47
C SER A 72 6.67 -9.85 1.38
N PHE A 73 7.27 -8.67 1.35
CA PHE A 73 8.30 -8.36 0.38
C PHE A 73 9.60 -7.99 1.09
N THR A 74 10.72 -8.29 0.47
CA THR A 74 12.02 -8.00 1.05
C THR A 74 13.00 -7.48 0.00
N PHE A 75 13.23 -6.18 -0.01
CA PHE A 75 14.13 -5.57 -0.97
C PHE A 75 14.65 -4.24 -0.44
N LYS A 76 15.61 -3.67 -1.13
CA LYS A 76 16.19 -2.39 -0.74
C LYS A 76 16.95 -1.76 -1.91
N LEU A 77 17.19 -0.47 -1.84
CA LEU A 77 17.90 0.24 -2.89
C LEU A 77 19.23 0.77 -2.38
N LYS A 78 19.89 1.58 -3.20
CA LYS A 78 21.17 2.17 -2.86
C LYS A 78 21.03 3.02 -1.59
N PRO A 79 22.14 3.22 -0.84
CA PRO A 79 22.13 4.01 0.40
C PRO A 79 21.90 5.51 0.19
N SER A 80 21.02 5.84 -0.74
CA SER A 80 20.69 7.22 -1.05
C SER A 80 19.18 7.39 -1.03
N ASP A 81 18.49 6.32 -0.66
CA ASP A 81 17.03 6.31 -0.60
C ASP A 81 16.55 6.61 0.81
N LYS A 82 17.49 6.92 1.70
CA LYS A 82 17.19 7.22 3.09
C LYS A 82 16.16 8.33 3.22
N ASP A 83 16.28 9.35 2.38
CA ASP A 83 15.36 10.49 2.40
C ASP A 83 14.03 10.13 1.75
N ARG A 84 14.03 9.08 0.94
CA ARG A 84 12.84 8.63 0.25
C ARG A 84 11.89 7.90 1.20
N ARG A 85 10.72 7.57 0.70
CA ARG A 85 9.73 6.88 1.48
C ARG A 85 9.11 5.74 0.68
N LEU A 86 8.78 4.65 1.36
CA LEU A 86 8.16 3.51 0.70
C LEU A 86 6.70 3.85 0.42
N SER A 87 6.41 4.15 -0.84
CA SER A 87 5.06 4.52 -1.23
C SER A 87 4.17 3.30 -1.46
N VAL A 88 3.13 3.19 -0.64
CA VAL A 88 2.18 2.10 -0.73
C VAL A 88 0.84 2.64 -1.21
N GLU A 89 0.41 2.21 -2.38
CA GLU A 89 -0.84 2.67 -2.95
C GLU A 89 -1.89 1.57 -2.93
N ILE A 90 -3.10 1.93 -2.56
CA ILE A 90 -4.20 0.98 -2.49
C ILE A 90 -5.30 1.43 -3.45
N TRP A 91 -5.50 0.65 -4.50
CA TRP A 91 -6.52 0.96 -5.50
C TRP A 91 -7.47 -0.22 -5.69
N ASP A 92 -8.67 0.06 -6.18
CA ASP A 92 -9.67 -0.96 -6.43
C ASP A 92 -9.68 -1.33 -7.91
N TRP A 93 -9.59 -2.62 -8.20
CA TRP A 93 -9.59 -3.11 -9.56
C TRP A 93 -11.03 -3.41 -9.97
N ASP A 94 -11.41 -2.98 -11.17
CA ASP A 94 -12.78 -3.19 -11.63
C ASP A 94 -12.82 -4.05 -12.89
N ARG A 95 -12.13 -5.17 -12.83
CA ARG A 95 -12.06 -6.16 -13.92
C ARG A 95 -11.32 -5.64 -15.16
N THR A 96 -11.86 -4.63 -15.82
CA THR A 96 -11.26 -4.12 -17.03
C THR A 96 -10.27 -2.98 -16.76
N THR A 97 -10.58 -2.10 -15.81
CA THR A 97 -9.71 -0.98 -15.50
C THR A 97 -9.79 -0.58 -14.03
N ARG A 98 -9.03 0.44 -13.67
CA ARG A 98 -9.03 0.95 -12.30
C ARG A 98 -9.67 2.34 -12.29
N ASN A 99 -10.32 2.69 -11.19
CA ASN A 99 -10.98 3.99 -11.11
C ASN A 99 -11.21 4.42 -9.66
N ASP A 100 -11.38 3.46 -8.77
CA ASP A 100 -11.61 3.77 -7.37
C ASP A 100 -10.31 3.85 -6.60
N PHE A 101 -10.10 4.98 -5.96
CA PHE A 101 -8.91 5.24 -5.17
C PHE A 101 -9.21 5.03 -3.69
N MET A 102 -8.53 4.08 -3.06
CA MET A 102 -8.75 3.80 -1.66
C MET A 102 -7.88 4.69 -0.80
N GLY A 103 -6.58 4.63 -1.03
CA GLY A 103 -5.65 5.44 -0.26
C GLY A 103 -4.22 5.26 -0.70
N SER A 104 -3.32 6.04 -0.12
CA SER A 104 -1.91 5.97 -0.42
C SER A 104 -1.12 6.48 0.77
N LEU A 105 -0.06 5.77 1.13
CA LEU A 105 0.76 6.16 2.26
C LEU A 105 2.24 5.96 1.94
N SER A 106 3.11 6.45 2.82
CA SER A 106 4.54 6.31 2.62
C SER A 106 5.27 6.29 3.95
N PHE A 107 6.33 5.49 4.02
CA PHE A 107 7.12 5.41 5.24
C PHE A 107 8.56 5.85 4.97
N GLY A 108 9.03 6.84 5.70
CA GLY A 108 10.37 7.36 5.52
C GLY A 108 11.44 6.36 5.89
N VAL A 109 12.43 6.21 5.03
CA VAL A 109 13.52 5.27 5.25
C VAL A 109 14.37 5.66 6.45
N SER A 110 14.70 6.95 6.58
CA SER A 110 15.52 7.43 7.69
C SER A 110 14.82 7.17 9.03
N GLU A 111 13.51 7.37 9.05
CA GLU A 111 12.73 7.16 10.27
C GLU A 111 12.65 5.68 10.61
N LEU A 112 12.36 4.86 9.62
CA LEU A 112 12.23 3.42 9.83
C LEU A 112 13.57 2.80 10.23
N MET A 113 14.66 3.46 9.89
CA MET A 113 16.00 2.98 10.23
C MET A 113 16.20 2.95 11.75
N LYS A 114 15.44 3.78 12.45
CA LYS A 114 15.55 3.85 13.90
C LYS A 114 14.29 3.31 14.58
N MET A 115 13.26 3.03 13.80
CA MET A 115 12.01 2.50 14.34
C MET A 115 11.21 1.77 13.26
N PRO A 116 11.00 0.45 13.43
CA PRO A 116 10.24 -0.35 12.48
C PRO A 116 8.75 0.01 12.51
N ALA A 117 8.24 0.52 11.40
CA ALA A 117 6.83 0.91 11.31
C ALA A 117 5.91 -0.31 11.32
N SER A 118 5.00 -0.32 12.27
CA SER A 118 4.05 -1.41 12.40
C SER A 118 2.77 -0.93 13.06
N GLY A 119 1.66 -1.07 12.35
CA GLY A 119 0.39 -0.64 12.88
C GLY A 119 -0.63 -0.46 11.79
N TRP A 120 -1.77 0.14 12.12
CA TRP A 120 -2.83 0.37 11.15
C TRP A 120 -2.72 1.78 10.61
N TYR A 121 -3.01 1.95 9.33
CA TYR A 121 -2.95 3.26 8.71
C TYR A 121 -4.32 3.73 8.26
N LYS A 122 -4.59 5.01 8.46
CA LYS A 122 -5.86 5.60 8.07
C LYS A 122 -5.83 6.04 6.61
N LEU A 123 -7.00 6.16 6.01
CA LEU A 123 -7.09 6.55 4.61
C LEU A 123 -6.87 8.05 4.44
N LEU A 124 -5.75 8.40 3.83
CA LEU A 124 -5.40 9.78 3.58
C LEU A 124 -5.39 10.05 2.07
N ASN A 125 -5.13 11.29 1.70
CA ASN A 125 -5.09 11.66 0.29
C ASN A 125 -3.70 11.35 -0.26
N GLN A 126 -3.55 11.46 -1.58
CA GLN A 126 -2.29 11.17 -2.24
C GLN A 126 -1.16 12.06 -1.73
N GLU A 127 -1.40 13.36 -1.69
CA GLU A 127 -0.40 14.33 -1.24
C GLU A 127 0.04 14.06 0.20
N GLU A 128 -0.90 14.22 1.14
CA GLU A 128 -0.60 14.03 2.55
C GLU A 128 -0.02 12.65 2.86
N GLY A 129 -0.48 11.64 2.13
CA GLY A 129 0.01 10.28 2.36
C GLY A 129 1.41 10.02 1.82
N GLU A 130 1.80 10.73 0.76
CA GLU A 130 3.12 10.53 0.18
C GLU A 130 4.17 11.47 0.76
N TYR A 131 3.71 12.49 1.49
CA TYR A 131 4.64 13.45 2.07
C TYR A 131 4.86 13.19 3.56
N TYR A 132 3.81 12.75 4.26
CA TYR A 132 3.91 12.48 5.68
C TYR A 132 3.37 11.10 6.02
N ASN A 133 3.56 10.67 7.25
CA ASN A 133 3.08 9.37 7.69
C ASN A 133 2.58 9.44 9.13
N VAL A 134 1.38 8.91 9.34
CA VAL A 134 0.77 8.90 10.66
C VAL A 134 0.10 7.55 10.92
N PRO A 135 0.80 6.64 11.60
CA PRO A 135 0.27 5.32 11.92
C PRO A 135 -0.61 5.32 13.15
N ILE A 136 -1.64 4.49 13.12
CA ILE A 136 -2.57 4.38 14.24
C ILE A 136 -2.15 3.20 15.11
N PRO A 137 -1.91 3.44 16.41
CA PRO A 137 -1.49 2.40 17.36
C PRO A 137 -2.36 1.15 17.30
N GLU A 138 -3.64 1.30 17.65
CA GLU A 138 -4.60 0.18 17.65
C GLU A 138 -4.09 -0.96 18.52
N GLY A 139 -3.37 -0.60 19.57
CA GLY A 139 -2.82 -1.59 20.47
C GLY A 139 -1.76 -0.99 21.36
C ACE B 1 9.28 0.23 -18.01
O ACE B 1 8.74 -0.77 -17.52
CH3 ACE B 1 10.63 0.14 -18.65
H1 ACE B 1 10.55 0.40 -19.70
H2 ACE B 1 11.01 -0.86 -18.55
H3 ACE B 1 11.31 0.83 -18.13
N ASP B 2 8.71 1.44 -18.02
CA ASP B 2 7.38 1.65 -17.43
C ASP B 2 6.29 1.30 -18.41
N GLN B 3 5.71 0.12 -18.23
CA GLN B 3 4.65 -0.36 -19.09
C GLN B 3 3.34 -0.40 -18.30
N SER B 4 2.38 -1.19 -18.77
CA SER B 4 1.09 -1.31 -18.10
C SER B 4 1.26 -1.91 -16.71
N ASP B 5 0.93 -1.13 -15.69
CA ASP B 5 1.04 -1.58 -14.31
C ASP B 5 -0.24 -1.29 -13.54
N PHE B 6 -0.76 -0.08 -13.71
CA PHE B 6 -1.99 0.33 -13.06
C PHE B 6 -3.17 -0.44 -13.61
N GLU B 7 -3.11 -0.75 -14.90
CA GLU B 7 -4.17 -1.50 -15.55
C GLU B 7 -3.60 -2.72 -16.24
N GLY B 8 -3.44 -3.81 -15.50
CA GLY B 8 -2.91 -5.02 -16.10
C GLY B 8 -3.06 -6.24 -15.21
N PHE B 9 -4.31 -6.60 -14.94
CA PHE B 9 -4.62 -7.77 -14.13
C PHE B 9 -5.60 -8.65 -14.88
N SEP B 10 -6.86 -8.28 -14.80
CA SEP B 10 -7.92 -9.01 -15.49
CB SEP B 10 -9.15 -9.09 -14.59
OG SEP B 10 -8.76 -9.18 -13.22
C SEP B 10 -8.26 -8.28 -16.79
O SEP B 10 -7.75 -7.18 -17.03
P SEP B 10 -8.79 -10.61 -12.49
O1P SEP B 10 -7.53 -11.40 -13.09
O2P SEP B 10 -8.51 -10.55 -11.03
O3P SEP B 10 -9.95 -11.44 -12.83
H SEP B 10 -7.11 -7.51 -14.26
HA SEP B 10 -7.57 -10.00 -15.72
HB2 SEP B 10 -9.73 -9.97 -14.85
HB3 SEP B 10 -9.75 -8.21 -14.72
N TYR B 11 -9.07 -8.88 -17.64
CA TYR B 11 -9.44 -8.25 -18.90
C TYR B 11 -10.89 -7.79 -18.87
N NH2 B 12 -11.72 -8.50 -18.12
HN1 NH2 B 12 -11.37 -9.29 -17.65
HN2 NH2 B 12 -12.66 -8.22 -18.08
CA CA C . -13.70 -3.66 -7.91
CA CA D . -14.91 0.01 -8.26
N HIS A 1 -21.98 12.77 0.33
CA HIS A 1 -21.99 11.35 0.72
C HIS A 1 -20.64 10.71 0.40
N THR A 2 -19.71 10.83 1.35
CA THR A 2 -18.38 10.28 1.17
C THR A 2 -17.94 9.55 2.44
N GLU A 3 -17.88 8.22 2.35
CA GLU A 3 -17.49 7.40 3.49
C GLU A 3 -16.16 6.71 3.23
N LYS A 4 -15.23 6.85 4.17
CA LYS A 4 -13.92 6.22 4.05
C LYS A 4 -13.32 6.00 5.44
N ARG A 5 -14.05 5.27 6.28
CA ARG A 5 -13.62 4.99 7.64
C ARG A 5 -12.77 3.71 7.69
N GLY A 6 -12.30 3.27 6.53
CA GLY A 6 -11.51 2.06 6.47
C GLY A 6 -10.05 2.28 6.85
N ARG A 7 -9.37 1.21 7.20
CA ARG A 7 -7.97 1.26 7.59
C ARG A 7 -7.24 0.06 6.99
N ILE A 8 -5.92 0.11 7.00
CA ILE A 8 -5.13 -0.99 6.47
C ILE A 8 -3.93 -1.28 7.38
N TYR A 9 -3.68 -2.54 7.65
CA TYR A 9 -2.57 -2.93 8.50
C TYR A 9 -1.28 -3.03 7.68
N LEU A 10 -0.36 -2.13 7.94
CA LEU A 10 0.90 -2.11 7.22
C LEU A 10 2.08 -2.27 8.18
N LYS A 11 3.04 -3.09 7.79
CA LYS A 11 4.23 -3.32 8.59
C LYS A 11 5.47 -3.07 7.77
N ALA A 12 6.14 -1.96 8.04
CA ALA A 12 7.35 -1.60 7.34
C ALA A 12 8.52 -1.56 8.32
N GLU A 13 9.37 -2.57 8.26
CA GLU A 13 10.52 -2.65 9.14
C GLU A 13 11.79 -2.92 8.34
N VAL A 14 12.93 -2.81 8.98
CA VAL A 14 14.19 -3.04 8.30
C VAL A 14 14.95 -4.20 8.97
N THR A 15 15.33 -5.17 8.18
CA THR A 15 16.06 -6.32 8.67
C THR A 15 17.15 -6.73 7.69
N ASP A 16 18.40 -6.75 8.16
CA ASP A 16 19.56 -7.12 7.34
C ASP A 16 19.73 -6.15 6.17
N GLU A 17 19.52 -4.88 6.46
CA GLU A 17 19.65 -3.81 5.46
C GLU A 17 18.62 -3.98 4.34
N LYS A 18 17.53 -4.67 4.65
CA LYS A 18 16.46 -4.89 3.69
C LYS A 18 15.12 -4.44 4.27
N LEU A 19 14.31 -3.79 3.45
CA LEU A 19 13.01 -3.32 3.89
C LEU A 19 12.00 -4.45 3.84
N HIS A 20 11.47 -4.79 5.00
CA HIS A 20 10.48 -5.85 5.11
C HIS A 20 9.09 -5.24 5.13
N VAL A 21 8.46 -5.17 3.97
CA VAL A 21 7.14 -4.60 3.84
C VAL A 21 6.09 -5.72 3.87
N THR A 22 5.29 -5.73 4.92
CA THR A 22 4.26 -6.74 5.07
C THR A 22 2.87 -6.11 5.15
N VAL A 23 1.97 -6.58 4.29
CA VAL A 23 0.60 -6.11 4.28
C VAL A 23 -0.31 -7.25 4.73
N ARG A 24 -1.01 -7.04 5.83
CA ARG A 24 -1.88 -8.08 6.38
C ARG A 24 -3.30 -7.97 5.83
N ASP A 25 -4.13 -7.18 6.48
CA ASP A 25 -5.51 -7.04 6.06
C ASP A 25 -6.00 -5.61 6.25
N ALA A 26 -7.22 -5.37 5.77
CA ALA A 26 -7.86 -4.07 5.87
C ALA A 26 -9.29 -4.27 6.32
N LYS A 27 -9.80 -3.35 7.14
CA LYS A 27 -11.15 -3.46 7.65
C LYS A 27 -11.90 -2.15 7.53
N ASN A 28 -13.23 -2.24 7.69
CA ASN A 28 -14.14 -1.08 7.63
C ASN A 28 -14.21 -0.50 6.24
N LEU A 29 -14.10 -1.36 5.23
CA LEU A 29 -14.17 -0.91 3.84
C LEU A 29 -15.60 -0.59 3.44
N ILE A 30 -15.75 0.35 2.52
CA ILE A 30 -17.08 0.75 2.04
C ILE A 30 -17.26 0.20 0.62
N PRO A 31 -18.51 0.00 0.17
CA PRO A 31 -18.80 -0.53 -1.17
C PRO A 31 -18.31 0.39 -2.29
N MET A 32 -17.18 0.03 -2.89
CA MET A 32 -16.59 0.79 -3.97
C MET A 32 -16.99 0.20 -5.31
N ASP A 33 -17.85 -0.82 -5.28
CA ASP A 33 -18.30 -1.48 -6.49
C ASP A 33 -19.82 -1.58 -6.52
N PRO A 34 -20.42 -1.61 -7.73
CA PRO A 34 -21.87 -1.73 -7.89
C PRO A 34 -22.38 -3.09 -7.44
N ASN A 35 -21.45 -3.96 -7.08
CA ASN A 35 -21.79 -5.30 -6.61
C ASN A 35 -21.97 -5.32 -5.10
N GLY A 36 -21.73 -4.17 -4.47
CA GLY A 36 -21.85 -4.07 -3.03
C GLY A 36 -20.65 -4.65 -2.30
N LEU A 37 -19.48 -4.43 -2.87
CA LEU A 37 -18.24 -4.93 -2.28
C LEU A 37 -17.06 -4.10 -2.79
N SER A 38 -15.85 -4.50 -2.38
CA SER A 38 -14.63 -3.82 -2.80
C SER A 38 -13.47 -4.80 -2.85
N ASP A 39 -12.76 -4.80 -3.96
CA ASP A 39 -11.61 -5.68 -4.14
C ASP A 39 -10.38 -4.88 -4.54
N PRO A 40 -9.69 -4.30 -3.55
CA PRO A 40 -8.50 -3.50 -3.78
C PRO A 40 -7.20 -4.29 -3.70
N TYR A 41 -6.20 -3.83 -4.44
CA TYR A 41 -4.91 -4.48 -4.45
C TYR A 41 -3.88 -3.55 -3.81
N VAL A 42 -2.81 -4.12 -3.28
CA VAL A 42 -1.78 -3.33 -2.64
C VAL A 42 -0.51 -3.31 -3.47
N LYS A 43 -0.03 -2.12 -3.77
CA LYS A 43 1.18 -1.93 -4.56
C LYS A 43 2.24 -1.25 -3.71
N LEU A 44 3.48 -1.70 -3.83
CA LEU A 44 4.57 -1.13 -3.06
C LEU A 44 5.79 -0.90 -3.95
N LYS A 45 6.33 0.30 -3.90
CA LYS A 45 7.51 0.63 -4.70
C LYS A 45 8.43 1.55 -3.92
N LEU A 46 9.73 1.34 -4.06
CA LEU A 46 10.71 2.15 -3.38
C LEU A 46 11.30 3.17 -4.35
N ILE A 47 10.87 4.42 -4.23
CA ILE A 47 11.34 5.48 -5.11
C ILE A 47 12.73 5.94 -4.70
N PRO A 48 13.58 6.27 -5.67
CA PRO A 48 13.27 6.19 -7.09
C PRO A 48 13.70 4.87 -7.72
N ASP A 49 12.82 4.25 -8.51
CA ASP A 49 13.12 2.99 -9.18
C ASP A 49 13.00 3.14 -10.69
N PRO A 50 14.11 3.47 -11.36
CA PRO A 50 14.14 3.61 -12.81
C PRO A 50 14.28 2.27 -13.51
N LYS A 51 14.52 1.24 -12.71
CA LYS A 51 14.68 -0.11 -13.23
C LYS A 51 13.31 -0.72 -13.49
N ASN A 52 12.36 -0.32 -12.65
CA ASN A 52 10.98 -0.80 -12.74
C ASN A 52 10.89 -2.25 -12.30
N GLU A 53 11.73 -2.61 -11.34
CA GLU A 53 11.77 -3.97 -10.82
C GLU A 53 11.46 -3.98 -9.33
N SER A 54 11.56 -2.82 -8.69
CA SER A 54 11.28 -2.70 -7.27
C SER A 54 9.79 -2.40 -7.08
N LYS A 55 9.15 -2.05 -8.18
CA LYS A 55 7.73 -1.76 -8.19
C LYS A 55 6.95 -3.05 -8.34
N GLN A 56 6.47 -3.58 -7.24
CA GLN A 56 5.71 -4.83 -7.26
C GLN A 56 4.34 -4.63 -6.61
N LYS A 57 3.45 -5.57 -6.84
CA LYS A 57 2.11 -5.50 -6.28
C LYS A 57 1.54 -6.90 -6.08
N THR A 58 0.50 -7.00 -5.26
CA THR A 58 -0.12 -8.29 -5.01
C THR A 58 -1.49 -8.34 -5.68
N LYS A 59 -1.98 -9.55 -5.90
CA LYS A 59 -3.27 -9.75 -6.53
C LYS A 59 -4.39 -9.34 -5.58
N THR A 60 -5.54 -8.97 -6.13
CA THR A 60 -6.69 -8.58 -5.33
C THR A 60 -7.35 -9.81 -4.69
N ILE A 61 -8.31 -9.56 -3.82
CA ILE A 61 -9.01 -10.65 -3.13
C ILE A 61 -10.42 -10.80 -3.70
N ARG A 62 -11.07 -11.91 -3.35
CA ARG A 62 -12.43 -12.18 -3.84
C ARG A 62 -13.45 -11.26 -3.16
N SER A 63 -14.72 -11.53 -3.41
CA SER A 63 -15.82 -10.74 -2.86
C SER A 63 -15.83 -10.75 -1.34
N THR A 64 -15.48 -9.60 -0.76
CA THR A 64 -15.44 -9.43 0.69
C THR A 64 -15.25 -7.96 1.01
N LEU A 65 -15.46 -7.59 2.27
CA LEU A 65 -15.29 -6.21 2.70
C LEU A 65 -14.08 -6.12 3.62
N ASN A 66 -13.50 -7.28 3.92
CA ASN A 66 -12.32 -7.36 4.77
C ASN A 66 -11.26 -8.19 4.05
N PRO A 67 -10.52 -7.57 3.13
CA PRO A 67 -9.50 -8.25 2.35
C PRO A 67 -8.21 -8.50 3.12
N GLN A 68 -7.76 -9.75 3.10
CA GLN A 68 -6.53 -10.12 3.78
C GLN A 68 -5.54 -10.67 2.77
N TRP A 69 -4.62 -9.82 2.34
CA TRP A 69 -3.62 -10.18 1.35
C TRP A 69 -2.57 -11.10 1.95
N ASN A 70 -2.11 -10.76 3.16
CA ASN A 70 -1.10 -11.54 3.86
C ASN A 70 0.15 -11.71 2.99
N GLU A 71 0.71 -10.59 2.56
CA GLU A 71 1.88 -10.59 1.70
C GLU A 71 3.06 -9.88 2.34
N SER A 72 4.25 -10.46 2.21
CA SER A 72 5.46 -9.89 2.77
C SER A 72 6.54 -9.84 1.70
N PHE A 73 7.22 -8.70 1.59
CA PHE A 73 8.28 -8.53 0.62
C PHE A 73 9.52 -7.92 1.28
N THR A 74 10.69 -8.24 0.74
CA THR A 74 11.94 -7.73 1.29
C THR A 74 12.84 -7.21 0.18
N PHE A 75 13.11 -5.91 0.19
CA PHE A 75 13.95 -5.29 -0.82
C PHE A 75 14.33 -3.88 -0.39
N LYS A 76 15.39 -3.34 -0.99
CA LYS A 76 15.84 -2.00 -0.68
C LYS A 76 16.59 -1.44 -1.87
N LEU A 77 16.64 -0.12 -1.99
CA LEU A 77 17.31 0.52 -3.11
C LEU A 77 18.75 0.87 -2.74
N LYS A 78 19.37 1.75 -3.51
CA LYS A 78 20.74 2.17 -3.26
C LYS A 78 20.76 3.04 -2.01
N PRO A 79 21.94 3.19 -1.35
CA PRO A 79 22.08 3.99 -0.11
C PRO A 79 21.55 5.43 -0.21
N SER A 80 21.18 5.86 -1.40
CA SER A 80 20.64 7.19 -1.61
C SER A 80 19.14 7.23 -1.31
N ASP A 81 18.61 6.12 -0.84
CA ASP A 81 17.19 6.00 -0.53
C ASP A 81 16.88 6.37 0.92
N LYS A 82 17.90 6.77 1.66
CA LYS A 82 17.75 7.13 3.08
C LYS A 82 16.62 8.14 3.31
N ASP A 83 16.59 9.18 2.49
CA ASP A 83 15.57 10.23 2.63
C ASP A 83 14.36 9.94 1.76
N ARG A 84 14.38 8.82 1.07
CA ARG A 84 13.28 8.45 0.19
C ARG A 84 12.17 7.77 0.98
N ARG A 85 11.12 7.33 0.28
CA ARG A 85 10.00 6.70 0.96
C ARG A 85 9.50 5.46 0.22
N LEU A 86 8.83 4.61 0.98
CA LEU A 86 8.22 3.41 0.44
C LEU A 86 6.77 3.75 0.09
N SER A 87 6.52 3.98 -1.19
CA SER A 87 5.19 4.36 -1.63
C SER A 87 4.26 3.15 -1.73
N VAL A 88 3.16 3.22 -0.98
CA VAL A 88 2.15 2.17 -0.98
C VAL A 88 0.88 2.70 -1.62
N GLU A 89 0.48 2.06 -2.71
CA GLU A 89 -0.71 2.46 -3.43
C GLU A 89 -1.80 1.39 -3.33
N ILE A 90 -2.96 1.78 -2.84
CA ILE A 90 -4.08 0.88 -2.69
C ILE A 90 -5.26 1.38 -3.51
N TRP A 91 -5.58 0.68 -4.59
CA TRP A 91 -6.68 1.06 -5.46
C TRP A 91 -7.63 -0.11 -5.66
N ASP A 92 -8.88 0.19 -5.97
CA ASP A 92 -9.88 -0.83 -6.21
C ASP A 92 -9.88 -1.25 -7.68
N TRP A 93 -9.70 -2.53 -7.93
CA TRP A 93 -9.68 -3.05 -9.30
C TRP A 93 -11.10 -3.34 -9.76
N ASP A 94 -11.45 -2.89 -10.96
CA ASP A 94 -12.80 -3.11 -11.46
C ASP A 94 -12.79 -3.91 -12.75
N ARG A 95 -12.36 -5.18 -12.63
CA ARG A 95 -12.33 -6.13 -13.74
C ARG A 95 -11.37 -5.74 -14.86
N THR A 96 -11.72 -4.74 -15.65
CA THR A 96 -10.90 -4.32 -16.76
C THR A 96 -9.93 -3.19 -16.40
N THR A 97 -10.37 -2.27 -15.55
CA THR A 97 -9.53 -1.15 -15.15
C THR A 97 -9.78 -0.75 -13.70
N ARG A 98 -9.16 0.34 -13.28
CA ARG A 98 -9.32 0.84 -11.91
C ARG A 98 -9.89 2.25 -11.97
N ASN A 99 -10.49 2.71 -10.89
CA ASN A 99 -11.08 4.06 -10.87
C ASN A 99 -11.35 4.56 -9.46
N ASP A 100 -11.43 3.65 -8.50
CA ASP A 100 -11.70 4.02 -7.12
C ASP A 100 -10.42 4.15 -6.32
N PHE A 101 -10.23 5.31 -5.72
CA PHE A 101 -9.06 5.59 -4.91
C PHE A 101 -9.32 5.18 -3.46
N MET A 102 -8.71 4.09 -3.03
CA MET A 102 -8.89 3.62 -1.67
C MET A 102 -8.05 4.46 -0.72
N GLY A 103 -6.75 4.53 -0.99
CA GLY A 103 -5.87 5.31 -0.15
C GLY A 103 -4.43 5.15 -0.57
N SER A 104 -3.58 6.00 -0.03
CA SER A 104 -2.15 5.94 -0.34
C SER A 104 -1.34 6.40 0.87
N LEU A 105 -0.22 5.75 1.11
CA LEU A 105 0.65 6.10 2.23
C LEU A 105 2.10 5.80 1.87
N SER A 106 3.02 6.31 2.67
CA SER A 106 4.43 6.09 2.43
C SER A 106 5.18 5.95 3.75
N PHE A 107 6.31 5.26 3.70
CA PHE A 107 7.12 5.07 4.88
C PHE A 107 8.54 5.57 4.63
N GLY A 108 9.01 6.44 5.51
CA GLY A 108 10.34 6.99 5.35
C GLY A 108 11.42 5.97 5.67
N VAL A 109 12.38 5.83 4.76
CA VAL A 109 13.47 4.87 4.95
C VAL A 109 14.31 5.24 6.17
N SER A 110 14.59 6.53 6.34
CA SER A 110 15.35 6.99 7.49
C SER A 110 14.58 6.74 8.77
N GLU A 111 13.26 6.97 8.71
CA GLU A 111 12.40 6.75 9.86
C GLU A 111 12.42 5.28 10.26
N LEU A 112 12.38 4.41 9.27
CA LEU A 112 12.40 2.97 9.50
C LEU A 112 13.70 2.55 10.17
N MET A 113 14.78 3.27 9.87
CA MET A 113 16.08 2.99 10.45
C MET A 113 16.09 3.34 11.93
N LYS A 114 15.17 4.21 12.32
CA LYS A 114 15.05 4.64 13.71
C LYS A 114 14.03 3.79 14.45
N MET A 115 12.90 3.53 13.80
CA MET A 115 11.85 2.75 14.41
C MET A 115 11.06 1.97 13.36
N PRO A 116 10.66 0.72 13.68
CA PRO A 116 9.87 -0.10 12.77
C PRO A 116 8.43 0.40 12.70
N ALA A 117 8.06 0.99 11.57
CA ALA A 117 6.73 1.52 11.40
C ALA A 117 5.72 0.40 11.16
N SER A 118 4.86 0.18 12.12
CA SER A 118 3.85 -0.86 12.01
C SER A 118 2.57 -0.46 12.73
N GLY A 119 1.44 -0.84 12.16
CA GLY A 119 0.16 -0.52 12.76
C GLY A 119 -0.92 -0.34 11.72
N TRP A 120 -2.01 0.30 12.10
CA TRP A 120 -3.10 0.55 11.19
C TRP A 120 -2.98 1.94 10.58
N TYR A 121 -2.84 2.01 9.27
CA TYR A 121 -2.72 3.30 8.62
C TYR A 121 -4.09 3.75 8.12
N LYS A 122 -4.39 5.01 8.37
CA LYS A 122 -5.66 5.59 7.96
C LYS A 122 -5.63 5.92 6.47
N LEU A 123 -6.81 6.12 5.90
CA LEU A 123 -6.92 6.46 4.49
C LEU A 123 -6.62 7.93 4.27
N LEU A 124 -5.41 8.22 3.80
CA LEU A 124 -5.00 9.58 3.53
C LEU A 124 -4.98 9.84 2.02
N ASN A 125 -5.10 11.10 1.64
CA ASN A 125 -5.09 11.49 0.24
C ASN A 125 -3.70 11.23 -0.37
N GLN A 126 -3.61 11.33 -1.69
CA GLN A 126 -2.36 11.09 -2.40
C GLN A 126 -1.21 11.94 -1.87
N GLU A 127 -1.34 13.26 -1.97
CA GLU A 127 -0.30 14.17 -1.51
C GLU A 127 -0.08 14.09 0.00
N GLU A 128 -1.06 13.54 0.70
CA GLU A 128 -0.95 13.41 2.14
C GLU A 128 -0.14 12.18 2.51
N GLY A 129 -0.52 11.05 1.92
CA GLY A 129 0.16 9.80 2.21
C GLY A 129 1.61 9.77 1.76
N GLU A 130 1.93 10.49 0.68
CA GLU A 130 3.29 10.48 0.16
C GLU A 130 4.18 11.53 0.85
N TYR A 131 3.61 12.28 1.78
CA TYR A 131 4.38 13.30 2.48
C TYR A 131 4.29 13.14 3.99
N TYR A 132 3.37 12.31 4.44
CA TYR A 132 3.19 12.07 5.86
C TYR A 132 3.31 10.59 6.18
N ASN A 133 3.62 10.29 7.42
CA ASN A 133 3.78 8.91 7.87
C ASN A 133 3.36 8.79 9.33
N VAL A 134 2.09 8.46 9.54
CA VAL A 134 1.55 8.31 10.89
C VAL A 134 0.66 7.08 11.01
N PRO A 135 1.19 6.00 11.59
CA PRO A 135 0.45 4.77 11.78
C PRO A 135 -0.31 4.77 13.11
N ILE A 136 -1.60 4.51 13.05
CA ILE A 136 -2.43 4.49 14.26
C ILE A 136 -2.04 3.30 15.12
N PRO A 137 -1.74 3.54 16.41
CA PRO A 137 -1.33 2.49 17.35
C PRO A 137 -2.36 1.37 17.47
N GLU A 138 -3.50 1.66 18.11
CA GLU A 138 -4.56 0.68 18.32
C GLU A 138 -4.04 -0.52 19.09
N GLY A 139 -3.11 -0.27 20.00
CA GLY A 139 -2.54 -1.33 20.81
C GLY A 139 -1.15 -0.96 21.31
C ACE B 1 9.00 1.88 -18.15
O ACE B 1 8.80 0.67 -18.06
CH3 ACE B 1 10.24 2.42 -18.78
H1 ACE B 1 10.54 3.32 -18.26
H2 ACE B 1 10.04 2.66 -19.81
H3 ACE B 1 11.01 1.66 -18.73
N ASP B 2 8.12 2.78 -17.70
CA ASP B 2 6.87 2.37 -17.06
C ASP B 2 5.84 1.96 -18.10
N GLN B 3 5.12 0.90 -17.79
CA GLN B 3 4.08 0.40 -18.68
C GLN B 3 2.74 0.48 -17.97
N SER B 4 1.74 -0.22 -18.49
CA SER B 4 0.41 -0.22 -17.89
C SER B 4 0.32 -1.26 -16.77
N ASP B 5 1.06 -1.03 -15.71
CA ASP B 5 1.07 -1.94 -14.57
C ASP B 5 -0.10 -1.60 -13.63
N PHE B 6 -0.54 -0.35 -13.69
CA PHE B 6 -1.65 0.09 -12.86
C PHE B 6 -2.97 -0.44 -13.41
N GLU B 7 -3.01 -0.63 -14.73
CA GLU B 7 -4.19 -1.13 -15.40
C GLU B 7 -3.86 -2.35 -16.24
N GLY B 8 -3.47 -3.43 -15.58
CA GLY B 8 -3.14 -4.65 -16.29
C GLY B 8 -3.11 -5.85 -15.38
N PHE B 9 -4.27 -6.30 -14.97
CA PHE B 9 -4.38 -7.47 -14.11
C PHE B 9 -5.24 -8.53 -14.78
N SEP B 10 -6.54 -8.30 -14.77
CA SEP B 10 -7.49 -9.23 -15.37
CB SEP B 10 -8.80 -9.21 -14.58
OG SEP B 10 -8.53 -9.21 -13.18
C SEP B 10 -7.75 -8.85 -16.83
O SEP B 10 -7.67 -7.68 -17.20
P SEP B 10 -8.65 -10.58 -12.35
O1P SEP B 10 -7.32 -11.40 -12.72
O2P SEP B 10 -8.57 -10.41 -10.89
O3P SEP B 10 -9.76 -11.45 -12.79
H SEP B 10 -6.89 -7.50 -14.33
HA SEP B 10 -7.07 -10.22 -15.33
HB2 SEP B 10 -9.39 -10.08 -14.82
HB3 SEP B 10 -9.35 -8.31 -14.82
N TYR B 11 -8.06 -9.84 -17.65
CA TYR B 11 -8.34 -9.61 -19.06
C TYR B 11 -9.83 -9.44 -19.29
N NH2 B 12 -10.37 -8.34 -18.79
HN1 NH2 B 12 -9.79 -7.71 -18.32
HN2 NH2 B 12 -11.33 -8.19 -18.93
CA CA C . -13.63 -3.31 -7.60
CA CA D . -14.91 0.10 -8.12
N HIS A 1 -21.91 12.55 -0.55
CA HIS A 1 -21.80 11.17 -0.01
C HIS A 1 -20.38 10.66 -0.16
N THR A 2 -19.57 10.83 0.88
CA THR A 2 -18.20 10.38 0.87
C THR A 2 -17.89 9.48 2.05
N GLU A 3 -17.72 8.19 1.78
CA GLU A 3 -17.42 7.23 2.83
C GLU A 3 -15.98 6.76 2.72
N LYS A 4 -15.28 6.79 3.85
CA LYS A 4 -13.89 6.35 3.90
C LYS A 4 -13.45 6.17 5.35
N ARG A 5 -13.80 5.01 5.90
CA ARG A 5 -13.46 4.68 7.28
C ARG A 5 -12.60 3.43 7.31
N GLY A 6 -12.05 3.08 6.16
CA GLY A 6 -11.23 1.90 6.06
C GLY A 6 -9.86 2.08 6.68
N ARG A 7 -9.32 1.01 7.22
CA ARG A 7 -8.01 1.04 7.84
C ARG A 7 -7.16 -0.07 7.27
N ILE A 8 -5.94 0.25 6.88
CA ILE A 8 -5.04 -0.74 6.30
C ILE A 8 -3.93 -1.09 7.30
N TYR A 9 -3.57 -2.37 7.36
CA TYR A 9 -2.53 -2.82 8.26
C TYR A 9 -1.23 -3.02 7.49
N LEU A 10 -0.38 -2.00 7.49
CA LEU A 10 0.89 -2.07 6.81
C LEU A 10 2.00 -2.30 7.84
N LYS A 11 3.11 -2.85 7.37
CA LYS A 11 4.23 -3.13 8.24
C LYS A 11 5.55 -2.96 7.48
N ALA A 12 6.39 -2.05 7.97
CA ALA A 12 7.68 -1.79 7.35
C ALA A 12 8.80 -1.99 8.36
N GLU A 13 9.43 -3.15 8.29
CA GLU A 13 10.51 -3.50 9.21
C GLU A 13 11.81 -3.76 8.46
N VAL A 14 12.91 -3.23 8.95
CA VAL A 14 14.20 -3.44 8.31
C VAL A 14 14.82 -4.74 8.79
N THR A 15 15.28 -5.55 7.85
CA THR A 15 15.88 -6.83 8.17
C THR A 15 17.15 -7.08 7.33
N ASP A 16 18.30 -6.85 7.96
CA ASP A 16 19.60 -7.06 7.33
C ASP A 16 19.77 -6.18 6.08
N GLU A 17 19.71 -4.87 6.27
CA GLU A 17 19.88 -3.89 5.19
C GLU A 17 18.85 -4.08 4.09
N LYS A 18 17.72 -4.67 4.43
CA LYS A 18 16.64 -4.91 3.47
C LYS A 18 15.31 -4.59 4.13
N LEU A 19 14.41 -3.95 3.40
CA LEU A 19 13.11 -3.59 3.96
C LEU A 19 12.12 -4.72 3.76
N HIS A 20 11.61 -5.24 4.86
CA HIS A 20 10.63 -6.32 4.84
C HIS A 20 9.22 -5.74 4.83
N VAL A 21 8.77 -5.29 3.68
CA VAL A 21 7.45 -4.71 3.55
C VAL A 21 6.40 -5.82 3.64
N THR A 22 5.57 -5.75 4.67
CA THR A 22 4.54 -6.74 4.89
C THR A 22 3.16 -6.13 4.90
N VAL A 23 2.27 -6.68 4.09
CA VAL A 23 0.89 -6.21 4.03
C VAL A 23 -0.02 -7.30 4.59
N ARG A 24 -0.69 -7.00 5.69
CA ARG A 24 -1.55 -7.98 6.32
C ARG A 24 -2.98 -7.91 5.80
N ASP A 25 -3.78 -7.00 6.34
CA ASP A 25 -5.17 -6.90 5.93
C ASP A 25 -5.71 -5.48 6.07
N ALA A 26 -6.97 -5.32 5.70
CA ALA A 26 -7.66 -4.04 5.80
C ALA A 26 -9.07 -4.28 6.31
N LYS A 27 -9.58 -3.35 7.09
CA LYS A 27 -10.92 -3.50 7.66
C LYS A 27 -11.77 -2.25 7.45
N ASN A 28 -13.08 -2.44 7.54
CA ASN A 28 -14.08 -1.37 7.39
C ASN A 28 -14.04 -0.73 6.01
N LEU A 29 -14.08 -1.56 4.98
CA LEU A 29 -14.07 -1.06 3.61
C LEU A 29 -15.48 -0.76 3.16
N ILE A 30 -15.67 0.41 2.58
CA ILE A 30 -16.98 0.81 2.09
C ILE A 30 -17.12 0.39 0.62
N PRO A 31 -18.35 0.01 0.20
CA PRO A 31 -18.61 -0.43 -1.17
C PRO A 31 -18.24 0.59 -2.25
N MET A 32 -17.38 0.15 -3.18
CA MET A 32 -16.93 0.99 -4.29
C MET A 32 -17.19 0.26 -5.61
N ASP A 33 -18.01 -0.78 -5.55
CA ASP A 33 -18.33 -1.56 -6.74
C ASP A 33 -19.84 -1.61 -6.94
N PRO A 34 -20.29 -1.79 -8.19
CA PRO A 34 -21.72 -1.84 -8.52
C PRO A 34 -22.45 -3.01 -7.86
N ASN A 35 -21.69 -3.93 -7.29
CA ASN A 35 -22.26 -5.10 -6.64
C ASN A 35 -22.17 -4.96 -5.12
N GLY A 36 -21.83 -3.77 -4.66
CA GLY A 36 -21.71 -3.53 -3.23
C GLY A 36 -20.53 -4.27 -2.63
N LEU A 37 -19.35 -3.97 -3.12
CA LEU A 37 -18.13 -4.62 -2.65
C LEU A 37 -16.91 -3.76 -2.94
N SER A 38 -15.76 -4.12 -2.37
CA SER A 38 -14.52 -3.40 -2.58
C SER A 38 -13.34 -4.35 -2.47
N ASP A 39 -12.72 -4.64 -3.61
CA ASP A 39 -11.59 -5.54 -3.68
C ASP A 39 -10.33 -4.80 -4.17
N PRO A 40 -9.60 -4.14 -3.25
CA PRO A 40 -8.41 -3.41 -3.58
C PRO A 40 -7.13 -4.23 -3.48
N TYR A 41 -6.15 -3.84 -4.28
CA TYR A 41 -4.86 -4.51 -4.29
C TYR A 41 -3.83 -3.59 -3.64
N VAL A 42 -2.66 -4.12 -3.34
CA VAL A 42 -1.61 -3.33 -2.73
C VAL A 42 -0.35 -3.33 -3.58
N LYS A 43 0.03 -2.14 -4.04
CA LYS A 43 1.24 -2.00 -4.84
C LYS A 43 2.25 -1.16 -4.07
N LEU A 44 3.41 -1.74 -3.82
CA LEU A 44 4.45 -1.06 -3.07
C LEU A 44 5.70 -0.89 -3.93
N LYS A 45 6.27 0.31 -3.89
CA LYS A 45 7.46 0.61 -4.67
C LYS A 45 8.44 1.46 -3.88
N LEU A 46 9.70 1.39 -4.25
CA LEU A 46 10.75 2.16 -3.60
C LEU A 46 11.28 3.20 -4.58
N ILE A 47 10.69 4.38 -4.55
CA ILE A 47 11.09 5.46 -5.44
C ILE A 47 12.49 5.95 -5.13
N PRO A 48 13.30 6.24 -6.17
CA PRO A 48 12.92 6.09 -7.57
C PRO A 48 13.39 4.76 -8.17
N ASP A 49 12.49 4.08 -8.87
CA ASP A 49 12.82 2.81 -9.50
C ASP A 49 12.59 2.86 -11.00
N PRO A 50 13.61 3.27 -11.76
CA PRO A 50 13.51 3.37 -13.22
C PRO A 50 13.63 1.99 -13.89
N LYS A 51 13.90 0.99 -13.07
CA LYS A 51 14.04 -0.38 -13.55
C LYS A 51 12.68 -1.03 -13.65
N ASN A 52 11.78 -0.60 -12.77
CA ASN A 52 10.41 -1.12 -12.70
C ASN A 52 10.42 -2.58 -12.26
N GLU A 53 11.20 -2.85 -11.22
CA GLU A 53 11.31 -4.20 -10.69
C GLU A 53 11.15 -4.18 -9.17
N SER A 54 11.34 -3.01 -8.56
CA SER A 54 11.18 -2.87 -7.13
C SER A 54 9.71 -2.64 -6.80
N LYS A 55 8.98 -2.21 -7.81
CA LYS A 55 7.55 -1.95 -7.71
C LYS A 55 6.79 -3.27 -7.87
N GLN A 56 6.29 -3.80 -6.77
CA GLN A 56 5.57 -5.06 -6.81
C GLN A 56 4.15 -4.90 -6.28
N LYS A 57 3.23 -5.62 -6.91
CA LYS A 57 1.82 -5.56 -6.53
C LYS A 57 1.24 -6.96 -6.37
N THR A 58 0.40 -7.12 -5.37
CA THR A 58 -0.24 -8.40 -5.12
C THR A 58 -1.64 -8.43 -5.73
N LYS A 59 -2.18 -9.63 -5.89
CA LYS A 59 -3.51 -9.80 -6.47
C LYS A 59 -4.59 -9.56 -5.42
N THR A 60 -5.77 -9.17 -5.88
CA THR A 60 -6.89 -8.93 -4.99
C THR A 60 -7.50 -10.26 -4.56
N ILE A 61 -8.16 -10.27 -3.41
CA ILE A 61 -8.77 -11.50 -2.90
C ILE A 61 -10.20 -11.64 -3.41
N ARG A 62 -10.97 -12.55 -2.82
CA ARG A 62 -12.35 -12.78 -3.21
C ARG A 62 -13.28 -11.71 -2.67
N SER A 63 -14.58 -11.88 -2.91
CA SER A 63 -15.60 -10.94 -2.46
C SER A 63 -15.59 -10.79 -0.94
N THR A 64 -15.08 -9.67 -0.45
CA THR A 64 -15.02 -9.41 0.97
C THR A 64 -14.88 -7.92 1.22
N LEU A 65 -15.20 -7.50 2.43
CA LEU A 65 -15.08 -6.10 2.82
C LEU A 65 -13.92 -5.95 3.79
N ASN A 66 -13.27 -7.08 4.05
CA ASN A 66 -12.12 -7.13 4.94
C ASN A 66 -11.05 -8.01 4.28
N PRO A 67 -10.39 -7.49 3.24
CA PRO A 67 -9.37 -8.23 2.49
C PRO A 67 -8.10 -8.49 3.29
N GLN A 68 -7.64 -9.73 3.24
CA GLN A 68 -6.43 -10.14 3.92
C GLN A 68 -5.46 -10.71 2.90
N TRP A 69 -4.39 -9.98 2.63
CA TRP A 69 -3.40 -10.38 1.64
C TRP A 69 -2.36 -11.33 2.24
N ASN A 70 -1.79 -10.93 3.38
CA ASN A 70 -0.76 -11.73 4.07
C ASN A 70 0.50 -11.87 3.21
N GLU A 71 0.77 -10.87 2.39
CA GLU A 71 1.93 -10.91 1.50
C GLU A 71 3.12 -10.19 2.13
N SER A 72 4.32 -10.58 1.73
CA SER A 72 5.54 -9.98 2.24
C SER A 72 6.59 -9.85 1.15
N PHE A 73 7.25 -8.71 1.06
CA PHE A 73 8.28 -8.48 0.06
C PHE A 73 9.49 -7.80 0.70
N THR A 74 10.65 -8.41 0.57
CA THR A 74 11.87 -7.86 1.13
C THR A 74 12.77 -7.29 0.04
N PHE A 75 12.94 -5.97 0.04
CA PHE A 75 13.77 -5.31 -0.98
C PHE A 75 14.27 -3.97 -0.48
N LYS A 76 15.21 -3.38 -1.22
CA LYS A 76 15.77 -2.09 -0.87
C LYS A 76 16.53 -1.50 -2.05
N LEU A 77 16.70 -0.19 -2.06
CA LEU A 77 17.42 0.50 -3.12
C LEU A 77 18.79 0.95 -2.63
N LYS A 78 19.45 1.80 -3.41
CA LYS A 78 20.76 2.33 -3.07
C LYS A 78 20.68 3.14 -1.78
N PRO A 79 21.82 3.41 -1.10
CA PRO A 79 21.83 4.16 0.16
C PRO A 79 21.16 5.54 0.08
N SER A 80 20.94 6.01 -1.13
CA SER A 80 20.29 7.30 -1.35
C SER A 80 18.79 7.21 -1.14
N ASP A 81 18.29 6.03 -0.79
CA ASP A 81 16.87 5.81 -0.57
C ASP A 81 16.46 6.18 0.86
N LYS A 82 17.45 6.49 1.69
CA LYS A 82 17.19 6.85 3.09
C LYS A 82 16.30 8.08 3.19
N ASP A 83 16.41 8.98 2.22
CA ASP A 83 15.60 10.19 2.22
C ASP A 83 14.31 9.97 1.44
N ARG A 84 14.18 8.79 0.86
CA ARG A 84 13.00 8.45 0.07
C ARG A 84 11.95 7.80 0.96
N ARG A 85 10.85 7.37 0.37
CA ARG A 85 9.77 6.76 1.13
C ARG A 85 9.22 5.53 0.43
N LEU A 86 8.73 4.59 1.22
CA LEU A 86 8.13 3.37 0.69
C LEU A 86 6.69 3.66 0.33
N SER A 87 6.44 3.91 -0.95
CA SER A 87 5.10 4.24 -1.43
C SER A 87 4.22 3.00 -1.53
N VAL A 88 3.10 3.04 -0.83
CA VAL A 88 2.13 1.95 -0.84
C VAL A 88 0.82 2.47 -1.40
N GLU A 89 0.48 2.03 -2.61
CA GLU A 89 -0.73 2.46 -3.27
C GLU A 89 -1.81 1.38 -3.20
N ILE A 90 -2.97 1.75 -2.70
CA ILE A 90 -4.09 0.84 -2.58
C ILE A 90 -5.25 1.31 -3.43
N TRP A 91 -5.48 0.62 -4.54
CA TRP A 91 -6.56 0.97 -5.46
C TRP A 91 -7.48 -0.23 -5.66
N ASP A 92 -8.74 0.05 -5.95
CA ASP A 92 -9.72 -1.01 -6.17
C ASP A 92 -9.75 -1.42 -7.63
N TRP A 93 -9.55 -2.71 -7.87
CA TRP A 93 -9.56 -3.24 -9.23
C TRP A 93 -11.00 -3.47 -9.66
N ASP A 94 -11.36 -2.98 -10.83
CA ASP A 94 -12.72 -3.13 -11.31
C ASP A 94 -12.79 -3.87 -12.63
N ARG A 95 -12.65 -5.19 -12.55
CA ARG A 95 -12.73 -6.09 -13.70
C ARG A 95 -11.58 -5.90 -14.69
N THR A 96 -11.63 -4.83 -15.48
CA THR A 96 -10.61 -4.61 -16.49
C THR A 96 -9.78 -3.34 -16.23
N THR A 97 -10.28 -2.44 -15.39
CA THR A 97 -9.56 -1.20 -15.11
C THR A 97 -9.79 -0.74 -13.67
N ARG A 98 -8.95 0.18 -13.21
CA ARG A 98 -9.07 0.72 -11.87
C ARG A 98 -9.66 2.12 -11.96
N ASN A 99 -10.24 2.62 -10.88
CA ASN A 99 -10.84 3.95 -10.89
C ASN A 99 -11.11 4.46 -9.47
N ASP A 100 -11.36 3.55 -8.54
CA ASP A 100 -11.65 3.93 -7.17
C ASP A 100 -10.37 4.16 -6.38
N PHE A 101 -10.30 5.30 -5.73
CA PHE A 101 -9.15 5.66 -4.92
C PHE A 101 -9.44 5.33 -3.46
N MET A 102 -8.72 4.36 -2.93
CA MET A 102 -8.89 3.95 -1.55
C MET A 102 -8.04 4.82 -0.64
N GLY A 103 -6.74 4.76 -0.82
CA GLY A 103 -5.84 5.56 -0.01
C GLY A 103 -4.41 5.44 -0.46
N SER A 104 -3.55 6.29 0.07
CA SER A 104 -2.14 6.28 -0.27
C SER A 104 -1.30 6.59 0.97
N LEU A 105 -0.16 5.94 1.09
CA LEU A 105 0.72 6.16 2.23
C LEU A 105 2.16 5.82 1.87
N SER A 106 3.09 6.46 2.55
CA SER A 106 4.51 6.23 2.30
C SER A 106 5.30 6.45 3.58
N PHE A 107 6.07 5.45 3.99
CA PHE A 107 6.88 5.55 5.19
C PHE A 107 8.30 5.97 4.85
N GLY A 108 8.86 6.86 5.66
CA GLY A 108 10.21 7.33 5.44
C GLY A 108 11.24 6.28 5.79
N VAL A 109 12.20 6.05 4.89
CA VAL A 109 13.23 5.06 5.10
C VAL A 109 14.10 5.41 6.30
N SER A 110 14.48 6.67 6.41
CA SER A 110 15.29 7.13 7.53
C SER A 110 14.55 6.87 8.84
N GLU A 111 13.24 7.11 8.82
CA GLU A 111 12.40 6.90 9.99
C GLU A 111 12.35 5.41 10.33
N LEU A 112 12.22 4.59 9.28
CA LEU A 112 12.16 3.14 9.43
C LEU A 112 13.47 2.60 9.99
N MET A 113 14.57 3.18 9.55
CA MET A 113 15.90 2.78 10.00
C MET A 113 16.05 3.00 11.49
N LYS A 114 15.37 4.02 12.00
CA LYS A 114 15.42 4.35 13.41
C LYS A 114 14.44 3.51 14.21
N MET A 115 13.24 3.31 13.66
CA MET A 115 12.21 2.52 14.33
C MET A 115 11.29 1.85 13.30
N PRO A 116 10.96 0.57 13.51
CA PRO A 116 10.08 -0.17 12.60
C PRO A 116 8.62 0.23 12.77
N ALA A 117 8.04 0.78 11.71
CA ALA A 117 6.64 1.21 11.74
C ALA A 117 5.72 0.07 11.37
N SER A 118 4.77 -0.24 12.24
CA SER A 118 3.83 -1.32 12.01
C SER A 118 2.50 -1.05 12.73
N GLY A 119 1.39 -1.27 12.04
CA GLY A 119 0.10 -1.05 12.64
C GLY A 119 -0.95 -0.67 11.62
N TRP A 120 -1.95 0.08 12.06
CA TRP A 120 -3.03 0.50 11.18
C TRP A 120 -2.83 1.93 10.68
N TYR A 121 -2.92 2.11 9.37
CA TYR A 121 -2.79 3.43 8.77
C TYR A 121 -4.15 3.89 8.27
N LYS A 122 -4.43 5.18 8.39
CA LYS A 122 -5.72 5.72 7.96
C LYS A 122 -5.69 6.10 6.49
N LEU A 123 -6.86 6.12 5.86
CA LEU A 123 -6.96 6.47 4.45
C LEU A 123 -6.75 7.96 4.25
N LEU A 124 -5.65 8.30 3.58
CA LEU A 124 -5.32 9.69 3.31
C LEU A 124 -5.12 9.91 1.83
N ASN A 125 -5.31 11.15 1.39
CA ASN A 125 -5.14 11.49 -0.01
C ASN A 125 -3.66 11.41 -0.39
N GLN A 126 -3.38 11.49 -1.69
CA GLN A 126 -2.00 11.40 -2.19
C GLN A 126 -1.07 12.34 -1.43
N GLU A 127 -1.42 13.62 -1.36
CA GLU A 127 -0.60 14.62 -0.67
C GLU A 127 -0.25 14.19 0.76
N GLU A 128 -1.27 13.96 1.57
CA GLU A 128 -1.09 13.57 2.96
C GLU A 128 -0.33 12.24 3.07
N GLY A 129 -0.61 11.32 2.15
CA GLY A 129 0.02 10.01 2.19
C GLY A 129 1.48 10.02 1.79
N GLU A 130 1.87 10.89 0.86
CA GLU A 130 3.25 10.95 0.42
C GLU A 130 4.08 11.94 1.23
N TYR A 131 3.41 12.84 1.93
CA TYR A 131 4.12 13.83 2.75
C TYR A 131 4.18 13.43 4.21
N TYR A 132 3.17 12.69 4.67
CA TYR A 132 3.13 12.28 6.07
C TYR A 132 3.17 10.77 6.22
N ASN A 133 3.51 10.34 7.44
CA ASN A 133 3.60 8.92 7.76
C ASN A 133 3.11 8.71 9.19
N VAL A 134 1.96 9.29 9.49
CA VAL A 134 1.37 9.20 10.82
C VAL A 134 0.60 7.89 11.00
N PRO A 135 1.14 6.97 11.80
CA PRO A 135 0.52 5.69 12.06
C PRO A 135 -0.49 5.74 13.20
N ILE A 136 -1.45 4.83 13.19
CA ILE A 136 -2.47 4.76 14.24
C ILE A 136 -2.13 3.62 15.19
N PRO A 137 -2.01 3.92 16.50
CA PRO A 137 -1.67 2.93 17.52
C PRO A 137 -2.53 1.66 17.46
N GLU A 138 -3.79 1.77 17.87
CA GLU A 138 -4.72 0.64 17.85
C GLU A 138 -4.14 -0.57 18.57
N GLY A 139 -3.52 -0.32 19.72
CA GLY A 139 -2.92 -1.39 20.49
C GLY A 139 -2.75 -1.01 21.94
C ACE B 1 9.21 1.63 -17.41
O ACE B 1 8.87 0.47 -17.20
CH3 ACE B 1 10.42 1.93 -18.25
H1 ACE B 1 10.58 3.01 -18.26
H2 ACE B 1 10.25 1.59 -19.26
H3 ACE B 1 11.27 1.41 -17.83
N ASP B 2 8.56 2.67 -16.92
CA ASP B 2 7.37 2.51 -16.10
C ASP B 2 6.16 2.23 -16.96
N GLN B 3 5.87 0.96 -17.15
CA GLN B 3 4.73 0.54 -17.96
C GLN B 3 3.43 0.86 -17.24
N SER B 4 2.31 0.74 -17.95
CA SER B 4 1.00 1.01 -17.38
C SER B 4 0.51 -0.19 -16.59
N ASP B 5 1.31 -0.61 -15.61
CA ASP B 5 0.97 -1.75 -14.76
C ASP B 5 -0.10 -1.40 -13.75
N PHE B 6 -0.57 -0.16 -13.83
CA PHE B 6 -1.62 0.31 -12.95
C PHE B 6 -2.95 -0.29 -13.37
N GLU B 7 -3.02 -0.73 -14.62
CA GLU B 7 -4.23 -1.34 -15.16
C GLU B 7 -3.93 -2.70 -15.79
N GLY B 8 -2.99 -3.43 -15.21
CA GLY B 8 -2.63 -4.72 -15.76
C GLY B 8 -2.82 -5.86 -14.77
N PHE B 9 -3.98 -6.48 -14.82
CA PHE B 9 -4.31 -7.61 -13.95
C PHE B 9 -5.20 -8.58 -14.69
N SEP B 10 -6.48 -8.21 -14.80
CA SEP B 10 -7.47 -9.04 -15.48
CB SEP B 10 -8.74 -9.14 -14.64
OG SEP B 10 -8.44 -9.10 -13.25
C SEP B 10 -7.78 -8.45 -16.86
O SEP B 10 -7.75 -7.23 -17.04
P SEP B 10 -8.33 -10.46 -12.42
O1P SEP B 10 -7.12 -11.26 -13.09
O2P SEP B 10 -7.91 -10.28 -11.01
O3P SEP B 10 -9.49 -11.36 -12.57
H SEP B 10 -6.77 -7.37 -14.40
HA SEP B 10 -7.05 -10.03 -15.60
HB2 SEP B 10 -9.25 -10.06 -14.86
HB3 SEP B 10 -9.38 -8.30 -14.87
N TYR B 11 -8.06 -9.32 -17.81
CA TYR B 11 -8.38 -8.89 -19.17
C TYR B 11 -9.73 -8.19 -19.20
N NH2 B 12 -10.71 -8.78 -18.54
HN1 NH2 B 12 -10.52 -9.62 -18.08
HN2 NH2 B 12 -11.60 -8.34 -18.54
CA CA C . -13.66 -3.71 -7.54
CA CA D . -14.72 -0.10 -7.84
N HIS A 1 -21.61 12.33 0.65
CA HIS A 1 -21.28 10.90 0.51
C HIS A 1 -19.78 10.72 0.33
N THR A 2 -19.02 10.92 1.40
CA THR A 2 -17.59 10.80 1.34
C THR A 2 -17.04 10.01 2.53
N GLU A 3 -17.50 8.77 2.67
CA GLU A 3 -17.05 7.90 3.74
C GLU A 3 -15.76 7.19 3.32
N LYS A 4 -14.84 7.00 4.26
CA LYS A 4 -13.57 6.35 3.97
C LYS A 4 -12.86 5.95 5.26
N ARG A 5 -13.65 5.50 6.23
CA ARG A 5 -13.12 5.09 7.54
C ARG A 5 -12.44 3.71 7.49
N GLY A 6 -11.91 3.35 6.32
CA GLY A 6 -11.25 2.08 6.17
C GLY A 6 -9.85 2.11 6.76
N ARG A 7 -9.45 0.99 7.36
CA ARG A 7 -8.12 0.90 7.96
C ARG A 7 -7.31 -0.16 7.25
N ILE A 8 -5.99 0.02 7.23
CA ILE A 8 -5.09 -0.92 6.59
C ILE A 8 -3.87 -1.16 7.49
N TYR A 9 -3.60 -2.42 7.82
CA TYR A 9 -2.47 -2.76 8.66
C TYR A 9 -1.22 -3.01 7.82
N LEU A 10 -0.31 -2.05 7.86
CA LEU A 10 0.93 -2.15 7.12
C LEU A 10 2.09 -2.37 8.08
N LYS A 11 3.12 -3.08 7.61
CA LYS A 11 4.29 -3.35 8.44
C LYS A 11 5.54 -3.40 7.59
N ALA A 12 6.30 -2.31 7.60
CA ALA A 12 7.55 -2.26 6.85
C ALA A 12 8.71 -2.16 7.83
N GLU A 13 9.33 -3.29 8.10
CA GLU A 13 10.45 -3.35 9.03
C GLU A 13 11.76 -3.53 8.29
N VAL A 14 12.86 -3.28 8.98
CA VAL A 14 14.18 -3.44 8.40
C VAL A 14 14.89 -4.64 9.01
N THR A 15 15.06 -5.68 8.21
CA THR A 15 15.72 -6.89 8.68
C THR A 15 16.98 -7.16 7.85
N ASP A 16 18.13 -7.15 8.52
CA ASP A 16 19.42 -7.38 7.85
C ASP A 16 19.65 -6.35 6.75
N GLU A 17 19.26 -5.11 7.04
CA GLU A 17 19.38 -4.00 6.09
C GLU A 17 18.51 -4.22 4.86
N LYS A 18 17.44 -4.99 5.03
CA LYS A 18 16.51 -5.27 3.94
C LYS A 18 15.11 -4.88 4.37
N LEU A 19 14.39 -4.17 3.52
CA LEU A 19 13.05 -3.72 3.84
C LEU A 19 12.06 -4.88 3.72
N HIS A 20 11.53 -5.30 4.86
CA HIS A 20 10.57 -6.39 4.93
C HIS A 20 9.18 -5.82 5.12
N VAL A 21 8.47 -5.65 4.01
CA VAL A 21 7.13 -5.10 4.03
C VAL A 21 6.09 -6.22 3.98
N THR A 22 5.29 -6.31 5.03
CA THR A 22 4.27 -7.34 5.11
C THR A 22 2.89 -6.74 5.40
N VAL A 23 2.05 -6.69 4.37
CA VAL A 23 0.70 -6.18 4.52
C VAL A 23 -0.18 -7.26 5.11
N ARG A 24 -0.93 -6.92 6.16
CA ARG A 24 -1.79 -7.89 6.80
C ARG A 24 -3.19 -7.88 6.19
N ASP A 25 -4.06 -7.02 6.71
CA ASP A 25 -5.42 -6.94 6.23
C ASP A 25 -5.97 -5.52 6.30
N ALA A 26 -7.17 -5.35 5.77
CA ALA A 26 -7.85 -4.07 5.77
C ALA A 26 -9.28 -4.25 6.25
N LYS A 27 -9.77 -3.35 7.08
CA LYS A 27 -11.12 -3.45 7.60
C LYS A 27 -11.88 -2.13 7.46
N ASN A 28 -13.20 -2.22 7.58
CA ASN A 28 -14.10 -1.06 7.48
C ASN A 28 -14.11 -0.51 6.07
N LEU A 29 -14.04 -1.39 5.08
CA LEU A 29 -14.06 -0.99 3.68
C LEU A 29 -15.47 -0.64 3.23
N ILE A 30 -15.58 0.42 2.44
CA ILE A 30 -16.88 0.85 1.94
C ILE A 30 -17.11 0.34 0.52
N PRO A 31 -18.38 0.12 0.14
CA PRO A 31 -18.73 -0.37 -1.20
C PRO A 31 -18.26 0.59 -2.30
N MET A 32 -17.25 0.15 -3.06
CA MET A 32 -16.72 0.97 -4.14
C MET A 32 -16.92 0.25 -5.48
N ASP A 33 -17.90 -0.63 -5.51
CA ASP A 33 -18.22 -1.38 -6.71
C ASP A 33 -19.73 -1.47 -6.88
N PRO A 34 -20.23 -1.61 -8.12
CA PRO A 34 -21.67 -1.68 -8.40
C PRO A 34 -22.35 -2.87 -7.71
N ASN A 35 -21.55 -3.89 -7.39
CA ASN A 35 -22.08 -5.08 -6.72
C ASN A 35 -21.97 -4.95 -5.21
N GLY A 36 -21.68 -3.75 -4.74
CA GLY A 36 -21.54 -3.52 -3.31
C GLY A 36 -20.36 -4.28 -2.74
N LEU A 37 -19.20 -4.08 -3.34
CA LEU A 37 -17.99 -4.77 -2.92
C LEU A 37 -16.81 -3.81 -2.85
N SER A 38 -15.74 -4.25 -2.22
CA SER A 38 -14.52 -3.47 -2.09
C SER A 38 -13.32 -4.38 -2.35
N ASP A 39 -12.94 -4.50 -3.62
CA ASP A 39 -11.84 -5.35 -4.02
C ASP A 39 -10.62 -4.54 -4.47
N PRO A 40 -9.74 -4.16 -3.53
CA PRO A 40 -8.54 -3.41 -3.81
C PRO A 40 -7.30 -4.28 -3.96
N TYR A 41 -6.20 -3.67 -4.40
CA TYR A 41 -4.95 -4.39 -4.55
C TYR A 41 -3.81 -3.56 -3.97
N VAL A 42 -2.90 -4.23 -3.28
CA VAL A 42 -1.75 -3.56 -2.67
C VAL A 42 -0.62 -3.43 -3.67
N LYS A 43 -0.33 -2.19 -4.04
CA LYS A 43 0.74 -1.89 -4.99
C LYS A 43 1.69 -0.86 -4.40
N LEU A 44 2.85 -1.33 -3.96
CA LEU A 44 3.83 -0.44 -3.35
C LEU A 44 5.08 -0.31 -4.22
N LYS A 45 5.76 0.82 -4.06
CA LYS A 45 6.97 1.10 -4.82
C LYS A 45 7.84 2.10 -4.04
N LEU A 46 9.13 2.08 -4.32
CA LEU A 46 10.06 2.99 -3.67
C LEU A 46 10.91 3.67 -4.74
N ILE A 47 10.54 4.89 -5.07
CA ILE A 47 11.25 5.67 -6.08
C ILE A 47 12.64 6.05 -5.58
N PRO A 48 13.59 6.27 -6.49
CA PRO A 48 13.39 6.14 -7.93
C PRO A 48 13.59 4.71 -8.45
N ASP A 49 12.61 4.23 -9.21
CA ASP A 49 12.66 2.88 -9.79
C ASP A 49 12.51 2.97 -11.31
N PRO A 50 13.62 3.29 -12.01
CA PRO A 50 13.62 3.41 -13.47
C PRO A 50 13.68 2.05 -14.15
N LYS A 51 13.95 1.02 -13.37
CA LYS A 51 14.05 -0.34 -13.91
C LYS A 51 12.69 -1.02 -13.82
N ASN A 52 11.81 -0.45 -13.01
CA ASN A 52 10.45 -0.96 -12.82
C ASN A 52 10.43 -2.36 -12.21
N GLU A 53 11.39 -2.64 -11.35
CA GLU A 53 11.46 -3.95 -10.70
C GLU A 53 11.27 -3.81 -9.20
N SER A 54 11.25 -2.58 -8.72
CA SER A 54 11.05 -2.32 -7.30
C SER A 54 9.55 -2.19 -7.04
N LYS A 55 8.85 -1.77 -8.09
CA LYS A 55 7.41 -1.62 -8.04
C LYS A 55 6.74 -2.99 -8.19
N GLN A 56 6.11 -3.44 -7.12
CA GLN A 56 5.45 -4.74 -7.12
C GLN A 56 4.06 -4.65 -6.54
N LYS A 57 3.23 -5.64 -6.82
CA LYS A 57 1.87 -5.64 -6.32
C LYS A 57 1.36 -7.07 -6.14
N THR A 58 0.23 -7.20 -5.46
CA THR A 58 -0.38 -8.49 -5.24
C THR A 58 -1.78 -8.51 -5.85
N LYS A 59 -2.33 -9.70 -6.03
CA LYS A 59 -3.65 -9.86 -6.61
C LYS A 59 -4.73 -9.48 -5.61
N THR A 60 -5.85 -8.98 -6.11
CA THR A 60 -6.95 -8.58 -5.25
C THR A 60 -7.61 -9.82 -4.64
N ILE A 61 -8.07 -9.68 -3.41
CA ILE A 61 -8.71 -10.79 -2.70
C ILE A 61 -10.15 -10.94 -3.18
N ARG A 62 -10.72 -12.12 -2.95
CA ARG A 62 -12.10 -12.42 -3.34
C ARG A 62 -13.09 -11.49 -2.65
N SER A 63 -14.36 -11.64 -3.02
CA SER A 63 -15.44 -10.83 -2.48
C SER A 63 -15.46 -10.80 -0.95
N THR A 64 -15.11 -9.66 -0.38
CA THR A 64 -15.10 -9.47 1.06
C THR A 64 -14.86 -8.00 1.39
N LEU A 65 -15.34 -7.58 2.55
CA LEU A 65 -15.18 -6.21 2.99
C LEU A 65 -14.00 -6.10 3.96
N ASN A 66 -13.35 -7.23 4.21
CA ASN A 66 -12.20 -7.30 5.10
C ASN A 66 -11.14 -8.20 4.46
N PRO A 67 -10.47 -7.71 3.41
CA PRO A 67 -9.46 -8.47 2.67
C PRO A 67 -8.12 -8.58 3.41
N GLN A 68 -7.59 -9.79 3.45
CA GLN A 68 -6.32 -10.07 4.08
C GLN A 68 -5.37 -10.68 3.04
N TRP A 69 -4.28 -9.98 2.76
CA TRP A 69 -3.32 -10.43 1.76
C TRP A 69 -2.24 -11.32 2.35
N ASN A 70 -1.64 -10.87 3.46
CA ASN A 70 -0.57 -11.62 4.13
C ASN A 70 0.68 -11.69 3.24
N GLU A 71 0.79 -10.76 2.30
CA GLU A 71 1.92 -10.74 1.39
C GLU A 71 3.14 -10.10 2.03
N SER A 72 4.30 -10.70 1.81
CA SER A 72 5.54 -10.20 2.39
C SER A 72 6.58 -9.93 1.29
N PHE A 73 7.09 -8.72 1.25
CA PHE A 73 8.08 -8.34 0.25
C PHE A 73 9.39 -7.98 0.94
N THR A 74 10.50 -8.14 0.23
CA THR A 74 11.81 -7.82 0.78
C THR A 74 12.72 -7.24 -0.29
N PHE A 75 13.12 -5.98 -0.12
CA PHE A 75 13.98 -5.31 -1.08
C PHE A 75 14.74 -4.16 -0.42
N LYS A 76 15.62 -3.53 -1.19
CA LYS A 76 16.41 -2.41 -0.71
C LYS A 76 16.91 -1.58 -1.89
N LEU A 77 16.53 -0.32 -1.93
CA LEU A 77 16.96 0.57 -3.00
C LEU A 77 18.39 1.05 -2.75
N LYS A 78 18.86 1.96 -3.59
CA LYS A 78 20.21 2.51 -3.47
C LYS A 78 20.41 3.15 -2.10
N PRO A 79 21.66 3.15 -1.58
CA PRO A 79 21.97 3.73 -0.27
C PRO A 79 21.45 5.16 -0.08
N SER A 80 21.29 5.89 -1.18
CA SER A 80 20.80 7.26 -1.13
C SER A 80 19.26 7.28 -1.20
N ASP A 81 18.61 6.35 -0.53
CA ASP A 81 17.16 6.26 -0.51
C ASP A 81 16.62 6.63 0.86
N LYS A 82 17.51 7.13 1.72
CA LYS A 82 17.14 7.51 3.07
C LYS A 82 16.10 8.62 3.07
N ASP A 83 16.19 9.50 2.09
CA ASP A 83 15.24 10.61 1.98
C ASP A 83 13.98 10.19 1.24
N ARG A 84 14.02 9.01 0.63
CA ARG A 84 12.88 8.49 -0.11
C ARG A 84 11.89 7.83 0.84
N ARG A 85 10.73 7.48 0.31
CA ARG A 85 9.69 6.85 1.12
C ARG A 85 9.10 5.65 0.40
N LEU A 86 8.54 4.73 1.18
CA LEU A 86 7.90 3.55 0.63
C LEU A 86 6.44 3.90 0.33
N SER A 87 6.16 4.20 -0.93
CA SER A 87 4.83 4.59 -1.35
C SER A 87 3.91 3.39 -1.57
N VAL A 88 2.90 3.27 -0.71
CA VAL A 88 1.92 2.20 -0.82
C VAL A 88 0.63 2.78 -1.38
N GLU A 89 0.26 2.35 -2.57
CA GLU A 89 -0.95 2.83 -3.21
C GLU A 89 -1.96 1.70 -3.36
N ILE A 90 -3.08 1.82 -2.65
CA ILE A 90 -4.12 0.81 -2.71
C ILE A 90 -5.31 1.31 -3.53
N TRP A 91 -5.48 0.72 -4.69
CA TRP A 91 -6.57 1.10 -5.59
C TRP A 91 -7.49 -0.10 -5.79
N ASP A 92 -8.69 0.15 -6.29
CA ASP A 92 -9.65 -0.92 -6.54
C ASP A 92 -9.65 -1.30 -8.01
N TRP A 93 -9.55 -2.60 -8.25
CA TRP A 93 -9.55 -3.13 -9.60
C TRP A 93 -10.97 -3.39 -10.06
N ASP A 94 -11.32 -2.93 -11.24
CA ASP A 94 -12.66 -3.14 -11.75
C ASP A 94 -12.64 -3.94 -13.04
N ARG A 95 -12.26 -5.21 -12.91
CA ARG A 95 -12.23 -6.16 -14.02
C ARG A 95 -11.16 -5.86 -15.07
N THR A 96 -11.33 -4.80 -15.83
CA THR A 96 -10.39 -4.47 -16.89
C THR A 96 -9.64 -3.14 -16.64
N THR A 97 -10.17 -2.31 -15.76
CA THR A 97 -9.53 -1.02 -15.48
C THR A 97 -9.70 -0.62 -14.02
N ARG A 98 -8.81 0.23 -13.53
CA ARG A 98 -8.88 0.73 -12.16
C ARG A 98 -9.43 2.14 -12.17
N ASN A 99 -9.99 2.58 -11.04
CA ASN A 99 -10.54 3.93 -10.97
C ASN A 99 -10.81 4.35 -9.52
N ASP A 100 -11.21 3.39 -8.69
CA ASP A 100 -11.51 3.69 -7.30
C ASP A 100 -10.24 3.80 -6.47
N PHE A 101 -10.03 4.97 -5.90
CA PHE A 101 -8.86 5.23 -5.08
C PHE A 101 -9.21 5.07 -3.60
N MET A 102 -8.64 4.04 -2.98
CA MET A 102 -8.89 3.77 -1.57
C MET A 102 -8.04 4.69 -0.71
N GLY A 103 -6.73 4.53 -0.79
CA GLY A 103 -5.85 5.36 -0.01
C GLY A 103 -4.39 5.12 -0.33
N SER A 104 -3.54 6.03 0.11
CA SER A 104 -2.11 5.91 -0.12
C SER A 104 -1.35 6.35 1.12
N LEU A 105 -0.25 5.67 1.40
CA LEU A 105 0.58 5.98 2.55
C LEU A 105 2.04 5.79 2.21
N SER A 106 2.92 6.39 2.99
CA SER A 106 4.35 6.26 2.75
C SER A 106 5.12 6.26 4.06
N PHE A 107 6.17 5.46 4.11
CA PHE A 107 7.01 5.37 5.29
C PHE A 107 8.41 5.91 4.96
N GLY A 108 8.93 6.73 5.86
CA GLY A 108 10.24 7.31 5.67
C GLY A 108 11.35 6.31 5.93
N VAL A 109 12.21 6.09 4.93
CA VAL A 109 13.30 5.15 5.04
C VAL A 109 14.25 5.55 6.18
N SER A 110 14.58 6.84 6.27
CA SER A 110 15.46 7.34 7.30
C SER A 110 14.87 7.07 8.69
N GLU A 111 13.59 7.38 8.85
CA GLU A 111 12.91 7.18 10.12
C GLU A 111 12.78 5.69 10.44
N LEU A 112 12.53 4.89 9.42
CA LEU A 112 12.37 3.44 9.57
C LEU A 112 13.66 2.80 10.08
N MET A 113 14.80 3.39 9.74
CA MET A 113 16.09 2.89 10.16
C MET A 113 16.30 3.12 11.66
N LYS A 114 15.49 4.01 12.22
CA LYS A 114 15.57 4.32 13.64
C LYS A 114 14.52 3.56 14.42
N MET A 115 13.37 3.35 13.79
CA MET A 115 12.27 2.64 14.41
C MET A 115 11.33 2.07 13.35
N PRO A 116 11.25 0.73 13.25
CA PRO A 116 10.38 0.06 12.29
C PRO A 116 8.91 0.24 12.64
N ALA A 117 8.25 1.15 11.93
CA ALA A 117 6.84 1.45 12.16
C ALA A 117 5.95 0.26 11.78
N SER A 118 4.91 0.03 12.57
CA SER A 118 3.97 -1.06 12.32
C SER A 118 2.64 -0.75 13.00
N GLY A 119 1.54 -0.84 12.25
CA GLY A 119 0.24 -0.57 12.82
C GLY A 119 -0.80 -0.31 11.77
N TRP A 120 -1.92 0.28 12.18
CA TRP A 120 -3.00 0.58 11.26
C TRP A 120 -2.86 1.98 10.69
N TYR A 121 -2.96 2.10 9.38
CA TYR A 121 -2.85 3.39 8.74
C TYR A 121 -4.23 3.85 8.27
N LYS A 122 -4.50 5.14 8.43
CA LYS A 122 -5.78 5.70 8.02
C LYS A 122 -5.80 5.97 6.52
N LEU A 123 -6.99 5.99 5.94
CA LEU A 123 -7.13 6.25 4.51
C LEU A 123 -6.97 7.73 4.22
N LEU A 124 -5.79 8.09 3.74
CA LEU A 124 -5.50 9.47 3.41
C LEU A 124 -5.50 9.65 1.90
N ASN A 125 -5.40 10.89 1.46
CA ASN A 125 -5.37 11.18 0.04
C ASN A 125 -3.96 10.96 -0.50
N GLN A 126 -3.77 11.20 -1.78
CA GLN A 126 -2.47 10.99 -2.41
C GLN A 126 -1.38 11.84 -1.76
N GLU A 127 -1.48 13.15 -1.91
CA GLU A 127 -0.50 14.08 -1.36
C GLU A 127 -0.54 14.13 0.17
N GLU A 128 -1.54 13.51 0.76
CA GLU A 128 -1.68 13.50 2.20
C GLU A 128 -0.99 12.27 2.80
N GLY A 129 -0.86 11.21 2.00
CA GLY A 129 -0.23 10.00 2.49
C GLY A 129 1.17 9.79 1.97
N GLU A 130 1.45 10.27 0.75
CA GLU A 130 2.77 10.09 0.16
C GLU A 130 3.77 11.13 0.65
N TYR A 131 3.33 12.04 1.52
CA TYR A 131 4.20 13.07 2.05
C TYR A 131 4.21 13.06 3.57
N TYR A 132 3.37 12.22 4.17
CA TYR A 132 3.28 12.13 5.62
C TYR A 132 3.32 10.69 6.08
N ASN A 133 3.65 10.48 7.34
CA ASN A 133 3.72 9.14 7.92
C ASN A 133 3.15 9.15 9.33
N VAL A 134 1.90 8.73 9.46
CA VAL A 134 1.23 8.69 10.74
C VAL A 134 0.52 7.36 10.97
N PRO A 135 1.20 6.40 11.62
CA PRO A 135 0.64 5.09 11.92
C PRO A 135 -0.16 5.10 13.22
N ILE A 136 -1.33 4.50 13.20
CA ILE A 136 -2.18 4.45 14.38
C ILE A 136 -1.88 3.19 15.19
N PRO A 137 -1.60 3.34 16.49
CA PRO A 137 -1.31 2.20 17.38
C PRO A 137 -2.45 1.17 17.40
N GLU A 138 -3.56 1.54 18.02
CA GLU A 138 -4.74 0.66 18.12
C GLU A 138 -4.37 -0.71 18.69
N GLY A 139 -3.46 -0.70 19.66
CA GLY A 139 -3.03 -1.92 20.28
C GLY A 139 -2.40 -1.66 21.62
C ACE B 1 9.30 1.91 -17.71
O ACE B 1 9.28 0.76 -17.28
CH3 ACE B 1 10.43 2.39 -18.59
H1 ACE B 1 10.02 3.01 -19.36
H2 ACE B 1 10.92 1.53 -19.03
H3 ACE B 1 11.14 2.93 -17.98
N ASP B 2 8.36 2.81 -17.44
CA ASP B 2 7.22 2.49 -16.60
C ASP B 2 6.14 1.81 -17.43
N GLN B 3 5.89 0.54 -17.14
CA GLN B 3 4.88 -0.24 -17.86
C GLN B 3 3.49 0.03 -17.30
N SER B 4 2.48 -0.61 -17.90
CA SER B 4 1.10 -0.45 -17.47
C SER B 4 0.84 -1.29 -16.22
N ASP B 5 1.54 -0.95 -15.15
CA ASP B 5 1.43 -1.67 -13.89
C ASP B 5 0.10 -1.37 -13.18
N PHE B 6 -0.38 -0.15 -13.32
CA PHE B 6 -1.64 0.25 -12.70
C PHE B 6 -2.81 -0.48 -13.33
N GLU B 7 -2.82 -0.52 -14.66
CA GLU B 7 -3.87 -1.19 -15.39
C GLU B 7 -3.33 -2.44 -16.09
N GLY B 8 -3.10 -3.48 -15.31
CA GLY B 8 -2.58 -4.71 -15.86
C GLY B 8 -2.72 -5.87 -14.90
N PHE B 9 -3.90 -6.46 -14.87
CA PHE B 9 -4.18 -7.60 -14.00
C PHE B 9 -5.03 -8.62 -14.73
N SEP B 10 -6.27 -8.26 -14.97
CA SEP B 10 -7.21 -9.12 -15.66
CB SEP B 10 -8.41 -9.40 -14.75
OG SEP B 10 -7.98 -9.74 -13.44
C SEP B 10 -7.67 -8.47 -16.96
O SEP B 10 -7.66 -7.25 -17.09
P SEP B 10 -9.04 -10.27 -12.37
O1P SEP B 10 -9.04 -11.85 -12.55
O2P SEP B 10 -8.62 -10.06 -10.97
O3P SEP B 10 -10.43 -9.88 -12.64
H SEP B 10 -6.57 -7.37 -14.67
HA SEP B 10 -6.71 -10.05 -15.89
HB2 SEP B 10 -8.99 -10.22 -15.16
HB3 SEP B 10 -9.03 -8.53 -14.69
N TYR B 11 -8.07 -9.29 -17.92
CA TYR B 11 -8.52 -8.79 -19.21
C TYR B 11 -10.02 -8.52 -19.17
N NH2 B 12 -10.47 -7.87 -18.11
HN1 NH2 B 12 -9.82 -7.62 -17.42
HN2 NH2 B 12 -11.43 -7.67 -18.06
CA CA C . -13.75 -3.70 -8.04
CA CA D . -14.82 0.00 -8.36
N HIS A 1 -21.51 12.12 -0.12
CA HIS A 1 -21.42 10.69 0.24
C HIS A 1 -19.98 10.21 0.12
N THR A 2 -19.19 10.45 1.15
CA THR A 2 -17.79 10.05 1.16
C THR A 2 -17.36 9.59 2.55
N GLU A 3 -17.93 8.49 3.00
CA GLU A 3 -17.61 7.94 4.32
C GLU A 3 -16.43 6.98 4.23
N LYS A 4 -15.26 7.52 3.93
CA LYS A 4 -14.06 6.71 3.82
C LYS A 4 -13.46 6.43 5.21
N ARG A 5 -13.84 5.31 5.80
CA ARG A 5 -13.35 4.94 7.13
C ARG A 5 -12.53 3.65 7.08
N GLY A 6 -12.02 3.33 5.90
CA GLY A 6 -11.23 2.13 5.74
C GLY A 6 -9.88 2.22 6.41
N ARG A 7 -9.46 1.16 7.07
CA ARG A 7 -8.18 1.13 7.75
C ARG A 7 -7.33 -0.04 7.24
N ILE A 8 -6.06 0.22 6.98
CA ILE A 8 -5.16 -0.80 6.47
C ILE A 8 -4.05 -1.10 7.46
N TYR A 9 -3.66 -2.37 7.56
CA TYR A 9 -2.59 -2.78 8.45
C TYR A 9 -1.29 -2.95 7.68
N LEU A 10 -0.46 -1.91 7.71
CA LEU A 10 0.82 -1.93 7.02
C LEU A 10 1.95 -2.07 8.02
N LYS A 11 2.91 -2.93 7.68
CA LYS A 11 4.06 -3.15 8.54
C LYS A 11 5.37 -2.95 7.77
N ALA A 12 6.20 -2.07 8.28
CA ALA A 12 7.49 -1.78 7.66
C ALA A 12 8.60 -1.97 8.69
N GLU A 13 9.43 -2.98 8.48
CA GLU A 13 10.51 -3.29 9.40
C GLU A 13 11.81 -3.56 8.64
N VAL A 14 12.92 -3.12 9.20
CA VAL A 14 14.22 -3.35 8.56
C VAL A 14 14.75 -4.71 8.99
N THR A 15 15.17 -5.51 8.02
CA THR A 15 15.69 -6.84 8.30
C THR A 15 16.84 -7.18 7.36
N ASP A 16 18.00 -7.43 7.95
CA ASP A 16 19.21 -7.80 7.20
C ASP A 16 19.56 -6.76 6.14
N GLU A 17 19.53 -5.48 6.56
CA GLU A 17 19.86 -4.35 5.68
C GLU A 17 18.83 -4.16 4.56
N LYS A 18 17.73 -4.90 4.63
CA LYS A 18 16.69 -4.79 3.63
C LYS A 18 15.39 -4.34 4.27
N LEU A 19 14.46 -3.86 3.46
CA LEU A 19 13.18 -3.41 3.98
C LEU A 19 12.15 -4.53 3.84
N HIS A 20 11.66 -4.98 4.97
CA HIS A 20 10.66 -6.05 5.00
C HIS A 20 9.27 -5.43 5.07
N VAL A 21 8.60 -5.38 3.94
CA VAL A 21 7.26 -4.81 3.85
C VAL A 21 6.22 -5.91 3.99
N THR A 22 5.44 -5.85 5.05
CA THR A 22 4.40 -6.85 5.29
C THR A 22 3.02 -6.19 5.34
N VAL A 23 2.16 -6.59 4.42
CA VAL A 23 0.80 -6.08 4.37
C VAL A 23 -0.14 -7.19 4.83
N ARG A 24 -0.77 -6.99 5.98
CA ARG A 24 -1.66 -8.00 6.54
C ARG A 24 -3.06 -7.92 5.94
N ASP A 25 -3.88 -6.99 6.44
CA ASP A 25 -5.25 -6.88 5.97
C ASP A 25 -5.79 -5.46 6.10
N ALA A 26 -7.01 -5.29 5.64
CA ALA A 26 -7.71 -4.02 5.70
C ALA A 26 -9.14 -4.26 6.15
N LYS A 27 -9.69 -3.33 6.91
CA LYS A 27 -11.06 -3.49 7.41
C LYS A 27 -11.79 -2.16 7.37
N ASN A 28 -13.13 -2.24 7.49
CA ASN A 28 -14.00 -1.06 7.51
C ASN A 28 -14.12 -0.41 6.13
N LEU A 29 -14.19 -1.23 5.10
CA LEU A 29 -14.30 -0.72 3.74
C LEU A 29 -15.76 -0.55 3.32
N ILE A 30 -16.05 0.53 2.62
CA ILE A 30 -17.39 0.80 2.12
C ILE A 30 -17.51 0.32 0.68
N PRO A 31 -18.70 -0.10 0.25
CA PRO A 31 -18.95 -0.60 -1.12
C PRO A 31 -18.35 0.28 -2.21
N MET A 32 -17.32 -0.25 -2.86
CA MET A 32 -16.63 0.48 -3.93
C MET A 32 -16.92 -0.15 -5.29
N ASP A 33 -17.75 -1.18 -5.29
CA ASP A 33 -18.11 -1.87 -6.52
C ASP A 33 -19.62 -1.94 -6.65
N PRO A 34 -20.14 -2.04 -7.89
CA PRO A 34 -21.58 -2.12 -8.13
C PRO A 34 -22.21 -3.33 -7.47
N ASN A 35 -21.41 -4.36 -7.23
CA ASN A 35 -21.88 -5.59 -6.59
C ASN A 35 -22.01 -5.42 -5.08
N GLY A 36 -21.59 -4.26 -4.57
CA GLY A 36 -21.68 -4.00 -3.15
C GLY A 36 -20.47 -4.52 -2.39
N LEU A 37 -19.35 -4.67 -3.07
CA LEU A 37 -18.13 -5.15 -2.44
C LEU A 37 -16.98 -4.19 -2.72
N SER A 38 -15.81 -4.49 -2.16
CA SER A 38 -14.63 -3.66 -2.36
C SER A 38 -13.37 -4.53 -2.33
N ASP A 39 -12.82 -4.79 -3.51
CA ASP A 39 -11.61 -5.60 -3.62
C ASP A 39 -10.43 -4.75 -4.06
N PRO A 40 -9.62 -4.27 -3.10
CA PRO A 40 -8.46 -3.45 -3.37
C PRO A 40 -7.16 -4.24 -3.40
N TYR A 41 -6.17 -3.71 -4.12
CA TYR A 41 -4.87 -4.34 -4.20
C TYR A 41 -3.82 -3.39 -3.64
N VAL A 42 -2.85 -3.93 -2.94
CA VAL A 42 -1.80 -3.12 -2.35
C VAL A 42 -0.52 -3.25 -3.16
N LYS A 43 -0.07 -2.12 -3.70
CA LYS A 43 1.14 -2.08 -4.50
C LYS A 43 2.19 -1.21 -3.80
N LEU A 44 3.40 -1.73 -3.69
CA LEU A 44 4.47 -1.00 -3.02
C LEU A 44 5.58 -0.64 -4.02
N LYS A 45 6.01 0.61 -3.97
CA LYS A 45 7.07 1.10 -4.84
C LYS A 45 8.04 1.99 -4.06
N LEU A 46 9.31 1.63 -4.09
CA LEU A 46 10.33 2.39 -3.39
C LEU A 46 11.10 3.24 -4.39
N ILE A 47 10.91 4.54 -4.30
CA ILE A 47 11.58 5.48 -5.19
C ILE A 47 13.00 5.76 -4.69
N PRO A 48 13.93 6.10 -5.59
CA PRO A 48 13.66 6.22 -7.02
C PRO A 48 14.04 4.94 -7.79
N ASP A 49 13.05 4.33 -8.42
CA ASP A 49 13.30 3.12 -9.19
C ASP A 49 12.93 3.35 -10.65
N PRO A 50 13.92 3.68 -11.49
CA PRO A 50 13.70 3.91 -12.91
C PRO A 50 13.67 2.60 -13.70
N LYS A 51 13.84 1.49 -12.98
CA LYS A 51 13.84 0.17 -13.59
C LYS A 51 12.43 -0.41 -13.59
N ASN A 52 11.63 0.04 -12.61
CA ASN A 52 10.24 -0.40 -12.45
C ASN A 52 10.18 -1.87 -12.07
N GLU A 53 11.14 -2.30 -11.27
CA GLU A 53 11.20 -3.68 -10.82
C GLU A 53 11.14 -3.75 -9.29
N SER A 54 11.33 -2.60 -8.65
CA SER A 54 11.26 -2.53 -7.19
C SER A 54 9.80 -2.31 -6.79
N LYS A 55 9.00 -1.99 -7.79
CA LYS A 55 7.58 -1.75 -7.62
C LYS A 55 6.81 -3.04 -7.92
N GLN A 56 6.20 -3.61 -6.89
CA GLN A 56 5.46 -4.85 -7.05
C GLN A 56 4.04 -4.72 -6.49
N LYS A 57 3.15 -5.56 -6.99
CA LYS A 57 1.76 -5.56 -6.58
C LYS A 57 1.31 -6.97 -6.21
N THR A 58 0.01 -7.17 -6.03
CA THR A 58 -0.52 -8.47 -5.67
C THR A 58 -1.88 -8.71 -6.32
N LYS A 59 -2.37 -9.95 -6.21
CA LYS A 59 -3.65 -10.32 -6.78
C LYS A 59 -4.78 -9.83 -5.87
N THR A 60 -5.88 -9.41 -6.48
CA THR A 60 -7.03 -8.91 -5.72
C THR A 60 -7.67 -10.03 -4.89
N ILE A 61 -8.42 -9.62 -3.87
CA ILE A 61 -9.10 -10.55 -3.00
C ILE A 61 -10.51 -10.80 -3.52
N ARG A 62 -11.12 -11.90 -3.08
CA ARG A 62 -12.47 -12.25 -3.50
C ARG A 62 -13.52 -11.33 -2.85
N SER A 63 -14.79 -11.67 -3.05
CA SER A 63 -15.89 -10.89 -2.49
C SER A 63 -15.83 -10.83 -0.97
N THR A 64 -15.55 -9.63 -0.45
CA THR A 64 -15.48 -9.41 0.98
C THR A 64 -15.28 -7.92 1.25
N LEU A 65 -15.60 -7.49 2.47
CA LEU A 65 -15.44 -6.08 2.83
C LEU A 65 -14.17 -5.91 3.66
N ASN A 66 -13.58 -7.04 4.04
CA ASN A 66 -12.35 -7.04 4.83
C ASN A 66 -11.33 -7.93 4.14
N PRO A 67 -10.58 -7.36 3.19
CA PRO A 67 -9.56 -8.11 2.43
C PRO A 67 -8.31 -8.39 3.24
N GLN A 68 -7.80 -9.61 3.12
CA GLN A 68 -6.58 -10.02 3.80
C GLN A 68 -5.58 -10.56 2.78
N TRP A 69 -4.47 -9.84 2.62
CA TRP A 69 -3.47 -10.24 1.63
C TRP A 69 -2.40 -11.15 2.23
N ASN A 70 -1.80 -10.71 3.34
CA ASN A 70 -0.74 -11.49 4.01
C ASN A 70 0.47 -11.60 3.10
N GLU A 71 0.90 -10.48 2.55
CA GLU A 71 2.05 -10.46 1.65
C GLU A 71 3.25 -9.83 2.34
N SER A 72 4.44 -10.35 2.04
CA SER A 72 5.66 -9.84 2.63
C SER A 72 6.78 -9.81 1.59
N PHE A 73 7.38 -8.64 1.40
CA PHE A 73 8.46 -8.47 0.45
C PHE A 73 9.70 -7.90 1.14
N THR A 74 10.85 -8.39 0.74
CA THR A 74 12.12 -7.92 1.31
C THR A 74 13.04 -7.43 0.22
N PHE A 75 13.19 -6.12 0.12
CA PHE A 75 14.05 -5.52 -0.89
C PHE A 75 14.63 -4.20 -0.38
N LYS A 76 15.53 -3.60 -1.15
CA LYS A 76 16.13 -2.33 -0.76
C LYS A 76 16.77 -1.65 -1.96
N LEU A 77 16.64 -0.33 -2.02
CA LEU A 77 17.22 0.44 -3.11
C LEU A 77 18.62 0.87 -2.73
N LYS A 78 19.25 1.71 -3.55
CA LYS A 78 20.59 2.21 -3.27
C LYS A 78 20.55 3.16 -2.07
N PRO A 79 21.70 3.38 -1.41
CA PRO A 79 21.80 4.28 -0.23
C PRO A 79 21.18 5.67 -0.44
N SER A 80 20.88 6.01 -1.69
CA SER A 80 20.29 7.30 -2.01
C SER A 80 18.77 7.29 -1.78
N ASP A 81 18.27 6.23 -1.16
CA ASP A 81 16.84 6.09 -0.89
C ASP A 81 16.51 6.35 0.58
N LYS A 82 17.55 6.65 1.37
CA LYS A 82 17.39 6.88 2.80
C LYS A 82 16.42 8.03 3.10
N ASP A 83 16.41 9.06 2.27
CA ASP A 83 15.52 10.20 2.48
C ASP A 83 14.23 10.01 1.70
N ARG A 84 14.14 8.91 0.97
CA ARG A 84 12.97 8.61 0.16
C ARG A 84 11.92 7.92 1.01
N ARG A 85 10.81 7.52 0.39
CA ARG A 85 9.74 6.87 1.12
C ARG A 85 9.17 5.71 0.32
N LEU A 86 8.71 4.69 1.05
CA LEU A 86 8.09 3.53 0.44
C LEU A 86 6.63 3.85 0.20
N SER A 87 6.27 4.07 -1.06
CA SER A 87 4.91 4.42 -1.42
C SER A 87 4.04 3.18 -1.60
N VAL A 88 3.00 3.08 -0.80
CA VAL A 88 2.05 1.98 -0.88
C VAL A 88 0.74 2.50 -1.44
N GLU A 89 0.47 2.17 -2.70
CA GLU A 89 -0.73 2.61 -3.37
C GLU A 89 -1.80 1.52 -3.35
N ILE A 90 -2.94 1.85 -2.75
CA ILE A 90 -4.05 0.92 -2.66
C ILE A 90 -5.18 1.36 -3.57
N TRP A 91 -5.44 0.57 -4.59
CA TRP A 91 -6.49 0.86 -5.55
C TRP A 91 -7.44 -0.31 -5.67
N ASP A 92 -8.62 -0.07 -6.21
CA ASP A 92 -9.60 -1.14 -6.39
C ASP A 92 -9.82 -1.41 -7.87
N TRP A 93 -9.37 -2.58 -8.31
CA TRP A 93 -9.51 -3.00 -9.69
C TRP A 93 -10.96 -3.35 -9.98
N ASP A 94 -11.46 -2.93 -11.12
CA ASP A 94 -12.84 -3.20 -11.48
C ASP A 94 -12.91 -3.96 -12.81
N ARG A 95 -12.74 -5.28 -12.71
CA ARG A 95 -12.79 -6.18 -13.85
C ARG A 95 -11.65 -5.98 -14.85
N THR A 96 -11.66 -4.86 -15.56
CA THR A 96 -10.63 -4.62 -16.56
C THR A 96 -10.02 -3.21 -16.45
N THR A 97 -10.54 -2.39 -15.53
CA THR A 97 -10.01 -1.03 -15.39
C THR A 97 -9.88 -0.61 -13.94
N ARG A 98 -9.23 0.53 -13.72
CA ARG A 98 -9.04 1.08 -12.39
C ARG A 98 -9.60 2.50 -12.35
N ASN A 99 -10.27 2.84 -11.26
CA ASN A 99 -10.86 4.16 -11.12
C ASN A 99 -11.15 4.46 -9.66
N ASP A 100 -11.19 3.43 -8.84
CA ASP A 100 -11.46 3.57 -7.43
C ASP A 100 -10.17 3.75 -6.64
N PHE A 101 -10.03 4.91 -6.03
CA PHE A 101 -8.85 5.22 -5.25
C PHE A 101 -9.13 4.98 -3.77
N MET A 102 -8.46 3.99 -3.20
CA MET A 102 -8.64 3.66 -1.79
C MET A 102 -7.78 4.61 -0.96
N GLY A 103 -6.49 4.61 -1.24
CA GLY A 103 -5.57 5.46 -0.51
C GLY A 103 -4.14 5.19 -0.90
N SER A 104 -3.24 6.08 -0.49
CA SER A 104 -1.83 5.93 -0.77
C SER A 104 -1.01 6.50 0.38
N LEU A 105 -0.16 5.66 0.95
CA LEU A 105 0.66 6.07 2.08
C LEU A 105 2.15 5.93 1.73
N SER A 106 3.01 6.31 2.66
CA SER A 106 4.44 6.22 2.45
C SER A 106 5.18 6.23 3.78
N PHE A 107 6.28 5.50 3.84
CA PHE A 107 7.09 5.45 5.06
C PHE A 107 8.51 5.90 4.76
N GLY A 108 8.99 6.88 5.53
CA GLY A 108 10.33 7.39 5.33
C GLY A 108 11.38 6.39 5.74
N VAL A 109 12.32 6.11 4.84
CA VAL A 109 13.38 5.16 5.10
C VAL A 109 14.25 5.59 6.28
N SER A 110 14.48 6.90 6.40
CA SER A 110 15.29 7.44 7.48
C SER A 110 14.60 7.21 8.83
N GLU A 111 13.27 7.29 8.82
CA GLU A 111 12.50 7.06 10.03
C GLU A 111 12.51 5.56 10.35
N LEU A 112 12.50 4.76 9.30
CA LEU A 112 12.52 3.31 9.42
C LEU A 112 13.93 2.82 9.75
N MET A 113 14.86 3.76 9.88
CA MET A 113 16.24 3.43 10.20
C MET A 113 16.46 3.53 11.71
N LYS A 114 15.45 4.02 12.43
CA LYS A 114 15.54 4.17 13.87
C LYS A 114 14.34 3.57 14.58
N MET A 115 13.30 3.23 13.82
CA MET A 115 12.11 2.65 14.42
C MET A 115 11.33 1.83 13.38
N PRO A 116 10.65 0.76 13.82
CA PRO A 116 9.86 -0.09 12.95
C PRO A 116 8.39 0.33 12.92
N ALA A 117 7.93 0.80 11.76
CA ALA A 117 6.55 1.24 11.62
C ALA A 117 5.63 0.04 11.50
N SER A 118 4.80 -0.16 12.52
CA SER A 118 3.86 -1.26 12.53
C SER A 118 2.55 -0.85 13.19
N GLY A 119 1.45 -1.05 12.48
CA GLY A 119 0.15 -0.70 13.02
C GLY A 119 -0.85 -0.39 11.93
N TRP A 120 -1.99 0.16 12.30
CA TRP A 120 -3.02 0.50 11.32
C TRP A 120 -2.74 1.87 10.73
N TYR A 121 -3.34 2.15 9.59
CA TYR A 121 -3.16 3.43 8.94
C TYR A 121 -4.48 3.91 8.35
N LYS A 122 -4.81 5.15 8.66
CA LYS A 122 -6.04 5.76 8.17
C LYS A 122 -5.92 6.08 6.68
N LEU A 123 -7.06 6.32 6.05
CA LEU A 123 -7.07 6.65 4.63
C LEU A 123 -6.65 8.09 4.41
N LEU A 124 -5.49 8.26 3.77
CA LEU A 124 -4.97 9.58 3.49
C LEU A 124 -4.99 9.84 2.00
N ASN A 125 -4.87 11.10 1.62
CA ASN A 125 -4.86 11.49 0.22
C ASN A 125 -3.46 11.30 -0.35
N GLN A 126 -3.28 11.65 -1.62
CA GLN A 126 -1.99 11.52 -2.28
C GLN A 126 -0.89 12.25 -1.51
N GLU A 127 -1.00 13.58 -1.43
CA GLU A 127 -0.01 14.40 -0.74
C GLU A 127 0.06 14.04 0.74
N GLU A 128 -1.10 13.84 1.33
CA GLU A 128 -1.20 13.51 2.75
C GLU A 128 -0.44 12.23 3.09
N GLY A 129 -0.51 11.24 2.21
CA GLY A 129 0.14 9.98 2.47
C GLY A 129 1.57 9.90 1.96
N GLU A 130 1.91 10.65 0.92
CA GLU A 130 3.26 10.60 0.37
C GLU A 130 4.23 11.56 1.07
N TYR A 131 3.69 12.48 1.86
CA TYR A 131 4.55 13.44 2.56
C TYR A 131 4.52 13.23 4.07
N TYR A 132 3.62 12.37 4.54
CA TYR A 132 3.51 12.12 5.97
C TYR A 132 3.38 10.63 6.27
N ASN A 133 3.81 10.24 7.45
CA ASN A 133 3.75 8.86 7.90
C ASN A 133 3.31 8.79 9.35
N VAL A 134 2.00 8.66 9.55
CA VAL A 134 1.43 8.61 10.88
C VAL A 134 0.77 7.27 11.17
N PRO A 135 1.52 6.33 11.76
CA PRO A 135 1.00 5.00 12.11
C PRO A 135 0.06 5.05 13.30
N ILE A 136 -1.09 4.40 13.16
CA ILE A 136 -2.07 4.37 14.24
C ILE A 136 -1.82 3.16 15.12
N PRO A 137 -1.76 3.37 16.45
CA PRO A 137 -1.53 2.29 17.41
C PRO A 137 -2.60 1.20 17.35
N GLU A 138 -3.80 1.52 17.83
CA GLU A 138 -4.93 0.58 17.85
C GLU A 138 -4.54 -0.70 18.58
N GLY A 139 -4.00 -0.54 19.78
CA GLY A 139 -3.58 -1.68 20.57
C GLY A 139 -2.49 -1.30 21.55
C ACE B 1 9.22 1.40 -19.02
O ACE B 1 8.91 0.28 -18.67
CH3 ACE B 1 10.41 1.62 -19.92
H1 ACE B 1 11.29 1.77 -19.30
H2 ACE B 1 10.25 2.50 -20.52
H3 ACE B 1 10.52 0.76 -20.56
N ASP B 2 8.56 2.50 -18.65
CA ASP B 2 7.39 2.42 -17.78
C ASP B 2 6.21 1.83 -18.54
N GLN B 3 5.83 0.61 -18.18
CA GLN B 3 4.72 -0.07 -18.84
C GLN B 3 3.42 0.12 -18.07
N SER B 4 2.34 -0.46 -18.58
CA SER B 4 1.05 -0.35 -17.94
C SER B 4 1.00 -1.16 -16.64
N ASP B 5 1.40 -0.51 -15.56
CA ASP B 5 1.40 -1.12 -14.25
C ASP B 5 0.04 -0.97 -13.59
N PHE B 6 -0.55 0.20 -13.75
CA PHE B 6 -1.86 0.48 -13.16
C PHE B 6 -2.93 -0.41 -13.78
N GLU B 7 -2.89 -0.56 -15.10
CA GLU B 7 -3.87 -1.39 -15.80
C GLU B 7 -3.22 -2.63 -16.40
N GLY B 8 -3.21 -3.71 -15.62
CA GLY B 8 -2.63 -4.95 -16.08
C GLY B 8 -2.82 -6.09 -15.10
N PHE B 9 -4.07 -6.52 -14.93
CA PHE B 9 -4.40 -7.60 -14.03
C PHE B 9 -5.33 -8.59 -14.72
N SEP B 10 -6.62 -8.29 -14.70
CA SEP B 10 -7.62 -9.15 -15.31
CB SEP B 10 -8.79 -9.32 -14.34
OG SEP B 10 -8.32 -9.48 -13.01
C SEP B 10 -8.10 -8.53 -16.62
O SEP B 10 -8.13 -7.30 -16.77
P SEP B 10 -8.55 -10.86 -12.24
O1P SEP B 10 -7.53 -11.89 -12.92
O2P SEP B 10 -8.14 -10.82 -10.83
O3P SEP B 10 -9.88 -11.44 -12.45
H SEP B 10 -6.90 -7.48 -14.24
HA SEP B 10 -7.18 -10.10 -15.51
HB2 SEP B 10 -9.35 -10.20 -14.62
HB3 SEP B 10 -9.43 -8.46 -14.39
N TYR B 11 -8.45 -9.37 -17.59
CA TYR B 11 -8.91 -8.88 -18.88
C TYR B 11 -10.43 -8.72 -18.88
N NH2 B 12 -11.12 -9.67 -18.27
HN1 NH2 B 12 -10.63 -10.41 -17.85
HN2 NH2 B 12 -12.09 -9.60 -18.25
CA CA C . -13.49 -3.93 -7.72
CA CA D . -14.86 -0.36 -7.90
N HIS A 1 -22.01 12.36 -0.13
CA HIS A 1 -21.71 10.98 0.30
C HIS A 1 -20.20 10.73 0.25
N THR A 2 -19.54 10.94 1.37
CA THR A 2 -18.09 10.76 1.43
C THR A 2 -17.71 9.84 2.58
N GLU A 3 -17.59 8.54 2.28
CA GLU A 3 -17.20 7.57 3.28
C GLU A 3 -15.84 6.97 2.96
N LYS A 4 -14.91 7.11 3.90
CA LYS A 4 -13.57 6.59 3.73
C LYS A 4 -13.00 6.21 5.10
N ARG A 5 -13.81 5.54 5.90
CA ARG A 5 -13.43 5.12 7.25
C ARG A 5 -12.70 3.78 7.22
N GLY A 6 -11.93 3.55 6.18
CA GLY A 6 -11.21 2.29 6.04
C GLY A 6 -9.90 2.29 6.79
N ARG A 7 -9.48 1.10 7.22
CA ARG A 7 -8.23 0.93 7.95
C ARG A 7 -7.39 -0.17 7.29
N ILE A 8 -6.08 0.05 7.18
CA ILE A 8 -5.19 -0.92 6.57
C ILE A 8 -4.01 -1.21 7.49
N TYR A 9 -3.63 -2.48 7.59
CA TYR A 9 -2.51 -2.87 8.44
C TYR A 9 -1.26 -3.09 7.59
N LEU A 10 -0.37 -2.09 7.60
CA LEU A 10 0.87 -2.18 6.85
C LEU A 10 2.06 -2.26 7.79
N LYS A 11 2.95 -3.20 7.52
CA LYS A 11 4.14 -3.40 8.33
C LYS A 11 5.39 -3.13 7.49
N ALA A 12 6.27 -2.27 8.01
CA ALA A 12 7.49 -1.93 7.32
C ALA A 12 8.66 -1.99 8.29
N GLU A 13 9.39 -3.09 8.24
CA GLU A 13 10.52 -3.28 9.14
C GLU A 13 11.82 -3.41 8.34
N VAL A 14 12.94 -3.15 8.99
CA VAL A 14 14.22 -3.25 8.35
C VAL A 14 14.94 -4.51 8.83
N THR A 15 15.17 -5.44 7.91
CA THR A 15 15.81 -6.69 8.24
C THR A 15 17.03 -6.92 7.35
N ASP A 16 18.20 -6.92 7.97
CA ASP A 16 19.46 -7.16 7.25
C ASP A 16 19.65 -6.14 6.13
N GLU A 17 19.42 -4.87 6.45
CA GLU A 17 19.56 -3.75 5.51
C GLU A 17 18.54 -3.83 4.38
N LYS A 18 17.53 -4.68 4.53
CA LYS A 18 16.49 -4.82 3.53
C LYS A 18 15.14 -4.48 4.15
N LEU A 19 14.25 -3.94 3.35
CA LEU A 19 12.93 -3.56 3.84
C LEU A 19 11.98 -4.74 3.77
N HIS A 20 11.42 -5.09 4.91
CA HIS A 20 10.47 -6.20 5.01
C HIS A 20 9.05 -5.67 4.98
N VAL A 21 8.50 -5.55 3.78
CA VAL A 21 7.14 -5.05 3.61
C VAL A 21 6.16 -6.18 3.88
N THR A 22 5.29 -5.98 4.86
CA THR A 22 4.32 -6.99 5.22
C THR A 22 2.91 -6.40 5.26
N VAL A 23 2.05 -6.89 4.39
CA VAL A 23 0.67 -6.44 4.36
C VAL A 23 -0.23 -7.50 4.99
N ARG A 24 -0.87 -7.15 6.10
CA ARG A 24 -1.73 -8.09 6.80
C ARG A 24 -3.12 -8.11 6.18
N ASP A 25 -3.98 -7.20 6.62
CA ASP A 25 -5.35 -7.14 6.12
C ASP A 25 -5.90 -5.72 6.23
N ALA A 26 -7.11 -5.56 5.74
CA ALA A 26 -7.79 -4.27 5.76
C ALA A 26 -9.20 -4.43 6.32
N LYS A 27 -9.70 -3.40 6.99
CA LYS A 27 -11.03 -3.46 7.58
C LYS A 27 -11.82 -2.18 7.33
N ASN A 28 -13.14 -2.29 7.48
CA ASN A 28 -14.06 -1.17 7.30
C ASN A 28 -14.00 -0.60 5.89
N LEU A 29 -14.12 -1.48 4.91
CA LEU A 29 -14.10 -1.07 3.51
C LEU A 29 -15.48 -0.61 3.06
N ILE A 30 -15.53 0.54 2.39
CA ILE A 30 -16.78 1.07 1.88
C ILE A 30 -17.08 0.45 0.52
N PRO A 31 -18.32 0.55 0.02
CA PRO A 31 -18.71 -0.01 -1.28
C PRO A 31 -18.29 0.87 -2.46
N MET A 32 -17.38 0.35 -3.29
CA MET A 32 -16.89 1.09 -4.45
C MET A 32 -17.17 0.31 -5.73
N ASP A 33 -18.09 -0.65 -5.64
CA ASP A 33 -18.46 -1.49 -6.79
C ASP A 33 -19.97 -1.64 -6.89
N PRO A 34 -20.50 -1.95 -8.08
CA PRO A 34 -21.93 -2.12 -8.30
C PRO A 34 -22.54 -3.25 -7.45
N ASN A 35 -21.68 -4.14 -6.98
CA ASN A 35 -22.11 -5.26 -6.15
C ASN A 35 -22.11 -4.87 -4.68
N GLY A 36 -21.88 -3.59 -4.41
CA GLY A 36 -21.84 -3.11 -3.04
C GLY A 36 -20.68 -3.67 -2.27
N LEU A 37 -19.49 -3.60 -2.86
CA LEU A 37 -18.29 -4.12 -2.21
C LEU A 37 -17.06 -3.44 -2.80
N SER A 38 -15.88 -3.82 -2.33
CA SER A 38 -14.63 -3.28 -2.82
C SER A 38 -13.53 -4.32 -2.78
N ASP A 39 -12.77 -4.39 -3.85
CA ASP A 39 -11.68 -5.35 -3.95
C ASP A 39 -10.40 -4.63 -4.38
N PRO A 40 -9.69 -4.04 -3.40
CA PRO A 40 -8.46 -3.30 -3.65
C PRO A 40 -7.22 -4.17 -3.49
N TYR A 41 -6.18 -3.80 -4.22
CA TYR A 41 -4.91 -4.52 -4.16
C TYR A 41 -3.88 -3.67 -3.45
N VAL A 42 -2.70 -4.24 -3.22
CA VAL A 42 -1.64 -3.52 -2.54
C VAL A 42 -0.49 -3.28 -3.51
N LYS A 43 -0.25 -2.03 -3.85
CA LYS A 43 0.82 -1.67 -4.77
C LYS A 43 1.90 -0.90 -4.02
N LEU A 44 3.01 -1.57 -3.77
CA LEU A 44 4.13 -0.98 -3.05
C LEU A 44 5.31 -0.77 -3.99
N LYS A 45 6.04 0.32 -3.82
CA LYS A 45 7.18 0.61 -4.67
C LYS A 45 8.21 1.46 -3.92
N LEU A 46 9.48 1.23 -4.22
CA LEU A 46 10.57 1.97 -3.60
C LEU A 46 11.19 2.90 -4.63
N ILE A 47 10.93 4.19 -4.47
CA ILE A 47 11.45 5.20 -5.38
C ILE A 47 12.90 5.54 -5.04
N PRO A 48 13.72 5.85 -6.05
CA PRO A 48 13.30 5.88 -7.44
C PRO A 48 13.50 4.55 -8.15
N ASP A 49 12.47 4.09 -8.86
CA ASP A 49 12.53 2.83 -9.58
C ASP A 49 12.31 3.06 -11.08
N PRO A 50 13.35 3.53 -11.79
CA PRO A 50 13.27 3.81 -13.22
C PRO A 50 13.44 2.56 -14.08
N LYS A 51 13.74 1.44 -13.44
CA LYS A 51 13.93 0.19 -14.16
C LYS A 51 12.72 -0.73 -14.04
N ASN A 52 11.79 -0.35 -13.17
CA ASN A 52 10.56 -1.11 -12.95
C ASN A 52 10.84 -2.51 -12.39
N GLU A 53 11.46 -2.54 -11.22
CA GLU A 53 11.78 -3.82 -10.57
C GLU A 53 11.37 -3.77 -9.10
N SER A 54 11.45 -2.59 -8.51
CA SER A 54 11.06 -2.40 -7.12
C SER A 54 9.58 -2.11 -7.03
N LYS A 55 9.00 -1.70 -8.15
CA LYS A 55 7.58 -1.43 -8.23
C LYS A 55 6.83 -2.72 -8.54
N GLN A 56 6.43 -3.42 -7.49
CA GLN A 56 5.71 -4.68 -7.64
C GLN A 56 4.27 -4.54 -7.14
N LYS A 57 3.48 -5.59 -7.33
CA LYS A 57 2.08 -5.57 -6.91
C LYS A 57 1.61 -6.97 -6.57
N THR A 58 0.53 -7.04 -5.81
CA THR A 58 -0.06 -8.31 -5.43
C THR A 58 -1.47 -8.41 -6.01
N LYS A 59 -1.99 -9.62 -6.03
CA LYS A 59 -3.33 -9.88 -6.56
C LYS A 59 -4.41 -9.41 -5.59
N THR A 60 -5.56 -9.05 -6.14
CA THR A 60 -6.69 -8.61 -5.32
C THR A 60 -7.33 -9.79 -4.60
N ILE A 61 -8.22 -9.50 -3.67
CA ILE A 61 -8.90 -10.53 -2.90
C ILE A 61 -10.32 -10.75 -3.45
N ARG A 62 -10.96 -11.84 -3.04
CA ARG A 62 -12.30 -12.15 -3.48
C ARG A 62 -13.31 -11.18 -2.84
N SER A 63 -14.60 -11.38 -3.14
CA SER A 63 -15.65 -10.53 -2.61
C SER A 63 -15.71 -10.60 -1.08
N THR A 64 -15.10 -9.61 -0.44
CA THR A 64 -15.08 -9.51 1.01
C THR A 64 -14.87 -8.05 1.43
N LEU A 65 -15.48 -7.64 2.53
CA LEU A 65 -15.34 -6.28 3.02
C LEU A 65 -14.12 -6.14 3.93
N ASN A 66 -13.53 -7.28 4.26
CA ASN A 66 -12.35 -7.32 5.12
C ASN A 66 -11.33 -8.26 4.50
N PRO A 67 -10.61 -7.78 3.47
CA PRO A 67 -9.62 -8.59 2.75
C PRO A 67 -8.30 -8.76 3.51
N GLN A 68 -7.74 -9.97 3.41
CA GLN A 68 -6.47 -10.28 4.05
C GLN A 68 -5.48 -10.80 3.02
N TRP A 69 -4.25 -10.35 3.11
CA TRP A 69 -3.20 -10.76 2.16
C TRP A 69 -2.17 -11.64 2.84
N ASN A 70 -1.53 -11.08 3.88
CA ASN A 70 -0.50 -11.79 4.65
C ASN A 70 0.79 -11.94 3.83
N GLU A 71 0.93 -11.13 2.79
CA GLU A 71 2.11 -11.18 1.93
C GLU A 71 3.31 -10.51 2.59
N SER A 72 4.49 -11.06 2.36
CA SER A 72 5.72 -10.52 2.92
C SER A 72 6.78 -10.41 1.83
N PHE A 73 7.31 -9.22 1.64
CA PHE A 73 8.35 -8.98 0.63
C PHE A 73 9.59 -8.37 1.27
N THR A 74 10.72 -8.47 0.57
CA THR A 74 11.98 -7.93 1.07
C THR A 74 12.80 -7.36 -0.09
N PHE A 75 13.09 -6.06 -0.02
CA PHE A 75 13.87 -5.39 -1.06
C PHE A 75 14.42 -4.07 -0.53
N LYS A 76 15.33 -3.46 -1.27
CA LYS A 76 15.93 -2.19 -0.87
C LYS A 76 16.62 -1.52 -2.05
N LEU A 77 16.75 -0.20 -1.98
CA LEU A 77 17.41 0.56 -3.04
C LEU A 77 18.83 0.91 -2.61
N LYS A 78 19.39 1.95 -3.22
CA LYS A 78 20.74 2.39 -2.89
C LYS A 78 20.75 3.04 -1.50
N PRO A 79 21.93 3.21 -0.89
CA PRO A 79 22.04 3.82 0.45
C PRO A 79 21.55 5.27 0.47
N SER A 80 21.32 5.83 -0.70
CA SER A 80 20.85 7.19 -0.85
C SER A 80 19.33 7.26 -0.86
N ASP A 81 18.68 6.18 -0.44
CA ASP A 81 17.22 6.13 -0.42
C ASP A 81 16.69 6.55 0.94
N LYS A 82 17.58 7.04 1.80
CA LYS A 82 17.21 7.48 3.14
C LYS A 82 16.21 8.63 3.09
N ASP A 83 16.28 9.44 2.04
CA ASP A 83 15.37 10.57 1.89
C ASP A 83 14.14 10.19 1.04
N ARG A 84 14.11 8.94 0.62
CA ARG A 84 13.01 8.43 -0.19
C ARG A 84 11.93 7.84 0.71
N ARG A 85 10.84 7.40 0.11
CA ARG A 85 9.73 6.83 0.86
C ARG A 85 9.10 5.65 0.13
N LEU A 86 8.60 4.70 0.90
CA LEU A 86 7.93 3.54 0.35
C LEU A 86 6.48 3.92 0.07
N SER A 87 6.15 4.06 -1.21
CA SER A 87 4.80 4.44 -1.60
C SER A 87 3.89 3.22 -1.69
N VAL A 88 2.87 3.19 -0.84
CA VAL A 88 1.90 2.10 -0.84
C VAL A 88 0.56 2.64 -1.31
N GLU A 89 0.17 2.27 -2.52
CA GLU A 89 -1.08 2.73 -3.10
C GLU A 89 -2.15 1.65 -3.04
N ILE A 90 -3.34 2.03 -2.61
CA ILE A 90 -4.45 1.12 -2.51
C ILE A 90 -5.59 1.58 -3.41
N TRP A 91 -5.82 0.84 -4.49
CA TRP A 91 -6.87 1.16 -5.44
C TRP A 91 -7.78 -0.05 -5.64
N ASP A 92 -9.07 0.21 -5.88
CA ASP A 92 -10.02 -0.87 -6.11
C ASP A 92 -10.00 -1.28 -7.57
N TRP A 93 -9.67 -2.54 -7.82
CA TRP A 93 -9.60 -3.06 -9.18
C TRP A 93 -11.01 -3.37 -9.66
N ASP A 94 -11.27 -3.15 -10.94
CA ASP A 94 -12.60 -3.42 -11.48
C ASP A 94 -12.53 -4.36 -12.67
N ARG A 95 -11.74 -5.42 -12.52
CA ARG A 95 -11.57 -6.47 -13.53
C ARG A 95 -10.81 -5.99 -14.78
N THR A 96 -11.39 -5.06 -15.52
CA THR A 96 -10.77 -4.58 -16.74
C THR A 96 -9.89 -3.35 -16.52
N THR A 97 -10.30 -2.44 -15.65
CA THR A 97 -9.53 -1.22 -15.42
C THR A 97 -9.60 -0.74 -13.97
N ARG A 98 -8.97 0.40 -13.71
CA ARG A 98 -8.94 0.99 -12.38
C ARG A 98 -9.55 2.39 -12.42
N ASN A 99 -10.10 2.83 -11.30
CA ASN A 99 -10.71 4.17 -11.24
C ASN A 99 -11.01 4.57 -9.80
N ASP A 100 -11.45 3.62 -8.99
CA ASP A 100 -11.78 3.91 -7.59
C ASP A 100 -10.53 4.00 -6.74
N PHE A 101 -10.28 5.18 -6.21
CA PHE A 101 -9.12 5.43 -5.37
C PHE A 101 -9.50 5.29 -3.90
N MET A 102 -8.92 4.30 -3.24
CA MET A 102 -9.20 4.06 -1.83
C MET A 102 -8.35 4.98 -0.96
N GLY A 103 -7.03 4.85 -1.09
CA GLY A 103 -6.13 5.68 -0.30
C GLY A 103 -4.68 5.37 -0.62
N SER A 104 -3.77 6.16 -0.07
CA SER A 104 -2.35 5.97 -0.29
C SER A 104 -1.55 6.47 0.90
N LEU A 105 -0.44 5.79 1.20
CA LEU A 105 0.41 6.16 2.32
C LEU A 105 1.87 5.98 1.94
N SER A 106 2.78 6.36 2.83
CA SER A 106 4.19 6.22 2.58
C SER A 106 4.96 5.93 3.86
N PHE A 107 6.16 5.40 3.71
CA PHE A 107 7.01 5.09 4.85
C PHE A 107 8.37 5.77 4.69
N GLY A 108 8.79 6.50 5.71
CA GLY A 108 10.06 7.17 5.66
C GLY A 108 11.21 6.21 5.91
N VAL A 109 12.09 6.07 4.93
CA VAL A 109 13.23 5.17 5.05
C VAL A 109 14.11 5.57 6.24
N SER A 110 14.34 6.86 6.39
CA SER A 110 15.17 7.37 7.48
C SER A 110 14.46 7.12 8.82
N GLU A 111 13.14 7.13 8.81
CA GLU A 111 12.37 6.89 10.02
C GLU A 111 12.47 5.42 10.42
N LEU A 112 12.26 4.55 9.45
CA LEU A 112 12.31 3.10 9.67
C LEU A 112 13.70 2.65 10.10
N MET A 113 14.70 3.44 9.73
CA MET A 113 16.10 3.13 10.07
C MET A 113 16.32 3.22 11.58
N LYS A 114 15.47 3.96 12.26
CA LYS A 114 15.57 4.11 13.70
C LYS A 114 14.34 3.58 14.42
N MET A 115 13.31 3.22 13.66
CA MET A 115 12.09 2.67 14.24
C MET A 115 11.23 1.98 13.18
N PRO A 116 11.13 0.64 13.24
CA PRO A 116 10.32 -0.13 12.30
C PRO A 116 8.83 0.15 12.48
N ALA A 117 8.22 0.79 11.51
CA ALA A 117 6.81 1.13 11.57
C ALA A 117 5.94 -0.11 11.44
N SER A 118 4.99 -0.26 12.36
CA SER A 118 4.09 -1.40 12.37
C SER A 118 2.80 -1.04 13.09
N GLY A 119 1.83 -0.53 12.33
CA GLY A 119 0.57 -0.17 12.91
C GLY A 119 -0.53 -0.07 11.87
N TRP A 120 -1.72 0.31 12.29
CA TRP A 120 -2.83 0.44 11.38
C TRP A 120 -2.87 1.84 10.79
N TYR A 121 -2.95 1.93 9.48
CA TYR A 121 -2.98 3.20 8.80
C TYR A 121 -4.41 3.55 8.41
N LYS A 122 -4.64 4.82 8.13
CA LYS A 122 -5.94 5.28 7.72
C LYS A 122 -5.91 5.65 6.24
N LEU A 123 -7.08 5.83 5.65
CA LEU A 123 -7.16 6.17 4.23
C LEU A 123 -6.72 7.61 3.99
N LEU A 124 -5.42 7.79 3.87
CA LEU A 124 -4.84 9.09 3.62
C LEU A 124 -4.96 9.46 2.16
N ASN A 125 -4.96 10.75 1.88
CA ASN A 125 -5.06 11.23 0.50
C ASN A 125 -3.71 11.12 -0.17
N GLN A 126 -3.64 11.44 -1.45
CA GLN A 126 -2.39 11.37 -2.20
C GLN A 126 -1.33 12.29 -1.60
N GLU A 127 -1.62 13.59 -1.59
CA GLU A 127 -0.70 14.59 -1.05
C GLU A 127 -0.36 14.33 0.42
N GLU A 128 -1.40 14.13 1.22
CA GLU A 128 -1.25 13.91 2.66
C GLU A 128 -0.70 12.52 3.00
N GLY A 129 -0.57 11.67 2.00
CA GLY A 129 -0.08 10.33 2.24
C GLY A 129 1.33 10.10 1.75
N GLU A 130 1.70 10.72 0.64
CA GLU A 130 3.03 10.55 0.08
C GLU A 130 4.04 11.48 0.74
N TYR A 131 3.57 12.40 1.58
CA TYR A 131 4.46 13.34 2.25
C TYR A 131 4.48 13.14 3.76
N TYR A 132 3.56 12.33 4.28
CA TYR A 132 3.49 12.10 5.71
C TYR A 132 3.42 10.61 6.05
N ASN A 133 3.55 10.31 7.33
CA ASN A 133 3.51 8.94 7.80
C ASN A 133 3.05 8.91 9.26
N VAL A 134 1.75 8.66 9.46
CA VAL A 134 1.18 8.61 10.78
C VAL A 134 0.39 7.32 11.00
N PRO A 135 1.01 6.33 11.65
CA PRO A 135 0.39 5.05 11.92
C PRO A 135 -0.36 5.03 13.26
N ILE A 136 -1.49 4.34 13.29
CA ILE A 136 -2.29 4.23 14.49
C ILE A 136 -1.85 3.01 15.29
N PRO A 137 -1.46 3.21 16.57
CA PRO A 137 -1.01 2.12 17.43
C PRO A 137 -2.00 0.96 17.55
N GLU A 138 -3.27 1.29 17.80
CA GLU A 138 -4.33 0.28 17.94
C GLU A 138 -4.03 -0.67 19.10
N GLY A 139 -3.39 -0.15 20.13
CA GLY A 139 -3.05 -0.96 21.27
C GLY A 139 -1.61 -0.75 21.70
C ACE B 1 9.54 1.92 -18.61
O ACE B 1 9.26 0.75 -18.33
CH3 ACE B 1 10.67 2.25 -19.53
H1 ACE B 1 10.33 2.98 -20.26
H2 ACE B 1 10.98 1.36 -20.06
H3 ACE B 1 11.49 2.63 -18.95
N ASP B 2 8.85 2.95 -18.14
CA ASP B 2 7.73 2.77 -17.22
C ASP B 2 6.53 2.21 -17.99
N GLN B 3 6.12 1.00 -17.64
CA GLN B 3 5.01 0.34 -18.30
C GLN B 3 3.72 0.48 -17.49
N SER B 4 2.63 -0.02 -18.04
CA SER B 4 1.34 0.03 -17.39
C SER B 4 1.29 -0.94 -16.21
N ASP B 5 1.42 -0.39 -15.00
CA ASP B 5 1.39 -1.20 -13.80
C ASP B 5 0.10 -1.02 -13.02
N PHE B 6 -0.64 0.02 -13.35
CA PHE B 6 -1.91 0.31 -12.69
C PHE B 6 -3.01 -0.57 -13.26
N GLU B 7 -2.84 -0.97 -14.52
CA GLU B 7 -3.81 -1.82 -15.20
C GLU B 7 -3.13 -3.04 -15.79
N GLY B 8 -3.92 -4.04 -16.14
CA GLY B 8 -3.38 -5.25 -16.73
C GLY B 8 -3.43 -6.45 -15.82
N PHE B 9 -4.07 -6.30 -14.66
CA PHE B 9 -4.20 -7.41 -13.73
C PHE B 9 -5.02 -8.53 -14.35
N SEP B 10 -6.24 -8.19 -14.73
CA SEP B 10 -7.14 -9.15 -15.35
CB SEP B 10 -8.41 -9.27 -14.50
OG SEP B 10 -8.11 -9.09 -13.12
C SEP B 10 -7.48 -8.69 -16.76
O SEP B 10 -7.38 -7.51 -17.09
P SEP B 10 -8.94 -9.88 -11.99
O1P SEP B 10 -8.43 -11.39 -12.09
O2P SEP B 10 -8.59 -9.48 -10.61
O3P SEP B 10 -10.40 -9.97 -12.24
H SEP B 10 -6.54 -7.27 -14.60
HA SEP B 10 -6.65 -10.11 -15.40
HB2 SEP B 10 -8.84 -10.25 -14.64
HB3 SEP B 10 -9.12 -8.52 -14.80
N TYR B 11 -7.87 -9.64 -17.61
CA TYR B 11 -8.20 -9.34 -19.00
C TYR B 11 -9.72 -9.23 -19.18
N NH2 B 12 -10.44 -9.00 -18.09
HN1 NH2 B 12 -9.96 -8.90 -17.24
HN2 NH2 B 12 -11.41 -8.93 -18.18
CA CA C . -13.88 -3.53 -7.76
CA CA D . -14.99 -0.07 -8.46
N HIS A 1 -22.76 12.48 0.15
CA HIS A 1 -22.30 11.09 0.38
C HIS A 1 -20.78 11.02 0.25
N THR A 2 -20.12 10.81 1.37
CA THR A 2 -18.67 10.71 1.40
C THR A 2 -18.24 9.87 2.60
N GLU A 3 -17.91 8.62 2.36
CA GLU A 3 -17.49 7.72 3.41
C GLU A 3 -16.19 7.02 3.04
N LYS A 4 -15.23 7.05 3.96
CA LYS A 4 -13.93 6.42 3.76
C LYS A 4 -13.22 6.21 5.09
N ARG A 5 -13.86 5.46 5.97
CA ARG A 5 -13.31 5.17 7.30
C ARG A 5 -12.48 3.88 7.26
N GLY A 6 -12.10 3.47 6.06
CA GLY A 6 -11.32 2.26 5.90
C GLY A 6 -9.92 2.36 6.49
N ARG A 7 -9.45 1.25 7.01
CA ARG A 7 -8.12 1.18 7.60
C ARG A 7 -7.36 -0.03 7.06
N ILE A 8 -6.06 0.13 6.89
CA ILE A 8 -5.22 -0.95 6.39
C ILE A 8 -4.09 -1.24 7.38
N TYR A 9 -3.76 -2.50 7.55
CA TYR A 9 -2.68 -2.88 8.46
C TYR A 9 -1.41 -3.12 7.67
N LEU A 10 -0.49 -2.18 7.78
CA LEU A 10 0.77 -2.27 7.06
C LEU A 10 1.94 -2.38 8.04
N LYS A 11 2.81 -3.35 7.78
CA LYS A 11 3.97 -3.57 8.63
C LYS A 11 5.23 -3.42 7.79
N ALA A 12 6.05 -2.43 8.12
CA ALA A 12 7.28 -2.19 7.39
C ALA A 12 8.47 -2.22 8.34
N GLU A 13 9.32 -3.22 8.16
CA GLU A 13 10.49 -3.39 9.00
C GLU A 13 11.73 -3.52 8.13
N VAL A 14 12.90 -3.32 8.72
CA VAL A 14 14.15 -3.44 7.99
C VAL A 14 15.06 -4.46 8.67
N THR A 15 15.30 -5.57 7.99
CA THR A 15 16.13 -6.63 8.54
C THR A 15 17.23 -7.02 7.56
N ASP A 16 18.46 -7.10 8.07
CA ASP A 16 19.62 -7.48 7.27
C ASP A 16 19.83 -6.54 6.09
N GLU A 17 19.53 -5.26 6.32
CA GLU A 17 19.67 -4.21 5.31
C GLU A 17 18.70 -4.44 4.16
N LYS A 18 17.56 -5.04 4.46
CA LYS A 18 16.53 -5.31 3.47
C LYS A 18 15.17 -4.94 4.05
N LEU A 19 14.45 -4.07 3.35
CA LEU A 19 13.14 -3.64 3.81
C LEU A 19 12.12 -4.75 3.59
N HIS A 20 11.57 -5.24 4.69
CA HIS A 20 10.60 -6.31 4.65
C HIS A 20 9.20 -5.75 4.85
N VAL A 21 8.51 -5.52 3.75
CA VAL A 21 7.16 -4.98 3.78
C VAL A 21 6.15 -6.12 3.88
N THR A 22 5.28 -6.05 4.88
CA THR A 22 4.28 -7.09 5.09
C THR A 22 2.89 -6.48 5.28
N VAL A 23 2.00 -6.75 4.33
CA VAL A 23 0.63 -6.25 4.40
C VAL A 23 -0.27 -7.35 4.96
N ARG A 24 -1.07 -7.03 5.97
CA ARG A 24 -1.96 -8.02 6.57
C ARG A 24 -3.33 -7.97 5.92
N ASP A 25 -4.23 -7.14 6.43
CA ASP A 25 -5.58 -7.03 5.90
C ASP A 25 -6.12 -5.63 6.07
N ALA A 26 -7.34 -5.43 5.61
CA ALA A 26 -7.99 -4.13 5.70
C ALA A 26 -9.41 -4.30 6.24
N LYS A 27 -9.89 -3.31 6.96
CA LYS A 27 -11.22 -3.36 7.53
C LYS A 27 -11.88 -1.98 7.48
N ASN A 28 -13.19 -1.95 7.77
CA ASN A 28 -13.97 -0.70 7.78
C ASN A 28 -14.11 -0.16 6.37
N LEU A 29 -14.01 -1.06 5.39
CA LEU A 29 -14.12 -0.71 3.99
C LEU A 29 -15.57 -0.45 3.59
N ILE A 30 -15.77 0.54 2.75
CA ILE A 30 -17.10 0.88 2.28
C ILE A 30 -17.24 0.42 0.83
N PRO A 31 -18.45 -0.04 0.43
CA PRO A 31 -18.71 -0.52 -0.94
C PRO A 31 -18.31 0.50 -2.01
N MET A 32 -17.39 0.10 -2.88
CA MET A 32 -16.93 0.95 -3.96
C MET A 32 -17.17 0.28 -5.31
N ASP A 33 -18.16 -0.60 -5.34
CA ASP A 33 -18.50 -1.34 -6.57
C ASP A 33 -20.01 -1.40 -6.74
N PRO A 34 -20.49 -1.55 -7.98
CA PRO A 34 -21.94 -1.63 -8.28
C PRO A 34 -22.60 -2.83 -7.61
N ASN A 35 -21.79 -3.81 -7.23
CA ASN A 35 -22.30 -5.02 -6.57
C ASN A 35 -22.10 -4.95 -5.06
N GLY A 36 -21.82 -3.75 -4.56
CA GLY A 36 -21.61 -3.57 -3.14
C GLY A 36 -20.39 -4.30 -2.64
N LEU A 37 -19.28 -4.12 -3.33
CA LEU A 37 -18.03 -4.76 -2.95
C LEU A 37 -16.87 -3.78 -3.01
N SER A 38 -15.72 -4.18 -2.47
CA SER A 38 -14.53 -3.35 -2.47
C SER A 38 -13.29 -4.24 -2.50
N ASP A 39 -12.86 -4.61 -3.69
CA ASP A 39 -11.68 -5.46 -3.87
C ASP A 39 -10.48 -4.65 -4.36
N PRO A 40 -9.62 -4.22 -3.43
CA PRO A 40 -8.44 -3.44 -3.73
C PRO A 40 -7.15 -4.27 -3.83
N TYR A 41 -6.12 -3.65 -4.36
CA TYR A 41 -4.82 -4.30 -4.49
C TYR A 41 -3.75 -3.37 -3.97
N VAL A 42 -2.76 -3.94 -3.29
CA VAL A 42 -1.67 -3.15 -2.72
C VAL A 42 -0.44 -3.19 -3.62
N LYS A 43 -0.02 -2.02 -4.06
CA LYS A 43 1.16 -1.89 -4.90
C LYS A 43 2.23 -1.08 -4.18
N LEU A 44 3.35 -1.72 -3.91
CA LEU A 44 4.44 -1.08 -3.20
C LEU A 44 5.55 -0.67 -4.16
N LYS A 45 6.07 0.54 -3.98
CA LYS A 45 7.13 1.05 -4.84
C LYS A 45 8.09 1.92 -4.04
N LEU A 46 9.38 1.70 -4.25
CA LEU A 46 10.41 2.47 -3.57
C LEU A 46 11.13 3.33 -4.60
N ILE A 47 10.65 4.55 -4.75
CA ILE A 47 11.24 5.49 -5.69
C ILE A 47 12.58 6.01 -5.18
N PRO A 48 13.50 6.37 -6.08
CA PRO A 48 13.28 6.31 -7.52
C PRO A 48 13.44 4.89 -8.08
N ASP A 49 12.44 4.44 -8.80
CA ASP A 49 12.45 3.12 -9.40
C ASP A 49 12.12 3.21 -10.90
N PRO A 50 13.00 3.84 -11.70
CA PRO A 50 12.78 4.00 -13.14
C PRO A 50 13.01 2.70 -13.90
N LYS A 51 13.72 1.78 -13.26
CA LYS A 51 14.02 0.49 -13.87
C LYS A 51 12.82 -0.45 -13.72
N ASN A 52 11.87 -0.04 -12.87
CA ASN A 52 10.64 -0.79 -12.61
C ASN A 52 10.90 -2.19 -12.08
N GLU A 53 11.61 -2.30 -10.96
CA GLU A 53 11.87 -3.60 -10.36
C GLU A 53 11.49 -3.61 -8.89
N SER A 54 11.52 -2.44 -8.27
CA SER A 54 11.17 -2.31 -6.88
C SER A 54 9.66 -2.21 -6.71
N LYS A 55 9.00 -1.68 -7.74
CA LYS A 55 7.56 -1.53 -7.73
C LYS A 55 6.90 -2.87 -8.06
N GLN A 56 6.11 -3.38 -7.14
CA GLN A 56 5.41 -4.64 -7.32
C GLN A 56 4.06 -4.60 -6.65
N LYS A 57 3.18 -5.52 -7.04
CA LYS A 57 1.83 -5.58 -6.50
C LYS A 57 1.36 -7.01 -6.35
N THR A 58 0.30 -7.20 -5.57
CA THR A 58 -0.27 -8.51 -5.35
C THR A 58 -1.69 -8.55 -5.91
N LYS A 59 -2.17 -9.75 -6.23
CA LYS A 59 -3.51 -9.94 -6.77
C LYS A 59 -4.55 -9.54 -5.74
N THR A 60 -5.66 -8.96 -6.22
CA THR A 60 -6.73 -8.53 -5.33
C THR A 60 -7.39 -9.75 -4.67
N ILE A 61 -8.20 -9.48 -3.66
CA ILE A 61 -8.87 -10.54 -2.92
C ILE A 61 -10.28 -10.76 -3.48
N ARG A 62 -10.85 -11.92 -3.16
CA ARG A 62 -12.19 -12.28 -3.61
C ARG A 62 -13.26 -11.39 -2.97
N SER A 63 -14.51 -11.73 -3.21
CA SER A 63 -15.64 -10.98 -2.67
C SER A 63 -15.63 -10.97 -1.15
N THR A 64 -15.19 -9.85 -0.58
CA THR A 64 -15.14 -9.67 0.85
C THR A 64 -14.96 -8.19 1.18
N LEU A 65 -15.41 -7.79 2.36
CA LEU A 65 -15.27 -6.40 2.79
C LEU A 65 -14.05 -6.27 3.69
N ASN A 66 -13.38 -7.41 3.91
CA ASN A 66 -12.19 -7.45 4.75
C ASN A 66 -11.10 -8.21 3.99
N PRO A 67 -10.48 -7.56 2.98
CA PRO A 67 -9.43 -8.19 2.17
C PRO A 67 -8.15 -8.46 2.95
N GLN A 68 -7.77 -9.72 3.02
CA GLN A 68 -6.57 -10.13 3.71
C GLN A 68 -5.54 -10.66 2.72
N TRP A 69 -4.38 -10.03 2.68
CA TRP A 69 -3.33 -10.41 1.74
C TRP A 69 -2.28 -11.31 2.41
N ASN A 70 -1.65 -10.80 3.46
CA ASN A 70 -0.61 -11.52 4.20
C ASN A 70 0.63 -11.73 3.32
N GLU A 71 0.87 -10.76 2.44
CA GLU A 71 2.01 -10.83 1.53
C GLU A 71 3.22 -10.17 2.16
N SER A 72 4.41 -10.68 1.85
CA SER A 72 5.65 -10.14 2.39
C SER A 72 6.72 -10.04 1.32
N PHE A 73 7.42 -8.91 1.29
CA PHE A 73 8.48 -8.69 0.31
C PHE A 73 9.73 -8.17 1.01
N THR A 74 10.89 -8.36 0.40
CA THR A 74 12.14 -7.90 0.99
C THR A 74 13.06 -7.28 -0.07
N PHE A 75 13.17 -5.97 -0.07
CA PHE A 75 14.01 -5.26 -1.04
C PHE A 75 14.41 -3.90 -0.51
N LYS A 76 15.43 -3.30 -1.12
CA LYS A 76 15.92 -1.99 -0.70
C LYS A 76 16.62 -1.30 -1.87
N LEU A 77 16.61 0.02 -1.85
CA LEU A 77 17.26 0.80 -2.90
C LEU A 77 18.72 1.06 -2.53
N LYS A 78 19.39 1.93 -3.28
CA LYS A 78 20.79 2.26 -3.00
C LYS A 78 20.88 3.07 -1.71
N PRO A 79 22.06 3.09 -1.05
CA PRO A 79 22.29 3.82 0.22
C PRO A 79 21.70 5.23 0.25
N SER A 80 21.56 5.86 -0.91
CA SER A 80 21.01 7.20 -0.99
C SER A 80 19.47 7.15 -1.02
N ASP A 81 18.91 6.26 -0.22
CA ASP A 81 17.45 6.11 -0.15
C ASP A 81 16.93 6.53 1.22
N LYS A 82 17.77 7.20 1.99
CA LYS A 82 17.40 7.65 3.32
C LYS A 82 16.23 8.63 3.28
N ASP A 83 16.30 9.58 2.34
CA ASP A 83 15.26 10.59 2.20
C ASP A 83 14.07 10.06 1.42
N ARG A 84 14.19 8.84 0.92
CA ARG A 84 13.12 8.23 0.14
C ARG A 84 12.09 7.60 1.07
N ARG A 85 10.90 7.38 0.55
CA ARG A 85 9.83 6.78 1.33
C ARG A 85 9.17 5.63 0.57
N LEU A 86 9.01 4.50 1.23
CA LEU A 86 8.36 3.35 0.62
C LEU A 86 6.89 3.70 0.42
N SER A 87 6.51 3.91 -0.83
CA SER A 87 5.14 4.30 -1.14
C SER A 87 4.27 3.10 -1.51
N VAL A 88 3.11 3.01 -0.88
CA VAL A 88 2.16 1.94 -1.16
C VAL A 88 0.86 2.54 -1.68
N GLU A 89 0.44 2.07 -2.84
CA GLU A 89 -0.79 2.54 -3.46
C GLU A 89 -1.86 1.46 -3.38
N ILE A 90 -3.01 1.82 -2.81
CA ILE A 90 -4.11 0.90 -2.67
C ILE A 90 -5.29 1.37 -3.52
N TRP A 91 -5.54 0.67 -4.61
CA TRP A 91 -6.63 1.01 -5.53
C TRP A 91 -7.62 -0.13 -5.63
N ASP A 92 -8.85 0.19 -5.98
CA ASP A 92 -9.89 -0.81 -6.16
C ASP A 92 -9.96 -1.24 -7.62
N TRP A 93 -9.78 -2.53 -7.86
CA TRP A 93 -9.82 -3.07 -9.21
C TRP A 93 -11.25 -3.36 -9.60
N ASP A 94 -11.61 -3.07 -10.84
CA ASP A 94 -12.98 -3.31 -11.30
C ASP A 94 -12.99 -4.21 -12.53
N ARG A 95 -12.35 -5.36 -12.39
CA ARG A 95 -12.26 -6.38 -13.46
C ARG A 95 -11.46 -5.89 -14.66
N THR A 96 -12.04 -4.98 -15.42
CA THR A 96 -11.40 -4.45 -16.61
C THR A 96 -10.19 -3.57 -16.26
N THR A 97 -10.40 -2.57 -15.42
CA THR A 97 -9.33 -1.66 -15.05
C THR A 97 -9.54 -1.09 -13.65
N ARG A 98 -8.61 -0.25 -13.22
CA ARG A 98 -8.71 0.40 -11.91
C ARG A 98 -9.30 1.78 -12.09
N ASN A 99 -10.01 2.27 -11.09
CA ASN A 99 -10.63 3.60 -11.19
C ASN A 99 -11.03 4.14 -9.82
N ASP A 100 -11.04 3.30 -8.81
CA ASP A 100 -11.42 3.73 -7.47
C ASP A 100 -10.19 3.85 -6.57
N PHE A 101 -9.87 5.08 -6.18
CA PHE A 101 -8.73 5.35 -5.32
C PHE A 101 -9.12 5.19 -3.86
N MET A 102 -8.48 4.26 -3.18
CA MET A 102 -8.76 4.02 -1.77
C MET A 102 -7.88 4.89 -0.89
N GLY A 103 -6.57 4.68 -0.98
CA GLY A 103 -5.63 5.45 -0.18
C GLY A 103 -4.20 5.18 -0.58
N SER A 104 -3.29 5.95 -0.02
CA SER A 104 -1.87 5.80 -0.32
C SER A 104 -1.04 6.45 0.80
N LEU A 105 0.00 5.75 1.22
CA LEU A 105 0.88 6.25 2.28
C LEU A 105 2.33 5.92 1.96
N SER A 106 3.25 6.43 2.77
CA SER A 106 4.66 6.19 2.55
C SER A 106 5.42 6.07 3.88
N PHE A 107 6.41 5.18 3.89
CA PHE A 107 7.23 4.96 5.08
C PHE A 107 8.61 5.59 4.88
N GLY A 108 8.97 6.52 5.75
CA GLY A 108 10.27 7.17 5.64
C GLY A 108 11.41 6.26 6.06
N VAL A 109 12.40 6.12 5.19
CA VAL A 109 13.54 5.25 5.47
C VAL A 109 14.34 5.73 6.69
N SER A 110 14.61 7.03 6.75
CA SER A 110 15.35 7.60 7.88
C SER A 110 14.59 7.40 9.19
N GLU A 111 13.29 7.17 9.08
CA GLU A 111 12.44 6.95 10.24
C GLU A 111 12.46 5.48 10.63
N LEU A 112 12.23 4.62 9.65
CA LEU A 112 12.20 3.16 9.86
C LEU A 112 13.56 2.62 10.28
N MET A 113 14.64 3.29 9.86
CA MET A 113 15.99 2.86 10.19
C MET A 113 16.22 2.88 11.70
N LYS A 114 15.66 3.87 12.39
CA LYS A 114 15.83 3.96 13.83
C LYS A 114 14.65 3.32 14.57
N MET A 115 13.53 3.16 13.88
CA MET A 115 12.37 2.55 14.49
C MET A 115 11.44 1.95 13.43
N PRO A 116 11.26 0.62 13.46
CA PRO A 116 10.39 -0.07 12.51
C PRO A 116 8.92 0.17 12.85
N ALA A 117 8.42 1.33 12.43
CA ALA A 117 7.04 1.72 12.69
C ALA A 117 6.07 0.74 12.03
N SER A 118 5.18 0.17 12.83
CA SER A 118 4.21 -0.77 12.33
C SER A 118 2.88 -0.60 13.06
N GLY A 119 1.78 -0.81 12.35
CA GLY A 119 0.47 -0.67 12.94
C GLY A 119 -0.59 -0.46 11.89
N TRP A 120 -1.68 0.19 12.27
CA TRP A 120 -2.77 0.45 11.35
C TRP A 120 -2.53 1.75 10.61
N TYR A 121 -3.29 1.98 9.56
CA TYR A 121 -3.17 3.19 8.77
C TYR A 121 -4.53 3.58 8.21
N LYS A 122 -4.90 4.85 8.38
CA LYS A 122 -6.17 5.33 7.87
C LYS A 122 -6.04 5.74 6.41
N LEU A 123 -7.17 5.92 5.75
CA LEU A 123 -7.17 6.32 4.34
C LEU A 123 -6.67 7.75 4.19
N LEU A 124 -5.50 7.89 3.57
CA LEU A 124 -4.91 9.20 3.36
C LEU A 124 -4.98 9.56 1.88
N ASN A 125 -4.93 10.85 1.60
CA ASN A 125 -4.97 11.33 0.22
C ASN A 125 -3.63 11.10 -0.45
N GLN A 126 -3.59 11.26 -1.77
CA GLN A 126 -2.36 11.06 -2.54
C GLN A 126 -1.21 11.92 -2.00
N GLU A 127 -1.39 13.24 -2.09
CA GLU A 127 -0.38 14.19 -1.65
C GLU A 127 -0.13 14.12 -0.15
N GLU A 128 -1.12 13.65 0.60
CA GLU A 128 -0.99 13.55 2.05
C GLU A 128 -0.14 12.35 2.44
N GLY A 129 -0.47 11.18 1.89
CA GLY A 129 0.25 9.97 2.24
C GLY A 129 1.65 9.89 1.65
N GLU A 130 1.89 10.55 0.53
CA GLU A 130 3.20 10.49 -0.11
C GLU A 130 4.22 11.41 0.58
N TYR A 131 3.76 12.27 1.48
CA TYR A 131 4.67 13.19 2.17
C TYR A 131 4.53 13.09 3.69
N TYR A 132 3.43 12.53 4.17
CA TYR A 132 3.21 12.40 5.60
C TYR A 132 3.06 10.94 5.99
N ASN A 133 3.36 10.63 7.24
CA ASN A 133 3.25 9.28 7.76
C ASN A 133 2.76 9.30 9.20
N VAL A 134 1.59 8.73 9.43
CA VAL A 134 1.00 8.69 10.76
C VAL A 134 0.30 7.34 10.99
N PRO A 135 1.03 6.37 11.56
CA PRO A 135 0.48 5.05 11.84
C PRO A 135 -0.46 5.06 13.04
N ILE A 136 -1.59 4.41 12.90
CA ILE A 136 -2.58 4.34 13.97
C ILE A 136 -2.16 3.26 14.96
N PRO A 137 -1.98 3.63 16.24
CA PRO A 137 -1.55 2.69 17.29
C PRO A 137 -2.47 1.47 17.42
N GLU A 138 -3.66 1.68 18.00
CA GLU A 138 -4.63 0.58 18.21
C GLU A 138 -4.00 -0.50 19.09
N GLY A 139 -3.03 -0.11 19.90
CA GLY A 139 -2.36 -1.03 20.78
C GLY A 139 -1.87 -0.33 22.03
C ACE B 1 8.99 1.92 -17.61
O ACE B 1 8.78 0.72 -17.50
CH3 ACE B 1 10.22 2.44 -18.32
H1 ACE B 1 9.91 3.07 -19.13
H2 ACE B 1 10.77 1.60 -18.69
H3 ACE B 1 10.83 2.98 -17.59
N ASP B 2 8.15 2.84 -17.14
CA ASP B 2 6.93 2.46 -16.45
C ASP B 2 5.81 2.25 -17.45
N GLN B 3 5.52 0.99 -17.75
CA GLN B 3 4.47 0.63 -18.69
C GLN B 3 3.11 0.62 -18.01
N SER B 4 2.12 0.02 -18.66
CA SER B 4 0.77 -0.06 -18.12
C SER B 4 0.68 -1.10 -17.00
N ASP B 5 1.35 -0.84 -15.90
CA ASP B 5 1.34 -1.75 -14.76
C ASP B 5 0.15 -1.45 -13.86
N PHE B 6 -0.22 -0.17 -13.78
CA PHE B 6 -1.36 0.25 -12.97
C PHE B 6 -2.61 -0.50 -13.38
N GLU B 7 -2.74 -0.73 -14.68
CA GLU B 7 -3.88 -1.45 -15.22
C GLU B 7 -3.42 -2.77 -15.84
N GLY B 8 -3.34 -3.82 -15.02
CA GLY B 8 -2.92 -5.10 -15.53
C GLY B 8 -3.17 -6.25 -14.57
N PHE B 9 -4.33 -6.87 -14.71
CA PHE B 9 -4.71 -8.01 -13.88
C PHE B 9 -5.63 -8.93 -14.68
N SEP B 10 -6.91 -8.61 -14.65
CA SEP B 10 -7.91 -9.37 -15.35
CB SEP B 10 -9.22 -9.31 -14.59
OG SEP B 10 -8.99 -9.44 -13.19
C SEP B 10 -8.09 -8.81 -16.76
O SEP B 10 -8.24 -7.61 -16.94
P SEP B 10 -9.54 -10.71 -12.40
O1P SEP B 10 -8.53 -11.89 -12.77
O2P SEP B 10 -9.43 -10.59 -10.94
O3P SEP B 10 -10.85 -11.19 -12.87
H SEP B 10 -7.19 -7.85 -14.12
HA SEP B 10 -7.58 -10.40 -15.42
HB2 SEP B 10 -9.87 -10.11 -14.91
HB3 SEP B 10 -9.71 -8.36 -14.78
N TYR B 11 -8.04 -9.69 -17.75
CA TYR B 11 -8.21 -9.26 -19.14
C TYR B 11 -9.68 -9.35 -19.55
N NH2 B 12 -10.52 -8.62 -18.82
HN1 NH2 B 12 -10.16 -8.09 -18.09
HN2 NH2 B 12 -11.47 -8.66 -19.05
CA CA C . -13.88 -3.40 -7.46
CA CA D . -15.12 0.11 -8.16
N HIS A 1 -22.08 11.97 0.30
CA HIS A 1 -21.92 10.51 0.50
C HIS A 1 -20.50 10.09 0.14
N THR A 2 -19.56 10.44 0.99
CA THR A 2 -18.16 10.10 0.76
C THR A 2 -17.53 9.52 2.03
N GLU A 3 -17.93 8.31 2.35
CA GLU A 3 -17.43 7.62 3.53
C GLU A 3 -16.02 7.07 3.30
N LYS A 4 -15.09 7.44 4.18
CA LYS A 4 -13.71 7.01 4.08
C LYS A 4 -13.13 6.76 5.46
N ARG A 5 -13.46 5.61 6.04
CA ARG A 5 -12.99 5.26 7.37
C ARG A 5 -12.25 3.93 7.34
N GLY A 6 -11.84 3.52 6.15
CA GLY A 6 -11.12 2.27 5.98
C GLY A 6 -9.73 2.31 6.57
N ARG A 7 -9.31 1.19 7.13
CA ARG A 7 -7.99 1.07 7.73
C ARG A 7 -7.23 -0.09 7.15
N ILE A 8 -5.95 0.10 6.90
CA ILE A 8 -5.11 -0.95 6.35
C ILE A 8 -3.93 -1.20 7.29
N TYR A 9 -3.58 -2.46 7.49
CA TYR A 9 -2.45 -2.80 8.34
C TYR A 9 -1.20 -2.99 7.50
N LEU A 10 -0.31 -2.03 7.56
CA LEU A 10 0.93 -2.09 6.81
C LEU A 10 2.12 -2.16 7.76
N LYS A 11 2.97 -3.14 7.54
CA LYS A 11 4.14 -3.31 8.38
C LYS A 11 5.41 -3.07 7.56
N ALA A 12 6.17 -2.07 7.97
CA ALA A 12 7.41 -1.74 7.29
C ALA A 12 8.58 -1.84 8.26
N GLU A 13 9.22 -2.99 8.27
CA GLU A 13 10.34 -3.23 9.16
C GLU A 13 11.65 -3.34 8.39
N VAL A 14 12.72 -2.85 8.98
CA VAL A 14 14.03 -2.93 8.35
C VAL A 14 14.85 -4.02 9.04
N THR A 15 15.27 -5.01 8.26
CA THR A 15 16.04 -6.13 8.79
C THR A 15 16.93 -6.71 7.71
N ASP A 16 18.15 -7.07 8.08
CA ASP A 16 19.14 -7.64 7.15
C ASP A 16 19.48 -6.64 6.06
N GLU A 17 19.46 -5.36 6.44
CA GLU A 17 19.75 -4.25 5.54
C GLU A 17 18.74 -4.18 4.40
N LYS A 18 17.60 -4.85 4.57
CA LYS A 18 16.55 -4.87 3.58
C LYS A 18 15.23 -4.40 4.20
N LEU A 19 14.30 -3.99 3.36
CA LEU A 19 13.01 -3.53 3.84
C LEU A 19 11.98 -4.66 3.78
N HIS A 20 11.45 -5.01 4.93
CA HIS A 20 10.46 -6.07 5.04
C HIS A 20 9.05 -5.48 5.01
N VAL A 21 8.52 -5.34 3.81
CA VAL A 21 7.18 -4.82 3.62
C VAL A 21 6.16 -5.94 3.79
N THR A 22 5.28 -5.78 4.77
CA THR A 22 4.28 -6.80 5.03
C THR A 22 2.87 -6.21 5.09
N VAL A 23 1.98 -6.74 4.28
CA VAL A 23 0.60 -6.28 4.26
C VAL A 23 -0.30 -7.37 4.87
N ARG A 24 -0.87 -7.06 6.02
CA ARG A 24 -1.73 -8.02 6.71
C ARG A 24 -3.14 -8.01 6.15
N ASP A 25 -3.98 -7.11 6.65
CA ASP A 25 -5.37 -7.04 6.21
C ASP A 25 -5.90 -5.61 6.25
N ALA A 26 -7.15 -5.46 5.85
CA ALA A 26 -7.81 -4.17 5.83
C ALA A 26 -9.22 -4.29 6.38
N LYS A 27 -9.70 -3.24 7.03
CA LYS A 27 -11.04 -3.24 7.62
C LYS A 27 -11.80 -1.98 7.28
N ASN A 28 -13.11 -2.01 7.50
CA ASN A 28 -13.99 -0.87 7.27
C ASN A 28 -14.05 -0.47 5.80
N LEU A 29 -14.12 -1.46 4.92
CA LEU A 29 -14.20 -1.20 3.49
C LEU A 29 -15.62 -0.90 3.08
N ILE A 30 -15.80 0.17 2.33
CA ILE A 30 -17.12 0.57 1.87
C ILE A 30 -17.36 0.04 0.45
N PRO A 31 -18.61 -0.23 0.08
CA PRO A 31 -18.94 -0.75 -1.26
C PRO A 31 -18.58 0.25 -2.36
N MET A 32 -17.50 -0.04 -3.08
CA MET A 32 -17.04 0.84 -4.16
C MET A 32 -17.35 0.23 -5.53
N ASP A 33 -18.07 -0.88 -5.53
CA ASP A 33 -18.40 -1.55 -6.78
C ASP A 33 -19.91 -1.75 -6.91
N PRO A 34 -20.41 -1.94 -8.14
CA PRO A 34 -21.83 -2.15 -8.41
C PRO A 34 -22.38 -3.39 -7.70
N ASN A 35 -21.50 -4.32 -7.39
CA ASN A 35 -21.87 -5.55 -6.71
C ASN A 35 -21.85 -5.37 -5.19
N GLY A 36 -21.69 -4.13 -4.75
CA GLY A 36 -21.65 -3.84 -3.33
C GLY A 36 -20.43 -4.46 -2.68
N LEU A 37 -19.32 -4.41 -3.38
CA LEU A 37 -18.07 -5.00 -2.90
C LEU A 37 -16.90 -4.10 -3.27
N SER A 38 -15.72 -4.43 -2.77
CA SER A 38 -14.51 -3.67 -3.06
C SER A 38 -13.31 -4.61 -3.11
N ASP A 39 -12.53 -4.49 -4.17
CA ASP A 39 -11.36 -5.34 -4.36
C ASP A 39 -10.13 -4.48 -4.66
N PRO A 40 -9.45 -4.00 -3.60
CA PRO A 40 -8.27 -3.16 -3.72
C PRO A 40 -6.95 -3.93 -3.74
N TYR A 41 -6.07 -3.53 -4.63
CA TYR A 41 -4.76 -4.15 -4.74
C TYR A 41 -3.72 -3.21 -4.14
N VAL A 42 -2.77 -3.78 -3.42
CA VAL A 42 -1.72 -2.98 -2.78
C VAL A 42 -0.47 -2.95 -3.64
N LYS A 43 -0.16 -1.78 -4.18
CA LYS A 43 1.03 -1.61 -5.00
C LYS A 43 2.09 -0.85 -4.23
N LEU A 44 3.20 -1.52 -3.94
CA LEU A 44 4.29 -0.92 -3.21
C LEU A 44 5.44 -0.62 -4.16
N LYS A 45 6.01 0.57 -4.04
CA LYS A 45 7.11 0.98 -4.90
C LYS A 45 8.12 1.82 -4.14
N LEU A 46 9.39 1.60 -4.43
CA LEU A 46 10.47 2.34 -3.80
C LEU A 46 11.13 3.25 -4.83
N ILE A 47 10.59 4.45 -4.98
CA ILE A 47 11.12 5.40 -5.93
C ILE A 47 12.44 6.00 -5.44
N PRO A 48 13.34 6.36 -6.36
CA PRO A 48 13.12 6.21 -7.79
C PRO A 48 13.63 4.87 -8.32
N ASP A 49 12.73 4.10 -8.94
CA ASP A 49 13.10 2.81 -9.48
C ASP A 49 13.01 2.81 -11.00
N PRO A 50 14.14 3.04 -11.67
CA PRO A 50 14.20 3.04 -13.13
C PRO A 50 14.39 1.62 -13.69
N LYS A 51 14.43 0.66 -12.78
CA LYS A 51 14.59 -0.74 -13.16
C LYS A 51 13.23 -1.37 -13.40
N ASN A 52 12.23 -0.83 -12.71
CA ASN A 52 10.84 -1.31 -12.81
C ASN A 52 10.74 -2.72 -12.24
N GLU A 53 11.37 -2.94 -11.10
CA GLU A 53 11.35 -4.23 -10.45
C GLU A 53 11.00 -4.09 -8.97
N SER A 54 11.18 -2.88 -8.43
CA SER A 54 10.86 -2.63 -7.03
C SER A 54 9.37 -2.30 -6.93
N LYS A 55 8.78 -1.97 -8.07
CA LYS A 55 7.37 -1.64 -8.16
C LYS A 55 6.56 -2.92 -8.34
N GLN A 56 6.05 -3.47 -7.24
CA GLN A 56 5.28 -4.70 -7.29
C GLN A 56 3.94 -4.53 -6.56
N LYS A 57 3.00 -5.42 -6.84
CA LYS A 57 1.70 -5.34 -6.21
C LYS A 57 1.10 -6.73 -6.00
N THR A 58 0.31 -6.87 -4.95
CA THR A 58 -0.33 -8.13 -4.64
C THR A 58 -1.75 -8.12 -5.19
N LYS A 59 -2.18 -9.25 -5.75
CA LYS A 59 -3.52 -9.36 -6.29
C LYS A 59 -4.57 -9.30 -5.19
N THR A 60 -5.61 -8.52 -5.42
CA THR A 60 -6.70 -8.37 -4.45
C THR A 60 -7.33 -9.72 -4.11
N ILE A 61 -7.96 -9.77 -2.95
CA ILE A 61 -8.61 -10.99 -2.48
C ILE A 61 -10.00 -11.10 -3.11
N ARG A 62 -10.67 -12.21 -2.87
CA ARG A 62 -12.01 -12.47 -3.40
C ARG A 62 -13.06 -11.57 -2.74
N SER A 63 -14.32 -11.91 -2.97
CA SER A 63 -15.45 -11.16 -2.44
C SER A 63 -15.47 -11.14 -0.91
N THR A 64 -15.01 -10.03 -0.35
CA THR A 64 -15.00 -9.83 1.09
C THR A 64 -14.73 -8.36 1.41
N LEU A 65 -15.35 -7.86 2.48
CA LEU A 65 -15.16 -6.47 2.88
C LEU A 65 -13.98 -6.37 3.83
N ASN A 66 -13.45 -7.53 4.21
CA ASN A 66 -12.30 -7.63 5.11
C ASN A 66 -11.26 -8.55 4.49
N PRO A 67 -10.46 -8.03 3.54
CA PRO A 67 -9.44 -8.78 2.84
C PRO A 67 -8.12 -8.91 3.60
N GLN A 68 -7.53 -10.08 3.52
CA GLN A 68 -6.25 -10.36 4.16
C GLN A 68 -5.28 -10.91 3.11
N TRP A 69 -4.18 -10.20 2.90
CA TRP A 69 -3.19 -10.60 1.89
C TRP A 69 -2.09 -11.47 2.47
N ASN A 70 -1.47 -11.01 3.56
CA ASN A 70 -0.38 -11.73 4.23
C ASN A 70 0.87 -11.78 3.34
N GLU A 71 0.92 -10.90 2.36
CA GLU A 71 2.04 -10.86 1.44
C GLU A 71 3.22 -10.13 2.07
N SER A 72 4.40 -10.72 1.93
CA SER A 72 5.62 -10.15 2.47
C SER A 72 6.65 -9.94 1.38
N PHE A 73 7.28 -8.78 1.39
CA PHE A 73 8.30 -8.44 0.41
C PHE A 73 9.56 -7.95 1.11
N THR A 74 10.71 -8.38 0.64
CA THR A 74 11.97 -7.97 1.25
C THR A 74 12.95 -7.48 0.20
N PHE A 75 13.05 -6.16 0.07
CA PHE A 75 13.94 -5.54 -0.89
C PHE A 75 14.38 -4.18 -0.38
N LYS A 76 15.39 -3.60 -1.01
CA LYS A 76 15.89 -2.30 -0.61
C LYS A 76 16.63 -1.63 -1.75
N LEU A 77 16.55 -0.30 -1.81
CA LEU A 77 17.23 0.46 -2.85
C LEU A 77 18.63 0.87 -2.38
N LYS A 78 19.29 1.69 -3.17
CA LYS A 78 20.62 2.18 -2.86
C LYS A 78 20.58 3.07 -1.62
N PRO A 79 21.73 3.26 -0.94
CA PRO A 79 21.83 4.10 0.27
C PRO A 79 21.44 5.56 0.07
N SER A 80 21.10 5.93 -1.16
CA SER A 80 20.70 7.30 -1.45
C SER A 80 19.18 7.46 -1.37
N ASP A 81 18.51 6.41 -0.93
CA ASP A 81 17.05 6.41 -0.82
C ASP A 81 16.58 6.82 0.57
N LYS A 82 17.51 7.30 1.39
CA LYS A 82 17.21 7.70 2.76
C LYS A 82 16.10 8.74 2.83
N ASP A 83 16.09 9.67 1.87
CA ASP A 83 15.08 10.72 1.85
C ASP A 83 13.81 10.26 1.13
N ARG A 84 13.90 9.12 0.47
CA ARG A 84 12.78 8.57 -0.26
C ARG A 84 11.84 7.85 0.69
N ARG A 85 10.61 7.63 0.26
CA ARG A 85 9.62 6.97 1.08
C ARG A 85 8.95 5.84 0.31
N LEU A 86 8.62 4.76 0.99
CA LEU A 86 7.95 3.62 0.37
C LEU A 86 6.52 4.01 0.03
N SER A 87 6.26 4.23 -1.25
CA SER A 87 4.94 4.62 -1.70
C SER A 87 4.00 3.42 -1.77
N VAL A 88 2.98 3.43 -0.93
CA VAL A 88 1.99 2.37 -0.88
C VAL A 88 0.68 2.87 -1.50
N GLU A 89 0.44 2.50 -2.74
CA GLU A 89 -0.77 2.92 -3.44
C GLU A 89 -1.81 1.80 -3.45
N ILE A 90 -2.94 2.04 -2.81
CA ILE A 90 -4.02 1.07 -2.74
C ILE A 90 -5.22 1.55 -3.54
N TRP A 91 -5.51 0.87 -4.63
CA TRP A 91 -6.64 1.24 -5.49
C TRP A 91 -7.55 0.04 -5.72
N ASP A 92 -8.84 0.31 -5.92
CA ASP A 92 -9.82 -0.74 -6.16
C ASP A 92 -9.94 -1.02 -7.66
N TRP A 93 -9.41 -2.16 -8.10
CA TRP A 93 -9.48 -2.54 -9.51
C TRP A 93 -10.92 -2.71 -9.91
N ASP A 94 -11.29 -2.30 -11.11
CA ASP A 94 -12.67 -2.42 -11.56
C ASP A 94 -12.78 -3.11 -12.90
N ARG A 95 -12.60 -4.42 -12.87
CA ARG A 95 -12.71 -5.29 -14.04
C ARG A 95 -11.68 -4.98 -15.14
N THR A 96 -11.97 -3.96 -15.94
CA THR A 96 -11.10 -3.62 -17.06
C THR A 96 -10.21 -2.40 -16.80
N THR A 97 -10.58 -1.55 -15.86
CA THR A 97 -9.78 -0.37 -15.57
C THR A 97 -9.78 -0.02 -14.09
N ARG A 98 -9.20 1.13 -13.75
CA ARG A 98 -9.15 1.58 -12.38
C ARG A 98 -9.78 2.97 -12.27
N ASN A 99 -10.20 3.34 -11.06
CA ASN A 99 -10.83 4.64 -10.85
C ASN A 99 -11.03 4.92 -9.36
N ASP A 100 -11.31 3.86 -8.59
CA ASP A 100 -11.53 4.02 -7.16
C ASP A 100 -10.22 4.13 -6.40
N PHE A 101 -9.94 5.32 -5.91
CA PHE A 101 -8.74 5.59 -5.15
C PHE A 101 -9.02 5.41 -3.67
N MET A 102 -8.47 4.35 -3.09
CA MET A 102 -8.66 4.08 -1.67
C MET A 102 -7.79 4.99 -0.83
N GLY A 103 -6.49 4.86 -0.98
CA GLY A 103 -5.57 5.68 -0.22
C GLY A 103 -4.13 5.42 -0.60
N SER A 104 -3.28 6.41 -0.37
CA SER A 104 -1.86 6.29 -0.66
C SER A 104 -1.05 6.60 0.60
N LEU A 105 -0.18 5.69 0.98
CA LEU A 105 0.63 5.86 2.18
C LEU A 105 2.12 5.91 1.81
N SER A 106 2.96 6.19 2.80
CA SER A 106 4.40 6.24 2.59
C SER A 106 5.14 5.93 3.88
N PHE A 107 6.34 5.39 3.74
CA PHE A 107 7.17 5.06 4.89
C PHE A 107 8.60 5.57 4.64
N GLY A 108 9.06 6.46 5.52
CA GLY A 108 10.37 7.03 5.37
C GLY A 108 11.49 6.11 5.80
N VAL A 109 12.56 6.07 5.00
CA VAL A 109 13.71 5.24 5.29
C VAL A 109 14.42 5.71 6.56
N SER A 110 14.63 7.02 6.67
CA SER A 110 15.29 7.60 7.82
C SER A 110 14.51 7.33 9.10
N GLU A 111 13.20 7.20 8.97
CA GLU A 111 12.35 6.93 10.11
C GLU A 111 12.38 5.45 10.46
N LEU A 112 12.26 4.61 9.44
CA LEU A 112 12.28 3.15 9.60
C LEU A 112 13.63 2.69 10.13
N MET A 113 14.68 3.41 9.76
CA MET A 113 16.04 3.09 10.19
C MET A 113 16.14 3.11 11.71
N LYS A 114 15.29 3.91 12.36
CA LYS A 114 15.29 4.01 13.80
C LYS A 114 14.23 3.10 14.41
N MET A 115 13.05 3.07 13.81
CA MET A 115 11.96 2.25 14.32
C MET A 115 11.16 1.63 13.17
N PRO A 116 10.83 0.33 13.28
CA PRO A 116 10.03 -0.36 12.27
C PRO A 116 8.56 0.02 12.38
N ALA A 117 8.11 0.87 11.46
CA ALA A 117 6.71 1.33 11.46
C ALA A 117 5.75 0.16 11.30
N SER A 118 5.02 -0.13 12.36
CA SER A 118 4.07 -1.23 12.36
C SER A 118 2.75 -0.82 13.01
N GLY A 119 1.67 -0.89 12.25
CA GLY A 119 0.37 -0.54 12.78
C GLY A 119 -0.66 -0.34 11.70
N TRP A 120 -1.78 0.24 12.07
CA TRP A 120 -2.85 0.49 11.12
C TRP A 120 -2.71 1.90 10.57
N TYR A 121 -3.20 2.11 9.36
CA TYR A 121 -3.14 3.43 8.74
C TYR A 121 -4.51 3.80 8.19
N LYS A 122 -4.93 5.03 8.45
CA LYS A 122 -6.22 5.53 7.99
C LYS A 122 -6.11 5.95 6.53
N LEU A 123 -7.26 6.02 5.86
CA LEU A 123 -7.29 6.40 4.45
C LEU A 123 -6.91 7.87 4.28
N LEU A 124 -5.72 8.11 3.75
CA LEU A 124 -5.25 9.46 3.53
C LEU A 124 -5.20 9.77 2.04
N ASN A 125 -5.26 11.04 1.71
CA ASN A 125 -5.22 11.49 0.33
C ASN A 125 -3.84 11.30 -0.28
N GLN A 126 -3.73 11.50 -1.58
CA GLN A 126 -2.47 11.34 -2.29
C GLN A 126 -1.33 12.14 -1.67
N GLU A 127 -1.52 13.44 -1.52
CA GLU A 127 -0.49 14.30 -0.95
C GLU A 127 -0.34 14.05 0.55
N GLU A 128 -1.46 13.79 1.22
CA GLU A 128 -1.48 13.55 2.66
C GLU A 128 -0.66 12.33 3.04
N GLY A 129 -0.92 11.21 2.37
CA GLY A 129 -0.23 9.98 2.68
C GLY A 129 1.18 9.90 2.16
N GLU A 130 1.54 10.77 1.21
CA GLU A 130 2.89 10.74 0.66
C GLU A 130 3.84 11.64 1.44
N TYR A 131 3.29 12.58 2.19
CA TYR A 131 4.11 13.50 2.97
C TYR A 131 4.03 13.19 4.46
N TYR A 132 3.11 12.31 4.83
CA TYR A 132 2.95 11.96 6.24
C TYR A 132 2.98 10.45 6.42
N ASN A 133 3.57 10.02 7.53
CA ASN A 133 3.68 8.60 7.85
C ASN A 133 3.33 8.39 9.33
N VAL A 134 2.09 8.69 9.67
CA VAL A 134 1.61 8.57 11.04
C VAL A 134 0.69 7.36 11.18
N PRO A 135 1.17 6.30 11.83
CA PRO A 135 0.40 5.07 12.03
C PRO A 135 -0.47 5.13 13.28
N ILE A 136 -1.49 4.28 13.30
CA ILE A 136 -2.40 4.21 14.43
C ILE A 136 -1.92 3.14 15.40
N PRO A 137 -1.81 3.46 16.70
CA PRO A 137 -1.34 2.51 17.72
C PRO A 137 -2.11 1.19 17.72
N GLU A 138 -3.36 1.23 18.21
CA GLU A 138 -4.21 0.04 18.28
C GLU A 138 -3.52 -1.08 19.05
N GLY A 139 -3.00 -0.75 20.23
CA GLY A 139 -2.32 -1.72 21.04
C GLY A 139 -0.82 -1.53 21.03
C ACE B 1 9.47 0.32 -19.05
O ACE B 1 9.33 -0.69 -18.35
CH3 ACE B 1 10.52 0.36 -20.14
H1 ACE B 1 10.10 0.87 -20.99
H2 ACE B 1 10.79 -0.64 -20.42
H3 ACE B 1 11.39 0.88 -19.76
N ASP B 2 8.73 1.40 -18.91
CA ASP B 2 7.68 1.50 -17.89
C ASP B 2 6.39 0.89 -18.41
N GLN B 3 6.17 -0.38 -18.08
CA GLN B 3 4.98 -1.09 -18.51
C GLN B 3 3.77 -0.70 -17.67
N SER B 4 2.64 -1.32 -17.94
CA SER B 4 1.41 -1.05 -17.22
C SER B 4 1.51 -1.55 -15.79
N ASP B 5 1.71 -0.62 -14.85
CA ASP B 5 1.82 -0.98 -13.45
C ASP B 5 0.53 -0.66 -12.70
N PHE B 6 -0.21 0.31 -13.21
CA PHE B 6 -1.48 0.72 -12.60
C PHE B 6 -2.60 -0.16 -13.14
N GLU B 7 -2.51 -0.45 -14.44
CA GLU B 7 -3.49 -1.28 -15.11
C GLU B 7 -2.85 -2.60 -15.55
N GLY B 8 -3.68 -3.53 -16.02
CA GLY B 8 -3.15 -4.81 -16.46
C GLY B 8 -3.33 -5.90 -15.43
N PHE B 9 -4.57 -6.24 -15.16
CA PHE B 9 -4.86 -7.29 -14.19
C PHE B 9 -5.83 -8.31 -14.79
N SEP B 10 -7.10 -8.16 -14.48
CA SEP B 10 -8.12 -9.05 -14.99
CB SEP B 10 -9.32 -9.05 -14.05
OG SEP B 10 -8.92 -9.40 -12.73
C SEP B 10 -8.56 -8.62 -16.38
O SEP B 10 -8.88 -7.45 -16.59
P SEP B 10 -9.38 -10.81 -12.11
O1P SEP B 10 -8.49 -11.90 -12.86
O2P SEP B 10 -9.04 -10.97 -10.69
O3P SEP B 10 -10.77 -11.18 -12.43
H SEP B 10 -7.36 -7.43 -13.89
HA SEP B 10 -7.71 -10.04 -15.04
HB2 SEP B 10 -10.06 -9.77 -14.39
HB3 SEP B 10 -9.75 -8.06 -14.02
N TYR B 11 -8.54 -9.54 -17.32
CA TYR B 11 -8.95 -9.25 -18.68
C TYR B 11 -10.46 -9.45 -18.83
N NH2 B 12 -11.05 -10.10 -17.83
HN1 NH2 B 12 -10.50 -10.40 -17.08
HN2 NH2 B 12 -12.02 -10.22 -17.88
CA CA C . -13.63 -3.18 -7.85
CA CA D . -15.01 0.33 -7.93
N HIS A 1 -22.06 12.38 -0.31
CA HIS A 1 -21.71 11.02 0.14
C HIS A 1 -20.21 10.81 0.09
N THR A 2 -19.58 10.89 1.25
CA THR A 2 -18.14 10.71 1.33
C THR A 2 -17.75 9.91 2.57
N GLU A 3 -17.51 8.63 2.37
CA GLU A 3 -17.13 7.74 3.46
C GLU A 3 -15.76 7.12 3.17
N LYS A 4 -14.78 7.49 3.99
CA LYS A 4 -13.42 6.98 3.82
C LYS A 4 -12.81 6.70 5.19
N ARG A 5 -13.49 5.86 5.95
CA ARG A 5 -13.06 5.48 7.30
C ARG A 5 -12.35 4.14 7.29
N GLY A 6 -11.85 3.75 6.12
CA GLY A 6 -11.17 2.48 5.99
C GLY A 6 -9.79 2.49 6.62
N ARG A 7 -9.34 1.33 7.08
CA ARG A 7 -8.04 1.19 7.70
C ARG A 7 -7.32 -0.01 7.11
N ILE A 8 -6.01 0.12 6.91
CA ILE A 8 -5.20 -0.94 6.37
C ILE A 8 -4.07 -1.29 7.34
N TYR A 9 -3.87 -2.58 7.59
CA TYR A 9 -2.81 -3.01 8.50
C TYR A 9 -1.50 -3.20 7.74
N LEU A 10 -0.60 -2.26 7.92
CA LEU A 10 0.69 -2.32 7.25
C LEU A 10 1.80 -2.58 8.26
N LYS A 11 2.95 -2.98 7.75
CA LYS A 11 4.11 -3.26 8.60
C LYS A 11 5.39 -3.24 7.78
N ALA A 12 6.25 -2.29 8.06
CA ALA A 12 7.51 -2.16 7.35
C ALA A 12 8.68 -2.19 8.32
N GLU A 13 9.47 -3.24 8.25
CA GLU A 13 10.62 -3.40 9.14
C GLU A 13 11.91 -3.44 8.32
N VAL A 14 13.03 -3.21 8.99
CA VAL A 14 14.32 -3.22 8.33
C VAL A 14 15.21 -4.30 8.94
N THR A 15 15.43 -5.36 8.19
CA THR A 15 16.25 -6.47 8.65
C THR A 15 17.22 -6.90 7.55
N ASP A 16 18.47 -7.17 7.94
CA ASP A 16 19.51 -7.59 7.00
C ASP A 16 19.80 -6.47 6.00
N GLU A 17 19.58 -5.24 6.45
CA GLU A 17 19.77 -4.04 5.62
C GLU A 17 18.83 -4.06 4.43
N LYS A 18 17.67 -4.68 4.63
CA LYS A 18 16.65 -4.77 3.60
C LYS A 18 15.29 -4.41 4.18
N LEU A 19 14.45 -3.79 3.38
CA LEU A 19 13.12 -3.41 3.83
C LEU A 19 12.16 -4.57 3.67
N HIS A 20 11.60 -5.03 4.78
CA HIS A 20 10.67 -6.13 4.78
C HIS A 20 9.25 -5.62 5.06
N VAL A 21 8.51 -5.37 3.99
CA VAL A 21 7.16 -4.85 4.11
C VAL A 21 6.15 -6.01 4.09
N THR A 22 5.30 -6.07 5.10
CA THR A 22 4.30 -7.12 5.20
C THR A 22 2.91 -6.55 5.42
N VAL A 23 2.08 -6.58 4.38
CA VAL A 23 0.71 -6.10 4.49
C VAL A 23 -0.17 -7.23 4.98
N ARG A 24 -0.99 -6.96 5.98
CA ARG A 24 -1.86 -7.98 6.55
C ARG A 24 -3.25 -7.96 5.92
N ASP A 25 -4.12 -7.11 6.46
CA ASP A 25 -5.49 -7.02 5.96
C ASP A 25 -6.02 -5.60 6.13
N ALA A 26 -7.24 -5.40 5.68
CA ALA A 26 -7.89 -4.10 5.78
C ALA A 26 -9.28 -4.26 6.40
N LYS A 27 -9.74 -3.22 7.08
CA LYS A 27 -11.04 -3.26 7.73
C LYS A 27 -11.75 -1.91 7.58
N ASN A 28 -13.06 -1.91 7.85
CA ASN A 28 -13.89 -0.72 7.77
C ASN A 28 -13.97 -0.17 6.35
N LEU A 29 -13.95 -1.08 5.37
CA LEU A 29 -14.02 -0.70 3.97
C LEU A 29 -15.43 -0.33 3.57
N ILE A 30 -15.55 0.51 2.55
CA ILE A 30 -16.85 0.94 2.04
C ILE A 30 -17.01 0.42 0.61
N PRO A 31 -18.25 0.23 0.15
CA PRO A 31 -18.52 -0.28 -1.21
C PRO A 31 -18.04 0.68 -2.31
N MET A 32 -17.07 0.21 -3.09
CA MET A 32 -16.52 0.99 -4.19
C MET A 32 -16.88 0.33 -5.51
N ASP A 33 -17.91 -0.52 -5.47
CA ASP A 33 -18.38 -1.23 -6.66
C ASP A 33 -19.89 -1.20 -6.71
N PRO A 34 -20.48 -1.29 -7.93
CA PRO A 34 -21.93 -1.28 -8.11
C PRO A 34 -22.61 -2.46 -7.43
N ASN A 35 -21.84 -3.51 -7.19
CA ASN A 35 -22.35 -4.72 -6.56
C ASN A 35 -22.34 -4.60 -5.03
N GLY A 36 -21.93 -3.43 -4.54
CA GLY A 36 -21.89 -3.21 -3.11
C GLY A 36 -20.74 -3.97 -2.46
N LEU A 37 -19.57 -3.88 -3.08
CA LEU A 37 -18.38 -4.56 -2.59
C LEU A 37 -17.14 -3.80 -3.01
N SER A 38 -15.98 -4.29 -2.63
CA SER A 38 -14.71 -3.65 -2.98
C SER A 38 -13.59 -4.68 -3.03
N ASP A 39 -12.74 -4.58 -4.03
CA ASP A 39 -11.61 -5.50 -4.17
C ASP A 39 -10.34 -4.70 -4.45
N PRO A 40 -9.67 -4.26 -3.37
CA PRO A 40 -8.46 -3.46 -3.47
C PRO A 40 -7.19 -4.30 -3.54
N TYR A 41 -6.17 -3.73 -4.15
CA TYR A 41 -4.89 -4.40 -4.28
C TYR A 41 -3.79 -3.53 -3.70
N VAL A 42 -2.75 -4.16 -3.18
CA VAL A 42 -1.64 -3.44 -2.59
C VAL A 42 -0.49 -3.32 -3.59
N LYS A 43 -0.26 -2.11 -4.07
CA LYS A 43 0.80 -1.85 -5.02
C LYS A 43 1.84 -0.92 -4.41
N LEU A 44 2.96 -1.49 -3.98
CA LEU A 44 4.00 -0.71 -3.33
C LEU A 44 5.25 -0.64 -4.21
N LYS A 45 6.03 0.42 -4.03
CA LYS A 45 7.25 0.61 -4.79
C LYS A 45 8.24 1.46 -4.00
N LEU A 46 9.51 1.39 -4.39
CA LEU A 46 10.56 2.16 -3.75
C LEU A 46 11.21 3.05 -4.78
N ILE A 47 10.85 4.32 -4.76
CA ILE A 47 11.41 5.28 -5.71
C ILE A 47 12.83 5.69 -5.31
N PRO A 48 13.70 5.91 -6.30
CA PRO A 48 13.35 5.79 -7.71
C PRO A 48 13.46 4.35 -8.22
N ASP A 49 12.51 3.95 -9.03
CA ASP A 49 12.51 2.60 -9.59
C ASP A 49 12.38 2.64 -11.11
N PRO A 50 13.40 3.20 -11.81
CA PRO A 50 13.39 3.29 -13.27
C PRO A 50 13.61 1.94 -13.92
N LYS A 51 14.13 1.00 -13.14
CA LYS A 51 14.39 -0.35 -13.62
C LYS A 51 13.14 -1.20 -13.46
N ASN A 52 12.18 -0.68 -12.68
CA ASN A 52 10.90 -1.35 -12.43
C ASN A 52 11.08 -2.76 -11.85
N GLU A 53 12.00 -2.88 -10.91
CA GLU A 53 12.25 -4.17 -10.27
C GLU A 53 11.79 -4.15 -8.82
N SER A 54 11.71 -2.96 -8.24
CA SER A 54 11.28 -2.81 -6.87
C SER A 54 9.77 -2.66 -6.81
N LYS A 55 9.21 -2.06 -7.85
CA LYS A 55 7.77 -1.87 -7.95
C LYS A 55 7.09 -3.21 -8.17
N GLN A 56 6.22 -3.59 -7.25
CA GLN A 56 5.51 -4.85 -7.33
C GLN A 56 4.15 -4.74 -6.65
N LYS A 57 3.27 -5.70 -6.91
CA LYS A 57 1.94 -5.67 -6.33
C LYS A 57 1.43 -7.08 -6.06
N THR A 58 0.28 -7.16 -5.42
CA THR A 58 -0.33 -8.43 -5.11
C THR A 58 -1.77 -8.43 -5.62
N LYS A 59 -2.27 -9.60 -6.01
CA LYS A 59 -3.62 -9.71 -6.53
C LYS A 59 -4.64 -9.57 -5.39
N THR A 60 -5.76 -8.95 -5.69
CA THR A 60 -6.81 -8.78 -4.69
C THR A 60 -7.41 -10.13 -4.28
N ILE A 61 -8.10 -10.16 -3.15
CA ILE A 61 -8.69 -11.38 -2.64
C ILE A 61 -10.11 -11.56 -3.21
N ARG A 62 -10.83 -12.56 -2.71
CA ARG A 62 -12.18 -12.84 -3.16
C ARG A 62 -13.19 -11.83 -2.59
N SER A 63 -14.46 -12.11 -2.79
CA SER A 63 -15.54 -11.25 -2.32
C SER A 63 -15.51 -11.07 -0.80
N THR A 64 -15.21 -9.85 -0.36
CA THR A 64 -15.16 -9.51 1.06
C THR A 64 -14.80 -8.05 1.25
N LEU A 65 -15.20 -7.47 2.37
CA LEU A 65 -14.89 -6.08 2.66
C LEU A 65 -13.70 -6.02 3.60
N ASN A 66 -13.18 -7.20 3.94
CA ASN A 66 -12.03 -7.33 4.82
C ASN A 66 -11.02 -8.26 4.16
N PRO A 67 -10.29 -7.76 3.15
CA PRO A 67 -9.30 -8.55 2.41
C PRO A 67 -7.99 -8.73 3.17
N GLN A 68 -7.50 -9.95 3.16
CA GLN A 68 -6.24 -10.28 3.83
C GLN A 68 -5.25 -10.82 2.79
N TRP A 69 -4.20 -10.07 2.53
CA TRP A 69 -3.21 -10.44 1.53
C TRP A 69 -2.09 -11.31 2.11
N ASN A 70 -1.58 -10.93 3.29
CA ASN A 70 -0.49 -11.66 3.94
C ASN A 70 0.72 -11.74 3.01
N GLU A 71 1.07 -10.61 2.41
CA GLU A 71 2.18 -10.56 1.48
C GLU A 71 3.40 -9.88 2.10
N SER A 72 4.53 -10.57 2.08
CA SER A 72 5.76 -10.04 2.62
C SER A 72 6.80 -9.87 1.51
N PHE A 73 7.24 -8.64 1.29
CA PHE A 73 8.24 -8.35 0.27
C PHE A 73 9.51 -7.84 0.91
N THR A 74 10.64 -8.10 0.26
CA THR A 74 11.93 -7.67 0.77
C THR A 74 12.78 -7.07 -0.36
N PHE A 75 13.19 -5.82 -0.19
CA PHE A 75 13.99 -5.14 -1.19
C PHE A 75 14.74 -3.96 -0.58
N LYS A 76 15.70 -3.42 -1.33
CA LYS A 76 16.49 -2.28 -0.85
C LYS A 76 17.04 -1.47 -2.03
N LEU A 77 16.78 -0.18 -2.02
CA LEU A 77 17.25 0.70 -3.07
C LEU A 77 18.68 1.16 -2.78
N LYS A 78 19.19 2.09 -3.58
CA LYS A 78 20.53 2.62 -3.40
C LYS A 78 20.64 3.30 -2.04
N PRO A 79 21.86 3.42 -1.49
CA PRO A 79 22.08 4.06 -0.17
C PRO A 79 21.60 5.50 -0.09
N SER A 80 21.24 6.07 -1.24
CA SER A 80 20.76 7.45 -1.30
C SER A 80 19.24 7.52 -1.16
N ASP A 81 18.62 6.41 -0.77
CA ASP A 81 17.17 6.37 -0.61
C ASP A 81 16.77 6.73 0.83
N LYS A 82 17.73 7.26 1.58
CA LYS A 82 17.50 7.65 2.97
C LYS A 82 16.51 8.82 3.07
N ASP A 83 16.28 9.50 1.97
CA ASP A 83 15.35 10.62 1.94
C ASP A 83 14.06 10.22 1.21
N ARG A 84 14.07 9.03 0.65
CA ARG A 84 12.92 8.52 -0.09
C ARG A 84 11.90 7.92 0.87
N ARG A 85 10.75 7.55 0.32
CA ARG A 85 9.70 6.96 1.14
C ARG A 85 9.04 5.80 0.39
N LEU A 86 8.64 4.78 1.13
CA LEU A 86 7.97 3.62 0.55
C LEU A 86 6.56 4.00 0.13
N SER A 87 6.33 4.07 -1.17
CA SER A 87 5.03 4.44 -1.69
C SER A 87 4.10 3.23 -1.75
N VAL A 88 3.08 3.22 -0.90
CA VAL A 88 2.11 2.14 -0.86
C VAL A 88 0.74 2.66 -1.28
N GLU A 89 0.34 2.31 -2.50
CA GLU A 89 -0.94 2.75 -3.03
C GLU A 89 -1.93 1.60 -3.09
N ILE A 90 -3.14 1.84 -2.59
CA ILE A 90 -4.19 0.84 -2.60
C ILE A 90 -5.39 1.36 -3.39
N TRP A 91 -5.74 0.64 -4.45
CA TRP A 91 -6.85 1.02 -5.31
C TRP A 91 -7.80 -0.17 -5.51
N ASP A 92 -9.01 0.10 -5.97
CA ASP A 92 -9.99 -0.95 -6.23
C ASP A 92 -9.94 -1.35 -7.70
N TRP A 93 -9.79 -2.65 -7.95
CA TRP A 93 -9.73 -3.16 -9.30
C TRP A 93 -11.15 -3.38 -9.83
N ASP A 94 -11.40 -3.05 -11.08
CA ASP A 94 -12.72 -3.22 -11.64
C ASP A 94 -12.70 -4.08 -12.89
N ARG A 95 -12.06 -5.25 -12.77
CA ARG A 95 -11.95 -6.23 -13.84
C ARG A 95 -11.12 -5.74 -15.02
N THR A 96 -11.66 -4.83 -15.82
CA THR A 96 -10.96 -4.34 -17.00
C THR A 96 -9.94 -3.25 -16.65
N THR A 97 -10.28 -2.37 -15.71
CA THR A 97 -9.37 -1.30 -15.32
C THR A 97 -9.62 -0.85 -13.88
N ARG A 98 -8.93 0.19 -13.46
CA ARG A 98 -9.07 0.73 -12.11
C ARG A 98 -9.63 2.15 -12.21
N ASN A 99 -10.25 2.62 -11.13
CA ASN A 99 -10.81 3.97 -11.14
C ASN A 99 -11.09 4.49 -9.73
N ASP A 100 -11.53 3.61 -8.84
CA ASP A 100 -11.83 4.02 -7.47
C ASP A 100 -10.57 4.12 -6.62
N PHE A 101 -10.37 5.28 -6.03
CA PHE A 101 -9.21 5.52 -5.19
C PHE A 101 -9.54 5.15 -3.74
N MET A 102 -8.76 4.23 -3.18
CA MET A 102 -8.98 3.81 -1.79
C MET A 102 -8.14 4.66 -0.85
N GLY A 103 -6.83 4.65 -1.05
CA GLY A 103 -5.96 5.43 -0.20
C GLY A 103 -4.50 5.23 -0.54
N SER A 104 -3.66 6.10 -0.02
CA SER A 104 -2.23 6.03 -0.24
C SER A 104 -1.49 6.36 1.06
N LEU A 105 -0.32 5.77 1.23
CA LEU A 105 0.49 6.00 2.41
C LEU A 105 1.96 5.78 2.09
N SER A 106 2.83 6.19 3.01
CA SER A 106 4.26 6.03 2.79
C SER A 106 4.99 5.77 4.10
N PHE A 107 6.22 5.29 3.98
CA PHE A 107 7.06 5.01 5.12
C PHE A 107 8.39 5.71 4.96
N GLY A 108 8.78 6.48 5.96
CA GLY A 108 10.04 7.19 5.89
C GLY A 108 11.21 6.28 6.14
N VAL A 109 12.08 6.14 5.15
CA VAL A 109 13.25 5.28 5.28
C VAL A 109 14.11 5.73 6.46
N SER A 110 14.26 7.04 6.61
CA SER A 110 15.03 7.62 7.70
C SER A 110 14.40 7.25 9.04
N GLU A 111 13.06 7.25 9.08
CA GLU A 111 12.33 6.92 10.28
C GLU A 111 12.45 5.43 10.60
N LEU A 112 12.30 4.61 9.57
CA LEU A 112 12.39 3.16 9.71
C LEU A 112 13.78 2.72 10.14
N MET A 113 14.78 3.54 9.84
CA MET A 113 16.16 3.23 10.20
C MET A 113 16.37 3.37 11.71
N LYS A 114 15.43 4.00 12.38
CA LYS A 114 15.51 4.17 13.83
C LYS A 114 14.46 3.30 14.50
N MET A 115 13.25 3.34 13.96
CA MET A 115 12.16 2.56 14.49
C MET A 115 11.26 2.05 13.35
N PRO A 116 10.98 0.74 13.31
CA PRO A 116 10.12 0.14 12.27
C PRO A 116 8.70 0.69 12.33
N ALA A 117 8.01 0.64 11.20
CA ALA A 117 6.65 1.13 11.12
C ALA A 117 5.66 -0.02 11.08
N SER A 118 5.18 -0.43 12.24
CA SER A 118 4.22 -1.51 12.35
C SER A 118 2.95 -1.02 13.04
N GLY A 119 1.87 -0.93 12.27
CA GLY A 119 0.61 -0.46 12.82
C GLY A 119 -0.45 -0.28 11.76
N TRP A 120 -1.61 0.18 12.16
CA TRP A 120 -2.70 0.39 11.23
C TRP A 120 -2.58 1.76 10.56
N TYR A 121 -3.05 1.86 9.34
CA TYR A 121 -3.00 3.09 8.60
C TYR A 121 -4.38 3.49 8.14
N LYS A 122 -4.75 4.74 8.38
CA LYS A 122 -6.05 5.23 7.96
C LYS A 122 -5.99 5.69 6.51
N LEU A 123 -7.13 5.76 5.85
CA LEU A 123 -7.18 6.20 4.46
C LEU A 123 -6.68 7.63 4.34
N LEU A 124 -5.67 7.84 3.54
CA LEU A 124 -5.10 9.16 3.33
C LEU A 124 -5.08 9.50 1.85
N ASN A 125 -5.16 10.78 1.54
CA ASN A 125 -5.14 11.24 0.16
C ASN A 125 -3.75 11.01 -0.42
N GLN A 126 -3.60 11.18 -1.72
CA GLN A 126 -2.31 10.96 -2.37
C GLN A 126 -1.21 11.80 -1.73
N GLU A 127 -1.44 13.11 -1.64
CA GLU A 127 -0.46 14.02 -1.06
C GLU A 127 -0.23 13.72 0.43
N GLU A 128 -1.33 13.60 1.16
CA GLU A 128 -1.26 13.33 2.60
C GLU A 128 -0.58 12.00 2.91
N GLY A 129 -0.67 11.05 2.00
CA GLY A 129 -0.09 9.75 2.22
C GLY A 129 1.39 9.67 1.86
N GLU A 130 1.81 10.38 0.82
CA GLU A 130 3.21 10.31 0.40
C GLU A 130 4.10 11.34 1.10
N TYR A 131 3.52 12.43 1.58
CA TYR A 131 4.31 13.45 2.25
C TYR A 131 4.24 13.32 3.76
N TYR A 132 3.28 12.56 4.25
CA TYR A 132 3.12 12.36 5.69
C TYR A 132 3.03 10.88 6.03
N ASN A 133 3.13 10.57 7.31
CA ASN A 133 3.06 9.20 7.78
C ASN A 133 2.48 9.18 9.20
N VAL A 134 1.28 8.65 9.32
CA VAL A 134 0.61 8.58 10.61
C VAL A 134 0.12 7.17 10.90
N PRO A 135 0.81 6.46 11.79
CA PRO A 135 0.45 5.11 12.17
C PRO A 135 -0.52 5.08 13.35
N ILE A 136 -1.59 4.30 13.21
CA ILE A 136 -2.58 4.17 14.26
C ILE A 136 -2.14 3.05 15.21
N PRO A 137 -2.03 3.35 16.52
CA PRO A 137 -1.60 2.37 17.51
C PRO A 137 -2.46 1.10 17.50
N GLU A 138 -3.75 1.27 17.80
CA GLU A 138 -4.70 0.16 17.81
C GLU A 138 -4.23 -0.98 18.70
N GLY A 139 -3.63 -0.63 19.84
CA GLY A 139 -3.14 -1.61 20.76
C GLY A 139 -2.17 -1.02 21.74
C ACE B 1 9.23 1.26 -18.00
O ACE B 1 8.79 0.11 -17.99
CH3 ACE B 1 10.48 1.61 -18.77
H1 ACE B 1 10.34 2.57 -19.23
H2 ACE B 1 10.65 0.86 -19.53
H3 ACE B 1 11.31 1.61 -18.08
N ASP B 2 8.65 2.27 -17.36
CA ASP B 2 7.43 2.06 -16.57
C ASP B 2 6.22 1.87 -17.46
N GLN B 3 5.59 0.72 -17.34
CA GLN B 3 4.41 0.41 -18.14
C GLN B 3 3.14 0.63 -17.32
N SER B 4 1.99 0.47 -17.96
CA SER B 4 0.71 0.65 -17.30
C SER B 4 0.35 -0.55 -16.43
N ASP B 5 1.22 -0.90 -15.49
CA ASP B 5 0.98 -2.02 -14.59
C ASP B 5 -0.18 -1.72 -13.66
N PHE B 6 -0.44 -0.43 -13.47
CA PHE B 6 -1.54 0.02 -12.62
C PHE B 6 -2.86 -0.51 -13.17
N GLU B 7 -2.91 -0.62 -14.49
CA GLU B 7 -4.09 -1.10 -15.18
C GLU B 7 -3.74 -2.38 -15.93
N GLY B 8 -3.20 -3.37 -15.21
CA GLY B 8 -2.83 -4.61 -15.84
C GLY B 8 -2.92 -5.82 -14.92
N PHE B 9 -4.15 -6.27 -14.69
CA PHE B 9 -4.38 -7.45 -13.85
C PHE B 9 -5.23 -8.44 -14.63
N SEP B 10 -6.45 -8.01 -14.91
CA SEP B 10 -7.38 -8.81 -15.66
CB SEP B 10 -8.69 -8.96 -14.88
OG SEP B 10 -8.45 -9.30 -13.52
C SEP B 10 -7.66 -8.14 -16.99
O SEP B 10 -7.42 -6.94 -17.15
P SEP B 10 -8.57 -10.82 -13.06
O1P SEP B 10 -7.07 -11.29 -12.77
O2P SEP B 10 -9.26 -11.01 -11.77
O3P SEP B 10 -9.03 -11.75 -14.11
H SEP B 10 -6.72 -7.12 -14.61
HA SEP B 10 -6.95 -9.78 -15.82
HB2 SEP B 10 -9.29 -9.73 -15.33
HB3 SEP B 10 -9.24 -8.03 -14.90
N TYR B 11 -8.14 -8.90 -17.96
CA TYR B 11 -8.45 -8.36 -19.26
C TYR B 11 -9.91 -7.96 -19.35
N NH2 B 12 -10.73 -8.51 -18.48
HN1 NH2 B 12 -10.34 -9.13 -17.83
HN2 NH2 B 12 -11.67 -8.27 -18.50
CA CA C . -13.87 -3.42 -7.78
CA CA D . -15.01 -0.06 -8.49
N HIS A 1 -22.10 12.64 1.31
CA HIS A 1 -21.99 11.18 1.47
C HIS A 1 -20.68 10.67 0.89
N THR A 2 -19.63 10.72 1.70
CA THR A 2 -18.32 10.25 1.28
C THR A 2 -17.58 9.62 2.46
N GLU A 3 -17.79 8.33 2.65
CA GLU A 3 -17.16 7.62 3.74
C GLU A 3 -15.87 6.93 3.28
N LYS A 4 -14.93 6.81 4.19
CA LYS A 4 -13.64 6.18 3.91
C LYS A 4 -12.96 5.77 5.22
N ARG A 5 -13.73 5.11 6.08
CA ARG A 5 -13.26 4.65 7.38
C ARG A 5 -12.39 3.39 7.26
N GLY A 6 -11.88 3.12 6.06
CA GLY A 6 -11.06 1.95 5.84
C GLY A 6 -9.75 1.99 6.57
N ARG A 7 -9.41 0.90 7.24
CA ARG A 7 -8.17 0.80 7.99
C ARG A 7 -7.29 -0.31 7.43
N ILE A 8 -6.12 0.06 6.95
CA ILE A 8 -5.18 -0.89 6.38
C ILE A 8 -4.05 -1.19 7.37
N TYR A 9 -3.66 -2.45 7.48
CA TYR A 9 -2.59 -2.85 8.36
C TYR A 9 -1.32 -3.12 7.57
N LEU A 10 -0.43 -2.14 7.55
CA LEU A 10 0.83 -2.26 6.84
C LEU A 10 2.00 -2.27 7.81
N LYS A 11 2.90 -3.22 7.60
CA LYS A 11 4.08 -3.33 8.46
C LYS A 11 5.35 -3.00 7.68
N ALA A 12 6.02 -1.95 8.10
CA ALA A 12 7.26 -1.52 7.47
C ALA A 12 8.41 -1.68 8.45
N GLU A 13 9.22 -2.70 8.22
CA GLU A 13 10.35 -2.99 9.09
C GLU A 13 11.60 -3.30 8.28
N VAL A 14 12.74 -2.83 8.76
CA VAL A 14 14.00 -3.07 8.08
C VAL A 14 14.71 -4.26 8.72
N THR A 15 14.98 -5.28 7.91
CA THR A 15 15.64 -6.48 8.39
C THR A 15 16.48 -7.08 7.28
N ASP A 16 17.65 -7.61 7.64
CA ASP A 16 18.56 -8.22 6.68
C ASP A 16 19.06 -7.18 5.67
N GLU A 17 19.11 -5.93 6.14
CA GLU A 17 19.56 -4.79 5.32
C GLU A 17 18.59 -4.48 4.19
N LYS A 18 17.38 -5.02 4.29
CA LYS A 18 16.35 -4.80 3.29
C LYS A 18 15.06 -4.39 3.97
N LEU A 19 14.10 -3.90 3.19
CA LEU A 19 12.82 -3.48 3.73
C LEU A 19 11.83 -4.64 3.62
N HIS A 20 11.39 -5.12 4.77
CA HIS A 20 10.46 -6.23 4.84
C HIS A 20 9.02 -5.71 4.74
N VAL A 21 8.57 -5.46 3.52
CA VAL A 21 7.23 -4.99 3.28
C VAL A 21 6.22 -6.10 3.56
N THR A 22 5.43 -5.93 4.60
CA THR A 22 4.46 -6.93 4.97
C THR A 22 3.04 -6.35 5.02
N VAL A 23 2.19 -6.83 4.14
CA VAL A 23 0.80 -6.37 4.10
C VAL A 23 -0.10 -7.47 4.64
N ARG A 24 -0.74 -7.20 5.76
CA ARG A 24 -1.60 -8.19 6.40
C ARG A 24 -3.02 -8.15 5.85
N ASP A 25 -3.84 -7.26 6.41
CA ASP A 25 -5.24 -7.17 6.01
C ASP A 25 -5.77 -5.74 6.17
N ALA A 26 -7.04 -5.57 5.84
CA ALA A 26 -7.71 -4.30 5.95
C ALA A 26 -9.14 -4.49 6.43
N LYS A 27 -9.63 -3.55 7.23
CA LYS A 27 -10.98 -3.64 7.78
C LYS A 27 -11.70 -2.31 7.67
N ASN A 28 -13.02 -2.35 7.92
CA ASN A 28 -13.86 -1.14 7.88
C ASN A 28 -13.94 -0.55 6.48
N LEU A 29 -13.95 -1.42 5.47
CA LEU A 29 -14.03 -0.96 4.09
C LEU A 29 -15.46 -0.62 3.70
N ILE A 30 -15.61 0.35 2.82
CA ILE A 30 -16.92 0.77 2.34
C ILE A 30 -17.10 0.31 0.90
N PRO A 31 -18.35 0.10 0.46
CA PRO A 31 -18.65 -0.35 -0.91
C PRO A 31 -18.12 0.59 -2.00
N MET A 32 -17.23 0.08 -2.83
CA MET A 32 -16.67 0.87 -3.92
C MET A 32 -16.93 0.19 -5.26
N ASP A 33 -17.92 -0.69 -5.27
CA ASP A 33 -18.31 -1.41 -6.47
C ASP A 33 -19.82 -1.38 -6.62
N PRO A 34 -20.32 -1.40 -7.87
CA PRO A 34 -21.77 -1.35 -8.15
C PRO A 34 -22.57 -2.42 -7.41
N ASN A 35 -22.00 -3.61 -7.27
CA ASN A 35 -22.69 -4.72 -6.60
C ASN A 35 -22.45 -4.71 -5.09
N GLY A 36 -21.97 -3.59 -4.57
CA GLY A 36 -21.71 -3.47 -3.14
C GLY A 36 -20.54 -4.33 -2.69
N LEU A 37 -19.39 -4.11 -3.29
CA LEU A 37 -18.19 -4.86 -2.94
C LEU A 37 -16.97 -3.97 -3.07
N SER A 38 -15.82 -4.46 -2.60
CA SER A 38 -14.58 -3.72 -2.67
C SER A 38 -13.40 -4.67 -2.72
N ASP A 39 -12.70 -4.67 -3.84
CA ASP A 39 -11.54 -5.55 -4.01
C ASP A 39 -10.30 -4.71 -4.31
N PRO A 40 -9.67 -4.18 -3.26
CA PRO A 40 -8.48 -3.35 -3.37
C PRO A 40 -7.17 -4.13 -3.24
N TYR A 41 -6.18 -3.69 -3.97
CA TYR A 41 -4.86 -4.32 -3.95
C TYR A 41 -3.82 -3.29 -3.54
N VAL A 42 -2.78 -3.76 -2.86
CA VAL A 42 -1.72 -2.87 -2.41
C VAL A 42 -0.55 -2.88 -3.40
N LYS A 43 -0.23 -1.71 -3.92
CA LYS A 43 0.86 -1.58 -4.87
C LYS A 43 2.03 -0.88 -4.17
N LEU A 44 3.09 -1.64 -3.94
CA LEU A 44 4.27 -1.12 -3.26
C LEU A 44 5.37 -0.77 -4.24
N LYS A 45 5.97 0.40 -4.05
CA LYS A 45 7.03 0.86 -4.92
C LYS A 45 8.04 1.71 -4.14
N LEU A 46 9.31 1.48 -4.41
CA LEU A 46 10.37 2.24 -3.76
C LEU A 46 11.10 3.07 -4.80
N ILE A 47 10.69 4.32 -4.95
CA ILE A 47 11.29 5.22 -5.92
C ILE A 47 12.66 5.70 -5.43
N PRO A 48 13.56 6.05 -6.36
CA PRO A 48 13.31 5.98 -7.79
C PRO A 48 13.57 4.59 -8.36
N ASP A 49 12.62 4.08 -9.14
CA ASP A 49 12.76 2.77 -9.75
C ASP A 49 12.49 2.84 -11.25
N PRO A 50 13.50 3.20 -12.03
CA PRO A 50 13.38 3.28 -13.49
C PRO A 50 13.57 1.91 -14.14
N LYS A 51 13.73 0.91 -13.28
CA LYS A 51 13.94 -0.47 -13.72
C LYS A 51 12.63 -1.24 -13.69
N ASN A 52 11.70 -0.77 -12.85
CA ASN A 52 10.38 -1.39 -12.70
C ASN A 52 10.48 -2.73 -12.00
N GLU A 53 11.49 -2.90 -11.16
CA GLU A 53 11.68 -4.16 -10.44
C GLU A 53 11.31 -4.01 -8.97
N SER A 54 11.34 -2.79 -8.47
CA SER A 54 11.01 -2.52 -7.09
C SER A 54 9.51 -2.31 -6.96
N LYS A 55 8.92 -1.74 -8.00
CA LYS A 55 7.49 -1.50 -8.04
C LYS A 55 6.77 -2.80 -8.37
N GLN A 56 6.03 -3.31 -7.42
CA GLN A 56 5.32 -4.56 -7.60
C GLN A 56 3.96 -4.55 -6.89
N LYS A 57 3.08 -5.43 -7.34
CA LYS A 57 1.74 -5.54 -6.76
C LYS A 57 1.31 -7.00 -6.76
N THR A 58 0.34 -7.33 -5.93
CA THR A 58 -0.16 -8.68 -5.82
C THR A 58 -1.61 -8.75 -6.30
N LYS A 59 -2.12 -9.97 -6.48
CA LYS A 59 -3.49 -10.20 -6.92
C LYS A 59 -4.48 -9.69 -5.87
N THR A 60 -5.57 -9.10 -6.34
CA THR A 60 -6.60 -8.58 -5.46
C THR A 60 -7.31 -9.73 -4.74
N ILE A 61 -8.15 -9.40 -3.78
CA ILE A 61 -8.87 -10.41 -3.00
C ILE A 61 -10.28 -10.62 -3.56
N ARG A 62 -10.82 -11.80 -3.30
CA ARG A 62 -12.16 -12.17 -3.73
C ARG A 62 -13.24 -11.31 -3.05
N SER A 63 -14.50 -11.67 -3.28
CA SER A 63 -15.63 -10.96 -2.70
C SER A 63 -15.58 -10.96 -1.18
N THR A 64 -15.14 -9.85 -0.61
CA THR A 64 -15.05 -9.70 0.83
C THR A 64 -14.97 -8.22 1.19
N LEU A 65 -15.25 -7.89 2.44
CA LEU A 65 -15.19 -6.52 2.90
C LEU A 65 -13.97 -6.34 3.80
N ASN A 66 -13.33 -7.47 4.09
CA ASN A 66 -12.14 -7.48 4.93
C ASN A 66 -11.05 -8.29 4.23
N PRO A 67 -10.39 -7.70 3.23
CA PRO A 67 -9.35 -8.37 2.45
C PRO A 67 -8.08 -8.66 3.26
N GLN A 68 -7.55 -9.86 3.09
CA GLN A 68 -6.35 -10.29 3.77
C GLN A 68 -5.38 -10.87 2.74
N TRP A 69 -4.13 -10.42 2.76
CA TRP A 69 -3.14 -10.88 1.78
C TRP A 69 -2.05 -11.74 2.42
N ASN A 70 -1.43 -11.20 3.47
CA ASN A 70 -0.34 -11.89 4.18
C ASN A 70 0.93 -11.90 3.32
N GLU A 71 0.90 -11.12 2.24
CA GLU A 71 2.03 -11.03 1.33
C GLU A 71 3.22 -10.36 2.00
N SER A 72 4.38 -10.97 1.87
CA SER A 72 5.60 -10.44 2.46
C SER A 72 6.70 -10.32 1.42
N PHE A 73 7.33 -9.17 1.37
CA PHE A 73 8.41 -8.92 0.43
C PHE A 73 9.61 -8.34 1.15
N THR A 74 10.79 -8.48 0.57
CA THR A 74 12.01 -7.97 1.19
C THR A 74 12.96 -7.43 0.12
N PHE A 75 13.02 -6.11 0.00
CA PHE A 75 13.89 -5.48 -1.00
C PHE A 75 14.27 -4.07 -0.54
N LYS A 76 15.20 -3.46 -1.26
CA LYS A 76 15.66 -2.12 -0.93
C LYS A 76 16.26 -1.44 -2.17
N LEU A 77 16.57 -0.17 -2.05
CA LEU A 77 17.15 0.59 -3.15
C LEU A 77 18.58 0.96 -2.82
N LYS A 78 19.11 1.97 -3.50
CA LYS A 78 20.48 2.41 -3.26
C LYS A 78 20.56 3.12 -1.90
N PRO A 79 21.76 3.23 -1.31
CA PRO A 79 21.96 3.88 0.00
C PRO A 79 21.36 5.28 0.11
N SER A 80 21.13 5.93 -1.04
CA SER A 80 20.57 7.26 -1.07
C SER A 80 19.03 7.23 -0.98
N ASP A 81 18.49 6.12 -0.52
CA ASP A 81 17.04 5.96 -0.39
C ASP A 81 16.56 6.51 0.94
N LYS A 82 17.49 6.97 1.76
CA LYS A 82 17.19 7.52 3.08
C LYS A 82 16.26 8.73 3.00
N ASP A 83 16.27 9.41 1.85
CA ASP A 83 15.42 10.58 1.67
C ASP A 83 14.14 10.22 0.94
N ARG A 84 13.97 8.94 0.66
CA ARG A 84 12.78 8.46 -0.04
C ARG A 84 11.83 7.79 0.94
N ARG A 85 10.66 7.41 0.44
CA ARG A 85 9.65 6.76 1.26
C ARG A 85 9.05 5.58 0.52
N LEU A 86 8.61 4.58 1.27
CA LEU A 86 7.97 3.41 0.67
C LEU A 86 6.52 3.77 0.34
N SER A 87 6.25 3.98 -0.93
CA SER A 87 4.91 4.35 -1.36
C SER A 87 4.05 3.11 -1.57
N VAL A 88 2.90 3.08 -0.89
CA VAL A 88 1.96 1.99 -1.01
C VAL A 88 0.59 2.54 -1.37
N GLU A 89 0.14 2.23 -2.58
CA GLU A 89 -1.15 2.71 -3.07
C GLU A 89 -2.23 1.64 -2.95
N ILE A 90 -3.42 2.05 -2.51
CA ILE A 90 -4.55 1.16 -2.36
C ILE A 90 -5.63 1.50 -3.39
N TRP A 91 -5.81 0.62 -4.36
CA TRP A 91 -6.80 0.85 -5.42
C TRP A 91 -7.71 -0.38 -5.59
N ASP A 92 -8.96 -0.13 -5.95
CA ASP A 92 -9.93 -1.20 -6.16
C ASP A 92 -10.01 -1.53 -7.65
N TRP A 93 -9.65 -2.76 -8.00
CA TRP A 93 -9.70 -3.20 -9.40
C TRP A 93 -11.14 -3.39 -9.82
N ASP A 94 -11.44 -3.07 -11.06
CA ASP A 94 -12.81 -3.20 -11.54
C ASP A 94 -12.86 -4.02 -12.82
N ARG A 95 -12.07 -5.10 -12.85
CA ARG A 95 -12.01 -6.03 -13.98
C ARG A 95 -11.35 -5.43 -15.21
N THR A 96 -11.92 -4.34 -15.71
CA THR A 96 -11.40 -3.68 -16.90
C THR A 96 -10.26 -2.72 -16.59
N THR A 97 -10.54 -1.70 -15.78
CA THR A 97 -9.53 -0.70 -15.47
C THR A 97 -9.54 -0.29 -13.99
N ARG A 98 -8.82 0.78 -13.69
CA ARG A 98 -8.73 1.31 -12.33
C ARG A 98 -9.43 2.66 -12.25
N ASN A 99 -10.18 2.90 -11.18
CA ASN A 99 -10.90 4.16 -11.02
C ASN A 99 -11.23 4.46 -9.56
N ASP A 100 -11.05 3.48 -8.69
CA ASP A 100 -11.37 3.67 -7.28
C ASP A 100 -10.11 3.87 -6.45
N PHE A 101 -9.99 5.04 -5.87
CA PHE A 101 -8.84 5.37 -5.04
C PHE A 101 -9.23 5.29 -3.56
N MET A 102 -8.71 4.29 -2.88
CA MET A 102 -9.00 4.11 -1.46
C MET A 102 -8.15 5.08 -0.64
N GLY A 103 -6.85 5.06 -0.88
CA GLY A 103 -5.95 5.93 -0.17
C GLY A 103 -4.50 5.61 -0.45
N SER A 104 -3.60 6.38 0.12
CA SER A 104 -2.18 6.17 -0.06
C SER A 104 -1.41 6.55 1.20
N LEU A 105 -0.30 5.88 1.43
CA LEU A 105 0.54 6.13 2.58
C LEU A 105 1.99 5.87 2.22
N SER A 106 2.91 6.39 3.02
CA SER A 106 4.33 6.21 2.77
C SER A 106 5.09 5.99 4.07
N PHE A 107 6.25 5.36 3.95
CA PHE A 107 7.10 5.09 5.10
C PHE A 107 8.48 5.68 4.86
N GLY A 108 8.86 6.64 5.70
CA GLY A 108 10.16 7.28 5.55
C GLY A 108 11.30 6.39 5.98
N VAL A 109 12.30 6.26 5.11
CA VAL A 109 13.47 5.44 5.39
C VAL A 109 14.24 5.97 6.59
N SER A 110 14.39 7.29 6.64
CA SER A 110 15.11 7.94 7.73
C SER A 110 14.42 7.68 9.07
N GLU A 111 13.10 7.51 9.03
CA GLU A 111 12.32 7.24 10.22
C GLU A 111 12.47 5.78 10.61
N LEU A 112 12.28 4.90 9.64
CA LEU A 112 12.37 3.46 9.85
C LEU A 112 13.77 3.04 10.27
N MET A 113 14.76 3.83 9.88
CA MET A 113 16.15 3.56 10.21
C MET A 113 16.35 3.47 11.71
N LYS A 114 15.68 4.34 12.46
CA LYS A 114 15.81 4.33 13.90
C LYS A 114 14.65 3.59 14.58
N MET A 115 13.47 3.66 13.99
CA MET A 115 12.30 2.98 14.56
C MET A 115 11.38 2.46 13.46
N PRO A 116 10.99 1.18 13.54
CA PRO A 116 10.09 0.57 12.56
C PRO A 116 8.64 1.03 12.76
N ALA A 117 7.85 0.93 11.71
CA ALA A 117 6.46 1.34 11.77
C ALA A 117 5.53 0.18 11.41
N SER A 118 4.68 -0.18 12.34
CA SER A 118 3.74 -1.27 12.14
C SER A 118 2.45 -1.02 12.93
N GLY A 119 1.41 -0.63 12.22
CA GLY A 119 0.14 -0.35 12.85
C GLY A 119 -0.94 -0.10 11.83
N TRP A 120 -2.10 0.37 12.29
CA TRP A 120 -3.20 0.65 11.39
C TRP A 120 -3.06 2.05 10.82
N TYR A 121 -3.09 2.15 9.51
CA TYR A 121 -2.95 3.43 8.84
C TYR A 121 -4.30 4.00 8.45
N LYS A 122 -4.40 5.32 8.49
CA LYS A 122 -5.63 6.00 8.12
C LYS A 122 -5.58 6.36 6.64
N LEU A 123 -6.72 6.26 5.97
CA LEU A 123 -6.81 6.56 4.55
C LEU A 123 -6.53 8.03 4.31
N LEU A 124 -5.39 8.32 3.69
CA LEU A 124 -5.01 9.68 3.38
C LEU A 124 -4.98 9.87 1.87
N ASN A 125 -5.13 11.11 1.42
CA ASN A 125 -5.12 11.43 0.00
C ASN A 125 -3.72 11.24 -0.58
N GLN A 126 -3.59 11.41 -1.89
CA GLN A 126 -2.31 11.21 -2.57
C GLN A 126 -1.20 12.07 -1.95
N GLU A 127 -1.45 13.36 -1.83
CA GLU A 127 -0.45 14.28 -1.28
C GLU A 127 -0.24 14.04 0.21
N GLU A 128 -1.33 13.86 0.93
CA GLU A 128 -1.27 13.64 2.37
C GLU A 128 -0.50 12.37 2.74
N GLY A 129 -0.71 11.31 1.97
CA GLY A 129 -0.04 10.05 2.24
C GLY A 129 1.42 10.01 1.83
N GLU A 130 1.81 10.82 0.86
CA GLU A 130 3.18 10.82 0.39
C GLU A 130 4.06 11.81 1.16
N TYR A 131 3.45 12.79 1.81
CA TYR A 131 4.21 13.79 2.53
C TYR A 131 4.19 13.56 4.03
N TYR A 132 3.24 12.78 4.51
CA TYR A 132 3.15 12.52 5.94
C TYR A 132 3.20 11.03 6.23
N ASN A 133 3.66 10.71 7.43
CA ASN A 133 3.76 9.33 7.88
C ASN A 133 3.38 9.23 9.35
N VAL A 134 2.14 8.83 9.59
CA VAL A 134 1.62 8.72 10.95
C VAL A 134 0.72 7.50 11.12
N PRO A 135 1.24 6.42 11.71
CA PRO A 135 0.49 5.20 11.95
C PRO A 135 -0.31 5.27 13.25
N ILE A 136 -1.39 4.52 13.35
CA ILE A 136 -2.20 4.50 14.56
C ILE A 136 -1.93 3.21 15.34
N PRO A 137 -1.55 3.34 16.62
CA PRO A 137 -1.27 2.18 17.48
C PRO A 137 -2.44 1.20 17.57
N GLU A 138 -3.57 1.67 18.11
CA GLU A 138 -4.77 0.85 18.26
C GLU A 138 -4.48 -0.43 19.03
N GLY A 139 -3.57 -0.33 19.99
CA GLY A 139 -3.21 -1.47 20.80
C GLY A 139 -1.81 -1.33 21.36
C ACE B 1 10.01 0.76 -18.06
O ACE B 1 9.85 -0.31 -17.45
CH3 ACE B 1 11.16 0.94 -19.02
H1 ACE B 1 11.21 0.07 -19.66
H2 ACE B 1 12.07 1.04 -18.46
H3 ACE B 1 10.98 1.85 -19.59
N ASP B 2 9.20 1.80 -17.91
CA ASP B 2 8.05 1.78 -17.02
C ASP B 2 6.86 1.13 -17.72
N GLN B 3 6.46 -0.04 -17.24
CA GLN B 3 5.35 -0.76 -17.85
C GLN B 3 4.02 -0.38 -17.21
N SER B 4 2.93 -0.92 -17.76
CA SER B 4 1.61 -0.64 -17.27
C SER B 4 1.37 -1.32 -15.92
N ASP B 5 1.74 -0.64 -14.85
CA ASP B 5 1.60 -1.18 -13.51
C ASP B 5 0.26 -0.79 -12.90
N PHE B 6 -0.36 0.25 -13.43
CA PHE B 6 -1.64 0.70 -12.92
C PHE B 6 -2.77 -0.13 -13.51
N GLU B 7 -2.64 -0.46 -14.78
CA GLU B 7 -3.64 -1.26 -15.47
C GLU B 7 -3.02 -2.53 -16.04
N GLY B 8 -3.15 -3.61 -15.30
CA GLY B 8 -2.60 -4.88 -15.74
C GLY B 8 -2.84 -5.99 -14.74
N PHE B 9 -4.03 -6.56 -14.79
CA PHE B 9 -4.41 -7.64 -13.88
C PHE B 9 -5.22 -8.69 -14.62
N SEP B 10 -6.44 -8.33 -14.96
CA SEP B 10 -7.32 -9.24 -15.67
CB SEP B 10 -8.64 -9.38 -14.91
OG SEP B 10 -8.41 -9.56 -13.51
C SEP B 10 -7.58 -8.73 -17.08
O SEP B 10 -7.83 -7.54 -17.28
P SEP B 10 -8.91 -10.88 -12.77
O1P SEP B 10 -7.71 -11.92 -12.89
O2P SEP B 10 -9.09 -10.71 -11.31
O3P SEP B 10 -10.05 -11.55 -13.42
H SEP B 10 -6.76 -7.44 -14.74
HA SEP B 10 -6.84 -10.20 -15.72
HB2 SEP B 10 -9.18 -10.24 -15.27
HB3 SEP B 10 -9.23 -8.49 -15.04
N TYR B 11 -7.49 -9.64 -18.04
CA TYR B 11 -7.71 -9.29 -19.45
C TYR B 11 -9.15 -8.90 -19.69
N NH2 B 12 -10.07 -9.53 -18.97
HN1 NH2 B 12 -9.77 -10.21 -18.34
HN2 NH2 B 12 -11.01 -9.28 -19.11
CA CA C . -13.83 -3.60 -7.69
CA CA D . -14.98 -0.12 -8.17
N HIS A 1 -21.89 12.83 1.16
CA HIS A 1 -21.84 11.35 1.07
C HIS A 1 -20.44 10.91 0.62
N THR A 2 -19.54 10.74 1.58
CA THR A 2 -18.18 10.30 1.29
C THR A 2 -17.65 9.47 2.45
N GLU A 3 -18.11 8.24 2.53
CA GLU A 3 -17.68 7.34 3.58
C GLU A 3 -16.34 6.69 3.21
N LYS A 4 -15.37 6.81 4.11
CA LYS A 4 -14.04 6.24 3.91
C LYS A 4 -13.37 6.00 5.26
N ARG A 5 -13.94 5.08 6.02
CA ARG A 5 -13.44 4.75 7.36
C ARG A 5 -12.59 3.48 7.33
N GLY A 6 -11.97 3.22 6.19
CA GLY A 6 -11.15 2.03 6.05
C GLY A 6 -9.81 2.14 6.75
N ARG A 7 -9.33 0.99 7.23
CA ARG A 7 -8.05 0.92 7.92
C ARG A 7 -7.22 -0.22 7.34
N ILE A 8 -5.95 0.05 7.05
CA ILE A 8 -5.07 -0.96 6.50
C ILE A 8 -3.87 -1.20 7.43
N TYR A 9 -3.48 -2.46 7.57
CA TYR A 9 -2.35 -2.81 8.41
C TYR A 9 -1.11 -2.99 7.57
N LEU A 10 -0.20 -2.02 7.64
CA LEU A 10 1.03 -2.07 6.87
C LEU A 10 2.23 -2.24 7.80
N LYS A 11 3.02 -3.28 7.57
CA LYS A 11 4.19 -3.55 8.38
C LYS A 11 5.46 -3.28 7.59
N ALA A 12 6.27 -2.35 8.06
CA ALA A 12 7.51 -2.01 7.40
C ALA A 12 8.67 -2.13 8.38
N GLU A 13 9.48 -3.17 8.22
CA GLU A 13 10.61 -3.41 9.10
C GLU A 13 11.91 -3.40 8.31
N VAL A 14 13.02 -3.33 9.02
CA VAL A 14 14.33 -3.32 8.38
C VAL A 14 15.25 -4.37 9.00
N THR A 15 15.34 -5.51 8.33
CA THR A 15 16.17 -6.61 8.79
C THR A 15 17.19 -6.96 7.72
N ASP A 16 18.44 -7.18 8.14
CA ASP A 16 19.53 -7.53 7.22
C ASP A 16 19.78 -6.39 6.23
N GLU A 17 19.46 -5.18 6.69
CA GLU A 17 19.61 -3.96 5.89
C GLU A 17 18.73 -3.99 4.65
N LYS A 18 17.63 -4.73 4.76
CA LYS A 18 16.66 -4.85 3.68
C LYS A 18 15.29 -4.48 4.20
N LEU A 19 14.47 -3.86 3.36
CA LEU A 19 13.14 -3.44 3.75
C LEU A 19 12.15 -4.60 3.66
N HIS A 20 11.55 -4.94 4.78
CA HIS A 20 10.58 -6.01 4.85
C HIS A 20 9.17 -5.45 4.89
N VAL A 21 8.58 -5.29 3.72
CA VAL A 21 7.24 -4.75 3.61
C VAL A 21 6.22 -5.90 3.69
N THR A 22 5.40 -5.89 4.72
CA THR A 22 4.41 -6.92 4.90
C THR A 22 3.02 -6.34 5.07
N VAL A 23 2.13 -6.67 4.14
CA VAL A 23 0.76 -6.19 4.21
C VAL A 23 -0.14 -7.29 4.76
N ARG A 24 -0.75 -7.03 5.91
CA ARG A 24 -1.60 -8.02 6.53
C ARG A 24 -3.02 -8.00 5.97
N ASP A 25 -3.88 -7.16 6.54
CA ASP A 25 -5.27 -7.08 6.12
C ASP A 25 -5.82 -5.68 6.25
N ALA A 26 -7.05 -5.51 5.78
CA ALA A 26 -7.74 -4.23 5.84
C ALA A 26 -9.14 -4.43 6.42
N LYS A 27 -9.62 -3.42 7.13
CA LYS A 27 -10.93 -3.51 7.75
C LYS A 27 -11.73 -2.23 7.55
N ASN A 28 -13.06 -2.36 7.61
CA ASN A 28 -13.98 -1.23 7.47
C ASN A 28 -13.97 -0.62 6.07
N LEU A 29 -14.08 -1.45 5.07
CA LEU A 29 -14.09 -0.98 3.69
C LEU A 29 -15.51 -0.88 3.17
N ILE A 30 -15.92 0.33 2.78
CA ILE A 30 -17.26 0.56 2.26
C ILE A 30 -17.32 0.10 0.79
N PRO A 31 -18.52 -0.29 0.32
CA PRO A 31 -18.70 -0.75 -1.07
C PRO A 31 -18.37 0.31 -2.12
N MET A 32 -17.30 0.08 -2.85
CA MET A 32 -16.87 0.98 -3.93
C MET A 32 -17.00 0.24 -5.26
N ASP A 33 -18.01 -0.60 -5.35
CA ASP A 33 -18.27 -1.39 -6.54
C ASP A 33 -19.76 -1.54 -6.75
N PRO A 34 -20.21 -1.67 -8.02
CA PRO A 34 -21.62 -1.84 -8.35
C PRO A 34 -22.17 -3.18 -7.85
N ASN A 35 -21.27 -4.03 -7.34
CA ASN A 35 -21.64 -5.33 -6.84
C ASN A 35 -21.77 -5.29 -5.32
N GLY A 36 -21.53 -4.12 -4.75
CA GLY A 36 -21.63 -3.96 -3.30
C GLY A 36 -20.45 -4.58 -2.57
N LEU A 37 -19.25 -4.12 -2.91
CA LEU A 37 -18.03 -4.62 -2.27
C LEU A 37 -16.84 -3.77 -2.70
N SER A 38 -15.66 -4.15 -2.25
CA SER A 38 -14.42 -3.45 -2.58
C SER A 38 -13.25 -4.41 -2.57
N ASP A 39 -12.61 -4.57 -3.72
CA ASP A 39 -11.48 -5.45 -3.85
C ASP A 39 -10.24 -4.64 -4.28
N PRO A 40 -9.48 -4.16 -3.30
CA PRO A 40 -8.30 -3.34 -3.54
C PRO A 40 -7.00 -4.13 -3.60
N TYR A 41 -6.10 -3.67 -4.45
CA TYR A 41 -4.80 -4.28 -4.57
C TYR A 41 -3.75 -3.36 -3.98
N VAL A 42 -2.81 -3.93 -3.25
CA VAL A 42 -1.77 -3.13 -2.60
C VAL A 42 -0.52 -3.07 -3.46
N LYS A 43 -0.26 -1.91 -4.03
CA LYS A 43 0.91 -1.70 -4.86
C LYS A 43 1.96 -0.90 -4.10
N LEU A 44 3.07 -1.55 -3.81
CA LEU A 44 4.15 -0.92 -3.06
C LEU A 44 5.36 -0.72 -3.95
N LYS A 45 6.01 0.43 -3.81
CA LYS A 45 7.19 0.74 -4.61
C LYS A 45 8.14 1.64 -3.82
N LEU A 46 9.41 1.62 -4.22
CA LEU A 46 10.42 2.44 -3.57
C LEU A 46 11.19 3.20 -4.65
N ILE A 47 10.85 4.46 -4.83
CA ILE A 47 11.50 5.30 -5.81
C ILE A 47 12.84 5.80 -5.28
N PRO A 48 13.77 6.18 -6.16
CA PRO A 48 13.60 6.17 -7.62
C PRO A 48 13.77 4.77 -8.22
N ASP A 49 12.75 4.30 -8.92
CA ASP A 49 12.81 2.99 -9.55
C ASP A 49 12.48 3.10 -11.04
N PRO A 50 13.46 3.49 -11.86
CA PRO A 50 13.29 3.62 -13.29
C PRO A 50 13.43 2.27 -13.98
N LYS A 51 13.54 1.22 -13.18
CA LYS A 51 13.70 -0.13 -13.67
C LYS A 51 12.38 -0.88 -13.60
N ASN A 52 11.45 -0.35 -12.81
CA ASN A 52 10.12 -0.94 -12.63
C ASN A 52 10.25 -2.34 -12.05
N GLU A 53 11.21 -2.53 -11.14
CA GLU A 53 11.44 -3.83 -10.53
C GLU A 53 11.22 -3.78 -9.03
N SER A 54 11.37 -2.61 -8.44
CA SER A 54 11.17 -2.45 -7.01
C SER A 54 9.68 -2.31 -6.72
N LYS A 55 8.95 -1.87 -7.73
CA LYS A 55 7.51 -1.71 -7.63
C LYS A 55 6.85 -3.06 -7.87
N GLN A 56 6.17 -3.57 -6.86
CA GLN A 56 5.51 -4.87 -6.98
C GLN A 56 4.17 -4.87 -6.28
N LYS A 57 3.28 -5.74 -6.74
CA LYS A 57 1.95 -5.86 -6.15
C LYS A 57 1.37 -7.23 -6.48
N THR A 58 0.51 -7.73 -5.61
CA THR A 58 -0.11 -9.02 -5.82
C THR A 58 -1.54 -8.84 -6.36
N LYS A 59 -2.20 -9.95 -6.68
CA LYS A 59 -3.56 -9.90 -7.21
C LYS A 59 -4.53 -9.42 -6.13
N THR A 60 -5.64 -8.83 -6.58
CA THR A 60 -6.65 -8.32 -5.67
C THR A 60 -7.37 -9.47 -4.96
N ILE A 61 -8.03 -9.15 -3.86
CA ILE A 61 -8.74 -10.16 -3.07
C ILE A 61 -10.15 -10.40 -3.63
N ARG A 62 -10.75 -11.51 -3.26
CA ARG A 62 -12.09 -11.87 -3.72
C ARG A 62 -13.15 -10.96 -3.07
N SER A 63 -14.41 -11.21 -3.40
CA SER A 63 -15.52 -10.43 -2.88
C SER A 63 -15.58 -10.47 -1.35
N THR A 64 -15.24 -9.35 -0.72
CA THR A 64 -15.25 -9.24 0.73
C THR A 64 -15.14 -7.76 1.11
N LEU A 65 -15.57 -7.42 2.32
CA LEU A 65 -15.49 -6.04 2.79
C LEU A 65 -14.26 -5.87 3.66
N ASN A 66 -13.65 -6.98 4.02
CA ASN A 66 -12.45 -6.98 4.84
C ASN A 66 -11.43 -7.94 4.25
N PRO A 67 -10.65 -7.47 3.27
CA PRO A 67 -9.65 -8.29 2.58
C PRO A 67 -8.38 -8.52 3.38
N GLN A 68 -7.73 -9.65 3.11
CA GLN A 68 -6.49 -10.02 3.79
C GLN A 68 -5.50 -10.55 2.76
N TRP A 69 -4.35 -9.92 2.66
CA TRP A 69 -3.33 -10.31 1.69
C TRP A 69 -2.31 -11.26 2.27
N ASN A 70 -1.71 -10.87 3.41
CA ASN A 70 -0.67 -11.68 4.08
C ASN A 70 0.58 -11.74 3.22
N GLU A 71 0.75 -10.76 2.34
CA GLU A 71 1.88 -10.71 1.44
C GLU A 71 3.11 -10.12 2.11
N SER A 72 4.24 -10.77 1.91
CA SER A 72 5.51 -10.31 2.48
C SER A 72 6.54 -10.09 1.37
N PHE A 73 7.20 -8.96 1.41
CA PHE A 73 8.22 -8.62 0.41
C PHE A 73 9.49 -8.14 1.10
N THR A 74 10.63 -8.34 0.45
CA THR A 74 11.91 -7.92 0.99
C THR A 74 12.82 -7.39 -0.10
N PHE A 75 13.09 -6.10 -0.07
CA PHE A 75 13.95 -5.47 -1.06
C PHE A 75 14.52 -4.16 -0.52
N LYS A 76 15.54 -3.64 -1.19
CA LYS A 76 16.16 -2.39 -0.77
C LYS A 76 16.76 -1.66 -1.96
N LEU A 77 16.69 -0.33 -1.93
CA LEU A 77 17.23 0.49 -2.99
C LEU A 77 18.65 0.91 -2.66
N LYS A 78 19.22 1.80 -3.47
CA LYS A 78 20.57 2.28 -3.24
C LYS A 78 20.61 3.11 -1.96
N PRO A 79 21.77 3.21 -1.30
CA PRO A 79 21.94 3.97 -0.03
C PRO A 79 21.46 5.42 -0.10
N SER A 80 21.17 5.92 -1.29
CA SER A 80 20.70 7.28 -1.46
C SER A 80 19.18 7.36 -1.29
N ASP A 81 18.62 6.35 -0.62
CA ASP A 81 17.18 6.29 -0.41
C ASP A 81 16.80 6.62 1.04
N LYS A 82 17.74 7.20 1.79
CA LYS A 82 17.48 7.54 3.19
C LYS A 82 16.34 8.55 3.32
N ASP A 83 16.21 9.43 2.34
CA ASP A 83 15.17 10.45 2.34
C ASP A 83 13.92 9.98 1.59
N ARG A 84 13.96 8.77 1.08
CA ARG A 84 12.85 8.23 0.32
C ARG A 84 11.78 7.64 1.22
N ARG A 85 10.62 7.37 0.64
CA ARG A 85 9.50 6.81 1.39
C ARG A 85 8.89 5.64 0.62
N LEU A 86 8.51 4.61 1.35
CA LEU A 86 7.87 3.43 0.76
C LEU A 86 6.44 3.80 0.38
N SER A 87 6.19 3.92 -0.92
CA SER A 87 4.87 4.29 -1.41
C SER A 87 3.93 3.09 -1.47
N VAL A 88 2.87 3.13 -0.67
CA VAL A 88 1.88 2.07 -0.64
C VAL A 88 0.57 2.61 -1.21
N GLU A 89 0.26 2.24 -2.43
CA GLU A 89 -0.96 2.70 -3.09
C GLU A 89 -2.02 1.61 -3.13
N ILE A 90 -3.17 1.91 -2.56
CA ILE A 90 -4.27 0.96 -2.52
C ILE A 90 -5.41 1.43 -3.42
N TRP A 91 -5.66 0.68 -4.48
CA TRP A 91 -6.72 1.01 -5.43
C TRP A 91 -7.66 -0.19 -5.61
N ASP A 92 -8.94 0.08 -5.79
CA ASP A 92 -9.93 -0.99 -5.99
C ASP A 92 -9.97 -1.41 -7.46
N TRP A 93 -9.49 -2.61 -7.75
CA TRP A 93 -9.47 -3.12 -9.11
C TRP A 93 -10.91 -3.38 -9.56
N ASP A 94 -11.20 -3.14 -10.83
CA ASP A 94 -12.56 -3.35 -11.33
C ASP A 94 -12.56 -4.26 -12.55
N ARG A 95 -11.80 -5.36 -12.46
CA ARG A 95 -11.71 -6.36 -13.53
C ARG A 95 -11.03 -5.82 -14.78
N THR A 96 -11.74 -4.99 -15.52
CA THR A 96 -11.22 -4.43 -16.76
C THR A 96 -10.14 -3.38 -16.50
N THR A 97 -10.46 -2.37 -15.71
CA THR A 97 -9.51 -1.31 -15.41
C THR A 97 -9.72 -0.76 -14.01
N ARG A 98 -9.00 0.31 -13.69
CA ARG A 98 -9.09 0.94 -12.39
C ARG A 98 -9.81 2.27 -12.52
N ASN A 99 -10.26 2.83 -11.40
CA ASN A 99 -10.97 4.11 -11.40
C ASN A 99 -11.25 4.59 -9.97
N ASP A 100 -11.23 3.65 -9.03
CA ASP A 100 -11.48 3.98 -7.63
C ASP A 100 -10.16 4.19 -6.88
N PHE A 101 -10.13 5.20 -6.03
CA PHE A 101 -8.95 5.49 -5.23
C PHE A 101 -9.27 5.31 -3.75
N MET A 102 -8.72 4.28 -3.14
CA MET A 102 -8.96 4.01 -1.73
C MET A 102 -8.09 4.91 -0.86
N GLY A 103 -6.78 4.83 -1.06
CA GLY A 103 -5.87 5.64 -0.28
C GLY A 103 -4.42 5.27 -0.55
N SER A 104 -3.51 6.09 -0.06
CA SER A 104 -2.09 5.85 -0.24
C SER A 104 -1.31 6.39 0.96
N LEU A 105 -0.27 5.68 1.34
CA LEU A 105 0.57 6.08 2.47
C LEU A 105 2.03 5.88 2.14
N SER A 106 2.92 6.35 3.02
CA SER A 106 4.34 6.21 2.80
C SER A 106 5.10 6.20 4.13
N PHE A 107 6.19 5.46 4.17
CA PHE A 107 7.03 5.38 5.36
C PHE A 107 8.42 5.91 5.06
N GLY A 108 8.90 6.83 5.89
CA GLY A 108 10.20 7.40 5.68
C GLY A 108 11.34 6.49 6.12
N VAL A 109 12.30 6.28 5.22
CA VAL A 109 13.43 5.42 5.52
C VAL A 109 14.23 5.93 6.71
N SER A 110 14.40 7.26 6.78
CA SER A 110 15.14 7.88 7.86
C SER A 110 14.50 7.58 9.23
N GLU A 111 13.19 7.39 9.23
CA GLU A 111 12.46 7.08 10.44
C GLU A 111 12.52 5.58 10.73
N LEU A 112 12.25 4.79 9.68
CA LEU A 112 12.24 3.33 9.79
C LEU A 112 13.60 2.76 10.20
N MET A 113 14.67 3.43 9.78
CA MET A 113 16.02 2.99 10.09
C MET A 113 16.27 2.92 11.60
N LYS A 114 15.59 3.76 12.35
CA LYS A 114 15.76 3.77 13.80
C LYS A 114 14.56 3.14 14.51
N MET A 115 13.44 3.05 13.81
CA MET A 115 12.24 2.46 14.40
C MET A 115 11.32 1.90 13.32
N PRO A 116 11.10 0.57 13.33
CA PRO A 116 10.21 -0.09 12.36
C PRO A 116 8.76 0.30 12.57
N ALA A 117 8.00 0.40 11.50
CA ALA A 117 6.59 0.77 11.59
C ALA A 117 5.70 -0.45 11.47
N SER A 118 4.90 -0.68 12.50
CA SER A 118 3.99 -1.82 12.51
C SER A 118 2.67 -1.44 13.17
N GLY A 119 1.66 -1.18 12.34
CA GLY A 119 0.36 -0.81 12.84
C GLY A 119 -0.59 -0.45 11.71
N TRP A 120 -1.74 0.11 12.05
CA TRP A 120 -2.72 0.49 11.05
C TRP A 120 -2.44 1.89 10.53
N TYR A 121 -3.03 2.24 9.40
CA TYR A 121 -2.86 3.56 8.83
C TYR A 121 -4.21 4.07 8.32
N LYS A 122 -4.50 5.34 8.58
CA LYS A 122 -5.75 5.95 8.16
C LYS A 122 -5.72 6.28 6.67
N LEU A 123 -6.88 6.58 6.11
CA LEU A 123 -6.99 6.90 4.70
C LEU A 123 -6.68 8.38 4.46
N LEU A 124 -5.51 8.64 3.91
CA LEU A 124 -5.09 10.00 3.61
C LEU A 124 -5.10 10.22 2.10
N ASN A 125 -5.03 11.48 1.70
CA ASN A 125 -5.03 11.84 0.28
C ASN A 125 -3.70 11.46 -0.36
N GLN A 126 -3.63 11.57 -1.69
CA GLN A 126 -2.43 11.24 -2.44
C GLN A 126 -1.23 12.04 -1.96
N GLU A 127 -1.43 13.34 -1.79
CA GLU A 127 -0.37 14.23 -1.34
C GLU A 127 -0.03 13.97 0.12
N GLU A 128 -1.05 14.01 0.96
CA GLU A 128 -0.88 13.80 2.40
C GLU A 128 -0.21 12.47 2.72
N GLY A 129 -0.64 11.41 2.04
CA GLY A 129 -0.09 10.10 2.29
C GLY A 129 1.36 9.95 1.86
N GLU A 130 1.78 10.69 0.84
CA GLU A 130 3.15 10.59 0.36
C GLU A 130 4.08 11.58 1.05
N TYR A 131 3.52 12.44 1.88
CA TYR A 131 4.33 13.44 2.57
C TYR A 131 4.29 13.24 4.08
N TYR A 132 3.37 12.41 4.55
CA TYR A 132 3.23 12.15 5.98
C TYR A 132 3.30 10.66 6.28
N ASN A 133 3.70 10.34 7.50
CA ASN A 133 3.82 8.96 7.95
C ASN A 133 3.25 8.83 9.37
N VAL A 134 1.97 9.11 9.48
CA VAL A 134 1.28 9.04 10.77
C VAL A 134 0.34 7.84 10.83
N PRO A 135 0.79 6.75 11.46
CA PRO A 135 -0.01 5.53 11.60
C PRO A 135 -0.96 5.58 12.79
N ILE A 136 -1.72 4.52 12.98
CA ILE A 136 -2.67 4.43 14.07
C ILE A 136 -2.26 3.31 15.01
N PRO A 137 -2.07 3.63 16.31
CA PRO A 137 -1.66 2.63 17.31
C PRO A 137 -2.66 1.49 17.46
N GLU A 138 -3.77 1.76 18.16
CA GLU A 138 -4.82 0.77 18.40
C GLU A 138 -4.26 -0.50 19.05
N GLY A 139 -3.22 -0.34 19.85
CA GLY A 139 -2.61 -1.48 20.51
C GLY A 139 -1.46 -1.04 21.41
C ACE B 1 8.96 1.56 -19.34
O ACE B 1 8.97 0.46 -18.81
CH3 ACE B 1 9.99 1.94 -20.37
H1 ACE B 1 10.12 3.01 -20.37
H2 ACE B 1 9.65 1.62 -21.33
H3 ACE B 1 10.92 1.43 -20.14
N ASP B 2 8.06 2.50 -19.05
CA ASP B 2 7.02 2.27 -18.06
C ASP B 2 5.83 1.58 -18.71
N GLN B 3 5.78 0.27 -18.58
CA GLN B 3 4.70 -0.52 -19.15
C GLN B 3 3.43 -0.37 -18.32
N SER B 4 2.32 -0.85 -18.86
CA SER B 4 1.04 -0.75 -18.18
C SER B 4 0.93 -1.75 -17.02
N ASP B 5 1.53 -1.40 -15.89
CA ASP B 5 1.52 -2.26 -14.72
C ASP B 5 0.39 -1.85 -13.78
N PHE B 6 -0.07 -0.61 -13.93
CA PHE B 6 -1.15 -0.09 -13.11
C PHE B 6 -2.47 -0.78 -13.44
N GLU B 7 -2.68 -1.02 -14.73
CA GLU B 7 -3.90 -1.67 -15.20
C GLU B 7 -3.58 -3.02 -15.84
N GLY B 8 -2.85 -3.84 -15.11
CA GLY B 8 -2.50 -5.15 -15.63
C GLY B 8 -2.73 -6.25 -14.61
N PHE B 9 -3.98 -6.69 -14.51
CA PHE B 9 -4.35 -7.75 -13.59
C PHE B 9 -5.32 -8.71 -14.25
N SEP B 10 -6.48 -8.19 -14.62
CA SEP B 10 -7.50 -8.99 -15.27
CB SEP B 10 -8.78 -9.01 -14.42
OG SEP B 10 -8.49 -9.28 -13.05
C SEP B 10 -7.81 -8.41 -16.65
O SEP B 10 -7.53 -7.24 -16.92
P SEP B 10 -9.59 -9.98 -12.13
O1P SEP B 10 -9.42 -11.54 -12.41
O2P SEP B 10 -9.33 -9.85 -10.68
O3P SEP B 10 -10.99 -9.70 -12.52
H SEP B 10 -6.66 -7.25 -14.45
HA SEP B 10 -7.13 -10.00 -15.38
HB2 SEP B 10 -9.44 -9.79 -14.79
HB3 SEP B 10 -9.27 -8.06 -14.49
N TYR B 11 -8.36 -9.25 -17.52
CA TYR B 11 -8.69 -8.82 -18.86
C TYR B 11 -10.20 -8.63 -19.01
N NH2 B 12 -10.90 -8.67 -17.90
HN1 NH2 B 12 -10.43 -8.82 -17.05
HN2 NH2 B 12 -11.88 -8.56 -17.96
CA CA C . -13.64 -3.42 -7.53
CA CA D . -14.77 0.05 -8.23
N HIS A 1 -21.35 12.82 -0.06
CA HIS A 1 -21.41 11.41 0.41
C HIS A 1 -20.08 10.70 0.18
N THR A 2 -19.27 10.65 1.22
CA THR A 2 -17.97 10.00 1.16
C THR A 2 -17.61 9.41 2.51
N GLU A 3 -17.42 8.11 2.58
CA GLU A 3 -17.08 7.45 3.83
C GLU A 3 -15.76 6.70 3.72
N LYS A 4 -14.68 7.39 4.03
CA LYS A 4 -13.34 6.80 3.97
C LYS A 4 -12.91 6.40 5.37
N ARG A 5 -13.74 5.59 6.02
CA ARG A 5 -13.49 5.13 7.37
C ARG A 5 -12.59 3.90 7.40
N GLY A 6 -12.20 3.44 6.22
CA GLY A 6 -11.35 2.26 6.12
C GLY A 6 -9.96 2.46 6.69
N ARG A 7 -9.34 1.37 7.10
CA ARG A 7 -7.99 1.40 7.66
C ARG A 7 -7.22 0.18 7.15
N ILE A 8 -5.91 0.32 7.00
CA ILE A 8 -5.08 -0.77 6.51
C ILE A 8 -3.94 -1.08 7.48
N TYR A 9 -3.68 -2.36 7.69
CA TYR A 9 -2.60 -2.77 8.57
C TYR A 9 -1.32 -2.99 7.78
N LEU A 10 -0.47 -1.98 7.79
CA LEU A 10 0.79 -2.04 7.07
C LEU A 10 1.96 -2.14 8.02
N LYS A 11 2.90 -3.02 7.70
CA LYS A 11 4.09 -3.20 8.51
C LYS A 11 5.34 -3.04 7.64
N ALA A 12 6.18 -2.09 8.00
CA ALA A 12 7.41 -1.84 7.27
C ALA A 12 8.60 -1.83 8.22
N GLU A 13 9.44 -2.85 8.12
CA GLU A 13 10.62 -2.97 8.96
C GLU A 13 11.85 -3.11 8.09
N VAL A 14 13.02 -3.02 8.68
CA VAL A 14 14.27 -3.17 7.95
C VAL A 14 15.14 -4.21 8.63
N THR A 15 15.24 -5.38 8.00
CA THR A 15 16.01 -6.48 8.54
C THR A 15 17.07 -6.94 7.55
N ASP A 16 18.30 -7.07 8.03
CA ASP A 16 19.44 -7.52 7.22
C ASP A 16 19.73 -6.53 6.11
N GLU A 17 19.58 -5.24 6.43
CA GLU A 17 19.80 -4.15 5.49
C GLU A 17 18.80 -4.21 4.32
N LYS A 18 17.72 -4.94 4.53
CA LYS A 18 16.69 -5.09 3.51
C LYS A 18 15.35 -4.69 4.08
N LEU A 19 14.54 -4.03 3.27
CA LEU A 19 13.24 -3.59 3.70
C LEU A 19 12.26 -4.77 3.72
N HIS A 20 11.74 -5.05 4.90
CA HIS A 20 10.81 -6.14 5.09
C HIS A 20 9.39 -5.57 5.20
N VAL A 21 8.69 -5.56 4.09
CA VAL A 21 7.32 -5.05 4.06
C VAL A 21 6.36 -6.21 4.23
N THR A 22 5.35 -6.02 5.07
CA THR A 22 4.37 -7.05 5.31
C THR A 22 2.98 -6.45 5.48
N VAL A 23 2.13 -6.67 4.49
CA VAL A 23 0.77 -6.18 4.53
C VAL A 23 -0.14 -7.29 5.05
N ARG A 24 -0.90 -6.99 6.09
CA ARG A 24 -1.78 -7.98 6.67
C ARG A 24 -3.17 -7.92 6.05
N ASP A 25 -4.01 -7.04 6.57
CA ASP A 25 -5.38 -6.91 6.08
C ASP A 25 -5.91 -5.49 6.25
N ALA A 26 -7.15 -5.29 5.82
CA ALA A 26 -7.80 -4.00 5.92
C ALA A 26 -9.15 -4.14 6.61
N LYS A 27 -9.64 -3.06 7.19
CA LYS A 27 -10.92 -3.08 7.90
C LYS A 27 -11.72 -1.80 7.65
N ASN A 28 -13.01 -1.86 7.95
CA ASN A 28 -13.94 -0.74 7.79
C ASN A 28 -14.05 -0.29 6.34
N LEU A 29 -14.03 -1.25 5.43
CA LEU A 29 -14.14 -0.95 4.01
C LEU A 29 -15.59 -0.69 3.62
N ILE A 30 -15.80 0.28 2.75
CA ILE A 30 -17.13 0.63 2.29
C ILE A 30 -17.32 0.18 0.84
N PRO A 31 -18.58 0.09 0.36
CA PRO A 31 -18.87 -0.35 -1.01
C PRO A 31 -18.39 0.65 -2.07
N MET A 32 -17.35 0.26 -2.80
CA MET A 32 -16.80 1.11 -3.86
C MET A 32 -17.01 0.45 -5.23
N ASP A 33 -17.96 -0.48 -5.26
CA ASP A 33 -18.30 -1.20 -6.48
C ASP A 33 -19.82 -1.24 -6.65
N PRO A 34 -20.32 -1.46 -7.88
CA PRO A 34 -21.76 -1.54 -8.14
C PRO A 34 -22.40 -2.72 -7.42
N ASN A 35 -21.57 -3.71 -7.10
CA ASN A 35 -22.03 -4.92 -6.40
C ASN A 35 -22.16 -4.65 -4.90
N GLY A 36 -21.68 -3.50 -4.48
CA GLY A 36 -21.74 -3.15 -3.07
C GLY A 36 -20.54 -3.68 -2.31
N LEU A 37 -19.45 -3.95 -3.02
CA LEU A 37 -18.25 -4.49 -2.41
C LEU A 37 -17.02 -3.67 -2.83
N SER A 38 -15.83 -4.17 -2.46
CA SER A 38 -14.58 -3.51 -2.82
C SER A 38 -13.44 -4.51 -2.81
N ASP A 39 -12.64 -4.52 -3.87
CA ASP A 39 -11.51 -5.43 -3.98
C ASP A 39 -10.25 -4.67 -4.36
N PRO A 40 -9.53 -4.17 -3.34
CA PRO A 40 -8.31 -3.40 -3.54
C PRO A 40 -7.04 -4.25 -3.57
N TYR A 41 -6.06 -3.77 -4.31
CA TYR A 41 -4.79 -4.47 -4.41
C TYR A 41 -3.67 -3.57 -3.88
N VAL A 42 -2.68 -4.19 -3.24
CA VAL A 42 -1.57 -3.46 -2.66
C VAL A 42 -0.42 -3.36 -3.66
N LYS A 43 -0.08 -2.15 -4.02
CA LYS A 43 1.02 -1.90 -4.94
C LYS A 43 2.07 -1.02 -4.25
N LEU A 44 3.19 -1.62 -3.91
CA LEU A 44 4.25 -0.92 -3.22
C LEU A 44 5.44 -0.68 -4.15
N LYS A 45 6.09 0.46 -4.00
CA LYS A 45 7.24 0.79 -4.83
C LYS A 45 8.26 1.61 -4.04
N LEU A 46 9.52 1.43 -4.37
CA LEU A 46 10.60 2.15 -3.73
C LEU A 46 11.26 3.07 -4.75
N ILE A 47 10.88 4.34 -4.71
CA ILE A 47 11.44 5.31 -5.64
C ILE A 47 12.83 5.74 -5.20
N PRO A 48 13.74 5.97 -6.17
CA PRO A 48 13.43 5.85 -7.59
C PRO A 48 13.46 4.40 -8.10
N ASP A 49 12.51 4.07 -8.97
CA ASP A 49 12.43 2.72 -9.52
C ASP A 49 12.31 2.79 -11.06
N PRO A 50 13.37 3.27 -11.74
CA PRO A 50 13.38 3.38 -13.20
C PRO A 50 13.61 2.05 -13.87
N LYS A 51 14.12 1.09 -13.11
CA LYS A 51 14.40 -0.25 -13.62
C LYS A 51 13.16 -1.12 -13.47
N ASN A 52 12.16 -0.60 -12.76
CA ASN A 52 10.89 -1.31 -12.53
C ASN A 52 11.10 -2.68 -11.92
N GLU A 53 11.29 -2.71 -10.61
CA GLU A 53 11.48 -3.96 -9.90
C GLU A 53 11.03 -3.80 -8.44
N SER A 54 11.21 -2.61 -7.90
CA SER A 54 10.79 -2.33 -6.54
C SER A 54 9.27 -2.19 -6.52
N LYS A 55 8.74 -1.72 -7.65
CA LYS A 55 7.30 -1.55 -7.83
C LYS A 55 6.65 -2.92 -8.07
N GLN A 56 6.08 -3.48 -7.02
CA GLN A 56 5.44 -4.78 -7.12
C GLN A 56 4.01 -4.70 -6.62
N LYS A 57 3.16 -5.55 -7.15
CA LYS A 57 1.76 -5.57 -6.77
C LYS A 57 1.32 -6.98 -6.42
N THR A 58 0.16 -7.08 -5.79
CA THR A 58 -0.39 -8.37 -5.41
C THR A 58 -1.69 -8.61 -6.17
N LYS A 59 -2.18 -9.84 -6.12
CA LYS A 59 -3.41 -10.19 -6.81
C LYS A 59 -4.63 -9.72 -6.02
N THR A 60 -5.69 -9.40 -6.75
CA THR A 60 -6.93 -8.92 -6.16
C THR A 60 -7.56 -9.99 -5.26
N ILE A 61 -8.17 -9.53 -4.18
CA ILE A 61 -8.82 -10.43 -3.23
C ILE A 61 -10.24 -10.75 -3.71
N ARG A 62 -10.79 -11.86 -3.24
CA ARG A 62 -12.12 -12.27 -3.62
C ARG A 62 -13.18 -11.42 -2.92
N SER A 63 -14.44 -11.80 -3.09
CA SER A 63 -15.56 -11.09 -2.52
C SER A 63 -15.55 -11.11 -0.99
N THR A 64 -15.06 -10.03 -0.40
CA THR A 64 -15.00 -9.89 1.05
C THR A 64 -14.80 -8.44 1.42
N LEU A 65 -15.49 -8.00 2.47
CA LEU A 65 -15.37 -6.62 2.93
C LEU A 65 -14.13 -6.47 3.78
N ASN A 66 -13.55 -7.59 4.15
CA ASN A 66 -12.33 -7.63 4.96
C ASN A 66 -11.26 -8.40 4.21
N PRO A 67 -10.51 -7.73 3.31
CA PRO A 67 -9.47 -8.37 2.52
C PRO A 67 -8.16 -8.55 3.27
N GLN A 68 -7.66 -9.78 3.25
CA GLN A 68 -6.41 -10.12 3.91
C GLN A 68 -5.42 -10.64 2.89
N TRP A 69 -4.35 -9.88 2.68
CA TRP A 69 -3.33 -10.25 1.72
C TRP A 69 -2.31 -11.17 2.37
N ASN A 70 -1.80 -10.75 3.52
CA ASN A 70 -0.82 -11.52 4.29
C ASN A 70 0.39 -11.88 3.43
N GLU A 71 0.99 -10.87 2.82
CA GLU A 71 2.15 -11.07 1.96
C GLU A 71 3.37 -10.37 2.54
N SER A 72 4.54 -10.91 2.27
CA SER A 72 5.79 -10.35 2.75
C SER A 72 6.74 -10.05 1.58
N PHE A 73 7.28 -8.84 1.58
CA PHE A 73 8.20 -8.43 0.53
C PHE A 73 9.55 -8.05 1.14
N THR A 74 10.62 -8.24 0.38
CA THR A 74 11.96 -7.93 0.85
C THR A 74 12.81 -7.37 -0.29
N PHE A 75 13.18 -6.10 -0.17
CA PHE A 75 14.00 -5.43 -1.18
C PHE A 75 14.65 -4.18 -0.58
N LYS A 76 15.49 -3.52 -1.35
CA LYS A 76 16.16 -2.31 -0.88
C LYS A 76 16.80 -1.56 -2.04
N LEU A 77 16.95 -0.26 -1.88
CA LEU A 77 17.56 0.57 -2.91
C LEU A 77 18.94 1.03 -2.45
N LYS A 78 19.54 1.91 -3.22
CA LYS A 78 20.86 2.45 -2.89
C LYS A 78 20.74 3.36 -1.68
N PRO A 79 21.85 3.65 -0.98
CA PRO A 79 21.87 4.50 0.23
C PRO A 79 21.14 5.84 0.06
N SER A 80 20.94 6.28 -1.17
CA SER A 80 20.26 7.53 -1.44
C SER A 80 18.75 7.42 -1.17
N ASP A 81 18.29 6.21 -0.84
CA ASP A 81 16.89 5.99 -0.56
C ASP A 81 16.55 6.29 0.89
N LYS A 82 17.59 6.55 1.69
CA LYS A 82 17.41 6.84 3.12
C LYS A 82 16.48 8.04 3.34
N ASP A 83 16.53 9.02 2.44
CA ASP A 83 15.70 10.21 2.56
C ASP A 83 14.42 10.08 1.75
N ARG A 84 14.25 8.93 1.11
CA ARG A 84 13.06 8.67 0.30
C ARG A 84 11.95 8.09 1.17
N ARG A 85 10.87 7.65 0.54
CA ARG A 85 9.75 7.08 1.26
C ARG A 85 9.17 5.88 0.49
N LEU A 86 8.64 4.93 1.24
CA LEU A 86 8.04 3.73 0.65
C LEU A 86 6.58 4.04 0.31
N SER A 87 6.28 4.15 -0.97
CA SER A 87 4.93 4.47 -1.42
C SER A 87 4.07 3.21 -1.57
N VAL A 88 2.94 3.20 -0.86
CA VAL A 88 2.01 2.09 -0.93
C VAL A 88 0.69 2.59 -1.53
N GLU A 89 0.38 2.11 -2.73
CA GLU A 89 -0.83 2.51 -3.42
C GLU A 89 -1.92 1.44 -3.30
N ILE A 90 -3.06 1.83 -2.75
CA ILE A 90 -4.18 0.91 -2.59
C ILE A 90 -5.34 1.35 -3.48
N TRP A 91 -5.56 0.62 -4.56
CA TRP A 91 -6.65 0.94 -5.49
C TRP A 91 -7.59 -0.25 -5.66
N ASP A 92 -8.86 0.04 -5.90
CA ASP A 92 -9.88 -1.00 -6.09
C ASP A 92 -9.99 -1.39 -7.56
N TRP A 93 -9.52 -2.58 -7.89
CA TRP A 93 -9.57 -3.08 -9.26
C TRP A 93 -11.03 -3.22 -9.69
N ASP A 94 -11.33 -2.89 -10.94
CA ASP A 94 -12.70 -2.97 -11.40
C ASP A 94 -12.82 -3.80 -12.67
N ARG A 95 -12.43 -5.07 -12.57
CA ARG A 95 -12.51 -6.04 -13.67
C ARG A 95 -11.60 -5.71 -14.85
N THR A 96 -11.94 -4.67 -15.60
CA THR A 96 -11.18 -4.30 -16.78
C THR A 96 -10.06 -3.32 -16.46
N THR A 97 -10.39 -2.23 -15.75
CA THR A 97 -9.39 -1.22 -15.41
C THR A 97 -9.61 -0.66 -14.01
N ARG A 98 -8.62 0.11 -13.54
CA ARG A 98 -8.70 0.73 -12.22
C ARG A 98 -9.32 2.12 -12.35
N ASN A 99 -9.84 2.66 -11.26
CA ASN A 99 -10.46 3.98 -11.29
C ASN A 99 -10.77 4.49 -9.87
N ASP A 100 -11.04 3.57 -8.96
CA ASP A 100 -11.36 3.94 -7.58
C ASP A 100 -10.09 4.04 -6.74
N PHE A 101 -9.90 5.21 -6.13
CA PHE A 101 -8.73 5.44 -5.29
C PHE A 101 -9.10 5.27 -3.82
N MET A 102 -8.56 4.23 -3.20
CA MET A 102 -8.86 3.95 -1.80
C MET A 102 -8.04 4.90 -0.91
N GLY A 103 -6.73 4.73 -0.95
CA GLY A 103 -5.85 5.57 -0.15
C GLY A 103 -4.40 5.30 -0.46
N SER A 104 -3.55 6.23 -0.08
CA SER A 104 -2.12 6.09 -0.31
C SER A 104 -1.35 6.50 0.93
N LEU A 105 -0.32 5.75 1.27
CA LEU A 105 0.50 6.04 2.42
C LEU A 105 1.97 5.80 2.08
N SER A 106 2.85 6.40 2.86
CA SER A 106 4.28 6.24 2.64
C SER A 106 5.03 6.21 3.96
N PHE A 107 6.09 5.43 4.02
CA PHE A 107 6.90 5.34 5.22
C PHE A 107 8.26 5.97 5.00
N GLY A 108 8.71 6.74 5.97
CA GLY A 108 10.00 7.39 5.87
C GLY A 108 11.14 6.46 6.19
N VAL A 109 12.05 6.30 5.25
CA VAL A 109 13.21 5.43 5.42
C VAL A 109 14.07 5.91 6.58
N SER A 110 14.17 7.23 6.71
CA SER A 110 14.95 7.82 7.79
C SER A 110 14.36 7.44 9.13
N GLU A 111 13.04 7.25 9.15
CA GLU A 111 12.33 6.88 10.36
C GLU A 111 12.50 5.39 10.63
N LEU A 112 12.33 4.58 9.59
CA LEU A 112 12.45 3.12 9.70
C LEU A 112 13.87 2.70 10.07
N MET A 113 14.84 3.54 9.75
CA MET A 113 16.24 3.25 10.05
C MET A 113 16.46 3.14 11.56
N LYS A 114 15.62 3.82 12.33
CA LYS A 114 15.74 3.80 13.79
C LYS A 114 14.62 2.99 14.42
N MET A 115 13.42 3.05 13.86
CA MET A 115 12.28 2.32 14.41
C MET A 115 11.36 1.82 13.29
N PRO A 116 10.88 0.57 13.40
CA PRO A 116 9.97 -0.01 12.42
C PRO A 116 8.56 0.57 12.52
N ALA A 117 7.87 0.65 11.40
CA ALA A 117 6.52 1.21 11.40
C ALA A 117 5.48 0.13 11.12
N SER A 118 4.72 -0.23 12.14
CA SER A 118 3.68 -1.24 12.01
C SER A 118 2.42 -0.81 12.73
N GLY A 119 1.27 -0.97 12.09
CA GLY A 119 0.03 -0.59 12.71
C GLY A 119 -1.06 -0.36 11.68
N TRP A 120 -2.14 0.28 12.10
CA TRP A 120 -3.26 0.56 11.22
C TRP A 120 -3.16 1.98 10.67
N TYR A 121 -2.85 2.09 9.40
CA TYR A 121 -2.73 3.40 8.78
C TYR A 121 -4.10 3.87 8.31
N LYS A 122 -4.41 5.12 8.59
CA LYS A 122 -5.68 5.71 8.21
C LYS A 122 -5.72 6.00 6.71
N LEU A 123 -6.91 6.17 6.16
CA LEU A 123 -7.06 6.46 4.75
C LEU A 123 -6.77 7.93 4.47
N LEU A 124 -5.60 8.20 3.92
CA LEU A 124 -5.21 9.56 3.61
C LEU A 124 -5.27 9.80 2.10
N ASN A 125 -5.15 11.06 1.71
CA ASN A 125 -5.18 11.43 0.31
C ASN A 125 -3.81 11.18 -0.33
N GLN A 126 -3.66 11.59 -1.58
CA GLN A 126 -2.40 11.39 -2.29
C GLN A 126 -1.29 12.24 -1.67
N GLU A 127 -1.45 13.55 -1.71
CA GLU A 127 -0.44 14.48 -1.18
C GLU A 127 -0.28 14.33 0.34
N GLU A 128 -1.38 14.03 1.03
CA GLU A 128 -1.34 13.88 2.48
C GLU A 128 -0.84 12.49 2.88
N GLY A 129 -0.67 11.62 1.90
CA GLY A 129 -0.22 10.28 2.18
C GLY A 129 1.23 10.04 1.79
N GLU A 130 1.63 10.63 0.67
CA GLU A 130 3.00 10.46 0.17
C GLU A 130 3.97 11.38 0.90
N TYR A 131 3.45 12.32 1.68
CA TYR A 131 4.31 13.26 2.40
C TYR A 131 4.16 13.11 3.91
N TYR A 132 3.29 12.20 4.35
CA TYR A 132 3.08 11.98 5.77
C TYR A 132 3.28 10.52 6.14
N ASN A 133 3.61 10.27 7.40
CA ASN A 133 3.86 8.90 7.88
C ASN A 133 3.35 8.75 9.31
N VAL A 134 2.04 8.81 9.48
CA VAL A 134 1.43 8.69 10.80
C VAL A 134 0.44 7.52 10.88
N PRO A 135 0.88 6.39 11.45
CA PRO A 135 0.06 5.20 11.61
C PRO A 135 -0.66 5.19 12.97
N ILE A 136 -1.78 4.50 13.04
CA ILE A 136 -2.53 4.41 14.28
C ILE A 136 -2.14 3.14 15.04
N PRO A 137 -1.77 3.27 16.32
CA PRO A 137 -1.35 2.14 17.16
C PRO A 137 -2.39 1.01 17.20
N GLU A 138 -3.57 1.30 17.73
CA GLU A 138 -4.67 0.34 17.83
C GLU A 138 -4.21 -0.94 18.55
N GLY A 139 -3.43 -0.77 19.60
CA GLY A 139 -2.95 -1.90 20.36
C GLY A 139 -2.18 -1.47 21.58
C ACE B 1 9.15 1.83 -19.06
O ACE B 1 9.05 1.15 -18.04
CH3 ACE B 1 10.31 1.67 -20.00
H1 ACE B 1 11.23 1.85 -19.44
H2 ACE B 1 10.23 2.38 -20.79
H3 ACE B 1 10.30 0.66 -20.40
N ASP B 2 8.24 2.74 -19.41
CA ASP B 2 7.06 3.01 -18.61
C ASP B 2 5.84 2.37 -19.25
N GLN B 3 5.31 1.33 -18.61
CA GLN B 3 4.15 0.63 -19.14
C GLN B 3 2.99 0.71 -18.14
N SER B 4 1.83 0.22 -18.54
CA SER B 4 0.65 0.25 -17.69
C SER B 4 0.72 -0.84 -16.62
N ASP B 5 1.31 -0.50 -15.48
CA ASP B 5 1.41 -1.43 -14.36
C ASP B 5 0.15 -1.36 -13.52
N PHE B 6 -0.50 -0.21 -13.56
CA PHE B 6 -1.74 0.01 -12.82
C PHE B 6 -2.86 -0.82 -13.42
N GLU B 7 -3.01 -0.73 -14.74
CA GLU B 7 -4.02 -1.47 -15.46
C GLU B 7 -3.45 -2.72 -16.10
N GLY B 8 -3.50 -3.83 -15.38
CA GLY B 8 -2.98 -5.08 -15.92
C GLY B 8 -2.99 -6.22 -14.92
N PHE B 9 -4.14 -6.85 -14.77
CA PHE B 9 -4.28 -7.96 -13.85
C PHE B 9 -4.91 -9.13 -14.59
N SEP B 10 -6.20 -9.01 -14.87
CA SEP B 10 -6.93 -10.02 -15.59
CB SEP B 10 -8.13 -10.50 -14.77
OG SEP B 10 -7.82 -10.58 -13.38
C SEP B 10 -7.40 -9.45 -16.92
O SEP B 10 -7.44 -8.23 -17.09
P SEP B 10 -8.95 -10.26 -12.31
O1P SEP B 10 -9.74 -11.65 -12.13
O2P SEP B 10 -8.44 -9.97 -10.96
O3P SEP B 10 -9.97 -9.31 -12.77
H SEP B 10 -6.67 -8.21 -14.56
HA SEP B 10 -6.26 -10.85 -15.78
HB2 SEP B 10 -8.42 -11.48 -15.11
HB3 SEP B 10 -8.94 -9.82 -14.90
N TYR B 11 -7.75 -10.31 -17.87
CA TYR B 11 -8.19 -9.86 -19.17
C TYR B 11 -9.73 -9.75 -19.22
N NH2 B 12 -10.38 -10.21 -18.17
HN1 NH2 B 12 -9.86 -10.61 -17.44
HN2 NH2 B 12 -11.35 -10.14 -18.17
CA CA C . -13.73 -3.33 -7.58
CA CA D . -14.93 0.11 -8.11
N HIS A 1 -22.75 11.74 0.69
CA HIS A 1 -22.30 10.33 0.75
C HIS A 1 -20.87 10.19 0.24
N THR A 2 -19.92 10.37 1.15
CA THR A 2 -18.51 10.26 0.82
C THR A 2 -17.73 9.78 2.04
N GLU A 3 -18.20 8.69 2.61
CA GLU A 3 -17.58 8.11 3.79
C GLU A 3 -16.39 7.23 3.41
N LYS A 4 -15.32 7.34 4.19
CA LYS A 4 -14.12 6.54 3.97
C LYS A 4 -13.39 6.34 5.30
N ARG A 5 -13.78 5.30 6.01
CA ARG A 5 -13.18 5.01 7.31
C ARG A 5 -12.40 3.71 7.28
N GLY A 6 -11.96 3.34 6.08
CA GLY A 6 -11.19 2.11 5.92
C GLY A 6 -9.85 2.18 6.59
N ARG A 7 -9.40 1.05 7.12
CA ARG A 7 -8.12 0.97 7.80
C ARG A 7 -7.29 -0.15 7.20
N ILE A 8 -6.01 0.11 6.98
CA ILE A 8 -5.12 -0.89 6.41
C ILE A 8 -3.97 -1.20 7.37
N TYR A 9 -3.63 -2.48 7.48
CA TYR A 9 -2.55 -2.91 8.36
C TYR A 9 -1.27 -3.09 7.55
N LEU A 10 -0.38 -2.13 7.64
CA LEU A 10 0.87 -2.17 6.91
C LEU A 10 2.05 -2.29 7.86
N LYS A 11 2.90 -3.26 7.59
CA LYS A 11 4.09 -3.49 8.40
C LYS A 11 5.34 -3.14 7.61
N ALA A 12 6.10 -2.19 8.12
CA ALA A 12 7.33 -1.75 7.47
C ALA A 12 8.48 -1.83 8.45
N GLU A 13 9.18 -2.95 8.42
CA GLU A 13 10.32 -3.17 9.30
C GLU A 13 11.56 -3.48 8.48
N VAL A 14 12.72 -3.14 9.01
CA VAL A 14 13.97 -3.41 8.32
C VAL A 14 14.70 -4.59 8.95
N THR A 15 15.05 -5.56 8.13
CA THR A 15 15.76 -6.73 8.60
C THR A 15 17.00 -6.99 7.74
N ASP A 16 18.18 -6.76 8.33
CA ASP A 16 19.46 -6.95 7.65
C ASP A 16 19.59 -6.02 6.45
N GLU A 17 19.27 -4.75 6.66
CA GLU A 17 19.31 -3.74 5.60
C GLU A 17 18.39 -4.13 4.45
N LYS A 18 17.24 -4.70 4.80
CA LYS A 18 16.26 -5.11 3.81
C LYS A 18 14.87 -4.76 4.32
N LEU A 19 14.07 -4.13 3.48
CA LEU A 19 12.73 -3.72 3.84
C LEU A 19 11.78 -4.92 3.81
N HIS A 20 11.32 -5.32 4.98
CA HIS A 20 10.41 -6.44 5.10
C HIS A 20 8.97 -5.92 5.06
N VAL A 21 8.56 -5.45 3.89
CA VAL A 21 7.21 -4.91 3.71
C VAL A 21 6.20 -6.04 3.80
N THR A 22 5.37 -5.99 4.82
CA THR A 22 4.37 -7.01 5.04
C THR A 22 2.98 -6.39 5.22
N VAL A 23 2.04 -6.81 4.39
CA VAL A 23 0.68 -6.31 4.49
C VAL A 23 -0.24 -7.42 4.98
N ARG A 24 -1.05 -7.11 5.98
CA ARG A 24 -1.96 -8.11 6.54
C ARG A 24 -3.32 -8.03 5.86
N ASP A 25 -4.20 -7.19 6.39
CA ASP A 25 -5.54 -7.05 5.85
C ASP A 25 -6.08 -5.65 6.07
N ALA A 26 -7.29 -5.41 5.57
CA ALA A 26 -7.94 -4.12 5.70
C ALA A 26 -9.36 -4.31 6.23
N LYS A 27 -9.81 -3.34 7.01
CA LYS A 27 -11.16 -3.40 7.59
C LYS A 27 -11.91 -2.10 7.35
N ASN A 28 -13.23 -2.13 7.62
CA ASN A 28 -14.10 -0.96 7.47
C ASN A 28 -14.16 -0.49 6.03
N LEU A 29 -14.21 -1.44 5.11
CA LEU A 29 -14.28 -1.14 3.69
C LEU A 29 -15.70 -0.72 3.30
N ILE A 30 -15.79 0.32 2.48
CA ILE A 30 -17.07 0.80 2.02
C ILE A 30 -17.31 0.35 0.59
N PRO A 31 -18.57 0.16 0.20
CA PRO A 31 -18.92 -0.28 -1.16
C PRO A 31 -18.41 0.68 -2.23
N MET A 32 -17.47 0.22 -3.03
CA MET A 32 -16.89 1.02 -4.10
C MET A 32 -17.02 0.28 -5.42
N ASP A 33 -18.01 -0.59 -5.50
CA ASP A 33 -18.24 -1.38 -6.71
C ASP A 33 -19.73 -1.52 -6.97
N PRO A 34 -20.12 -1.73 -8.24
CA PRO A 34 -21.53 -1.90 -8.64
C PRO A 34 -22.20 -3.08 -7.94
N ASN A 35 -21.38 -4.00 -7.43
CA ASN A 35 -21.90 -5.18 -6.74
C ASN A 35 -22.07 -4.88 -5.25
N GLY A 36 -21.77 -3.66 -4.86
CA GLY A 36 -21.89 -3.25 -3.47
C GLY A 36 -20.78 -3.81 -2.61
N LEU A 37 -19.56 -3.80 -3.14
CA LEU A 37 -18.40 -4.30 -2.43
C LEU A 37 -17.16 -3.53 -2.85
N SER A 38 -15.99 -4.03 -2.46
CA SER A 38 -14.72 -3.39 -2.82
C SER A 38 -13.60 -4.41 -2.75
N ASP A 39 -12.71 -4.38 -3.75
CA ASP A 39 -11.59 -5.30 -3.81
C ASP A 39 -10.33 -4.55 -4.23
N PRO A 40 -9.66 -3.91 -3.27
CA PRO A 40 -8.46 -3.14 -3.51
C PRO A 40 -7.19 -3.98 -3.49
N TYR A 41 -6.15 -3.47 -4.13
CA TYR A 41 -4.87 -4.14 -4.19
C TYR A 41 -3.79 -3.23 -3.64
N VAL A 42 -2.73 -3.83 -3.10
CA VAL A 42 -1.62 -3.07 -2.53
C VAL A 42 -0.48 -2.93 -3.53
N LYS A 43 -0.22 -1.70 -3.95
CA LYS A 43 0.86 -1.42 -4.89
C LYS A 43 1.93 -0.60 -4.19
N LEU A 44 3.15 -1.11 -4.18
CA LEU A 44 4.25 -0.43 -3.52
C LEU A 44 5.41 -0.17 -4.47
N LYS A 45 5.99 1.01 -4.37
CA LYS A 45 7.12 1.38 -5.22
C LYS A 45 8.02 2.36 -4.48
N LEU A 46 9.31 2.14 -4.56
CA LEU A 46 10.28 3.01 -3.92
C LEU A 46 10.95 3.89 -4.96
N ILE A 47 10.28 4.97 -5.31
CA ILE A 47 10.79 5.91 -6.30
C ILE A 47 12.04 6.61 -5.76
N PRO A 48 12.92 7.08 -6.65
CA PRO A 48 12.74 6.95 -8.11
C PRO A 48 13.07 5.56 -8.64
N ASP A 49 12.15 5.01 -9.43
CA ASP A 49 12.33 3.69 -10.02
C ASP A 49 12.01 3.74 -11.51
N PRO A 50 12.85 4.43 -12.31
CA PRO A 50 12.65 4.55 -13.76
C PRO A 50 12.97 3.24 -14.47
N LYS A 51 13.53 2.31 -13.70
CA LYS A 51 13.91 1.00 -14.21
C LYS A 51 12.71 0.05 -14.10
N ASN A 52 11.71 0.45 -13.32
CA ASN A 52 10.49 -0.34 -13.13
C ASN A 52 10.80 -1.74 -12.62
N GLU A 53 11.65 -1.83 -11.62
CA GLU A 53 12.01 -3.13 -11.06
C GLU A 53 11.82 -3.17 -9.55
N SER A 54 11.72 -2.00 -8.92
CA SER A 54 11.51 -1.93 -7.48
C SER A 54 10.03 -1.94 -7.19
N LYS A 55 9.25 -1.42 -8.14
CA LYS A 55 7.80 -1.37 -8.01
C LYS A 55 7.20 -2.77 -8.14
N GLN A 56 6.40 -3.14 -7.16
CA GLN A 56 5.73 -4.42 -7.15
C GLN A 56 4.39 -4.29 -6.45
N LYS A 57 3.53 -5.29 -6.60
CA LYS A 57 2.22 -5.24 -5.99
C LYS A 57 1.66 -6.64 -5.81
N THR A 58 0.50 -6.72 -5.19
CA THR A 58 -0.16 -8.00 -4.96
C THR A 58 -1.49 -8.05 -5.69
N LYS A 59 -2.02 -9.25 -5.83
CA LYS A 59 -3.29 -9.46 -6.50
C LYS A 59 -4.43 -9.22 -5.54
N THR A 60 -5.57 -8.78 -6.08
CA THR A 60 -6.76 -8.50 -5.28
C THR A 60 -7.34 -9.79 -4.70
N ILE A 61 -8.19 -9.64 -3.70
CA ILE A 61 -8.83 -10.77 -3.04
C ILE A 61 -10.28 -10.90 -3.50
N ARG A 62 -10.92 -12.02 -3.17
CA ARG A 62 -12.31 -12.26 -3.55
C ARG A 62 -13.27 -11.34 -2.80
N SER A 63 -14.56 -11.59 -2.95
CA SER A 63 -15.60 -10.78 -2.32
C SER A 63 -15.54 -10.84 -0.80
N THR A 64 -15.02 -9.77 -0.21
CA THR A 64 -14.92 -9.65 1.24
C THR A 64 -14.58 -8.21 1.62
N LEU A 65 -15.25 -7.69 2.63
CA LEU A 65 -15.00 -6.33 3.09
C LEU A 65 -13.74 -6.29 3.94
N ASN A 66 -13.19 -7.47 4.19
CA ASN A 66 -11.96 -7.62 4.95
C ASN A 66 -10.99 -8.48 4.16
N PRO A 67 -10.29 -7.89 3.18
CA PRO A 67 -9.34 -8.61 2.32
C PRO A 67 -8.00 -8.82 3.01
N GLN A 68 -7.63 -10.09 3.18
CA GLN A 68 -6.36 -10.43 3.81
C GLN A 68 -5.37 -10.89 2.73
N TRP A 69 -4.30 -10.13 2.57
CA TRP A 69 -3.29 -10.43 1.56
C TRP A 69 -2.19 -11.33 2.13
N ASN A 70 -1.64 -10.93 3.28
CA ASN A 70 -0.56 -11.67 3.95
C ASN A 70 0.72 -11.69 3.13
N GLU A 71 0.81 -10.76 2.18
CA GLU A 71 1.96 -10.69 1.30
C GLU A 71 3.17 -10.10 2.03
N SER A 72 4.30 -10.76 1.89
CA SER A 72 5.54 -10.32 2.51
C SER A 72 6.63 -10.17 1.45
N PHE A 73 7.21 -8.98 1.35
CA PHE A 73 8.27 -8.72 0.39
C PHE A 73 9.53 -8.27 1.10
N THR A 74 10.68 -8.44 0.45
CA THR A 74 11.94 -8.04 1.03
C THR A 74 12.90 -7.50 -0.02
N PHE A 75 13.16 -6.19 0.05
CA PHE A 75 14.05 -5.53 -0.90
C PHE A 75 14.61 -4.26 -0.29
N LYS A 76 15.59 -3.64 -0.95
CA LYS A 76 16.19 -2.41 -0.45
C LYS A 76 16.88 -1.67 -1.60
N LEU A 77 16.69 -0.36 -1.63
CA LEU A 77 17.30 0.47 -2.67
C LEU A 77 18.69 0.91 -2.24
N LYS A 78 19.33 1.75 -3.05
CA LYS A 78 20.66 2.25 -2.74
C LYS A 78 20.63 3.08 -1.46
N PRO A 79 21.78 3.22 -0.77
CA PRO A 79 21.86 3.97 0.50
C PRO A 79 21.35 5.41 0.41
N SER A 80 21.15 5.90 -0.81
CA SER A 80 20.65 7.25 -1.03
C SER A 80 19.13 7.31 -0.86
N ASP A 81 18.55 6.18 -0.47
CA ASP A 81 17.10 6.07 -0.27
C ASP A 81 16.69 6.43 1.15
N LYS A 82 17.65 6.85 1.97
CA LYS A 82 17.37 7.20 3.36
C LYS A 82 16.24 8.23 3.48
N ASP A 83 16.29 9.25 2.64
CA ASP A 83 15.27 10.30 2.66
C ASP A 83 14.08 9.93 1.79
N ARG A 84 14.16 8.77 1.17
CA ARG A 84 13.09 8.30 0.30
C ARG A 84 12.01 7.62 1.12
N ARG A 85 10.83 7.49 0.52
CA ARG A 85 9.71 6.88 1.19
C ARG A 85 9.09 5.78 0.33
N LEU A 86 8.77 4.66 0.98
CA LEU A 86 8.14 3.54 0.28
C LEU A 86 6.68 3.91 0.05
N SER A 87 6.35 4.28 -1.17
CA SER A 87 5.00 4.69 -1.51
C SER A 87 4.06 3.50 -1.67
N VAL A 88 3.07 3.42 -0.79
CA VAL A 88 2.08 2.36 -0.81
C VAL A 88 0.74 2.93 -1.27
N GLU A 89 0.23 2.43 -2.39
CA GLU A 89 -1.04 2.90 -2.91
C GLU A 89 -2.06 1.77 -2.95
N ILE A 90 -3.25 2.05 -2.45
CA ILE A 90 -4.31 1.07 -2.44
C ILE A 90 -5.44 1.49 -3.37
N TRP A 91 -5.51 0.85 -4.52
CA TRP A 91 -6.54 1.16 -5.51
C TRP A 91 -7.49 -0.01 -5.66
N ASP A 92 -8.72 0.26 -6.08
CA ASP A 92 -9.73 -0.77 -6.28
C ASP A 92 -9.72 -1.25 -7.73
N TRP A 93 -9.58 -2.56 -7.92
CA TRP A 93 -9.56 -3.14 -9.25
C TRP A 93 -11.00 -3.41 -9.68
N ASP A 94 -11.34 -3.02 -10.90
CA ASP A 94 -12.70 -3.21 -11.38
C ASP A 94 -12.74 -4.05 -12.65
N ARG A 95 -11.98 -5.15 -12.64
CA ARG A 95 -11.93 -6.10 -13.77
C ARG A 95 -11.22 -5.50 -14.99
N THR A 96 -11.85 -4.53 -15.62
CA THR A 96 -11.31 -3.90 -16.81
C THR A 96 -10.17 -2.94 -16.46
N THR A 97 -10.43 -2.03 -15.55
CA THR A 97 -9.42 -1.04 -15.18
C THR A 97 -9.57 -0.60 -13.72
N ARG A 98 -8.85 0.44 -13.35
CA ARG A 98 -8.89 0.97 -11.99
C ARG A 98 -9.52 2.36 -12.02
N ASN A 99 -10.13 2.77 -10.92
CA ASN A 99 -10.79 4.07 -10.89
C ASN A 99 -11.03 4.57 -9.46
N ASP A 100 -11.32 3.66 -8.54
CA ASP A 100 -11.56 4.04 -7.16
C ASP A 100 -10.26 4.09 -6.37
N PHE A 101 -10.01 5.22 -5.73
CA PHE A 101 -8.81 5.40 -4.94
C PHE A 101 -9.17 5.34 -3.46
N MET A 102 -8.68 4.33 -2.77
CA MET A 102 -8.95 4.15 -1.35
C MET A 102 -8.07 5.06 -0.51
N GLY A 103 -6.77 4.82 -0.53
CA GLY A 103 -5.85 5.63 0.23
C GLY A 103 -4.41 5.33 -0.10
N SER A 104 -3.51 6.12 0.46
CA SER A 104 -2.09 5.94 0.22
C SER A 104 -1.28 6.34 1.45
N LEU A 105 -0.10 5.75 1.60
CA LEU A 105 0.79 6.05 2.70
C LEU A 105 2.22 5.77 2.29
N SER A 106 3.18 6.27 3.05
CA SER A 106 4.59 6.05 2.74
C SER A 106 5.42 5.94 4.01
N PHE A 107 6.46 5.13 3.96
CA PHE A 107 7.34 4.95 5.09
C PHE A 107 8.73 5.49 4.80
N GLY A 108 9.22 6.35 5.68
CA GLY A 108 10.54 6.92 5.50
C GLY A 108 11.63 5.94 5.89
N VAL A 109 12.57 5.71 4.98
CA VAL A 109 13.66 4.77 5.22
C VAL A 109 14.47 5.16 6.45
N SER A 110 14.81 6.44 6.56
CA SER A 110 15.58 6.93 7.70
C SER A 110 14.85 6.68 9.01
N GLU A 111 13.53 6.86 8.99
CA GLU A 111 12.72 6.65 10.17
C GLU A 111 12.70 5.16 10.54
N LEU A 112 12.55 4.32 9.52
CA LEU A 112 12.53 2.87 9.70
C LEU A 112 13.86 2.36 10.23
N MET A 113 14.95 2.99 9.80
CA MET A 113 16.29 2.61 10.25
C MET A 113 16.46 2.89 11.74
N LYS A 114 15.61 3.75 12.27
CA LYS A 114 15.63 4.08 13.68
C LYS A 114 14.63 3.22 14.43
N MET A 115 13.43 3.11 13.87
CA MET A 115 12.37 2.31 14.46
C MET A 115 11.44 1.74 13.38
N PRO A 116 11.14 0.44 13.47
CA PRO A 116 10.24 -0.21 12.51
C PRO A 116 8.79 0.22 12.75
N ALA A 117 8.08 0.53 11.68
CA ALA A 117 6.69 0.96 11.79
C ALA A 117 5.74 -0.20 11.57
N SER A 118 4.82 -0.39 12.50
CA SER A 118 3.84 -1.46 12.40
C SER A 118 2.54 -1.05 13.09
N GLY A 119 1.48 -0.93 12.30
CA GLY A 119 0.19 -0.56 12.84
C GLY A 119 -0.83 -0.32 11.74
N TRP A 120 -1.95 0.29 12.10
CA TRP A 120 -2.99 0.57 11.13
C TRP A 120 -2.85 1.97 10.58
N TYR A 121 -3.11 2.14 9.29
CA TYR A 121 -3.01 3.44 8.67
C TYR A 121 -4.36 3.87 8.12
N LYS A 122 -4.68 5.14 8.30
CA LYS A 122 -5.95 5.69 7.82
C LYS A 122 -5.91 5.93 6.31
N LEU A 123 -7.04 6.31 5.74
CA LEU A 123 -7.13 6.56 4.31
C LEU A 123 -6.70 7.98 3.99
N LEU A 124 -5.42 8.18 3.74
CA LEU A 124 -4.90 9.50 3.40
C LEU A 124 -4.81 9.67 1.89
N ASN A 125 -4.93 10.91 1.44
CA ASN A 125 -4.84 11.23 0.02
C ASN A 125 -3.43 10.97 -0.49
N GLN A 126 -3.28 10.81 -1.80
CA GLN A 126 -1.98 10.55 -2.43
C GLN A 126 -0.91 11.52 -1.93
N GLU A 127 -1.18 12.82 -2.07
CA GLU A 127 -0.24 13.86 -1.66
C GLU A 127 0.09 13.81 -0.17
N GLU A 128 -0.89 13.40 0.62
CA GLU A 128 -0.71 13.31 2.05
C GLU A 128 0.11 12.09 2.43
N GLY A 129 -0.31 10.94 1.94
CA GLY A 129 0.38 9.70 2.25
C GLY A 129 1.81 9.67 1.77
N GLU A 130 2.09 10.37 0.68
CA GLU A 130 3.44 10.38 0.11
C GLU A 130 4.38 11.33 0.83
N TYR A 131 3.84 12.20 1.69
CA TYR A 131 4.68 13.16 2.41
C TYR A 131 4.52 13.06 3.92
N TYR A 132 3.56 12.26 4.38
CA TYR A 132 3.33 12.11 5.82
C TYR A 132 3.30 10.64 6.22
N ASN A 133 3.64 10.39 7.48
CA ASN A 133 3.66 9.03 8.02
C ASN A 133 3.07 9.03 9.43
N VAL A 134 1.76 8.99 9.51
CA VAL A 134 1.08 9.00 10.80
C VAL A 134 0.30 7.69 11.03
N PRO A 135 0.96 6.69 11.63
CA PRO A 135 0.34 5.40 11.92
C PRO A 135 -0.53 5.45 13.17
N ILE A 136 -1.58 4.64 13.16
CA ILE A 136 -2.51 4.56 14.28
C ILE A 136 -2.13 3.38 15.17
N PRO A 137 -1.91 3.62 16.46
CA PRO A 137 -1.52 2.57 17.43
C PRO A 137 -2.56 1.45 17.54
N GLU A 138 -3.66 1.73 18.23
CA GLU A 138 -4.74 0.74 18.43
C GLU A 138 -4.21 -0.51 19.12
N GLY A 139 -3.28 -0.33 20.04
CA GLY A 139 -2.72 -1.46 20.74
C GLY A 139 -1.75 -1.02 21.80
C ACE B 1 9.34 0.24 -18.34
O ACE B 1 8.86 -0.71 -17.71
CH3 ACE B 1 10.71 0.16 -18.95
H1 ACE B 1 10.93 -0.89 -19.18
H2 ACE B 1 11.43 0.54 -18.26
H3 ACE B 1 10.72 0.75 -19.86
N ASP B 2 8.69 1.39 -18.52
CA ASP B 2 7.34 1.60 -17.97
C ASP B 2 6.31 0.79 -18.74
N GLN B 3 5.64 -0.11 -18.05
CA GLN B 3 4.61 -0.95 -18.65
C GLN B 3 3.26 -0.67 -18.03
N SER B 4 2.20 -1.23 -18.60
CA SER B 4 0.86 -1.04 -18.09
C SER B 4 0.65 -1.88 -16.83
N ASP B 5 1.25 -1.44 -15.74
CA ASP B 5 1.15 -2.15 -14.47
C ASP B 5 -0.07 -1.68 -13.68
N PHE B 6 -0.40 -0.40 -13.82
CA PHE B 6 -1.55 0.16 -13.12
C PHE B 6 -2.84 -0.43 -13.67
N GLU B 7 -2.82 -0.75 -14.95
CA GLU B 7 -3.98 -1.32 -15.61
C GLU B 7 -3.64 -2.69 -16.21
N GLY B 8 -3.32 -3.65 -15.36
CA GLY B 8 -2.98 -4.98 -15.83
C GLY B 8 -3.05 -6.02 -14.73
N PHE B 9 -4.15 -6.76 -14.68
CA PHE B 9 -4.33 -7.82 -13.67
C PHE B 9 -5.16 -8.96 -14.23
N SEP B 10 -6.38 -8.64 -14.65
CA SEP B 10 -7.29 -9.64 -15.18
CB SEP B 10 -8.50 -9.77 -14.25
OG SEP B 10 -8.10 -9.90 -12.90
C SEP B 10 -7.75 -9.26 -16.58
O SEP B 10 -7.79 -8.08 -16.93
P SEP B 10 -8.99 -10.77 -11.89
O1P SEP B 10 -8.37 -12.24 -11.97
O2P SEP B 10 -8.84 -10.40 -10.48
O3P SEP B 10 -10.39 -10.94 -12.32
H SEP B 10 -6.67 -7.71 -14.60
HA SEP B 10 -6.77 -10.58 -15.22
HB2 SEP B 10 -9.06 -10.65 -14.54
HB3 SEP B 10 -9.12 -8.89 -14.36
N TYR B 11 -8.10 -10.26 -17.37
CA TYR B 11 -8.56 -10.03 -18.73
C TYR B 11 -10.08 -9.89 -18.75
N NH2 B 12 -10.73 -10.38 -17.70
HN1 NH2 B 12 -10.20 -10.81 -17.00
HN2 NH2 B 12 -11.70 -10.31 -17.67
CA CA C . -13.53 -3.33 -7.49
CA CA D . -14.75 0.08 -8.13
N HIS A 1 -21.89 12.22 1.15
CA HIS A 1 -21.85 10.74 1.31
C HIS A 1 -20.51 10.18 0.87
N THR A 2 -19.52 10.31 1.72
CA THR A 2 -18.18 9.81 1.43
C THR A 2 -17.51 9.33 2.72
N GLU A 3 -18.01 8.22 3.23
CA GLU A 3 -17.47 7.63 4.46
C GLU A 3 -16.13 6.96 4.19
N LYS A 4 -15.10 7.39 4.91
CA LYS A 4 -13.76 6.83 4.76
C LYS A 4 -13.27 6.29 6.11
N ARG A 5 -14.00 5.33 6.66
CA ARG A 5 -13.64 4.75 7.95
C ARG A 5 -12.83 3.47 7.78
N GLY A 6 -12.21 3.32 6.61
CA GLY A 6 -11.41 2.14 6.35
C GLY A 6 -10.02 2.24 6.95
N ARG A 7 -9.45 1.11 7.32
CA ARG A 7 -8.12 1.08 7.90
C ARG A 7 -7.35 -0.13 7.40
N ILE A 8 -6.05 0.04 7.15
CA ILE A 8 -5.23 -1.05 6.65
C ILE A 8 -3.98 -1.21 7.52
N TYR A 9 -3.63 -2.46 7.81
CA TYR A 9 -2.46 -2.75 8.64
C TYR A 9 -1.25 -3.02 7.75
N LEU A 10 -0.37 -2.03 7.68
CA LEU A 10 0.84 -2.16 6.86
C LEU A 10 2.06 -2.22 7.76
N LYS A 11 2.88 -3.25 7.56
CA LYS A 11 4.07 -3.43 8.35
C LYS A 11 5.32 -3.14 7.53
N ALA A 12 6.09 -2.15 7.97
CA ALA A 12 7.32 -1.77 7.31
C ALA A 12 8.46 -1.78 8.31
N GLU A 13 9.12 -2.93 8.41
CA GLU A 13 10.22 -3.10 9.34
C GLU A 13 11.53 -3.23 8.59
N VAL A 14 12.64 -3.22 9.33
CA VAL A 14 13.95 -3.34 8.72
C VAL A 14 14.68 -4.53 9.33
N THR A 15 15.12 -5.45 8.49
CA THR A 15 15.82 -6.63 8.94
C THR A 15 16.88 -7.04 7.92
N ASP A 16 18.11 -7.24 8.41
CA ASP A 16 19.24 -7.63 7.55
C ASP A 16 19.55 -6.55 6.53
N GLU A 17 19.31 -5.29 6.93
CA GLU A 17 19.52 -4.12 6.07
C GLU A 17 18.60 -4.16 4.86
N LYS A 18 17.50 -4.89 5.01
CA LYS A 18 16.50 -5.01 3.96
C LYS A 18 15.14 -4.62 4.52
N LEU A 19 14.34 -3.94 3.72
CA LEU A 19 13.03 -3.51 4.17
C LEU A 19 12.05 -4.68 4.11
N HIS A 20 11.50 -5.01 5.28
CA HIS A 20 10.54 -6.10 5.41
C HIS A 20 9.13 -5.55 5.25
N VAL A 21 8.68 -5.49 4.01
CA VAL A 21 7.34 -4.99 3.72
C VAL A 21 6.32 -6.11 3.82
N THR A 22 5.49 -6.04 4.84
CA THR A 22 4.49 -7.06 5.06
C THR A 22 3.08 -6.46 5.14
N VAL A 23 2.21 -6.88 4.24
CA VAL A 23 0.85 -6.38 4.23
C VAL A 23 -0.09 -7.42 4.84
N ARG A 24 -0.79 -7.02 5.89
CA ARG A 24 -1.71 -7.89 6.59
C ARG A 24 -3.08 -7.87 5.92
N ASP A 25 -3.96 -7.00 6.40
CA ASP A 25 -5.30 -6.90 5.87
C ASP A 25 -5.89 -5.52 6.13
N ALA A 26 -7.09 -5.31 5.62
CA ALA A 26 -7.80 -4.05 5.78
C ALA A 26 -9.22 -4.33 6.26
N LYS A 27 -9.77 -3.43 7.06
CA LYS A 27 -11.12 -3.60 7.58
C LYS A 27 -11.94 -2.32 7.49
N ASN A 28 -13.27 -2.48 7.54
CA ASN A 28 -14.21 -1.36 7.49
C ASN A 28 -14.18 -0.67 6.13
N LEU A 29 -14.19 -1.45 5.07
CA LEU A 29 -14.17 -0.91 3.72
C LEU A 29 -15.58 -0.68 3.21
N ILE A 30 -15.82 0.50 2.65
CA ILE A 30 -17.13 0.83 2.12
C ILE A 30 -17.23 0.40 0.66
N PRO A 31 -18.41 -0.03 0.21
CA PRO A 31 -18.63 -0.51 -1.17
C PRO A 31 -18.30 0.55 -2.23
N MET A 32 -17.33 0.22 -3.08
CA MET A 32 -16.91 1.12 -4.16
C MET A 32 -17.07 0.42 -5.51
N ASP A 33 -18.02 -0.51 -5.58
CA ASP A 33 -18.29 -1.25 -6.81
C ASP A 33 -19.79 -1.30 -7.05
N PRO A 34 -20.21 -1.50 -8.32
CA PRO A 34 -21.64 -1.58 -8.67
C PRO A 34 -22.34 -2.77 -8.01
N ASN A 35 -21.54 -3.73 -7.55
CA ASN A 35 -22.08 -4.92 -6.90
C ASN A 35 -22.08 -4.76 -5.39
N GLY A 36 -21.69 -3.58 -4.92
CA GLY A 36 -21.65 -3.33 -3.50
C GLY A 36 -20.49 -4.06 -2.84
N LEU A 37 -19.33 -3.99 -3.46
CA LEU A 37 -18.14 -4.65 -2.94
C LEU A 37 -16.91 -3.76 -3.13
N SER A 38 -15.81 -4.15 -2.52
CA SER A 38 -14.56 -3.41 -2.63
C SER A 38 -13.38 -4.35 -2.59
N ASP A 39 -12.84 -4.64 -3.75
CA ASP A 39 -11.71 -5.54 -3.90
C ASP A 39 -10.46 -4.78 -4.35
N PRO A 40 -9.70 -4.23 -3.39
CA PRO A 40 -8.49 -3.48 -3.67
C PRO A 40 -7.22 -4.34 -3.59
N TYR A 41 -6.14 -3.81 -4.15
CA TYR A 41 -4.87 -4.50 -4.14
C TYR A 41 -3.79 -3.55 -3.63
N VAL A 42 -2.73 -4.12 -3.07
CA VAL A 42 -1.65 -3.31 -2.55
C VAL A 42 -0.49 -3.24 -3.54
N LYS A 43 -0.17 -2.02 -3.96
CA LYS A 43 0.93 -1.80 -4.90
C LYS A 43 2.02 -0.99 -4.20
N LEU A 44 3.17 -1.60 -4.01
CA LEU A 44 4.28 -0.94 -3.35
C LEU A 44 5.33 -0.48 -4.36
N LYS A 45 5.90 0.68 -4.13
CA LYS A 45 6.90 1.22 -5.03
C LYS A 45 7.87 2.13 -4.27
N LEU A 46 9.16 1.89 -4.43
CA LEU A 46 10.17 2.69 -3.77
C LEU A 46 10.95 3.48 -4.82
N ILE A 47 10.58 4.74 -4.98
CA ILE A 47 11.24 5.61 -5.95
C ILE A 47 12.65 5.96 -5.48
N PRO A 48 13.57 6.24 -6.42
CA PRO A 48 13.28 6.22 -7.85
C PRO A 48 13.49 4.85 -8.48
N ASP A 49 12.49 4.40 -9.24
CA ASP A 49 12.56 3.10 -9.90
C ASP A 49 12.38 3.25 -11.41
N PRO A 50 13.48 3.49 -12.14
CA PRO A 50 13.45 3.65 -13.59
C PRO A 50 13.63 2.32 -14.32
N LYS A 51 13.70 1.24 -13.55
CA LYS A 51 13.88 -0.10 -14.12
C LYS A 51 12.57 -0.88 -14.00
N ASN A 52 11.74 -0.48 -13.06
CA ASN A 52 10.43 -1.09 -12.81
C ASN A 52 10.56 -2.49 -12.19
N GLU A 53 11.58 -2.69 -11.39
CA GLU A 53 11.77 -3.98 -10.73
C GLU A 53 11.57 -3.84 -9.23
N SER A 54 11.45 -2.61 -8.76
CA SER A 54 11.23 -2.36 -7.35
C SER A 54 9.74 -2.24 -7.10
N LYS A 55 9.04 -1.67 -8.08
CA LYS A 55 7.59 -1.50 -8.02
C LYS A 55 6.91 -2.83 -8.30
N GLN A 56 6.24 -3.37 -7.30
CA GLN A 56 5.55 -4.65 -7.44
C GLN A 56 4.21 -4.61 -6.72
N LYS A 57 3.33 -5.54 -7.05
CA LYS A 57 2.02 -5.59 -6.43
C LYS A 57 1.44 -7.00 -6.48
N THR A 58 0.38 -7.22 -5.72
CA THR A 58 -0.27 -8.52 -5.68
C THR A 58 -1.65 -8.44 -6.32
N LYS A 59 -2.30 -9.59 -6.50
CA LYS A 59 -3.62 -9.66 -7.11
C LYS A 59 -4.68 -9.26 -6.09
N THR A 60 -5.86 -8.89 -6.58
CA THR A 60 -6.97 -8.49 -5.72
C THR A 60 -7.56 -9.70 -4.98
N ILE A 61 -8.45 -9.42 -4.04
CA ILE A 61 -9.07 -10.46 -3.23
C ILE A 61 -10.50 -10.71 -3.70
N ARG A 62 -11.06 -11.84 -3.28
CA ARG A 62 -12.44 -12.22 -3.64
C ARG A 62 -13.45 -11.36 -2.88
N SER A 63 -14.72 -11.77 -2.93
CA SER A 63 -15.79 -11.04 -2.28
C SER A 63 -15.56 -10.96 -0.76
N THR A 64 -15.33 -9.75 -0.28
CA THR A 64 -15.10 -9.51 1.13
C THR A 64 -14.98 -8.00 1.40
N LEU A 65 -15.38 -7.58 2.59
CA LEU A 65 -15.29 -6.18 2.97
C LEU A 65 -14.06 -5.98 3.83
N ASN A 66 -13.39 -7.10 4.10
CA ASN A 66 -12.17 -7.11 4.90
C ASN A 66 -11.13 -7.98 4.19
N PRO A 67 -10.49 -7.44 3.15
CA PRO A 67 -9.50 -8.17 2.35
C PRO A 67 -8.18 -8.40 3.08
N GLN A 68 -7.71 -9.64 3.02
CA GLN A 68 -6.45 -10.02 3.63
C GLN A 68 -5.51 -10.51 2.53
N TRP A 69 -4.30 -9.99 2.50
CA TRP A 69 -3.35 -10.34 1.45
C TRP A 69 -2.32 -11.39 1.87
N ASN A 70 -1.66 -11.15 3.01
CA ASN A 70 -0.62 -12.07 3.54
C ASN A 70 0.60 -12.05 2.63
N GLU A 71 0.91 -10.90 2.05
CA GLU A 71 2.04 -10.77 1.15
C GLU A 71 3.24 -10.10 1.83
N SER A 72 4.40 -10.72 1.68
CA SER A 72 5.64 -10.18 2.25
C SER A 72 6.65 -9.96 1.12
N PHE A 73 7.34 -8.82 1.16
CA PHE A 73 8.35 -8.49 0.16
C PHE A 73 9.59 -7.90 0.82
N THR A 74 10.77 -8.26 0.32
CA THR A 74 12.02 -7.77 0.87
C THR A 74 12.94 -7.24 -0.23
N PHE A 75 13.42 -6.02 -0.05
CA PHE A 75 14.33 -5.41 -1.03
C PHE A 75 14.96 -4.16 -0.44
N LYS A 76 15.88 -3.55 -1.19
CA LYS A 76 16.57 -2.34 -0.76
C LYS A 76 17.04 -1.54 -1.97
N LEU A 77 16.81 -0.24 -1.95
CA LEU A 77 17.23 0.63 -3.04
C LEU A 77 18.65 1.12 -2.83
N LYS A 78 19.10 2.05 -3.65
CA LYS A 78 20.45 2.60 -3.54
C LYS A 78 20.62 3.34 -2.21
N PRO A 79 21.87 3.45 -1.71
CA PRO A 79 22.18 4.12 -0.43
C PRO A 79 21.50 5.48 -0.24
N SER A 80 21.30 6.20 -1.33
CA SER A 80 20.67 7.52 -1.28
C SER A 80 19.14 7.40 -1.26
N ASP A 81 18.62 6.37 -0.61
CA ASP A 81 17.19 6.15 -0.52
C ASP A 81 16.69 6.41 0.90
N LYS A 82 17.55 7.01 1.72
CA LYS A 82 17.19 7.29 3.10
C LYS A 82 16.11 8.36 3.18
N ASP A 83 16.09 9.28 2.22
CA ASP A 83 15.10 10.35 2.22
C ASP A 83 13.88 9.94 1.39
N ARG A 84 13.94 8.74 0.83
CA ARG A 84 12.86 8.23 0.01
C ARG A 84 11.78 7.59 0.88
N ARG A 85 10.59 7.49 0.32
CA ARG A 85 9.46 6.90 1.04
C ARG A 85 8.80 5.82 0.20
N LEU A 86 8.69 4.61 0.73
CA LEU A 86 8.05 3.52 0.00
C LEU A 86 6.57 3.83 -0.12
N SER A 87 6.14 4.18 -1.31
CA SER A 87 4.76 4.54 -1.56
C SER A 87 3.87 3.30 -1.66
N VAL A 88 3.06 3.09 -0.63
CA VAL A 88 2.13 1.99 -0.60
C VAL A 88 0.77 2.51 -1.04
N GLU A 89 0.42 2.22 -2.29
CA GLU A 89 -0.83 2.68 -2.85
C GLU A 89 -1.85 1.56 -2.95
N ILE A 90 -3.03 1.80 -2.43
CA ILE A 90 -4.11 0.82 -2.46
C ILE A 90 -5.22 1.32 -3.38
N TRP A 91 -5.40 0.64 -4.51
CA TRP A 91 -6.42 1.02 -5.48
C TRP A 91 -7.41 -0.12 -5.68
N ASP A 92 -8.62 0.20 -6.10
CA ASP A 92 -9.65 -0.81 -6.35
C ASP A 92 -9.64 -1.23 -7.81
N TRP A 93 -9.58 -2.53 -8.04
CA TRP A 93 -9.57 -3.06 -9.39
C TRP A 93 -11.00 -3.33 -9.81
N ASP A 94 -11.37 -2.89 -11.00
CA ASP A 94 -12.74 -3.09 -11.48
C ASP A 94 -12.77 -3.96 -12.73
N ARG A 95 -12.09 -5.10 -12.64
CA ARG A 95 -12.02 -6.09 -13.72
C ARG A 95 -11.25 -5.60 -14.94
N THR A 96 -11.86 -4.68 -15.69
CA THR A 96 -11.25 -4.15 -16.90
C THR A 96 -10.14 -3.15 -16.59
N THR A 97 -10.36 -2.28 -15.60
CA THR A 97 -9.37 -1.29 -15.24
C THR A 97 -9.58 -0.80 -13.81
N ARG A 98 -8.78 0.18 -13.42
CA ARG A 98 -8.88 0.76 -12.08
C ARG A 98 -9.45 2.17 -12.19
N ASN A 99 -9.93 2.71 -11.08
CA ASN A 99 -10.48 4.05 -11.08
C ASN A 99 -10.70 4.55 -9.66
N ASP A 100 -11.21 3.69 -8.79
CA ASP A 100 -11.44 4.07 -7.40
C ASP A 100 -10.14 4.11 -6.62
N PHE A 101 -10.05 5.08 -5.72
CA PHE A 101 -8.87 5.25 -4.89
C PHE A 101 -9.23 5.08 -3.41
N MET A 102 -8.58 4.15 -2.75
CA MET A 102 -8.83 3.89 -1.33
C MET A 102 -7.96 4.80 -0.47
N GLY A 103 -6.67 4.63 -0.56
CA GLY A 103 -5.75 5.44 0.21
C GLY A 103 -4.31 5.02 -0.01
N SER A 104 -3.39 5.92 0.29
CA SER A 104 -1.98 5.65 0.13
C SER A 104 -1.20 6.12 1.36
N LEU A 105 -0.08 5.47 1.64
CA LEU A 105 0.76 5.81 2.78
C LEU A 105 2.22 5.58 2.45
N SER A 106 3.10 6.28 3.15
CA SER A 106 4.52 6.13 2.92
C SER A 106 5.32 6.63 4.13
N PHE A 107 6.35 5.89 4.50
CA PHE A 107 7.20 6.25 5.61
C PHE A 107 8.61 6.51 5.13
N GLY A 108 9.31 7.40 5.79
CA GLY A 108 10.68 7.71 5.40
C GLY A 108 11.64 6.64 5.85
N VAL A 109 12.52 6.22 4.96
CA VAL A 109 13.51 5.18 5.27
C VAL A 109 14.42 5.62 6.42
N SER A 110 14.64 6.93 6.53
CA SER A 110 15.47 7.51 7.58
C SER A 110 14.85 7.30 8.96
N GLU A 111 13.53 7.13 8.97
CA GLU A 111 12.80 6.92 10.21
C GLU A 111 12.76 5.43 10.54
N LEU A 112 12.53 4.62 9.51
CA LEU A 112 12.46 3.17 9.68
C LEU A 112 13.81 2.58 10.04
N MET A 113 14.88 3.29 9.69
CA MET A 113 16.24 2.83 9.98
C MET A 113 16.51 2.84 11.49
N LYS A 114 15.68 3.55 12.25
CA LYS A 114 15.88 3.61 13.69
C LYS A 114 14.71 2.96 14.42
N MET A 115 13.53 2.95 13.79
CA MET A 115 12.35 2.35 14.41
C MET A 115 11.40 1.80 13.34
N PRO A 116 11.05 0.51 13.43
CA PRO A 116 10.13 -0.13 12.49
C PRO A 116 8.72 0.45 12.58
N ALA A 117 8.06 0.59 11.44
CA ALA A 117 6.71 1.15 11.40
C ALA A 117 5.67 0.06 11.21
N SER A 118 4.99 -0.29 12.29
CA SER A 118 3.95 -1.31 12.25
C SER A 118 2.68 -0.81 12.94
N GLY A 119 1.69 -0.44 12.16
CA GLY A 119 0.44 0.06 12.70
C GLY A 119 -0.63 0.17 11.65
N TRP A 120 -1.84 0.51 12.09
CA TRP A 120 -2.96 0.66 11.18
C TRP A 120 -2.95 2.07 10.59
N TYR A 121 -2.95 2.17 9.28
CA TYR A 121 -2.95 3.48 8.65
C TYR A 121 -4.34 3.88 8.19
N LYS A 122 -4.65 5.16 8.31
CA LYS A 122 -5.94 5.69 7.92
C LYS A 122 -5.97 5.94 6.42
N LEU A 123 -7.12 6.38 5.92
CA LEU A 123 -7.26 6.65 4.49
C LEU A 123 -6.91 8.10 4.18
N LEU A 124 -5.64 8.33 3.92
CA LEU A 124 -5.15 9.67 3.60
C LEU A 124 -5.12 9.88 2.09
N ASN A 125 -5.28 11.13 1.69
CA ASN A 125 -5.28 11.50 0.28
C ASN A 125 -3.92 11.23 -0.35
N GLN A 126 -3.87 11.30 -1.68
CA GLN A 126 -2.67 11.05 -2.45
C GLN A 126 -1.50 11.91 -1.96
N GLU A 127 -1.69 13.23 -1.97
CA GLU A 127 -0.64 14.16 -1.56
C GLU A 127 -0.50 14.24 -0.04
N GLU A 128 -1.24 13.37 0.66
CA GLU A 128 -1.18 13.35 2.11
C GLU A 128 -0.33 12.18 2.59
N GLY A 129 -0.66 10.98 2.12
CA GLY A 129 0.05 9.79 2.52
C GLY A 129 1.47 9.72 2.01
N GLU A 130 1.78 10.44 0.93
CA GLU A 130 3.12 10.42 0.38
C GLU A 130 4.03 11.45 1.04
N TYR A 131 3.46 12.30 1.89
CA TYR A 131 4.24 13.31 2.58
C TYR A 131 4.14 13.16 4.10
N TYR A 132 3.13 12.44 4.56
CA TYR A 132 2.93 12.25 5.98
C TYR A 132 2.98 10.78 6.37
N ASN A 133 3.43 10.53 7.58
CA ASN A 133 3.54 9.17 8.11
C ASN A 133 2.93 9.11 9.50
N VAL A 134 1.61 9.21 9.56
CA VAL A 134 0.89 9.18 10.82
C VAL A 134 -0.07 8.00 10.89
N PRO A 135 0.35 6.92 11.55
CA PRO A 135 -0.47 5.73 11.71
C PRO A 135 -1.29 5.75 13.00
N ILE A 136 -2.04 4.69 13.22
CA ILE A 136 -2.87 4.57 14.40
C ILE A 136 -2.31 3.45 15.28
N PRO A 137 -2.07 3.72 16.57
CA PRO A 137 -1.51 2.73 17.51
C PRO A 137 -2.33 1.44 17.56
N GLU A 138 -3.52 1.52 18.14
CA GLU A 138 -4.42 0.36 18.28
C GLU A 138 -3.70 -0.82 18.93
N GLY A 139 -3.11 -0.58 20.09
CA GLY A 139 -2.41 -1.63 20.79
C GLY A 139 -0.97 -1.26 21.10
C ACE B 1 9.87 0.73 -18.01
O ACE B 1 9.58 -0.37 -17.57
CH3 ACE B 1 11.12 0.94 -18.84
H1 ACE B 1 11.51 -0.04 -19.11
H2 ACE B 1 11.84 1.46 -18.26
H3 ACE B 1 10.87 1.51 -19.71
N ASP B 2 9.13 1.81 -17.81
CA ASP B 2 7.89 1.77 -17.03
C ASP B 2 6.84 0.97 -17.79
N GLN B 3 6.30 -0.04 -17.14
CA GLN B 3 5.29 -0.90 -17.77
C GLN B 3 3.89 -0.53 -17.30
N SER B 4 2.88 -1.02 -18.00
CA SER B 4 1.49 -0.75 -17.66
C SER B 4 1.03 -1.66 -16.52
N ASP B 5 1.73 -1.59 -15.40
CA ASP B 5 1.42 -2.41 -14.24
C ASP B 5 0.20 -1.88 -13.50
N PHE B 6 -0.10 -0.61 -13.69
CA PHE B 6 -1.23 0.03 -13.03
C PHE B 6 -2.55 -0.58 -13.51
N GLU B 7 -2.66 -0.80 -14.81
CA GLU B 7 -3.85 -1.37 -15.39
C GLU B 7 -3.52 -2.68 -16.12
N GLY B 8 -3.06 -3.67 -15.36
CA GLY B 8 -2.71 -4.93 -15.96
C GLY B 8 -2.91 -6.12 -15.04
N PHE B 9 -4.15 -6.55 -14.90
CA PHE B 9 -4.47 -7.69 -14.07
C PHE B 9 -5.37 -8.65 -14.85
N SEP B 10 -6.66 -8.43 -14.74
CA SEP B 10 -7.65 -9.25 -15.43
CB SEP B 10 -8.94 -9.27 -14.62
OG SEP B 10 -8.67 -9.30 -13.23
C SEP B 10 -7.90 -8.71 -16.83
O SEP B 10 -7.63 -7.54 -17.11
P SEP B 10 -9.74 -9.96 -12.24
O1P SEP B 10 -9.57 -11.53 -12.47
O2P SEP B 10 -9.45 -9.77 -10.82
O3P SEP B 10 -11.15 -9.68 -12.60
H SEP B 10 -6.97 -7.69 -14.19
HA SEP B 10 -7.26 -10.26 -15.50
HB2 SEP B 10 -9.51 -10.15 -14.89
HB3 SEP B 10 -9.52 -8.39 -14.85
N TYR B 11 -8.42 -9.56 -17.71
CA TYR B 11 -8.72 -9.16 -19.07
C TYR B 11 -10.20 -8.81 -19.21
N NH2 B 12 -10.96 -9.07 -18.17
HN1 NH2 B 12 -10.55 -9.46 -17.38
HN2 NH2 B 12 -11.92 -8.86 -18.23
CA CA C . -13.63 -3.35 -7.65
CA CA D . -14.73 0.20 -8.19
N HIS A 1 -21.17 12.75 0.30
CA HIS A 1 -21.32 11.30 0.55
C HIS A 1 -20.01 10.58 0.23
N THR A 2 -18.95 10.94 0.93
CA THR A 2 -17.66 10.31 0.71
C THR A 2 -17.14 9.67 1.99
N GLU A 3 -17.63 8.47 2.27
CA GLU A 3 -17.21 7.74 3.45
C GLU A 3 -15.89 7.02 3.18
N LYS A 4 -14.98 7.05 4.15
CA LYS A 4 -13.68 6.41 3.99
C LYS A 4 -13.07 6.13 5.37
N ARG A 5 -13.84 5.50 6.22
CA ARG A 5 -13.40 5.18 7.58
C ARG A 5 -12.60 3.88 7.62
N GLY A 6 -12.07 3.47 6.47
CA GLY A 6 -11.31 2.23 6.39
C GLY A 6 -9.93 2.35 6.98
N ARG A 7 -9.33 1.21 7.27
CA ARG A 7 -7.99 1.15 7.83
C ARG A 7 -7.22 -0.01 7.22
N ILE A 8 -5.95 0.20 6.94
CA ILE A 8 -5.10 -0.84 6.37
C ILE A 8 -3.92 -1.13 7.29
N TYR A 9 -3.67 -2.42 7.55
CA TYR A 9 -2.58 -2.82 8.42
C TYR A 9 -1.30 -3.05 7.61
N LEU A 10 -0.39 -2.08 7.67
CA LEU A 10 0.86 -2.16 6.92
C LEU A 10 2.04 -2.24 7.88
N LYS A 11 2.93 -3.19 7.63
CA LYS A 11 4.12 -3.37 8.45
C LYS A 11 5.38 -3.17 7.61
N ALA A 12 6.02 -2.03 7.79
CA ALA A 12 7.24 -1.73 7.06
C ALA A 12 8.43 -1.72 8.03
N GLU A 13 9.31 -2.68 7.88
CA GLU A 13 10.47 -2.79 8.76
C GLU A 13 11.76 -2.96 7.97
N VAL A 14 12.87 -3.08 8.68
CA VAL A 14 14.17 -3.26 8.07
C VAL A 14 14.94 -4.35 8.83
N THR A 15 15.23 -5.44 8.14
CA THR A 15 15.95 -6.55 8.74
C THR A 15 17.03 -7.06 7.80
N ASP A 16 18.25 -7.20 8.32
CA ASP A 16 19.40 -7.68 7.54
C ASP A 16 19.71 -6.72 6.39
N GLU A 17 19.49 -5.44 6.64
CA GLU A 17 19.72 -4.38 5.64
C GLU A 17 18.80 -4.56 4.44
N LYS A 18 17.64 -5.17 4.69
CA LYS A 18 16.64 -5.39 3.66
C LYS A 18 15.30 -4.84 4.13
N LEU A 19 14.56 -4.21 3.23
CA LEU A 19 13.27 -3.65 3.57
C LEU A 19 12.22 -4.76 3.64
N HIS A 20 11.67 -4.98 4.82
CA HIS A 20 10.67 -6.00 5.03
C HIS A 20 9.27 -5.38 5.07
N VAL A 21 8.59 -5.45 3.93
CA VAL A 21 7.25 -4.88 3.82
C VAL A 21 6.20 -5.99 3.87
N THR A 22 5.34 -5.94 4.88
CA THR A 22 4.31 -6.95 5.05
C THR A 22 2.92 -6.31 5.10
N VAL A 23 2.00 -6.83 4.32
CA VAL A 23 0.63 -6.34 4.31
C VAL A 23 -0.31 -7.44 4.80
N ARG A 24 -0.91 -7.23 5.95
CA ARG A 24 -1.80 -8.22 6.54
C ARG A 24 -3.21 -8.11 5.96
N ASP A 25 -4.02 -7.23 6.51
CA ASP A 25 -5.39 -7.06 6.04
C ASP A 25 -5.89 -5.64 6.23
N ALA A 26 -7.11 -5.40 5.79
CA ALA A 26 -7.75 -4.10 5.90
C ALA A 26 -9.17 -4.27 6.42
N LYS A 27 -9.68 -3.28 7.13
CA LYS A 27 -11.03 -3.35 7.69
C LYS A 27 -11.76 -2.03 7.54
N ASN A 28 -13.06 -2.05 7.84
CA ASN A 28 -13.94 -0.86 7.76
C ASN A 28 -14.03 -0.35 6.33
N LEU A 29 -14.07 -1.28 5.38
CA LEU A 29 -14.14 -0.94 3.97
C LEU A 29 -15.54 -0.50 3.57
N ILE A 30 -15.61 0.40 2.60
CA ILE A 30 -16.87 0.89 2.08
C ILE A 30 -17.11 0.32 0.70
N PRO A 31 -18.37 0.30 0.21
CA PRO A 31 -18.69 -0.22 -1.12
C PRO A 31 -18.26 0.71 -2.25
N MET A 32 -17.17 0.37 -2.92
CA MET A 32 -16.65 1.17 -4.03
C MET A 32 -16.94 0.50 -5.36
N ASP A 33 -17.95 -0.37 -5.37
CA ASP A 33 -18.35 -1.08 -6.58
C ASP A 33 -19.86 -1.07 -6.67
N PRO A 34 -20.40 -1.12 -7.90
CA PRO A 34 -21.86 -1.13 -8.12
C PRO A 34 -22.50 -2.41 -7.58
N ASN A 35 -21.68 -3.43 -7.37
CA ASN A 35 -22.15 -4.72 -6.86
C ASN A 35 -22.23 -4.70 -5.34
N GLY A 36 -21.79 -3.60 -4.74
CA GLY A 36 -21.80 -3.49 -3.28
C GLY A 36 -20.64 -4.24 -2.67
N LEU A 37 -19.43 -3.89 -3.09
CA LEU A 37 -18.23 -4.54 -2.57
C LEU A 37 -17.01 -3.74 -3.01
N SER A 38 -15.82 -4.20 -2.62
CA SER A 38 -14.58 -3.56 -2.98
C SER A 38 -13.45 -4.59 -3.01
N ASP A 39 -12.68 -4.58 -4.08
CA ASP A 39 -11.55 -5.50 -4.22
C ASP A 39 -10.28 -4.70 -4.46
N PRO A 40 -9.61 -4.28 -3.37
CA PRO A 40 -8.40 -3.50 -3.42
C PRO A 40 -7.14 -4.35 -3.54
N TYR A 41 -6.11 -3.74 -4.11
CA TYR A 41 -4.82 -4.39 -4.29
C TYR A 41 -3.74 -3.51 -3.68
N VAL A 42 -2.68 -4.12 -3.19
CA VAL A 42 -1.59 -3.39 -2.58
C VAL A 42 -0.41 -3.26 -3.54
N LYS A 43 -0.13 -2.03 -3.94
CA LYS A 43 0.96 -1.74 -4.84
C LYS A 43 2.12 -1.08 -4.09
N LEU A 44 3.20 -1.82 -3.90
CA LEU A 44 4.35 -1.32 -3.18
C LEU A 44 5.45 -0.93 -4.16
N LYS A 45 5.94 0.30 -4.02
CA LYS A 45 6.99 0.79 -4.90
C LYS A 45 7.88 1.81 -4.21
N LEU A 46 9.17 1.68 -4.43
CA LEU A 46 10.14 2.61 -3.86
C LEU A 46 10.94 3.26 -4.98
N ILE A 47 10.71 4.54 -5.18
CA ILE A 47 11.36 5.31 -6.22
C ILE A 47 12.66 5.94 -5.71
N PRO A 48 13.57 6.35 -6.61
CA PRO A 48 13.40 6.22 -8.06
C PRO A 48 13.88 4.88 -8.59
N ASP A 49 12.99 4.15 -9.24
CA ASP A 49 13.33 2.85 -9.80
C ASP A 49 12.95 2.80 -11.29
N PRO A 50 13.92 3.03 -12.17
CA PRO A 50 13.70 3.00 -13.61
C PRO A 50 13.68 1.56 -14.14
N LYS A 51 14.11 0.63 -13.29
CA LYS A 51 14.15 -0.78 -13.63
C LYS A 51 12.74 -1.36 -13.58
N ASN A 52 11.94 -0.78 -12.71
CA ASN A 52 10.54 -1.16 -12.52
C ASN A 52 10.42 -2.56 -11.92
N GLU A 53 11.50 -3.05 -11.32
CA GLU A 53 11.49 -4.36 -10.71
C GLU A 53 11.29 -4.25 -9.20
N SER A 54 11.46 -3.04 -8.67
CA SER A 54 11.26 -2.79 -7.26
C SER A 54 9.81 -2.39 -7.03
N LYS A 55 9.07 -2.33 -8.14
CA LYS A 55 7.66 -1.99 -8.13
C LYS A 55 6.85 -3.27 -8.26
N GLN A 56 6.42 -3.80 -7.13
CA GLN A 56 5.66 -5.04 -7.11
C GLN A 56 4.26 -4.80 -6.53
N LYS A 57 3.36 -5.73 -6.80
CA LYS A 57 2.01 -5.63 -6.29
C LYS A 57 1.41 -7.01 -6.06
N THR A 58 0.43 -7.09 -5.19
CA THR A 58 -0.24 -8.34 -4.88
C THR A 58 -1.67 -8.30 -5.43
N LYS A 59 -2.16 -9.46 -5.83
CA LYS A 59 -3.50 -9.57 -6.38
C LYS A 59 -4.53 -9.37 -5.27
N THR A 60 -5.72 -8.94 -5.65
CA THR A 60 -6.79 -8.72 -4.69
C THR A 60 -7.30 -10.07 -4.15
N ILE A 61 -8.12 -10.00 -3.11
CA ILE A 61 -8.65 -11.19 -2.49
C ILE A 61 -10.07 -11.47 -3.02
N ARG A 62 -10.67 -12.56 -2.54
CA ARG A 62 -12.01 -12.95 -2.95
C ARG A 62 -13.04 -11.92 -2.50
N SER A 63 -14.28 -12.14 -2.88
CA SER A 63 -15.37 -11.25 -2.53
C SER A 63 -15.58 -11.16 -1.02
N THR A 64 -15.23 -10.00 -0.46
CA THR A 64 -15.37 -9.75 0.96
C THR A 64 -15.03 -8.29 1.26
N LEU A 65 -15.52 -7.77 2.36
CA LEU A 65 -15.25 -6.38 2.74
C LEU A 65 -14.09 -6.33 3.72
N ASN A 66 -13.51 -7.50 3.99
CA ASN A 66 -12.38 -7.64 4.90
C ASN A 66 -11.32 -8.50 4.22
N PRO A 67 -10.54 -7.91 3.30
CA PRO A 67 -9.51 -8.63 2.56
C PRO A 67 -8.20 -8.78 3.33
N GLN A 68 -7.67 -10.00 3.33
CA GLN A 68 -6.42 -10.29 4.01
C GLN A 68 -5.42 -10.86 3.00
N TRP A 69 -4.44 -10.04 2.63
CA TRP A 69 -3.43 -10.45 1.66
C TRP A 69 -2.40 -11.36 2.31
N ASN A 70 -1.83 -10.89 3.42
CA ASN A 70 -0.82 -11.63 4.17
C ASN A 70 0.42 -11.86 3.30
N GLU A 71 0.79 -10.83 2.55
CA GLU A 71 1.95 -10.91 1.66
C GLU A 71 3.14 -10.14 2.25
N SER A 72 4.34 -10.66 2.02
CA SER A 72 5.55 -10.05 2.53
C SER A 72 6.61 -9.98 1.44
N PHE A 73 7.18 -8.80 1.25
CA PHE A 73 8.21 -8.60 0.23
C PHE A 73 9.49 -8.08 0.88
N THR A 74 10.61 -8.27 0.19
CA THR A 74 11.90 -7.84 0.69
C THR A 74 12.78 -7.32 -0.44
N PHE A 75 13.21 -6.06 -0.33
CA PHE A 75 14.06 -5.45 -1.35
C PHE A 75 14.88 -4.32 -0.73
N LYS A 76 15.67 -3.64 -1.56
CA LYS A 76 16.52 -2.55 -1.10
C LYS A 76 17.01 -1.71 -2.28
N LEU A 77 16.66 -0.43 -2.27
CA LEU A 77 17.09 0.48 -3.33
C LEU A 77 18.48 0.99 -3.04
N LYS A 78 18.98 1.87 -3.90
CA LYS A 78 20.31 2.45 -3.71
C LYS A 78 20.35 3.25 -2.41
N PRO A 79 21.53 3.33 -1.76
CA PRO A 79 21.73 4.05 -0.49
C PRO A 79 21.08 5.44 -0.42
N SER A 80 20.90 6.07 -1.58
CA SER A 80 20.30 7.40 -1.65
C SER A 80 18.77 7.34 -1.50
N ASP A 81 18.26 6.25 -0.97
CA ASP A 81 16.82 6.08 -0.77
C ASP A 81 16.43 6.44 0.66
N LYS A 82 17.38 6.99 1.40
CA LYS A 82 17.14 7.39 2.80
C LYS A 82 16.09 8.49 2.89
N ASP A 83 16.13 9.42 1.94
CA ASP A 83 15.20 10.53 1.92
C ASP A 83 13.94 10.17 1.12
N ARG A 84 13.98 9.00 0.49
CA ARG A 84 12.86 8.52 -0.30
C ARG A 84 11.81 7.89 0.60
N ARG A 85 10.67 7.56 0.04
CA ARG A 85 9.59 6.96 0.83
C ARG A 85 8.97 5.76 0.13
N LEU A 86 8.70 4.72 0.91
CA LEU A 86 8.08 3.52 0.38
C LEU A 86 6.61 3.82 0.14
N SER A 87 6.21 3.88 -1.11
CA SER A 87 4.83 4.20 -1.46
C SER A 87 4.00 2.94 -1.60
N VAL A 88 2.86 2.92 -0.93
CA VAL A 88 1.94 1.81 -0.99
C VAL A 88 0.58 2.30 -1.45
N GLU A 89 0.26 2.02 -2.71
CA GLU A 89 -1.01 2.44 -3.29
C GLU A 89 -2.04 1.32 -3.18
N ILE A 90 -3.12 1.60 -2.48
CA ILE A 90 -4.19 0.63 -2.32
C ILE A 90 -5.44 1.11 -3.05
N TRP A 91 -5.65 0.57 -4.24
CA TRP A 91 -6.79 0.96 -5.06
C TRP A 91 -7.70 -0.22 -5.32
N ASP A 92 -8.95 0.04 -5.69
CA ASP A 92 -9.91 -1.02 -5.98
C ASP A 92 -9.91 -1.30 -7.48
N TRP A 93 -9.70 -2.57 -7.83
CA TRP A 93 -9.64 -2.99 -9.22
C TRP A 93 -11.06 -3.15 -9.76
N ASP A 94 -11.29 -2.68 -10.98
CA ASP A 94 -12.62 -2.79 -11.57
C ASP A 94 -12.58 -3.46 -12.94
N ARG A 95 -12.58 -4.79 -12.91
CA ARG A 95 -12.57 -5.63 -14.12
C ARG A 95 -11.27 -5.48 -14.92
N THR A 96 -11.11 -4.36 -15.59
CA THR A 96 -9.92 -4.12 -16.39
C THR A 96 -9.51 -2.65 -16.33
N THR A 97 -10.17 -1.90 -15.44
CA THR A 97 -9.90 -0.48 -15.30
C THR A 97 -9.63 -0.12 -13.83
N ARG A 98 -8.86 0.95 -13.63
CA ARG A 98 -8.54 1.42 -12.30
C ARG A 98 -8.99 2.87 -12.15
N ASN A 99 -9.76 3.17 -11.11
CA ASN A 99 -10.25 4.53 -10.91
C ASN A 99 -10.74 4.74 -9.48
N ASP A 100 -10.63 3.70 -8.67
CA ASP A 100 -11.09 3.77 -7.28
C ASP A 100 -9.94 4.06 -6.33
N PHE A 101 -9.84 5.31 -5.89
CA PHE A 101 -8.79 5.71 -4.97
C PHE A 101 -9.21 5.38 -3.53
N MET A 102 -8.80 4.21 -3.06
CA MET A 102 -9.15 3.78 -1.70
C MET A 102 -8.20 4.39 -0.68
N GLY A 103 -7.17 5.06 -1.16
CA GLY A 103 -6.21 5.69 -0.27
C GLY A 103 -4.80 5.15 -0.45
N SER A 104 -3.84 6.03 -0.38
CA SER A 104 -2.44 5.66 -0.53
C SER A 104 -1.62 6.27 0.60
N LEU A 105 -0.52 5.63 0.93
CA LEU A 105 0.35 6.11 2.00
C LEU A 105 1.81 5.80 1.70
N SER A 106 2.71 6.38 2.48
CA SER A 106 4.13 6.16 2.31
C SER A 106 4.84 6.13 3.66
N PHE A 107 5.96 5.44 3.72
CA PHE A 107 6.74 5.34 4.95
C PHE A 107 8.12 5.93 4.75
N GLY A 108 8.53 6.77 5.71
CA GLY A 108 9.83 7.40 5.64
C GLY A 108 10.95 6.44 5.98
N VAL A 109 11.89 6.29 5.05
CA VAL A 109 13.03 5.40 5.24
C VAL A 109 13.90 5.87 6.40
N SER A 110 14.06 7.18 6.55
CA SER A 110 14.87 7.75 7.62
C SER A 110 14.24 7.45 8.99
N GLU A 111 12.93 7.26 9.00
CA GLU A 111 12.22 6.94 10.22
C GLU A 111 12.30 5.44 10.49
N LEU A 112 12.03 4.68 9.44
CA LEU A 112 12.04 3.22 9.49
C LEU A 112 13.39 2.66 9.95
N MET A 113 14.46 3.33 9.54
CA MET A 113 15.81 2.90 9.89
C MET A 113 16.02 2.86 11.39
N LYS A 114 15.58 3.91 12.09
CA LYS A 114 15.73 3.97 13.54
C LYS A 114 14.58 3.24 14.24
N MET A 115 13.40 3.28 13.65
CA MET A 115 12.23 2.61 14.23
C MET A 115 11.29 2.10 13.14
N PRO A 116 10.99 0.80 13.17
CA PRO A 116 10.09 0.19 12.18
C PRO A 116 8.64 0.61 12.39
N ALA A 117 7.90 0.71 11.30
CA ALA A 117 6.50 1.11 11.38
C ALA A 117 5.59 -0.09 11.22
N SER A 118 4.91 -0.45 12.30
CA SER A 118 4.00 -1.58 12.27
C SER A 118 2.69 -1.23 12.96
N GLY A 119 1.63 -1.08 12.19
CA GLY A 119 0.34 -0.75 12.73
C GLY A 119 -0.68 -0.49 11.66
N TRP A 120 -1.81 0.07 12.05
CA TRP A 120 -2.86 0.38 11.09
C TRP A 120 -2.65 1.77 10.51
N TYR A 121 -3.18 2.00 9.32
CA TYR A 121 -3.06 3.28 8.68
C TYR A 121 -4.42 3.67 8.12
N LYS A 122 -4.80 4.93 8.34
CA LYS A 122 -6.08 5.42 7.85
C LYS A 122 -5.97 5.83 6.39
N LEU A 123 -7.11 5.83 5.70
CA LEU A 123 -7.15 6.20 4.29
C LEU A 123 -6.93 7.70 4.11
N LEU A 124 -5.70 8.07 3.82
CA LEU A 124 -5.36 9.48 3.62
C LEU A 124 -5.35 9.81 2.13
N ASN A 125 -5.25 11.08 1.81
CA ASN A 125 -5.22 11.53 0.44
C ASN A 125 -3.85 11.24 -0.18
N GLN A 126 -3.75 11.45 -1.49
CA GLN A 126 -2.50 11.21 -2.21
C GLN A 126 -1.36 12.01 -1.60
N GLU A 127 -1.57 13.31 -1.50
CA GLU A 127 -0.56 14.21 -0.95
C GLU A 127 -0.29 13.90 0.52
N GLU A 128 -1.37 13.76 1.29
CA GLU A 128 -1.26 13.48 2.71
C GLU A 128 -0.47 12.19 2.97
N GLY A 129 -0.74 11.17 2.16
CA GLY A 129 -0.07 9.89 2.33
C GLY A 129 1.37 9.89 1.88
N GLU A 130 1.71 10.65 0.84
CA GLU A 130 3.08 10.68 0.34
C GLU A 130 3.94 11.72 1.05
N TYR A 131 3.32 12.61 1.80
CA TYR A 131 4.07 13.64 2.51
C TYR A 131 4.15 13.35 4.01
N TYR A 132 3.17 12.65 4.55
CA TYR A 132 3.15 12.35 5.97
C TYR A 132 3.15 10.85 6.23
N ASN A 133 3.38 10.48 7.47
CA ASN A 133 3.42 9.09 7.88
C ASN A 133 2.92 8.97 9.32
N VAL A 134 1.60 8.95 9.46
CA VAL A 134 0.97 8.87 10.78
C VAL A 134 0.31 7.50 10.97
N PRO A 135 0.98 6.60 11.70
CA PRO A 135 0.46 5.27 11.98
C PRO A 135 -0.55 5.27 13.12
N ILE A 136 -1.48 4.33 13.05
CA ILE A 136 -2.51 4.18 14.06
C ILE A 136 -2.09 3.09 15.04
N PRO A 137 -1.99 3.40 16.34
CA PRO A 137 -1.57 2.45 17.36
C PRO A 137 -2.47 1.20 17.39
N GLU A 138 -3.72 1.40 17.78
CA GLU A 138 -4.71 0.31 17.84
C GLU A 138 -4.21 -0.84 18.71
N GLY A 139 -3.37 -0.53 19.69
CA GLY A 139 -2.85 -1.55 20.56
C GLY A 139 -2.07 -0.96 21.71
C ACE B 1 9.77 2.52 -17.68
O ACE B 1 9.62 1.31 -17.49
CH3 ACE B 1 10.82 3.03 -18.61
H1 ACE B 1 11.76 3.10 -18.07
H2 ACE B 1 10.55 4.01 -18.97
H3 ACE B 1 10.90 2.35 -19.46
N ASP B 2 9.02 3.45 -17.07
CA ASP B 2 7.96 3.07 -16.14
C ASP B 2 6.76 2.56 -16.90
N GLN B 3 6.55 1.25 -16.86
CA GLN B 3 5.44 0.62 -17.55
C GLN B 3 4.14 0.78 -16.76
N SER B 4 3.03 0.61 -17.46
CA SER B 4 1.71 0.73 -16.84
C SER B 4 1.47 -0.40 -15.85
N ASP B 5 1.69 -0.12 -14.57
CA ASP B 5 1.51 -1.11 -13.51
C ASP B 5 0.14 -0.97 -12.87
N PHE B 6 -0.61 0.04 -13.32
CA PHE B 6 -1.94 0.29 -12.79
C PHE B 6 -2.96 -0.68 -13.40
N GLU B 7 -2.96 -0.78 -14.72
CA GLU B 7 -3.87 -1.69 -15.41
C GLU B 7 -3.15 -2.95 -15.84
N GLY B 8 -3.21 -3.99 -15.01
CA GLY B 8 -2.56 -5.23 -15.36
C GLY B 8 -2.78 -6.32 -14.33
N PHE B 9 -4.03 -6.76 -14.22
CA PHE B 9 -4.40 -7.82 -13.30
C PHE B 9 -5.25 -8.85 -14.02
N SEP B 10 -6.47 -8.48 -14.32
CA SEP B 10 -7.39 -9.36 -15.04
CB SEP B 10 -8.76 -9.33 -14.38
OG SEP B 10 -8.66 -9.44 -12.97
C SEP B 10 -7.47 -8.93 -16.49
O SEP B 10 -7.69 -7.75 -16.78
P SEP B 10 -9.34 -10.68 -12.20
O1P SEP B 10 -8.30 -11.88 -12.37
O2P SEP B 10 -9.43 -10.50 -10.74
O3P SEP B 10 -10.58 -11.18 -12.81
H SEP B 10 -6.79 -7.59 -14.06
HA SEP B 10 -6.99 -10.36 -14.99
HB2 SEP B 10 -9.35 -10.16 -14.74
HB3 SEP B 10 -9.26 -8.41 -14.62
N TYR B 11 -7.30 -9.88 -17.41
CA TYR B 11 -7.35 -9.58 -18.83
C TYR B 11 -8.81 -9.49 -19.30
N NH2 B 12 -9.72 -9.85 -18.42
HN1 NH2 B 12 -9.42 -10.14 -17.54
HN2 NH2 B 12 -10.67 -9.77 -18.68
CA CA C . -13.80 -3.31 -7.74
CA CA D . -14.79 0.26 -8.18
N HIS A 1 -21.71 12.66 0.24
CA HIS A 1 -21.63 11.18 0.26
C HIS A 1 -20.22 10.72 -0.10
N THR A 2 -19.33 10.75 0.87
CA THR A 2 -17.96 10.33 0.68
C THR A 2 -17.42 9.69 1.95
N GLU A 3 -17.69 8.40 2.10
CA GLU A 3 -17.25 7.67 3.27
C GLU A 3 -15.85 7.08 3.08
N LYS A 4 -15.02 7.22 4.10
CA LYS A 4 -13.66 6.69 4.09
C LYS A 4 -13.22 6.42 5.52
N ARG A 5 -13.65 5.27 6.03
CA ARG A 5 -13.34 4.87 7.40
C ARG A 5 -12.56 3.57 7.41
N GLY A 6 -12.08 3.16 6.25
CA GLY A 6 -11.31 1.94 6.14
C GLY A 6 -9.93 2.09 6.72
N ARG A 7 -9.36 0.98 7.18
CA ARG A 7 -8.03 0.98 7.76
C ARG A 7 -7.23 -0.19 7.22
N ILE A 8 -5.95 0.04 6.97
CA ILE A 8 -5.08 -1.00 6.45
C ILE A 8 -3.94 -1.26 7.44
N TYR A 9 -3.64 -2.53 7.67
CA TYR A 9 -2.57 -2.89 8.57
C TYR A 9 -1.28 -3.10 7.78
N LEU A 10 -0.38 -2.15 7.88
CA LEU A 10 0.89 -2.22 7.17
C LEU A 10 2.04 -2.38 8.16
N LYS A 11 3.01 -3.19 7.79
CA LYS A 11 4.17 -3.42 8.62
C LYS A 11 5.44 -3.26 7.78
N ALA A 12 6.22 -2.24 8.10
CA ALA A 12 7.46 -1.98 7.38
C ALA A 12 8.62 -1.94 8.36
N GLU A 13 9.48 -2.95 8.25
CA GLU A 13 10.64 -3.06 9.14
C GLU A 13 11.90 -3.22 8.31
N VAL A 14 13.05 -2.92 8.91
CA VAL A 14 14.31 -3.06 8.23
C VAL A 14 15.18 -4.10 8.94
N THR A 15 15.50 -5.18 8.25
CA THR A 15 16.30 -6.24 8.81
C THR A 15 17.29 -6.75 7.77
N ASP A 16 18.54 -6.98 8.19
CA ASP A 16 19.58 -7.49 7.30
C ASP A 16 19.84 -6.48 6.17
N GLU A 17 19.61 -5.20 6.49
CA GLU A 17 19.79 -4.11 5.52
C GLU A 17 18.83 -4.24 4.35
N LYS A 18 17.70 -4.89 4.62
CA LYS A 18 16.67 -5.09 3.61
C LYS A 18 15.33 -4.63 4.16
N LEU A 19 14.55 -3.96 3.33
CA LEU A 19 13.25 -3.46 3.74
C LEU A 19 12.21 -4.57 3.65
N HIS A 20 11.61 -4.89 4.78
CA HIS A 20 10.59 -5.91 4.86
C HIS A 20 9.21 -5.28 4.89
N VAL A 21 8.52 -5.33 3.76
CA VAL A 21 7.19 -4.76 3.65
C VAL A 21 6.14 -5.87 3.72
N THR A 22 5.39 -5.89 4.80
CA THR A 22 4.35 -6.89 4.97
C THR A 22 2.97 -6.27 4.98
N VAL A 23 2.09 -6.81 4.14
CA VAL A 23 0.72 -6.35 4.05
C VAL A 23 -0.19 -7.44 4.61
N ARG A 24 -0.75 -7.20 5.78
CA ARG A 24 -1.61 -8.18 6.43
C ARG A 24 -3.03 -8.11 5.92
N ASP A 25 -3.84 -7.21 6.48
CA ASP A 25 -5.23 -7.12 6.08
C ASP A 25 -5.78 -5.70 6.23
N ALA A 26 -7.02 -5.52 5.79
CA ALA A 26 -7.71 -4.25 5.85
C ALA A 26 -9.12 -4.46 6.36
N LYS A 27 -9.72 -3.43 6.94
CA LYS A 27 -11.08 -3.54 7.48
C LYS A 27 -11.89 -2.27 7.25
N ASN A 28 -13.20 -2.38 7.50
CA ASN A 28 -14.16 -1.28 7.37
C ASN A 28 -14.22 -0.73 5.95
N LEU A 29 -14.23 -1.64 4.98
CA LEU A 29 -14.31 -1.24 3.57
C LEU A 29 -15.70 -0.73 3.22
N ILE A 30 -15.78 0.08 2.17
CA ILE A 30 -17.05 0.64 1.73
C ILE A 30 -17.35 0.13 0.33
N PRO A 31 -18.61 0.19 -0.12
CA PRO A 31 -19.00 -0.26 -1.45
C PRO A 31 -18.56 0.71 -2.55
N MET A 32 -17.57 0.30 -3.33
CA MET A 32 -17.06 1.11 -4.43
C MET A 32 -17.31 0.40 -5.75
N ASP A 33 -18.11 -0.65 -5.70
CA ASP A 33 -18.44 -1.43 -6.89
C ASP A 33 -19.95 -1.61 -6.99
N PRO A 34 -20.46 -1.95 -8.19
CA PRO A 34 -21.90 -2.15 -8.39
C PRO A 34 -22.40 -3.41 -7.67
N ASN A 35 -21.46 -4.20 -7.20
CA ASN A 35 -21.78 -5.44 -6.48
C ASN A 35 -22.04 -5.18 -5.00
N GLY A 36 -21.98 -3.91 -4.61
CA GLY A 36 -22.22 -3.55 -3.22
C GLY A 36 -21.05 -3.92 -2.34
N LEU A 37 -19.89 -4.09 -2.97
CA LEU A 37 -18.67 -4.46 -2.28
C LEU A 37 -17.48 -3.80 -2.96
N SER A 38 -16.27 -4.26 -2.64
CA SER A 38 -15.05 -3.73 -3.23
C SER A 38 -13.93 -4.76 -3.19
N ASP A 39 -12.98 -4.60 -4.09
CA ASP A 39 -11.83 -5.50 -4.17
C ASP A 39 -10.56 -4.70 -4.48
N PRO A 40 -9.85 -4.27 -3.43
CA PRO A 40 -8.65 -3.47 -3.56
C PRO A 40 -7.37 -4.30 -3.67
N TYR A 41 -6.36 -3.72 -4.29
CA TYR A 41 -5.08 -4.37 -4.45
C TYR A 41 -3.99 -3.45 -3.88
N VAL A 42 -2.93 -4.03 -3.37
CA VAL A 42 -1.85 -3.24 -2.80
C VAL A 42 -0.63 -3.23 -3.71
N LYS A 43 -0.20 -2.04 -4.08
CA LYS A 43 0.97 -1.87 -4.92
C LYS A 43 1.98 -0.98 -4.22
N LEU A 44 3.19 -1.48 -4.04
CA LEU A 44 4.22 -0.74 -3.34
C LEU A 44 5.45 -0.57 -4.22
N LYS A 45 6.13 0.56 -4.06
CA LYS A 45 7.33 0.83 -4.84
C LYS A 45 8.30 1.69 -4.03
N LEU A 46 9.58 1.47 -4.25
CA LEU A 46 10.62 2.23 -3.58
C LEU A 46 11.26 3.18 -4.57
N ILE A 47 10.80 4.42 -4.57
CA ILE A 47 11.31 5.42 -5.47
C ILE A 47 12.73 5.83 -5.08
N PRO A 48 13.59 6.10 -6.09
CA PRO A 48 13.23 6.02 -7.50
C PRO A 48 13.51 4.65 -8.09
N ASP A 49 12.49 4.02 -8.69
CA ASP A 49 12.66 2.71 -9.29
C ASP A 49 12.33 2.75 -10.78
N PRO A 50 13.29 3.22 -11.61
CA PRO A 50 13.10 3.29 -13.05
C PRO A 50 13.33 1.93 -13.70
N LYS A 51 13.71 0.95 -12.89
CA LYS A 51 13.97 -0.40 -13.37
C LYS A 51 12.69 -1.23 -13.37
N ASN A 52 11.72 -0.78 -12.55
CA ASN A 52 10.42 -1.44 -12.43
C ASN A 52 10.59 -2.84 -11.84
N GLU A 53 11.58 -3.00 -10.99
CA GLU A 53 11.84 -4.28 -10.35
C GLU A 53 11.51 -4.22 -8.87
N SER A 54 11.50 -3.02 -8.31
CA SER A 54 11.17 -2.83 -6.91
C SER A 54 9.67 -2.60 -6.78
N LYS A 55 9.12 -1.97 -7.81
CA LYS A 55 7.70 -1.69 -7.87
C LYS A 55 6.93 -2.97 -8.16
N GLN A 56 6.25 -3.50 -7.15
CA GLN A 56 5.50 -4.72 -7.30
C GLN A 56 4.10 -4.58 -6.71
N LYS A 57 3.20 -5.46 -7.13
CA LYS A 57 1.82 -5.42 -6.66
C LYS A 57 1.29 -6.81 -6.40
N THR A 58 0.28 -6.89 -5.55
CA THR A 58 -0.34 -8.15 -5.21
C THR A 58 -1.77 -8.18 -5.77
N LYS A 59 -2.21 -9.37 -6.16
CA LYS A 59 -3.56 -9.53 -6.71
C LYS A 59 -4.60 -9.30 -5.62
N THR A 60 -5.72 -8.72 -6.00
CA THR A 60 -6.79 -8.44 -5.06
C THR A 60 -7.39 -9.74 -4.50
N ILE A 61 -8.08 -9.63 -3.39
CA ILE A 61 -8.71 -10.77 -2.74
C ILE A 61 -10.15 -10.93 -3.20
N ARG A 62 -10.73 -12.10 -2.94
CA ARG A 62 -12.11 -12.41 -3.30
C ARG A 62 -13.10 -11.48 -2.58
N SER A 63 -14.38 -11.65 -2.90
CA SER A 63 -15.44 -10.84 -2.31
C SER A 63 -15.46 -10.93 -0.79
N THR A 64 -15.09 -9.84 -0.13
CA THR A 64 -15.09 -9.76 1.31
C THR A 64 -14.96 -8.30 1.76
N LEU A 65 -15.60 -7.97 2.88
CA LEU A 65 -15.55 -6.61 3.41
C LEU A 65 -14.23 -6.39 4.16
N ASN A 66 -13.52 -7.48 4.40
CA ASN A 66 -12.24 -7.41 5.11
C ASN A 66 -11.21 -8.26 4.35
N PRO A 67 -10.51 -7.66 3.40
CA PRO A 67 -9.49 -8.36 2.61
C PRO A 67 -8.24 -8.68 3.41
N GLN A 68 -7.69 -9.87 3.19
CA GLN A 68 -6.50 -10.32 3.90
C GLN A 68 -5.49 -10.88 2.90
N TRP A 69 -4.33 -10.25 2.82
CA TRP A 69 -3.28 -10.67 1.88
C TRP A 69 -2.25 -11.59 2.53
N ASN A 70 -1.60 -11.09 3.58
CA ASN A 70 -0.56 -11.82 4.31
C ASN A 70 0.70 -11.97 3.46
N GLU A 71 0.91 -11.02 2.55
CA GLU A 71 2.07 -11.03 1.67
C GLU A 71 3.23 -10.26 2.29
N SER A 72 4.45 -10.67 1.97
CA SER A 72 5.65 -10.02 2.48
C SER A 72 6.67 -9.84 1.37
N PHE A 73 7.10 -8.60 1.18
CA PHE A 73 8.07 -8.26 0.16
C PHE A 73 9.36 -7.76 0.81
N THR A 74 10.49 -8.09 0.22
CA THR A 74 11.78 -7.68 0.75
C THR A 74 12.72 -7.18 -0.35
N PHE A 75 13.14 -5.93 -0.24
CA PHE A 75 14.04 -5.33 -1.23
C PHE A 75 14.79 -4.16 -0.61
N LYS A 76 15.68 -3.54 -1.36
CA LYS A 76 16.46 -2.40 -0.87
C LYS A 76 17.01 -1.59 -2.02
N LEU A 77 16.73 -0.29 -2.02
CA LEU A 77 17.21 0.60 -3.07
C LEU A 77 18.63 1.06 -2.76
N LYS A 78 19.15 1.96 -3.58
CA LYS A 78 20.51 2.49 -3.41
C LYS A 78 20.62 3.25 -2.08
N PRO A 79 21.84 3.35 -1.52
CA PRO A 79 22.10 4.03 -0.24
C PRO A 79 21.43 5.40 -0.11
N SER A 80 21.31 6.12 -1.20
CA SER A 80 20.69 7.44 -1.20
C SER A 80 19.16 7.35 -1.30
N ASP A 81 18.56 6.48 -0.51
CA ASP A 81 17.11 6.31 -0.52
C ASP A 81 16.54 6.55 0.87
N LYS A 82 17.41 6.92 1.80
CA LYS A 82 17.02 7.17 3.19
C LYS A 82 16.01 8.30 3.28
N ASP A 83 16.17 9.30 2.43
CA ASP A 83 15.27 10.45 2.42
C ASP A 83 13.99 10.15 1.65
N ARG A 84 13.99 9.02 0.94
CA ARG A 84 12.82 8.63 0.15
C ARG A 84 11.80 7.94 1.05
N ARG A 85 10.59 7.77 0.54
CA ARG A 85 9.52 7.14 1.30
C ARG A 85 8.88 6.02 0.48
N LEU A 86 8.64 4.87 1.12
CA LEU A 86 8.00 3.75 0.47
C LEU A 86 6.59 4.15 0.07
N SER A 87 6.33 4.20 -1.22
CA SER A 87 5.03 4.61 -1.71
C SER A 87 4.07 3.42 -1.84
N VAL A 88 3.07 3.39 -0.97
CA VAL A 88 2.07 2.33 -0.98
C VAL A 88 0.76 2.87 -1.56
N GLU A 89 0.35 2.34 -2.70
CA GLU A 89 -0.88 2.77 -3.36
C GLU A 89 -1.92 1.67 -3.34
N ILE A 90 -3.06 1.95 -2.69
CA ILE A 90 -4.14 0.99 -2.60
C ILE A 90 -5.35 1.49 -3.39
N TRP A 91 -5.69 0.78 -4.45
CA TRP A 91 -6.82 1.15 -5.30
C TRP A 91 -7.77 -0.03 -5.48
N ASP A 92 -9.03 0.27 -5.79
CA ASP A 92 -10.02 -0.79 -6.02
C ASP A 92 -10.13 -1.08 -7.51
N TRP A 93 -9.53 -2.18 -7.94
CA TRP A 93 -9.54 -2.57 -9.35
C TRP A 93 -10.96 -2.87 -9.79
N ASP A 94 -11.31 -2.51 -11.02
CA ASP A 94 -12.66 -2.74 -11.51
C ASP A 94 -12.68 -3.55 -12.79
N ARG A 95 -12.47 -4.85 -12.64
CA ARG A 95 -12.51 -5.82 -13.74
C ARG A 95 -11.45 -5.57 -14.82
N THR A 96 -11.70 -4.63 -15.71
CA THR A 96 -10.78 -4.36 -16.80
C THR A 96 -9.99 -3.06 -16.61
N THR A 97 -10.42 -2.19 -15.71
CA THR A 97 -9.73 -0.92 -15.50
C THR A 97 -9.76 -0.49 -14.04
N ARG A 98 -9.26 0.71 -13.79
CA ARG A 98 -9.22 1.26 -12.45
C ARG A 98 -9.81 2.67 -12.46
N ASN A 99 -10.34 3.10 -11.32
CA ASN A 99 -10.95 4.43 -11.21
C ASN A 99 -11.21 4.79 -9.74
N ASP A 100 -11.19 3.78 -8.89
CA ASP A 100 -11.44 3.97 -7.47
C ASP A 100 -10.16 4.14 -6.68
N PHE A 101 -10.04 5.27 -6.01
CA PHE A 101 -8.88 5.56 -5.19
C PHE A 101 -9.23 5.35 -3.72
N MET A 102 -8.68 4.31 -3.12
CA MET A 102 -8.95 4.01 -1.72
C MET A 102 -8.12 4.91 -0.81
N GLY A 103 -6.81 4.79 -0.93
CA GLY A 103 -5.93 5.59 -0.11
C GLY A 103 -4.48 5.35 -0.44
N SER A 104 -3.62 6.20 0.07
CA SER A 104 -2.20 6.08 -0.16
C SER A 104 -1.42 6.48 1.09
N LEU A 105 -0.34 5.77 1.35
CA LEU A 105 0.49 6.03 2.51
C LEU A 105 1.96 5.86 2.15
N SER A 106 2.85 6.29 3.02
CA SER A 106 4.27 6.18 2.76
C SER A 106 5.04 5.86 4.04
N PHE A 107 6.25 5.36 3.87
CA PHE A 107 7.11 5.01 4.99
C PHE A 107 8.50 5.59 4.78
N GLY A 108 8.88 6.54 5.62
CA GLY A 108 10.19 7.15 5.51
C GLY A 108 11.30 6.14 5.79
N VAL A 109 12.19 5.96 4.84
CA VAL A 109 13.30 5.03 4.99
C VAL A 109 14.17 5.41 6.19
N SER A 110 14.41 6.71 6.35
CA SER A 110 15.22 7.22 7.45
C SER A 110 14.50 6.97 8.77
N GLU A 111 13.17 7.11 8.76
CA GLU A 111 12.37 6.89 9.95
C GLU A 111 12.44 5.43 10.37
N LEU A 112 12.29 4.55 9.38
CA LEU A 112 12.33 3.11 9.61
C LEU A 112 13.71 2.66 10.07
N MET A 113 14.75 3.38 9.64
CA MET A 113 16.12 3.07 10.03
C MET A 113 16.28 3.27 11.53
N LYS A 114 15.48 4.19 12.08
CA LYS A 114 15.51 4.47 13.49
C LYS A 114 14.57 3.53 14.24
N MET A 115 13.38 3.35 13.71
CA MET A 115 12.39 2.46 14.32
C MET A 115 11.43 1.93 13.26
N PRO A 116 11.11 0.64 13.30
CA PRO A 116 10.18 0.02 12.35
C PRO A 116 8.75 0.45 12.59
N ALA A 117 8.03 0.73 11.51
CA ALA A 117 6.65 1.17 11.60
C ALA A 117 5.69 0.01 11.40
N SER A 118 4.95 -0.32 12.46
CA SER A 118 3.98 -1.40 12.41
C SER A 118 2.69 -0.97 13.09
N GLY A 119 1.61 -0.91 12.31
CA GLY A 119 0.33 -0.49 12.87
C GLY A 119 -0.72 -0.32 11.79
N TRP A 120 -1.85 0.27 12.17
CA TRP A 120 -2.95 0.49 11.23
C TRP A 120 -2.84 1.89 10.63
N TYR A 121 -2.96 1.99 9.32
CA TYR A 121 -2.88 3.26 8.65
C TYR A 121 -4.27 3.73 8.24
N LYS A 122 -4.52 5.02 8.39
CA LYS A 122 -5.80 5.61 8.03
C LYS A 122 -5.84 5.88 6.53
N LEU A 123 -7.05 6.06 6.00
CA LEU A 123 -7.24 6.31 4.58
C LEU A 123 -6.84 7.73 4.21
N LEU A 124 -5.55 7.94 4.00
CA LEU A 124 -5.05 9.24 3.61
C LEU A 124 -5.12 9.38 2.10
N ASN A 125 -5.08 10.60 1.61
CA ASN A 125 -5.13 10.85 0.19
C ASN A 125 -3.74 10.66 -0.42
N GLN A 126 -3.53 11.18 -1.61
CA GLN A 126 -2.25 11.04 -2.28
C GLN A 126 -1.20 11.97 -1.67
N GLU A 127 -1.50 13.25 -1.64
CA GLU A 127 -0.58 14.24 -1.09
C GLU A 127 -0.28 13.97 0.38
N GLU A 128 -1.31 14.02 1.22
CA GLU A 128 -1.16 13.80 2.66
C GLU A 128 -0.68 12.39 2.98
N GLY A 129 -0.70 11.51 2.00
CA GLY A 129 -0.29 10.14 2.23
C GLY A 129 1.16 9.87 1.90
N GLU A 130 1.66 10.48 0.83
CA GLU A 130 3.05 10.25 0.42
C GLU A 130 4.00 11.31 1.00
N TYR A 131 3.43 12.36 1.59
CA TYR A 131 4.24 13.41 2.17
C TYR A 131 4.30 13.30 3.69
N TYR A 132 3.53 12.37 4.25
CA TYR A 132 3.48 12.18 5.69
C TYR A 132 3.40 10.71 6.05
N ASN A 133 3.73 10.40 7.30
CA ASN A 133 3.69 9.03 7.80
C ASN A 133 3.17 9.02 9.23
N VAL A 134 1.91 8.66 9.39
CA VAL A 134 1.29 8.62 10.71
C VAL A 134 0.40 7.39 10.89
N PRO A 135 0.91 6.36 11.57
CA PRO A 135 0.16 5.14 11.83
C PRO A 135 -0.60 5.20 13.16
N ILE A 136 -1.67 4.42 13.26
CA ILE A 136 -2.46 4.37 14.47
C ILE A 136 -1.97 3.24 15.35
N PRO A 137 -1.66 3.55 16.63
CA PRO A 137 -1.16 2.55 17.59
C PRO A 137 -2.06 1.32 17.67
N GLU A 138 -3.32 1.53 18.03
CA GLU A 138 -4.30 0.45 18.13
C GLU A 138 -3.81 -0.66 19.06
N GLY A 139 -3.10 -0.26 20.11
CA GLY A 139 -2.57 -1.22 21.06
C GLY A 139 -1.29 -0.71 21.68
C ACE B 1 10.15 1.29 -17.90
O ACE B 1 10.14 0.24 -17.26
CH3 ACE B 1 11.30 1.64 -18.78
H1 ACE B 1 11.11 2.59 -19.27
H2 ACE B 1 11.42 0.88 -19.53
H3 ACE B 1 12.21 1.69 -18.19
N ASP B 2 9.16 2.18 -17.85
CA ASP B 2 7.98 1.96 -17.02
C ASP B 2 6.86 1.33 -17.84
N GLN B 3 6.38 0.20 -17.37
CA GLN B 3 5.30 -0.52 -18.06
C GLN B 3 3.96 -0.19 -17.44
N SER B 4 2.92 -0.88 -17.91
CA SER B 4 1.57 -0.67 -17.38
C SER B 4 1.36 -1.47 -16.10
N ASP B 5 1.78 -0.89 -14.98
CA ASP B 5 1.64 -1.56 -13.69
C ASP B 5 0.36 -1.13 -12.99
N PHE B 6 -0.22 -0.02 -13.43
CA PHE B 6 -1.45 0.48 -12.82
C PHE B 6 -2.66 -0.21 -13.45
N GLU B 7 -2.68 -0.24 -14.77
CA GLU B 7 -3.77 -0.87 -15.50
C GLU B 7 -3.31 -2.19 -16.14
N GLY B 8 -3.22 -3.23 -15.33
CA GLY B 8 -2.79 -4.51 -15.86
C GLY B 8 -3.04 -5.66 -14.90
N PHE B 9 -4.28 -6.14 -14.87
CA PHE B 9 -4.64 -7.26 -14.01
C PHE B 9 -5.52 -8.23 -14.78
N SEP B 10 -6.82 -8.11 -14.60
CA SEP B 10 -7.76 -8.97 -15.29
CB SEP B 10 -9.07 -9.04 -14.48
OG SEP B 10 -8.80 -9.27 -13.11
C SEP B 10 -8.02 -8.45 -16.69
O SEP B 10 -8.04 -7.23 -16.93
P SEP B 10 -9.71 -10.29 -12.28
O1P SEP B 10 -9.29 -11.75 -12.81
O2P SEP B 10 -9.40 -10.33 -10.85
O3P SEP B 10 -11.15 -10.19 -12.58
H SEP B 10 -7.15 -7.44 -13.99
HA SEP B 10 -7.34 -9.96 -15.35
HB2 SEP B 10 -9.68 -9.84 -14.86
HB3 SEP B 10 -9.60 -8.10 -14.58
N TYR B 11 -8.20 -9.36 -17.63
CA TYR B 11 -8.44 -8.99 -19.02
C TYR B 11 -9.92 -8.79 -19.26
N NH2 B 12 -10.74 -9.29 -18.36
HN1 NH2 B 12 -10.33 -9.77 -17.59
HN2 NH2 B 12 -11.70 -9.18 -18.47
CA CA C . -13.63 -3.13 -7.68
CA CA D . -14.97 0.27 -8.21
N HIS A 1 -21.29 12.47 0.49
CA HIS A 1 -21.22 11.02 0.79
C HIS A 1 -19.82 10.50 0.54
N THR A 2 -18.98 10.55 1.57
CA THR A 2 -17.60 10.09 1.46
C THR A 2 -17.20 9.31 2.70
N GLU A 3 -17.79 8.14 2.87
CA GLU A 3 -17.50 7.28 4.02
C GLU A 3 -16.16 6.56 3.83
N LYS A 4 -15.08 7.25 4.17
CA LYS A 4 -13.75 6.66 4.05
C LYS A 4 -13.13 6.44 5.43
N ARG A 5 -13.63 5.45 6.14
CA ARG A 5 -13.15 5.12 7.48
C ARG A 5 -12.32 3.84 7.47
N GLY A 6 -12.01 3.37 6.27
CA GLY A 6 -11.23 2.15 6.11
C GLY A 6 -9.83 2.29 6.68
N ARG A 7 -9.29 1.18 7.17
CA ARG A 7 -7.96 1.15 7.75
C ARG A 7 -7.16 -0.04 7.22
N ILE A 8 -5.88 0.18 6.98
CA ILE A 8 -5.00 -0.86 6.47
C ILE A 8 -3.90 -1.18 7.49
N TYR A 9 -3.60 -2.46 7.67
CA TYR A 9 -2.55 -2.84 8.61
C TYR A 9 -1.26 -3.13 7.86
N LEU A 10 -0.31 -2.22 7.96
CA LEU A 10 0.98 -2.37 7.29
C LEU A 10 2.08 -2.67 8.30
N LYS A 11 3.09 -3.39 7.85
CA LYS A 11 4.23 -3.75 8.68
C LYS A 11 5.52 -3.70 7.88
N ALA A 12 6.26 -2.60 7.99
CA ALA A 12 7.51 -2.44 7.28
C ALA A 12 8.64 -2.22 8.27
N GLU A 13 9.45 -3.26 8.45
CA GLU A 13 10.57 -3.20 9.38
C GLU A 13 11.88 -3.47 8.64
N VAL A 14 12.96 -2.87 9.11
CA VAL A 14 14.26 -3.06 8.50
C VAL A 14 14.86 -4.39 8.99
N THR A 15 15.20 -5.25 8.06
CA THR A 15 15.77 -6.55 8.39
C THR A 15 16.96 -6.85 7.49
N ASP A 16 18.16 -6.91 8.08
CA ASP A 16 19.39 -7.20 7.34
C ASP A 16 19.62 -6.18 6.23
N GLU A 17 19.40 -4.91 6.55
CA GLU A 17 19.56 -3.82 5.61
C GLU A 17 18.60 -3.96 4.42
N LYS A 18 17.46 -4.58 4.68
CA LYS A 18 16.43 -4.79 3.67
C LYS A 18 15.08 -4.42 4.26
N LEU A 19 14.20 -3.87 3.45
CA LEU A 19 12.88 -3.48 3.92
C LEU A 19 11.92 -4.67 3.91
N HIS A 20 11.50 -5.09 5.09
CA HIS A 20 10.59 -6.20 5.24
C HIS A 20 9.16 -5.68 5.32
N VAL A 21 8.52 -5.57 4.16
CA VAL A 21 7.16 -5.06 4.08
C VAL A 21 6.15 -6.21 4.08
N THR A 22 5.32 -6.25 5.11
CA THR A 22 4.30 -7.27 5.24
C THR A 22 2.93 -6.67 5.43
N VAL A 23 2.06 -6.83 4.44
CA VAL A 23 0.71 -6.31 4.54
C VAL A 23 -0.21 -7.43 5.03
N ARG A 24 -0.94 -7.18 6.10
CA ARG A 24 -1.83 -8.19 6.67
C ARG A 24 -3.20 -8.12 6.01
N ASP A 25 -4.03 -7.21 6.48
CA ASP A 25 -5.38 -7.07 5.96
C ASP A 25 -5.89 -5.66 6.16
N ALA A 26 -7.10 -5.42 5.65
CA ALA A 26 -7.75 -4.13 5.75
C ALA A 26 -9.18 -4.31 6.21
N LYS A 27 -9.68 -3.37 6.99
CA LYS A 27 -11.05 -3.46 7.50
C LYS A 27 -11.74 -2.10 7.44
N ASN A 28 -13.04 -2.11 7.73
CA ASN A 28 -13.87 -0.90 7.74
C ASN A 28 -14.04 -0.34 6.32
N LEU A 29 -13.96 -1.22 5.34
CA LEU A 29 -14.11 -0.83 3.94
C LEU A 29 -15.58 -0.66 3.58
N ILE A 30 -15.85 0.15 2.57
CA ILE A 30 -17.21 0.39 2.12
C ILE A 30 -17.34 -0.04 0.66
N PRO A 31 -18.55 -0.42 0.23
CA PRO A 31 -18.80 -0.85 -1.15
C PRO A 31 -18.35 0.17 -2.19
N MET A 32 -17.34 -0.19 -2.96
CA MET A 32 -16.79 0.68 -4.00
C MET A 32 -17.04 0.06 -5.36
N ASP A 33 -17.99 -0.86 -5.42
CA ASP A 33 -18.34 -1.54 -6.66
C ASP A 33 -19.84 -1.60 -6.83
N PRO A 34 -20.32 -1.63 -8.09
CA PRO A 34 -21.75 -1.68 -8.40
C PRO A 34 -22.46 -2.87 -7.75
N ASN A 35 -21.72 -3.95 -7.50
CA ASN A 35 -22.28 -5.16 -6.90
C ASN A 35 -22.25 -5.10 -5.38
N GLY A 36 -21.80 -3.98 -4.84
CA GLY A 36 -21.75 -3.81 -3.40
C GLY A 36 -20.58 -4.54 -2.76
N LEU A 37 -19.37 -4.28 -3.24
CA LEU A 37 -18.17 -4.91 -2.69
C LEU A 37 -16.95 -4.03 -2.94
N SER A 38 -15.81 -4.47 -2.44
CA SER A 38 -14.56 -3.74 -2.63
C SER A 38 -13.40 -4.71 -2.72
N ASP A 39 -12.49 -4.48 -3.66
CA ASP A 39 -11.33 -5.35 -3.83
C ASP A 39 -10.10 -4.55 -4.24
N PRO A 40 -9.44 -3.92 -3.26
CA PRO A 40 -8.25 -3.13 -3.50
C PRO A 40 -6.97 -3.95 -3.42
N TYR A 41 -6.10 -3.78 -4.39
CA TYR A 41 -4.85 -4.51 -4.42
C TYR A 41 -3.76 -3.71 -3.73
N VAL A 42 -2.80 -4.41 -3.15
CA VAL A 42 -1.69 -3.75 -2.47
C VAL A 42 -0.51 -3.61 -3.42
N LYS A 43 -0.20 -2.38 -3.76
CA LYS A 43 0.91 -2.09 -4.65
C LYS A 43 1.91 -1.19 -3.94
N LEU A 44 3.15 -1.62 -3.88
CA LEU A 44 4.18 -0.84 -3.20
C LEU A 44 5.42 -0.71 -4.08
N LYS A 45 6.01 0.48 -4.07
CA LYS A 45 7.21 0.74 -4.84
C LYS A 45 8.18 1.57 -4.03
N LEU A 46 9.46 1.22 -4.11
CA LEU A 46 10.49 1.95 -3.39
C LEU A 46 11.19 2.90 -4.34
N ILE A 47 10.77 4.14 -4.33
CA ILE A 47 11.35 5.16 -5.19
C ILE A 47 12.78 5.48 -4.76
N PRO A 48 13.67 5.80 -5.71
CA PRO A 48 13.34 5.85 -7.13
C PRO A 48 13.62 4.54 -7.84
N ASP A 49 12.60 3.98 -8.48
CA ASP A 49 12.76 2.71 -9.20
C ASP A 49 12.60 2.92 -10.70
N PRO A 50 13.71 3.17 -11.40
CA PRO A 50 13.70 3.37 -12.85
C PRO A 50 13.79 2.06 -13.62
N LYS A 51 13.98 0.96 -12.90
CA LYS A 51 14.08 -0.36 -13.53
C LYS A 51 12.71 -1.04 -13.54
N ASN A 52 11.84 -0.60 -12.63
CA ASN A 52 10.48 -1.11 -12.52
C ASN A 52 10.44 -2.53 -11.96
N GLU A 53 11.49 -2.91 -11.24
CA GLU A 53 11.56 -4.25 -10.66
C GLU A 53 11.26 -4.19 -9.16
N SER A 54 11.34 -2.99 -8.61
CA SER A 54 11.06 -2.78 -7.20
C SER A 54 9.57 -2.50 -7.03
N LYS A 55 8.98 -1.95 -8.10
CA LYS A 55 7.56 -1.65 -8.14
C LYS A 55 6.77 -2.94 -8.38
N GLN A 56 6.27 -3.53 -7.30
CA GLN A 56 5.52 -4.78 -7.41
C GLN A 56 4.14 -4.64 -6.77
N LYS A 57 3.27 -5.58 -7.07
CA LYS A 57 1.92 -5.56 -6.54
C LYS A 57 1.35 -6.97 -6.44
N THR A 58 0.47 -7.19 -5.48
CA THR A 58 -0.15 -8.49 -5.30
C THR A 58 -1.52 -8.53 -5.98
N LYS A 59 -2.00 -9.74 -6.26
CA LYS A 59 -3.29 -9.90 -6.90
C LYS A 59 -4.41 -9.54 -5.93
N THR A 60 -5.48 -8.94 -6.43
CA THR A 60 -6.61 -8.55 -5.61
C THR A 60 -7.32 -9.80 -5.06
N ILE A 61 -8.02 -9.61 -3.94
CA ILE A 61 -8.74 -10.68 -3.28
C ILE A 61 -10.19 -10.75 -3.78
N ARG A 62 -10.92 -11.78 -3.35
CA ARG A 62 -12.32 -11.95 -3.73
C ARG A 62 -13.20 -10.93 -3.02
N SER A 63 -14.49 -10.95 -3.32
CA SER A 63 -15.45 -10.02 -2.73
C SER A 63 -15.51 -10.14 -1.21
N THR A 64 -14.95 -9.14 -0.52
CA THR A 64 -14.94 -9.11 0.93
C THR A 64 -14.64 -7.69 1.42
N LEU A 65 -15.33 -7.27 2.48
CA LEU A 65 -15.12 -5.94 3.05
C LEU A 65 -13.88 -5.94 3.93
N ASN A 66 -13.37 -7.14 4.18
CA ASN A 66 -12.18 -7.30 5.00
C ASN A 66 -11.21 -8.24 4.29
N PRO A 67 -10.51 -7.74 3.26
CA PRO A 67 -9.56 -8.53 2.48
C PRO A 67 -8.23 -8.74 3.20
N GLN A 68 -7.71 -9.96 3.14
CA GLN A 68 -6.44 -10.29 3.77
C GLN A 68 -5.46 -10.74 2.69
N TRP A 69 -4.28 -10.14 2.67
CA TRP A 69 -3.28 -10.48 1.68
C TRP A 69 -2.16 -11.35 2.25
N ASN A 70 -1.61 -10.93 3.39
CA ASN A 70 -0.53 -11.67 4.05
C ASN A 70 0.71 -11.75 3.16
N GLU A 71 1.02 -10.65 2.49
CA GLU A 71 2.16 -10.61 1.59
C GLU A 71 3.38 -10.01 2.28
N SER A 72 4.54 -10.62 2.06
CA SER A 72 5.80 -10.15 2.65
C SER A 72 6.87 -9.98 1.57
N PHE A 73 7.42 -8.78 1.48
CA PHE A 73 8.47 -8.48 0.52
C PHE A 73 9.71 -7.98 1.24
N THR A 74 10.89 -8.30 0.72
CA THR A 74 12.13 -7.87 1.33
C THR A 74 13.09 -7.33 0.26
N PHE A 75 13.16 -6.00 0.15
CA PHE A 75 14.02 -5.36 -0.83
C PHE A 75 14.31 -3.93 -0.42
N LYS A 76 15.30 -3.30 -1.04
CA LYS A 76 15.66 -1.92 -0.74
C LYS A 76 16.43 -1.32 -1.91
N LEU A 77 16.53 0.00 -1.94
CA LEU A 77 17.24 0.70 -3.01
C LEU A 77 18.68 0.98 -2.60
N LYS A 78 19.34 1.85 -3.35
CA LYS A 78 20.73 2.22 -3.07
C LYS A 78 20.78 3.04 -1.78
N PRO A 79 21.97 3.20 -1.17
CA PRO A 79 22.14 3.95 0.08
C PRO A 79 21.51 5.35 0.07
N SER A 80 21.32 5.92 -1.11
CA SER A 80 20.75 7.25 -1.24
C SER A 80 19.21 7.21 -1.25
N ASP A 81 18.63 6.27 -0.51
CA ASP A 81 17.17 6.15 -0.44
C ASP A 81 16.66 6.51 0.95
N LYS A 82 17.56 7.01 1.80
CA LYS A 82 17.20 7.40 3.16
C LYS A 82 16.12 8.48 3.18
N ASP A 83 16.13 9.36 2.19
CA ASP A 83 15.16 10.44 2.11
C ASP A 83 13.95 10.02 1.28
N ARG A 84 13.96 8.78 0.83
CA ARG A 84 12.88 8.26 0.03
C ARG A 84 11.83 7.61 0.93
N ARG A 85 10.72 7.20 0.35
CA ARG A 85 9.65 6.58 1.11
C ARG A 85 9.09 5.37 0.37
N LEU A 86 8.54 4.43 1.13
CA LEU A 86 7.92 3.25 0.57
C LEU A 86 6.49 3.59 0.21
N SER A 87 6.28 3.99 -1.03
CA SER A 87 4.96 4.39 -1.50
C SER A 87 4.04 3.18 -1.70
N VAL A 88 2.94 3.19 -0.95
CA VAL A 88 1.95 2.13 -1.04
C VAL A 88 0.67 2.70 -1.66
N GLU A 89 0.39 2.27 -2.88
CA GLU A 89 -0.78 2.74 -3.61
C GLU A 89 -1.89 1.72 -3.50
N ILE A 90 -2.99 2.11 -2.87
CA ILE A 90 -4.13 1.23 -2.69
C ILE A 90 -5.28 1.65 -3.60
N TRP A 91 -5.56 0.85 -4.62
CA TRP A 91 -6.62 1.15 -5.56
C TRP A 91 -7.53 -0.06 -5.73
N ASP A 92 -8.80 0.19 -6.00
CA ASP A 92 -9.78 -0.87 -6.20
C ASP A 92 -9.80 -1.30 -7.66
N TRP A 93 -9.55 -2.57 -7.92
CA TRP A 93 -9.57 -3.09 -9.27
C TRP A 93 -11.01 -3.39 -9.66
N ASP A 94 -11.38 -3.09 -10.89
CA ASP A 94 -12.74 -3.33 -11.33
C ASP A 94 -12.78 -4.24 -12.54
N ARG A 95 -11.95 -5.28 -12.51
CA ARG A 95 -11.85 -6.28 -13.58
C ARG A 95 -11.25 -5.70 -14.85
N THR A 96 -11.91 -4.71 -15.43
CA THR A 96 -11.45 -4.08 -16.65
C THR A 96 -10.34 -3.05 -16.37
N THR A 97 -10.57 -2.16 -15.42
CA THR A 97 -9.61 -1.13 -15.08
C THR A 97 -9.75 -0.72 -13.62
N ARG A 98 -8.97 0.29 -13.22
CA ARG A 98 -9.03 0.80 -11.85
C ARG A 98 -9.58 2.22 -11.90
N ASN A 99 -10.20 2.67 -10.81
CA ASN A 99 -10.77 4.02 -10.79
C ASN A 99 -11.00 4.53 -9.38
N ASP A 100 -11.36 3.63 -8.46
CA ASP A 100 -11.62 4.03 -7.09
C ASP A 100 -10.32 4.19 -6.31
N PHE A 101 -10.11 5.40 -5.82
CA PHE A 101 -8.93 5.72 -5.03
C PHE A 101 -9.20 5.38 -3.57
N MET A 102 -8.63 4.26 -3.12
CA MET A 102 -8.81 3.82 -1.75
C MET A 102 -7.97 4.65 -0.80
N GLY A 103 -6.69 4.78 -1.12
CA GLY A 103 -5.81 5.56 -0.28
C GLY A 103 -4.36 5.46 -0.71
N SER A 104 -3.50 6.22 -0.07
CA SER A 104 -2.07 6.21 -0.37
C SER A 104 -1.27 6.58 0.87
N LEU A 105 -0.11 5.95 1.02
CA LEU A 105 0.76 6.20 2.15
C LEU A 105 2.21 5.89 1.76
N SER A 106 3.16 6.41 2.51
CA SER A 106 4.56 6.17 2.22
C SER A 106 5.41 6.23 3.48
N PHE A 107 6.02 5.12 3.83
CA PHE A 107 6.86 5.05 5.02
C PHE A 107 8.26 5.56 4.73
N GLY A 108 8.72 6.51 5.51
CA GLY A 108 10.05 7.06 5.31
C GLY A 108 11.13 6.06 5.65
N VAL A 109 12.09 5.91 4.74
CA VAL A 109 13.19 4.96 4.95
C VAL A 109 14.00 5.33 6.20
N SER A 110 14.34 6.60 6.34
CA SER A 110 15.11 7.06 7.49
C SER A 110 14.31 6.89 8.77
N GLU A 111 12.99 7.00 8.65
CA GLU A 111 12.11 6.84 9.79
C GLU A 111 12.13 5.39 10.26
N LEU A 112 11.96 4.48 9.32
CA LEU A 112 11.95 3.05 9.60
C LEU A 112 13.33 2.57 10.05
N MET A 113 14.37 3.29 9.63
CA MET A 113 15.74 2.94 10.00
C MET A 113 15.95 3.21 11.49
N LYS A 114 15.20 4.17 12.02
CA LYS A 114 15.29 4.53 13.43
C LYS A 114 14.34 3.67 14.25
N MET A 115 13.16 3.41 13.69
CA MET A 115 12.15 2.60 14.36
C MET A 115 11.11 2.12 13.36
N PRO A 116 10.78 0.81 13.38
CA PRO A 116 9.77 0.25 12.48
C PRO A 116 8.37 0.79 12.81
N ALA A 117 7.92 1.74 12.01
CA ALA A 117 6.61 2.36 12.20
C ALA A 117 5.49 1.46 11.69
N SER A 118 5.26 0.37 12.41
CA SER A 118 4.22 -0.57 12.06
C SER A 118 2.91 -0.22 12.78
N GLY A 119 1.80 -0.38 12.09
CA GLY A 119 0.52 -0.08 12.68
C GLY A 119 -0.57 0.06 11.66
N TRP A 120 -1.73 0.56 12.08
CA TRP A 120 -2.86 0.73 11.20
C TRP A 120 -2.81 2.10 10.56
N TYR A 121 -2.91 2.15 9.24
CA TYR A 121 -2.88 3.41 8.53
C TYR A 121 -4.27 3.76 8.02
N LYS A 122 -4.64 5.02 8.20
CA LYS A 122 -5.94 5.49 7.76
C LYS A 122 -5.88 5.96 6.31
N LEU A 123 -7.04 6.03 5.67
CA LEU A 123 -7.13 6.46 4.28
C LEU A 123 -6.86 7.95 4.15
N LEU A 124 -5.68 8.28 3.65
CA LEU A 124 -5.30 9.67 3.45
C LEU A 124 -5.20 9.95 1.96
N ASN A 125 -5.27 11.23 1.61
CA ASN A 125 -5.18 11.64 0.21
C ASN A 125 -3.77 11.44 -0.32
N GLN A 126 -3.62 11.51 -1.63
CA GLN A 126 -2.32 11.32 -2.28
C GLN A 126 -1.21 12.15 -1.63
N GLU A 127 -1.33 13.47 -1.72
CA GLU A 127 -0.32 14.37 -1.16
C GLU A 127 -0.22 14.25 0.35
N GLU A 128 -1.24 13.69 0.98
CA GLU A 128 -1.25 13.55 2.42
C GLU A 128 -0.57 12.26 2.86
N GLY A 129 -0.44 11.31 1.94
CA GLY A 129 0.18 10.05 2.26
C GLY A 129 1.60 9.93 1.74
N GLU A 130 1.90 10.63 0.65
CA GLU A 130 3.23 10.57 0.06
C GLU A 130 4.19 11.59 0.69
N TYR A 131 3.67 12.39 1.62
CA TYR A 131 4.49 13.41 2.28
C TYR A 131 4.42 13.30 3.80
N TYR A 132 3.52 12.44 4.30
CA TYR A 132 3.37 12.27 5.73
C TYR A 132 3.39 10.79 6.10
N ASN A 133 3.57 10.52 7.38
CA ASN A 133 3.61 9.15 7.88
C ASN A 133 3.12 9.10 9.32
N VAL A 134 1.85 8.75 9.49
CA VAL A 134 1.25 8.67 10.82
C VAL A 134 0.48 7.36 10.99
N PRO A 135 1.08 6.39 11.69
CA PRO A 135 0.47 5.09 11.94
C PRO A 135 -0.33 5.07 13.24
N ILE A 136 -1.50 4.47 13.20
CA ILE A 136 -2.35 4.38 14.39
C ILE A 136 -1.99 3.09 15.14
N PRO A 137 -1.69 3.21 16.44
CA PRO A 137 -1.31 2.07 17.27
C PRO A 137 -2.42 1.02 17.39
N GLU A 138 -3.56 1.42 17.96
CA GLU A 138 -4.69 0.50 18.15
C GLU A 138 -4.25 -0.68 19.02
N GLY A 139 -3.42 -0.39 20.01
CA GLY A 139 -2.92 -1.42 20.89
C GLY A 139 -1.41 -1.60 20.75
C ACE B 1 8.85 2.02 -18.54
O ACE B 1 8.70 0.80 -18.58
CH3 ACE B 1 10.00 2.67 -19.28
H1 ACE B 1 9.81 2.59 -20.35
H2 ACE B 1 10.91 2.17 -19.04
H3 ACE B 1 10.07 3.71 -18.97
N ASP B 2 8.05 2.84 -17.87
CA ASP B 2 6.91 2.34 -17.11
C ASP B 2 5.75 2.04 -18.03
N GLN B 3 5.41 0.76 -18.15
CA GLN B 3 4.31 0.33 -18.99
C GLN B 3 2.99 0.41 -18.21
N SER B 4 1.96 -0.25 -18.72
CA SER B 4 0.66 -0.25 -18.05
C SER B 4 0.70 -1.16 -16.82
N ASP B 5 1.21 -0.63 -15.73
CA ASP B 5 1.31 -1.37 -14.48
C ASP B 5 0.06 -1.16 -13.62
N PHE B 6 -0.47 0.06 -13.66
CA PHE B 6 -1.67 0.38 -12.89
C PHE B 6 -2.84 -0.44 -13.40
N GLU B 7 -3.07 -0.38 -14.71
CA GLU B 7 -4.15 -1.13 -15.32
C GLU B 7 -3.59 -2.38 -15.99
N GLY B 8 -3.35 -3.41 -15.18
CA GLY B 8 -2.82 -4.65 -15.70
C GLY B 8 -2.98 -5.79 -14.72
N PHE B 9 -4.08 -6.52 -14.87
CA PHE B 9 -4.38 -7.66 -14.01
C PHE B 9 -5.09 -8.75 -14.80
N SEP B 10 -6.35 -8.50 -15.12
CA SEP B 10 -7.15 -9.45 -15.87
CB SEP B 10 -8.30 -9.95 -14.99
OG SEP B 10 -7.90 -10.12 -13.64
C SEP B 10 -7.72 -8.81 -17.12
O SEP B 10 -8.05 -7.62 -17.13
P SEP B 10 -8.96 -10.66 -12.56
O1P SEP B 10 -8.69 -12.24 -12.51
O2P SEP B 10 -8.71 -10.21 -11.18
O3P SEP B 10 -10.36 -10.55 -12.98
H SEP B 10 -6.75 -7.65 -14.85
HA SEP B 10 -6.52 -10.28 -16.14
HB2 SEP B 10 -8.65 -10.91 -15.37
HB3 SEP B 10 -9.12 -9.24 -15.02
N TYR B 11 -7.85 -9.59 -18.19
CA TYR B 11 -8.38 -9.07 -19.43
C TYR B 11 -9.86 -9.42 -19.55
N NH2 B 12 -10.64 -9.04 -18.54
HN1 NH2 B 12 -10.22 -8.57 -17.79
HN2 NH2 B 12 -11.59 -9.26 -18.59
CA CA C . -13.59 -3.41 -7.43
CA CA D . -14.83 -0.04 -8.14
N HIS A 1 -22.21 12.42 0.47
CA HIS A 1 -22.04 10.95 0.43
C HIS A 1 -20.58 10.60 0.17
N THR A 2 -19.76 10.72 1.20
CA THR A 2 -18.34 10.42 1.09
C THR A 2 -17.84 9.75 2.36
N GLU A 3 -18.01 8.44 2.43
CA GLU A 3 -17.57 7.68 3.58
C GLU A 3 -16.13 7.19 3.38
N LYS A 4 -15.29 7.41 4.39
CA LYS A 4 -13.90 6.98 4.34
C LYS A 4 -13.38 6.72 5.75
N ARG A 5 -13.67 5.53 6.25
CA ARG A 5 -13.27 5.16 7.60
C ARG A 5 -12.42 3.89 7.59
N GLY A 6 -11.93 3.53 6.42
CA GLY A 6 -11.12 2.34 6.27
C GLY A 6 -9.79 2.43 7.00
N ARG A 7 -9.27 1.27 7.39
CA ARG A 7 -7.99 1.18 8.07
C ARG A 7 -7.17 0.06 7.44
N ILE A 8 -5.97 0.39 6.99
CA ILE A 8 -5.11 -0.59 6.35
C ILE A 8 -3.93 -0.96 7.25
N TYR A 9 -3.52 -2.22 7.22
CA TYR A 9 -2.40 -2.68 8.02
C TYR A 9 -1.18 -2.92 7.15
N LEU A 10 -0.22 -2.01 7.23
CA LEU A 10 1.01 -2.10 6.47
C LEU A 10 2.21 -2.20 7.41
N LYS A 11 2.81 -3.37 7.48
CA LYS A 11 3.97 -3.58 8.33
C LYS A 11 5.25 -3.31 7.56
N ALA A 12 5.95 -2.25 7.93
CA ALA A 12 7.19 -1.89 7.27
C ALA A 12 8.33 -1.95 8.28
N GLU A 13 9.15 -2.98 8.16
CA GLU A 13 10.28 -3.18 9.04
C GLU A 13 11.54 -3.44 8.23
N VAL A 14 12.69 -3.04 8.76
CA VAL A 14 13.95 -3.24 8.08
C VAL A 14 14.81 -4.25 8.84
N THR A 15 15.26 -5.27 8.13
CA THR A 15 16.09 -6.31 8.73
C THR A 15 17.05 -6.86 7.68
N ASP A 16 18.30 -7.13 8.10
CA ASP A 16 19.33 -7.64 7.18
C ASP A 16 19.63 -6.60 6.12
N GLU A 17 19.34 -5.33 6.45
CA GLU A 17 19.54 -4.20 5.54
C GLU A 17 18.52 -4.24 4.41
N LYS A 18 17.49 -5.04 4.58
CA LYS A 18 16.44 -5.18 3.57
C LYS A 18 15.10 -4.76 4.17
N LEU A 19 14.24 -4.19 3.35
CA LEU A 19 12.92 -3.74 3.81
C LEU A 19 11.92 -4.87 3.67
N HIS A 20 11.40 -5.32 4.80
CA HIS A 20 10.43 -6.40 4.83
C HIS A 20 9.01 -5.83 4.92
N VAL A 21 8.43 -5.57 3.75
CA VAL A 21 7.07 -5.03 3.68
C VAL A 21 6.06 -6.16 3.81
N THR A 22 5.20 -6.07 4.80
CA THR A 22 4.19 -7.11 5.03
C THR A 22 2.80 -6.51 5.23
N VAL A 23 1.94 -6.69 4.24
CA VAL A 23 0.58 -6.18 4.34
C VAL A 23 -0.35 -7.31 4.80
N ARG A 24 -1.13 -7.04 5.84
CA ARG A 24 -2.03 -8.05 6.37
C ARG A 24 -3.42 -7.94 5.77
N ASP A 25 -4.27 -7.12 6.38
CA ASP A 25 -5.64 -6.95 5.91
C ASP A 25 -6.11 -5.51 6.08
N ALA A 26 -7.38 -5.28 5.79
CA ALA A 26 -7.97 -3.97 5.90
C ALA A 26 -9.36 -4.07 6.51
N LYS A 27 -9.71 -3.10 7.35
CA LYS A 27 -11.01 -3.10 8.01
C LYS A 27 -11.80 -1.85 7.64
N ASN A 28 -13.13 -1.91 7.83
CA ASN A 28 -14.02 -0.80 7.54
C ASN A 28 -14.07 -0.50 6.05
N LEU A 29 -14.09 -1.55 5.24
CA LEU A 29 -14.12 -1.42 3.79
C LEU A 29 -15.50 -0.93 3.33
N ILE A 30 -15.50 0.07 2.47
CA ILE A 30 -16.74 0.63 1.95
C ILE A 30 -17.02 0.07 0.56
N PRO A 31 -18.28 0.15 0.08
CA PRO A 31 -18.66 -0.34 -1.24
C PRO A 31 -18.20 0.56 -2.38
N MET A 32 -17.13 0.16 -3.05
CA MET A 32 -16.59 0.93 -4.17
C MET A 32 -16.87 0.24 -5.49
N ASP A 33 -17.78 -0.72 -5.46
CA ASP A 33 -18.15 -1.46 -6.66
C ASP A 33 -19.67 -1.55 -6.77
N PRO A 34 -20.19 -1.70 -7.99
CA PRO A 34 -21.63 -1.84 -8.23
C PRO A 34 -22.19 -3.08 -7.54
N ASN A 35 -21.30 -3.99 -7.15
CA ASN A 35 -21.68 -5.22 -6.47
C ASN A 35 -22.01 -4.95 -5.00
N GLY A 36 -21.61 -3.78 -4.52
CA GLY A 36 -21.85 -3.43 -3.13
C GLY A 36 -20.67 -3.75 -2.25
N LEU A 37 -19.61 -4.28 -2.85
CA LEU A 37 -18.40 -4.63 -2.14
C LEU A 37 -17.20 -3.98 -2.83
N SER A 38 -15.99 -4.43 -2.49
CA SER A 38 -14.78 -3.88 -3.09
C SER A 38 -13.67 -4.91 -3.11
N ASP A 39 -12.70 -4.71 -3.99
CA ASP A 39 -11.56 -5.62 -4.11
C ASP A 39 -10.30 -4.79 -4.44
N PRO A 40 -9.57 -4.39 -3.39
CA PRO A 40 -8.37 -3.58 -3.52
C PRO A 40 -7.07 -4.39 -3.60
N TYR A 41 -6.11 -3.83 -4.32
CA TYR A 41 -4.81 -4.46 -4.47
C TYR A 41 -3.74 -3.52 -3.90
N VAL A 42 -2.69 -4.10 -3.34
CA VAL A 42 -1.64 -3.31 -2.74
C VAL A 42 -0.45 -3.18 -3.69
N LYS A 43 -0.15 -1.94 -4.07
CA LYS A 43 0.97 -1.66 -4.95
C LYS A 43 1.99 -0.80 -4.22
N LEU A 44 3.14 -1.38 -3.95
CA LEU A 44 4.19 -0.67 -3.23
C LEU A 44 5.38 -0.39 -4.15
N LYS A 45 5.95 0.79 -4.02
CA LYS A 45 7.08 1.18 -4.84
C LYS A 45 8.09 1.98 -4.03
N LEU A 46 9.36 1.63 -4.16
CA LEU A 46 10.41 2.33 -3.47
C LEU A 46 11.12 3.25 -4.45
N ILE A 47 10.66 4.49 -4.51
CA ILE A 47 11.23 5.47 -5.40
C ILE A 47 12.57 5.99 -4.87
N PRO A 48 13.47 6.42 -5.77
CA PRO A 48 13.23 6.41 -7.21
C PRO A 48 13.62 5.08 -7.85
N ASP A 49 12.65 4.45 -8.48
CA ASP A 49 12.88 3.17 -9.15
C ASP A 49 12.57 3.29 -10.64
N PRO A 50 13.57 3.70 -11.45
CA PRO A 50 13.41 3.85 -12.88
C PRO A 50 13.67 2.53 -13.61
N LYS A 51 13.90 1.49 -12.82
CA LYS A 51 14.16 0.16 -13.36
C LYS A 51 12.88 -0.66 -13.35
N ASN A 52 11.90 -0.21 -12.57
CA ASN A 52 10.61 -0.87 -12.45
C ASN A 52 10.78 -2.30 -11.91
N GLU A 53 11.65 -2.45 -10.93
CA GLU A 53 11.91 -3.75 -10.34
C GLU A 53 11.60 -3.73 -8.84
N SER A 54 11.55 -2.54 -8.27
CA SER A 54 11.24 -2.37 -6.86
C SER A 54 9.74 -2.21 -6.68
N LYS A 55 9.08 -1.78 -7.75
CA LYS A 55 7.64 -1.60 -7.73
C LYS A 55 6.96 -2.94 -7.97
N GLN A 56 6.36 -3.48 -6.92
CA GLN A 56 5.67 -4.75 -7.01
C GLN A 56 4.29 -4.65 -6.38
N LYS A 57 3.39 -5.52 -6.80
CA LYS A 57 2.03 -5.51 -6.30
C LYS A 57 1.46 -6.92 -6.28
N THR A 58 0.42 -7.11 -5.51
CA THR A 58 -0.23 -8.41 -5.40
C THR A 58 -1.58 -8.39 -6.08
N LYS A 59 -2.14 -9.57 -6.32
CA LYS A 59 -3.44 -9.69 -6.98
C LYS A 59 -4.55 -9.36 -5.99
N THR A 60 -5.57 -8.67 -6.48
CA THR A 60 -6.72 -8.29 -5.68
C THR A 60 -7.38 -9.52 -5.04
N ILE A 61 -7.99 -9.30 -3.88
CA ILE A 61 -8.65 -10.35 -3.13
C ILE A 61 -10.07 -10.54 -3.66
N ARG A 62 -10.67 -11.70 -3.38
CA ARG A 62 -12.02 -11.99 -3.84
C ARG A 62 -13.02 -11.09 -3.12
N SER A 63 -14.28 -11.15 -3.55
CA SER A 63 -15.35 -10.33 -2.99
C SER A 63 -15.47 -10.51 -1.47
N THR A 64 -14.99 -9.52 -0.72
CA THR A 64 -15.06 -9.56 0.73
C THR A 64 -14.84 -8.16 1.30
N LEU A 65 -15.39 -7.92 2.50
CA LEU A 65 -15.24 -6.62 3.15
C LEU A 65 -14.00 -6.63 4.03
N ASN A 66 -13.32 -7.76 4.05
CA ASN A 66 -12.10 -7.93 4.82
C ASN A 66 -11.06 -8.64 3.96
N PRO A 67 -10.35 -7.89 3.11
CA PRO A 67 -9.34 -8.45 2.22
C PRO A 67 -8.00 -8.68 2.92
N GLN A 68 -7.64 -9.94 3.10
CA GLN A 68 -6.38 -10.29 3.74
C GLN A 68 -5.40 -10.78 2.69
N TRP A 69 -4.39 -9.96 2.41
CA TRP A 69 -3.39 -10.31 1.42
C TRP A 69 -2.34 -11.24 2.01
N ASN A 70 -1.76 -10.82 3.15
CA ASN A 70 -0.74 -11.59 3.85
C ASN A 70 0.52 -11.74 3.00
N GLU A 71 0.73 -10.78 2.12
CA GLU A 71 1.88 -10.77 1.21
C GLU A 71 3.10 -10.16 1.87
N SER A 72 4.28 -10.64 1.50
CA SER A 72 5.51 -10.15 2.07
C SER A 72 6.55 -9.89 0.98
N PHE A 73 7.21 -8.74 1.06
CA PHE A 73 8.24 -8.37 0.10
C PHE A 73 9.52 -7.99 0.84
N THR A 74 10.65 -8.20 0.20
CA THR A 74 11.94 -7.89 0.80
C THR A 74 12.89 -7.30 -0.23
N PHE A 75 13.19 -6.01 -0.11
CA PHE A 75 14.09 -5.36 -1.04
C PHE A 75 14.58 -4.02 -0.48
N LYS A 76 15.50 -3.38 -1.18
CA LYS A 76 16.05 -2.10 -0.76
C LYS A 76 16.63 -1.36 -1.97
N LEU A 77 16.70 -0.04 -1.87
CA LEU A 77 17.24 0.77 -2.95
C LEU A 77 18.66 1.22 -2.62
N LYS A 78 19.17 2.18 -3.38
CA LYS A 78 20.50 2.71 -3.16
C LYS A 78 20.57 3.41 -1.80
N PRO A 79 21.78 3.60 -1.23
CA PRO A 79 21.97 4.25 0.08
C PRO A 79 21.37 5.66 0.15
N SER A 80 21.04 6.23 -1.00
CA SER A 80 20.46 7.56 -1.07
C SER A 80 18.94 7.54 -0.86
N ASP A 81 18.38 6.35 -0.70
CA ASP A 81 16.93 6.20 -0.52
C ASP A 81 16.50 6.61 0.89
N LYS A 82 17.49 6.90 1.74
CA LYS A 82 17.23 7.28 3.13
C LYS A 82 16.31 8.51 3.24
N ASP A 83 16.31 9.35 2.21
CA ASP A 83 15.48 10.55 2.23
C ASP A 83 14.12 10.29 1.59
N ARG A 84 13.98 9.13 0.95
CA ARG A 84 12.74 8.78 0.28
C ARG A 84 11.81 8.01 1.22
N ARG A 85 10.65 7.64 0.70
CA ARG A 85 9.67 6.90 1.48
C ARG A 85 9.10 5.74 0.66
N LEU A 86 8.63 4.72 1.36
CA LEU A 86 8.03 3.55 0.72
C LEU A 86 6.56 3.87 0.43
N SER A 87 6.28 4.26 -0.80
CA SER A 87 4.93 4.63 -1.21
C SER A 87 4.05 3.40 -1.42
N VAL A 88 2.89 3.39 -0.77
CA VAL A 88 1.92 2.32 -0.89
C VAL A 88 0.61 2.88 -1.43
N GLU A 89 0.23 2.45 -2.63
CA GLU A 89 -1.00 2.93 -3.26
C GLU A 89 -2.10 1.88 -3.16
N ILE A 90 -3.20 2.27 -2.53
CA ILE A 90 -4.33 1.37 -2.36
C ILE A 90 -5.43 1.72 -3.35
N TRP A 91 -5.63 0.85 -4.34
CA TRP A 91 -6.65 1.07 -5.36
C TRP A 91 -7.52 -0.17 -5.52
N ASP A 92 -8.76 0.05 -5.92
CA ASP A 92 -9.71 -1.04 -6.12
C ASP A 92 -9.77 -1.40 -7.61
N TRP A 93 -9.41 -2.64 -7.92
CA TRP A 93 -9.40 -3.13 -9.29
C TRP A 93 -10.84 -3.31 -9.77
N ASP A 94 -11.12 -2.92 -11.01
CA ASP A 94 -12.47 -3.05 -11.54
C ASP A 94 -12.51 -3.83 -12.84
N ARG A 95 -12.12 -5.09 -12.76
CA ARG A 95 -12.13 -6.02 -13.90
C ARG A 95 -11.14 -5.64 -15.01
N THR A 96 -11.34 -4.51 -15.66
CA THR A 96 -10.48 -4.10 -16.77
C THR A 96 -9.80 -2.75 -16.51
N THR A 97 -10.31 -1.99 -15.56
CA THR A 97 -9.72 -0.68 -15.28
C THR A 97 -9.74 -0.35 -13.78
N ARG A 98 -9.13 0.76 -13.44
CA ARG A 98 -9.08 1.23 -12.06
C ARG A 98 -9.68 2.62 -12.02
N ASN A 99 -10.48 2.92 -11.01
CA ASN A 99 -11.12 4.23 -10.91
C ASN A 99 -11.51 4.56 -9.48
N ASP A 100 -11.00 3.79 -8.53
CA ASP A 100 -11.33 3.99 -7.13
C ASP A 100 -10.09 4.20 -6.30
N PHE A 101 -10.03 5.33 -5.62
CA PHE A 101 -8.90 5.66 -4.78
C PHE A 101 -9.30 5.53 -3.31
N MET A 102 -8.77 4.51 -2.65
CA MET A 102 -9.06 4.27 -1.24
C MET A 102 -8.17 5.14 -0.37
N GLY A 103 -6.90 5.18 -0.69
CA GLY A 103 -5.96 5.97 0.07
C GLY A 103 -4.53 5.67 -0.29
N SER A 104 -3.60 6.37 0.34
CA SER A 104 -2.19 6.19 0.09
C SER A 104 -1.39 6.53 1.35
N LEU A 105 -0.19 5.98 1.45
CA LEU A 105 0.67 6.23 2.59
C LEU A 105 2.11 5.91 2.22
N SER A 106 3.06 6.36 3.05
CA SER A 106 4.45 6.10 2.77
C SER A 106 5.25 5.99 4.06
N PHE A 107 6.27 5.16 4.05
CA PHE A 107 7.13 4.97 5.21
C PHE A 107 8.51 5.55 4.95
N GLY A 108 8.92 6.50 5.78
CA GLY A 108 10.22 7.13 5.61
C GLY A 108 11.36 6.20 5.97
N VAL A 109 12.34 6.11 5.10
CA VAL A 109 13.50 5.24 5.30
C VAL A 109 14.30 5.67 6.52
N SER A 110 14.55 6.97 6.64
CA SER A 110 15.30 7.51 7.76
C SER A 110 14.57 7.24 9.08
N GLU A 111 13.24 7.14 9.00
CA GLU A 111 12.43 6.87 10.17
C GLU A 111 12.52 5.40 10.55
N LEU A 112 12.35 4.53 9.56
CA LEU A 112 12.37 3.09 9.76
C LEU A 112 13.77 2.59 10.14
N MET A 113 14.80 3.32 9.74
CA MET A 113 16.17 2.93 10.05
C MET A 113 16.46 2.98 11.55
N LYS A 114 15.67 3.76 12.28
CA LYS A 114 15.86 3.87 13.72
C LYS A 114 14.73 3.19 14.49
N MET A 115 13.65 2.84 13.78
CA MET A 115 12.51 2.18 14.41
C MET A 115 11.55 1.65 13.34
N PRO A 116 11.03 0.42 13.51
CA PRO A 116 10.11 -0.18 12.56
C PRO A 116 8.69 0.37 12.71
N ALA A 117 7.98 0.48 11.59
CA ALA A 117 6.62 1.00 11.60
C ALA A 117 5.63 -0.11 11.28
N SER A 118 5.07 -0.71 12.31
CA SER A 118 4.11 -1.79 12.13
C SER A 118 2.82 -1.51 12.91
N GLY A 119 1.78 -1.14 12.18
CA GLY A 119 0.50 -0.86 12.80
C GLY A 119 -0.55 -0.59 11.76
N TRP A 120 -1.54 0.22 12.10
CA TRP A 120 -2.61 0.54 11.17
C TRP A 120 -2.44 1.94 10.62
N TYR A 121 -3.05 2.20 9.48
CA TYR A 121 -2.98 3.50 8.84
C TYR A 121 -4.37 3.90 8.35
N LYS A 122 -4.70 5.17 8.50
CA LYS A 122 -6.00 5.67 8.06
C LYS A 122 -5.94 6.02 6.57
N LEU A 123 -7.09 6.23 5.96
CA LEU A 123 -7.15 6.56 4.55
C LEU A 123 -6.71 8.00 4.32
N LEU A 124 -5.49 8.13 3.81
CA LEU A 124 -4.91 9.45 3.53
C LEU A 124 -5.01 9.73 2.04
N ASN A 125 -4.85 10.99 1.68
CA ASN A 125 -4.89 11.38 0.28
C ASN A 125 -3.54 11.11 -0.38
N GLN A 126 -3.41 11.44 -1.65
CA GLN A 126 -2.17 11.20 -2.39
C GLN A 126 -1.00 11.95 -1.74
N GLU A 127 -1.07 13.27 -1.74
CA GLU A 127 0.00 14.09 -1.16
C GLU A 127 0.01 13.98 0.35
N GLU A 128 -1.18 13.84 0.93
CA GLU A 128 -1.31 13.74 2.38
C GLU A 128 -0.81 12.37 2.89
N GLY A 129 -0.45 11.50 1.96
CA GLY A 129 0.02 10.18 2.33
C GLY A 129 1.48 9.97 2.00
N GLU A 130 1.93 10.53 0.87
CA GLU A 130 3.32 10.37 0.45
C GLU A 130 4.21 11.44 1.08
N TYR A 131 3.61 12.47 1.66
CA TYR A 131 4.38 13.53 2.30
C TYR A 131 4.21 13.52 3.81
N TYR A 132 3.45 12.55 4.30
CA TYR A 132 3.20 12.43 5.73
C TYR A 132 3.40 11.01 6.21
N ASN A 133 3.46 10.85 7.53
CA ASN A 133 3.64 9.54 8.14
C ASN A 133 2.98 9.51 9.53
N VAL A 134 1.68 9.23 9.53
CA VAL A 134 0.92 9.18 10.77
C VAL A 134 0.43 7.77 11.06
N PRO A 135 1.16 7.02 11.91
CA PRO A 135 0.80 5.66 12.28
C PRO A 135 -0.29 5.58 13.34
N ILE A 136 -1.16 4.59 13.20
CA ILE A 136 -2.24 4.38 14.15
C ILE A 136 -1.85 3.25 15.10
N PRO A 137 -1.90 3.50 16.42
CA PRO A 137 -1.54 2.49 17.44
C PRO A 137 -2.40 1.23 17.39
N GLU A 138 -3.67 1.36 17.78
CA GLU A 138 -4.61 0.22 17.82
C GLU A 138 -4.10 -0.87 18.75
N GLY A 139 -3.41 -0.47 19.80
CA GLY A 139 -2.87 -1.41 20.75
C GLY A 139 -1.57 -0.94 21.34
C ACE B 1 9.10 0.04 -19.17
O ACE B 1 9.08 -0.50 -18.07
CH3 ACE B 1 10.21 -0.24 -20.15
H1 ACE B 1 10.67 0.70 -20.44
H2 ACE B 1 9.81 -0.72 -21.02
H3 ACE B 1 10.93 -0.91 -19.67
N ASP B 2 8.17 0.89 -19.58
CA ASP B 2 7.04 1.25 -18.72
C ASP B 2 5.75 0.67 -19.26
N GLN B 3 5.43 -0.54 -18.82
CA GLN B 3 4.23 -1.22 -19.24
C GLN B 3 3.06 -0.83 -18.34
N SER B 4 1.93 -1.47 -18.53
CA SER B 4 0.75 -1.19 -17.72
C SER B 4 0.93 -1.77 -16.32
N ASP B 5 1.16 -0.91 -15.35
CA ASP B 5 1.35 -1.33 -13.97
C ASP B 5 0.11 -1.02 -13.12
N PHE B 6 -0.76 -0.18 -13.64
CA PHE B 6 -1.99 0.16 -12.93
C PHE B 6 -3.12 -0.73 -13.44
N GLU B 7 -2.84 -1.41 -14.53
CA GLU B 7 -3.80 -2.31 -15.15
C GLU B 7 -3.07 -3.59 -15.57
N GLY B 8 -3.82 -4.54 -16.12
CA GLY B 8 -3.22 -5.79 -16.54
C GLY B 8 -3.25 -6.85 -15.46
N PHE B 9 -4.30 -6.83 -14.64
CA PHE B 9 -4.45 -7.80 -13.57
C PHE B 9 -5.44 -8.89 -13.98
N SEP B 10 -6.44 -8.51 -14.75
CA SEP B 10 -7.45 -9.43 -15.22
CB SEP B 10 -8.76 -9.25 -14.45
OG SEP B 10 -8.63 -9.71 -13.11
C SEP B 10 -7.69 -9.20 -16.70
O SEP B 10 -7.68 -8.07 -17.17
P SEP B 10 -9.19 -11.15 -12.70
O1P SEP B 10 -8.08 -12.19 -13.18
O2P SEP B 10 -9.26 -11.35 -11.24
O3P SEP B 10 -10.41 -11.56 -13.41
H SEP B 10 -6.48 -7.57 -15.04
HA SEP B 10 -7.08 -10.43 -15.07
HB2 SEP B 10 -9.54 -9.82 -14.93
HB3 SEP B 10 -9.02 -8.21 -14.43
N TYR B 11 -7.89 -10.29 -17.44
CA TYR B 11 -8.14 -10.19 -18.86
C TYR B 11 -9.61 -9.85 -19.12
N NH2 B 12 -10.45 -10.24 -18.18
HN1 NH2 B 12 -10.10 -10.72 -17.41
HN2 NH2 B 12 -11.41 -10.03 -18.31
CA CA C . -13.52 -3.47 -7.70
CA CA D . -14.71 0.00 -8.21
#